data_4TLM
#
_entry.id   4TLM
#
_cell.length_a   203.490
_cell.length_b   118.430
_cell.length_c   226.590
_cell.angle_alpha   90.00
_cell.angle_beta   103.82
_cell.angle_gamma   90.00
#
_symmetry.space_group_name_H-M   'C 1 2 1'
#
loop_
_entity.id
_entity.type
_entity.pdbx_description
1 polymer 'receptor subunit GluN1'
2 polymer 'receptor subunit GluN2B'
3 non-polymer 2-acetamido-2-deoxy-beta-D-glucopyranose
4 non-polymer '1-AMINOCYCLOPROPANECARBOXYLIC ACID'
5 non-polymer 4-[(1R,2S)-3-(4-benzylpiperidin-1-yl)-1-hydroxy-2-methylpropyl]phenol
6 non-polymer 'trans-1-aminocyclobutane-1,3-dicarboxylic acid'
#
loop_
_entity_poly.entity_id
_entity_poly.type
_entity_poly.pdbx_seq_one_letter_code
_entity_poly.pdbx_strand_id
1 'polypeptide(L)'
;ADPKIVNIGAVLSTKKHEQIFREAVNQANFFHFTRKIQLNATSVTHRPNAIQMALSVCEDLISSQVYAILVSHPPAPTDH
LTPTPISYTAGFYRIPVIGLTTRMSIYSDKSIHLSFLRTVPPYSHQALVWFEMMRLFNWNHVILIVSDDHEGRAAQKKLE
TLLEEKESKADKVLQFEPGTKNLTALLLEAKELEARVIILSASEDDATAVYKSAAMLDMTGAGYVWLVGEREISGSALRY
APDGIIGLQLINGKNESAHISDAVAVVAQAIHELFEMEQITDPPRGCVGNTNIWKTGPLFKRVLMSSKYPDGVTGRIEFN
EDGDRKFAQYSIMNLQNRKLVQVGIFDGSYIIQNDRKIIWPGGETERPQGYQMSTRLKIVTIHQEPFVYVRPTTSDGTCR
EEYTINGDPIKKVICNGPDETIPGRPTVPQCCYGFCVDLLIKLAREMDFTYEVHLVADGKFGTQERVNNSNAAAWNGMMG
ELLSGQADMIVAPLTINNERAQYIEFSKPFKYQGLTILVKKEIPRSTLDSFMQPFQSTLWLLVGLSVHVVAVMLYLLDRF
SPFGRFEDALTLSSAMWFSWRVLLNSGLGEGAPRSFSARILGMVWAGFAMIIVASYTANLAAFLVLRRPEERITGINDPR
LRNPSDKFIYATVKQSSVDIYFRRQVELSTMYRHMEKHNYESAAEAIQAVRDNKLHAFIWDSAVLEFEASQKCDLVTTGE
LFFRSGFGIGMRKDSPWKQEVSLNILKSHENGFMEELDKTWVRYQECDSRSNAPATLTFENMAGVFMLVAGGIVAGIFLI
FIEIAYKSRAEAKRMKGLEVLFQ
;
A,C
2 'polypeptide(L)'
;SRAYAQKHPNMDIAVILVGTTEEVAIKDVHEKDDFHHLPVTPRVELVTMQESDPKSIITRICDLMSDKKVQGVVFGDDTD
QEAIAQILDFISVQTLTPILGIHGGSSMIMADKEEASMFFQFGPSIEQQASVMLNIMEEYDWYIFSIVTTYFPGYQDFEN
KVRSTIENSFVGWELEEVIHLDMSLDDIDSKIQNQLCKLQSPVILLYCTKEEATYIFEVAHSVGLTGYGFTWIVPSLVAG
DTDTVPDEFPTGLISVSYDEWDYDLPARVRDGIAIITTAASTMLSEHNSIPQSKSSCNNIQESRVYEAHMLKRYLINVTF
EGRDLSFSEDGYQMHPKLVIILLNQERKWERVGKYKDRSLKMWPVFDLYPNSEEHKDEHLSIVTLEEAPFVIVEDVDPLS
GTCMRNTVPCRKQIRPENRTEEGGNYIKRCCKGFCIDILKKIAKTVKFTYDLYLVTNGKHGKKINGVWNGMIGEVVTKRA
YMAVGSLTINEERSEVVDFSVPFIETGISVMVSRSNGTVSPSAFLEPFSADVWVMMFVMLLIVSAVAVFVFEYFSPVGYN
GPSFTIGKAIWLLWGLVFNNSLPVQNPKGTTSKIMVSVWAFFAVIFLASYTANLAAFMIQRRYVDQVSGLSDKKFQRPND
FSPAFRFGTVPNGSTERNIRNNYLEMHSYMVKFNQRSVQDALLSLKSGKLDAFIYDAAVLNYMAGRDEGCKLVTIGSGKV
FATTGYGIAIQKDSGWKRQVDLAILQLFGDGEMEELEALWLTGICHNEKNEVMSSQLDIDNMAGVFYMLAAAMALSLITF
IMEHLFYKSRAEAKRMKGLEVLFQ
;
B,D
#
loop_
_chem_comp.id
_chem_comp.type
_chem_comp.name
_chem_comp.formula
JEG non-polymer 'trans-1-aminocyclobutane-1,3-dicarboxylic acid' 'C6 H9 N O4'
NAG D-saccharide, beta linking 2-acetamido-2-deoxy-beta-D-glucopyranose 'C8 H15 N O6'
QEM non-polymer 4-[(1R,2S)-3-(4-benzylpiperidin-1-yl)-1-hydroxy-2-methylpropyl]phenol 'C22 H29 N O2'
#
# COMPACT_ATOMS: atom_id res chain seq x y z
N ASP A 2 12.65 -66.02 15.15
CA ASP A 2 14.00 -65.97 15.73
C ASP A 2 14.11 -64.81 16.70
N PRO A 3 14.90 -64.97 17.77
CA PRO A 3 15.04 -63.80 18.62
C PRO A 3 16.07 -62.84 18.04
N LYS A 4 15.94 -61.58 18.40
CA LYS A 4 16.94 -60.59 18.03
C LYS A 4 17.31 -59.86 19.29
N ILE A 5 18.61 -59.82 19.54
CA ILE A 5 19.11 -59.22 20.74
C ILE A 5 19.40 -57.76 20.49
N VAL A 6 18.62 -56.90 21.14
CA VAL A 6 18.75 -55.47 21.02
C VAL A 6 19.42 -54.93 22.27
N ASN A 7 20.64 -54.43 22.08
CA ASN A 7 21.43 -53.96 23.18
C ASN A 7 21.01 -52.59 23.68
N ILE A 8 21.30 -52.36 24.94
CA ILE A 8 21.12 -51.08 25.58
C ILE A 8 22.42 -50.85 26.32
N GLY A 9 22.74 -49.61 26.64
CA GLY A 9 23.98 -49.37 27.34
C GLY A 9 23.81 -48.29 28.36
N ALA A 10 24.71 -48.25 29.32
CA ALA A 10 24.60 -47.31 30.41
C ALA A 10 25.94 -47.07 31.10
N VAL A 11 25.99 -45.94 31.80
CA VAL A 11 27.11 -45.65 32.67
C VAL A 11 26.52 -45.31 34.02
N LEU A 12 26.95 -46.06 35.03
CA LEU A 12 26.32 -45.93 36.34
C LEU A 12 27.39 -45.88 37.43
N SER A 13 26.96 -45.51 38.63
CA SER A 13 27.89 -45.28 39.73
C SER A 13 28.64 -46.53 40.21
N THR A 14 27.93 -47.63 40.40
CA THR A 14 28.54 -48.82 40.99
C THR A 14 28.01 -50.11 40.37
N LYS A 15 28.78 -51.19 40.50
CA LYS A 15 28.43 -52.49 39.94
C LYS A 15 27.07 -53.02 40.46
N LYS A 16 26.75 -52.69 41.70
CA LYS A 16 25.45 -53.05 42.25
C LYS A 16 24.32 -52.44 41.42
N HIS A 17 24.49 -51.18 41.06
CA HIS A 17 23.52 -50.48 40.22
C HIS A 17 23.49 -51.03 38.80
N GLU A 18 24.62 -51.56 38.35
CA GLU A 18 24.67 -52.25 37.07
C GLU A 18 23.79 -53.49 37.14
N GLN A 19 23.91 -54.24 38.23
CA GLN A 19 23.06 -55.41 38.46
C GLN A 19 21.59 -55.02 38.51
N ILE A 20 21.30 -53.88 39.15
CA ILE A 20 19.93 -53.36 39.17
C ILE A 20 19.43 -53.07 37.75
N PHE A 21 20.31 -52.49 36.94
CA PHE A 21 20.01 -52.18 35.55
C PHE A 21 19.66 -53.44 34.77
N ARG A 22 20.54 -54.42 34.80
CA ARG A 22 20.34 -55.69 34.12
C ARG A 22 19.04 -56.36 34.59
N GLU A 23 18.77 -56.30 35.89
CA GLU A 23 17.54 -56.85 36.45
C GLU A 23 16.29 -56.19 35.86
N ALA A 24 16.31 -54.86 35.80
CA ALA A 24 15.19 -54.12 35.23
C ALA A 24 15.00 -54.47 33.75
N VAL A 25 16.10 -54.57 33.03
CA VAL A 25 16.07 -54.97 31.62
C VAL A 25 15.42 -56.33 31.45
N ASN A 26 15.83 -57.29 32.28
CA ASN A 26 15.25 -58.62 32.24
C ASN A 26 13.75 -58.60 32.56
N GLN A 27 13.35 -57.75 33.49
CA GLN A 27 11.94 -57.55 33.76
C GLN A 27 11.23 -57.04 32.50
N ALA A 28 11.90 -56.17 31.75
CA ALA A 28 11.32 -55.67 30.50
C ALA A 28 11.17 -56.80 29.46
N ASN A 29 12.20 -57.63 29.34
CA ASN A 29 12.15 -58.78 28.43
C ASN A 29 11.06 -59.79 28.75
N PHE A 30 10.95 -60.12 30.03
CA PHE A 30 9.99 -61.12 30.49
C PHE A 30 8.56 -60.69 30.23
N PHE A 31 8.32 -59.41 30.42
CA PHE A 31 6.96 -58.88 30.39
C PHE A 31 6.52 -58.38 29.02
N HIS A 32 7.38 -58.53 28.01
CA HIS A 32 7.01 -58.13 26.66
C HIS A 32 7.48 -59.25 25.74
N PHE A 33 6.98 -59.30 24.51
CA PHE A 33 7.22 -60.46 23.66
C PHE A 33 8.70 -60.74 23.47
N THR A 34 9.12 -61.95 23.85
CA THR A 34 10.50 -62.38 23.69
C THR A 34 10.67 -63.15 22.39
N ARG A 35 9.53 -63.52 21.79
CA ARG A 35 9.55 -64.28 20.55
C ARG A 35 9.98 -63.34 19.41
N LYS A 36 9.34 -62.19 19.37
CA LYS A 36 9.65 -61.19 18.37
C LYS A 36 11.01 -60.51 18.60
N ILE A 37 11.24 -60.03 19.82
CA ILE A 37 12.43 -59.26 20.15
C ILE A 37 12.93 -59.55 21.58
N GLN A 38 14.21 -59.32 21.84
CA GLN A 38 14.73 -59.44 23.19
C GLN A 38 15.63 -58.24 23.47
N LEU A 39 15.72 -57.84 24.74
CA LEU A 39 16.58 -56.73 25.13
C LEU A 39 17.77 -57.24 25.93
N ASN A 40 18.93 -56.63 25.70
CA ASN A 40 20.18 -57.06 26.31
C ASN A 40 20.79 -55.85 26.99
N ALA A 41 21.46 -56.05 28.12
CA ALA A 41 21.96 -54.91 28.89
C ALA A 41 23.47 -54.87 28.96
N THR A 42 24.02 -53.69 28.72
CA THR A 42 25.44 -53.43 28.89
C THR A 42 25.68 -52.15 29.68
N SER A 43 26.68 -52.14 30.55
CA SER A 43 26.91 -50.96 31.37
C SER A 43 28.34 -50.85 31.84
N VAL A 44 28.73 -49.68 32.32
CA VAL A 44 30.08 -49.47 32.81
C VAL A 44 30.11 -48.43 33.93
N THR A 45 31.07 -48.55 34.84
CA THR A 45 31.20 -47.60 35.93
C THR A 45 31.72 -46.29 35.40
N HIS A 46 31.50 -45.20 36.13
CA HIS A 46 32.06 -43.92 35.71
C HIS A 46 33.60 -43.98 35.71
N ARG A 47 34.21 -43.37 34.70
CA ARG A 47 35.68 -43.27 34.61
C ARG A 47 36.22 -41.93 35.12
N PRO A 48 37.51 -41.90 35.54
CA PRO A 48 38.02 -40.68 36.20
C PRO A 48 37.98 -39.43 35.33
N ASN A 49 38.34 -39.52 34.05
CA ASN A 49 38.23 -38.35 33.19
C ASN A 49 37.04 -38.47 32.25
N ALA A 50 36.83 -37.45 31.44
CA ALA A 50 35.80 -37.48 30.40
C ALA A 50 36.23 -38.46 29.31
N ILE A 51 37.52 -38.41 29.00
CA ILE A 51 38.10 -39.11 27.85
C ILE A 51 38.05 -40.64 27.96
N GLN A 52 38.39 -41.19 29.11
CA GLN A 52 38.32 -42.63 29.32
C GLN A 52 36.89 -43.10 29.08
N MET A 53 35.95 -42.30 29.56
CA MET A 53 34.54 -42.60 29.41
C MET A 53 34.06 -42.51 27.98
N ALA A 54 34.42 -41.46 27.25
CA ALA A 54 34.04 -41.33 25.84
C ALA A 54 34.61 -42.50 25.04
N LEU A 55 35.86 -42.82 25.33
CA LEU A 55 36.51 -43.96 24.73
C LEU A 55 35.75 -45.23 25.10
N SER A 56 35.20 -45.26 26.31
CA SER A 56 34.42 -46.40 26.77
C SER A 56 33.14 -46.53 25.97
N VAL A 57 32.51 -45.41 25.68
CA VAL A 57 31.28 -45.40 24.90
C VAL A 57 31.54 -45.90 23.48
N CYS A 58 32.57 -45.36 22.86
CA CYS A 58 32.89 -45.75 21.49
C CYS A 58 33.35 -47.21 21.41
N GLU A 59 34.12 -47.65 22.40
CA GLU A 59 34.68 -49.00 22.43
C GLU A 59 33.79 -49.99 23.19
N ASP A 60 33.59 -49.76 24.48
CA ASP A 60 32.92 -50.74 25.33
C ASP A 60 31.42 -50.82 25.07
N LEU A 61 30.79 -49.70 24.75
CA LEU A 61 29.34 -49.67 24.55
C LEU A 61 28.89 -49.78 23.10
N ILE A 62 29.28 -48.81 22.28
CA ILE A 62 28.84 -48.77 20.89
C ILE A 62 29.25 -50.01 20.07
N SER A 63 30.32 -50.69 20.48
CA SER A 63 30.69 -51.94 19.83
C SER A 63 29.62 -53.01 20.06
N SER A 64 28.76 -52.75 21.03
CA SER A 64 27.67 -53.66 21.34
C SER A 64 26.40 -53.22 20.63
N GLN A 65 26.51 -52.17 19.83
CA GLN A 65 25.39 -51.66 19.04
C GLN A 65 24.22 -51.15 19.87
N VAL A 66 24.50 -50.39 20.92
CA VAL A 66 23.45 -49.87 21.81
C VAL A 66 22.42 -49.02 21.04
N TYR A 67 21.15 -49.17 21.40
CA TYR A 67 20.09 -48.39 20.77
C TYR A 67 19.84 -47.12 21.55
N ALA A 68 20.46 -47.07 22.72
CA ALA A 68 20.30 -45.97 23.65
C ALA A 68 21.22 -46.16 24.82
N ILE A 69 21.46 -45.07 25.53
CA ILE A 69 22.41 -45.08 26.62
C ILE A 69 21.75 -44.41 27.80
N LEU A 70 22.03 -44.90 29.00
CA LEU A 70 21.57 -44.25 30.21
C LEU A 70 22.81 -43.71 30.92
N VAL A 71 22.66 -42.61 31.65
CA VAL A 71 23.81 -42.04 32.36
C VAL A 71 23.40 -41.51 33.73
N SER A 72 24.31 -41.60 34.69
CA SER A 72 24.04 -41.10 36.03
C SER A 72 25.23 -40.30 36.54
N HIS A 73 24.98 -39.35 37.45
CA HIS A 73 26.05 -38.61 38.11
C HIS A 73 26.91 -39.54 38.95
N PRO A 74 28.23 -39.34 38.91
CA PRO A 74 29.23 -40.15 39.62
C PRO A 74 29.17 -39.96 41.14
N PRO A 75 29.79 -40.86 41.91
CA PRO A 75 29.75 -40.77 43.38
C PRO A 75 30.34 -39.47 43.93
N ALA A 76 31.48 -39.05 43.40
CA ALA A 76 32.04 -37.75 43.74
C ALA A 76 31.94 -36.85 42.52
N PRO A 77 31.04 -35.86 42.56
CA PRO A 77 30.88 -34.98 41.40
C PRO A 77 32.17 -34.22 41.09
N THR A 78 32.62 -34.28 39.84
CA THR A 78 33.81 -33.57 39.42
C THR A 78 33.39 -32.41 38.55
N ASP A 79 33.70 -31.20 39.01
CA ASP A 79 33.20 -29.98 38.41
C ASP A 79 31.68 -30.07 38.38
N HIS A 80 31.09 -29.82 37.22
CA HIS A 80 29.68 -30.13 37.02
C HIS A 80 29.37 -30.67 35.64
N LEU A 81 28.23 -31.36 35.52
CA LEU A 81 27.78 -31.90 34.25
C LEU A 81 28.81 -32.91 33.74
N THR A 82 29.31 -33.71 34.66
CA THR A 82 30.20 -34.83 34.33
C THR A 82 29.60 -35.79 33.29
N PRO A 83 28.27 -35.94 33.27
CA PRO A 83 27.72 -36.52 32.02
C PRO A 83 27.56 -35.47 30.92
N THR A 84 28.56 -34.64 30.67
CA THR A 84 28.63 -33.88 29.42
C THR A 84 29.09 -34.70 28.20
N PRO A 85 30.14 -35.55 28.33
CA PRO A 85 30.72 -36.09 27.11
C PRO A 85 29.75 -37.00 26.36
N ILE A 86 28.99 -37.82 27.09
CA ILE A 86 28.18 -38.87 26.48
C ILE A 86 27.16 -38.25 25.53
N SER A 87 26.55 -37.17 25.97
CA SER A 87 25.53 -36.51 25.17
C SER A 87 26.14 -36.08 23.84
N TYR A 88 27.39 -35.63 23.88
CA TYR A 88 28.10 -35.31 22.65
C TYR A 88 28.42 -36.59 21.86
N THR A 89 28.99 -37.58 22.55
CA THR A 89 29.46 -38.80 21.89
C THR A 89 28.36 -39.61 21.22
N ALA A 90 27.30 -39.86 21.94
CA ALA A 90 26.16 -40.53 21.36
C ALA A 90 25.57 -39.62 20.28
N GLY A 91 25.62 -38.31 20.56
CA GLY A 91 24.99 -37.33 19.71
C GLY A 91 25.47 -37.35 18.27
N PHE A 92 26.73 -37.73 18.07
CA PHE A 92 27.31 -37.76 16.74
C PHE A 92 26.50 -38.73 15.91
N TYR A 93 26.14 -39.86 16.52
CA TYR A 93 25.40 -40.88 15.80
C TYR A 93 23.91 -40.76 16.06
N ARG A 94 23.52 -39.73 16.82
CA ARG A 94 22.13 -39.49 17.19
C ARG A 94 21.56 -40.63 18.04
N ILE A 95 22.42 -41.35 18.75
CA ILE A 95 21.96 -42.34 19.72
C ILE A 95 21.35 -41.66 20.93
N PRO A 96 20.07 -41.94 21.23
CA PRO A 96 19.41 -41.28 22.35
C PRO A 96 20.09 -41.57 23.69
N VAL A 97 20.22 -40.53 24.50
CA VAL A 97 20.81 -40.65 25.82
C VAL A 97 19.79 -40.24 26.85
N ILE A 98 19.75 -40.98 27.96
CA ILE A 98 18.80 -40.65 29.01
C ILE A 98 19.58 -40.52 30.31
N GLY A 99 19.57 -39.34 30.90
CA GLY A 99 20.21 -39.19 32.20
C GLY A 99 19.26 -39.48 33.34
N LEU A 100 19.75 -40.16 34.37
CA LEU A 100 19.00 -40.30 35.62
C LEU A 100 19.17 -39.17 36.64
N THR A 101 20.42 -38.83 36.93
CA THR A 101 20.76 -37.85 37.96
C THR A 101 21.15 -36.43 37.55
N THR A 102 21.14 -36.12 36.26
CA THR A 102 21.61 -34.80 35.84
C THR A 102 20.46 -33.83 35.83
N ARG A 103 20.33 -33.06 36.91
CA ARG A 103 19.30 -32.04 36.94
C ARG A 103 19.81 -30.78 36.23
N MET A 104 21.06 -30.81 35.77
CA MET A 104 21.70 -29.65 35.15
C MET A 104 20.89 -29.05 34.01
N SER A 105 20.81 -27.72 33.95
CA SER A 105 19.97 -27.07 32.96
C SER A 105 20.58 -26.98 31.58
N ILE A 106 21.90 -26.97 31.50
CA ILE A 106 22.58 -26.70 30.24
C ILE A 106 22.26 -27.76 29.16
N TYR A 107 21.67 -28.87 29.57
CA TYR A 107 21.30 -29.93 28.63
C TYR A 107 19.95 -29.68 27.98
N SER A 108 19.25 -28.65 28.43
CA SER A 108 17.90 -28.38 27.91
C SER A 108 17.91 -27.83 26.50
N ASP A 109 19.00 -27.20 26.10
CA ASP A 109 19.03 -26.67 24.74
C ASP A 109 19.28 -27.81 23.77
N LYS A 110 18.30 -28.05 22.90
CA LYS A 110 18.37 -29.11 21.91
C LYS A 110 19.55 -28.90 20.98
N SER A 111 19.85 -27.63 20.71
CA SER A 111 20.95 -27.29 19.80
C SER A 111 22.27 -27.96 20.17
N ILE A 112 22.73 -27.79 21.40
CA ILE A 112 24.04 -28.30 21.77
C ILE A 112 23.96 -29.80 22.09
N HIS A 113 22.97 -30.21 22.87
CA HIS A 113 22.74 -31.63 23.10
C HIS A 113 21.40 -32.01 22.49
N LEU A 114 21.43 -32.68 21.35
CA LEU A 114 20.20 -32.95 20.63
C LEU A 114 19.67 -34.35 20.86
N SER A 115 20.47 -35.18 21.51
CA SER A 115 20.05 -36.53 21.83
C SER A 115 19.63 -36.67 23.28
N PHE A 116 19.64 -35.57 24.02
CA PHE A 116 19.50 -35.68 25.46
C PHE A 116 18.09 -35.59 26.02
N LEU A 117 17.75 -36.65 26.76
CA LEU A 117 16.50 -36.73 27.48
C LEU A 117 16.77 -37.07 28.95
N ARG A 118 15.84 -36.70 29.82
CA ARG A 118 16.05 -37.02 31.23
C ARG A 118 14.77 -37.32 31.99
N THR A 119 14.92 -38.17 33.00
CA THR A 119 13.83 -38.61 33.86
C THR A 119 13.64 -37.63 35.02
N VAL A 120 14.43 -36.56 35.00
CA VAL A 120 14.28 -35.49 35.98
C VAL A 120 14.25 -34.15 35.26
N PRO A 121 13.46 -33.21 35.78
CA PRO A 121 13.41 -31.84 35.26
C PRO A 121 14.63 -31.07 35.72
N PRO A 122 15.04 -30.07 34.93
CA PRO A 122 16.23 -29.30 35.32
C PRO A 122 15.91 -28.34 36.44
N TYR A 123 16.93 -27.66 36.96
CA TYR A 123 16.72 -26.69 38.01
C TYR A 123 15.88 -25.51 37.56
N SER A 124 15.95 -25.21 36.27
CA SER A 124 15.17 -24.13 35.67
C SER A 124 13.67 -24.37 35.81
N HIS A 125 13.27 -25.61 35.58
CA HIS A 125 11.87 -26.01 35.61
C HIS A 125 11.25 -25.84 37.00
N GLN A 126 12.11 -25.69 38.00
CA GLN A 126 11.66 -25.46 39.36
C GLN A 126 10.81 -24.20 39.42
N ALA A 127 11.05 -23.29 38.49
CA ALA A 127 10.30 -22.03 38.42
C ALA A 127 8.80 -22.29 38.28
N LEU A 128 8.43 -23.45 37.74
CA LEU A 128 7.02 -23.81 37.60
C LEU A 128 6.36 -23.74 38.97
N VAL A 129 7.08 -24.21 39.97
CA VAL A 129 6.62 -24.15 41.36
C VAL A 129 6.46 -22.72 41.84
N TRP A 130 7.50 -21.93 41.59
CA TRP A 130 7.52 -20.56 42.06
C TRP A 130 6.37 -19.76 41.49
N PHE A 131 6.10 -19.92 40.20
CA PHE A 131 4.97 -19.22 39.62
C PHE A 131 3.70 -19.70 40.28
N GLU A 132 3.58 -21.00 40.50
CA GLU A 132 2.39 -21.48 41.18
C GLU A 132 2.41 -20.95 42.59
N MET A 133 3.60 -20.94 43.20
CA MET A 133 3.66 -20.41 44.55
C MET A 133 3.25 -18.95 44.52
N MET A 134 3.80 -18.22 43.53
CA MET A 134 3.52 -16.79 43.45
C MET A 134 2.05 -16.60 43.20
N ARG A 135 1.50 -17.55 42.45
CA ARG A 135 0.11 -17.48 42.07
C ARG A 135 -0.81 -17.50 43.27
N LEU A 136 -0.51 -18.41 44.21
CA LEU A 136 -1.40 -18.63 45.35
C LEU A 136 -1.50 -17.46 46.32
N PHE A 137 -0.33 -16.93 46.61
CA PHE A 137 -0.08 -15.88 47.59
C PHE A 137 -0.33 -14.51 47.00
N ASN A 138 -0.48 -14.47 45.68
CA ASN A 138 -0.83 -13.22 45.05
C ASN A 138 0.27 -12.19 45.16
N TRP A 139 1.53 -12.63 45.09
CA TRP A 139 2.51 -11.58 45.02
C TRP A 139 2.93 -11.61 43.59
N ASN A 140 2.69 -10.49 42.92
CA ASN A 140 3.10 -10.32 41.55
C ASN A 140 4.45 -9.69 41.51
N HIS A 141 4.80 -9.03 42.61
CA HIS A 141 6.08 -8.35 42.71
C HIS A 141 7.11 -9.16 43.48
N VAL A 142 8.21 -9.47 42.81
CA VAL A 142 9.28 -10.25 43.40
C VAL A 142 10.62 -9.71 42.91
N ILE A 143 11.70 -10.33 43.37
CA ILE A 143 13.02 -10.02 42.89
C ILE A 143 13.70 -11.34 42.59
N LEU A 144 14.50 -11.35 41.54
CA LEU A 144 15.17 -12.57 41.14
C LEU A 144 16.67 -12.33 41.21
N ILE A 145 17.36 -13.23 41.90
CA ILE A 145 18.81 -13.18 42.00
C ILE A 145 19.36 -14.44 41.37
N VAL A 146 20.17 -14.27 40.33
CA VAL A 146 20.70 -15.42 39.61
C VAL A 146 22.20 -15.33 39.50
N SER A 147 22.85 -16.49 39.51
CA SER A 147 24.26 -16.49 39.14
C SER A 147 24.36 -16.26 37.63
N ASP A 148 25.53 -15.87 37.13
CA ASP A 148 25.67 -15.63 35.70
C ASP A 148 26.31 -16.85 35.04
N ASP A 149 25.49 -17.57 34.28
CA ASP A 149 25.87 -18.81 33.60
C ASP A 149 24.64 -19.32 32.85
N HIS A 150 24.77 -20.41 32.09
CA HIS A 150 23.62 -20.96 31.37
C HIS A 150 22.51 -21.33 32.36
N GLU A 151 22.89 -21.82 33.53
CA GLU A 151 21.94 -22.23 34.57
C GLU A 151 21.02 -21.10 35.06
N GLY A 152 21.63 -20.04 35.57
CA GLY A 152 20.89 -18.92 36.11
C GLY A 152 20.07 -18.21 35.05
N ARG A 153 20.71 -17.91 33.93
CA ARG A 153 20.04 -17.23 32.84
C ARG A 153 18.88 -18.05 32.30
N ALA A 154 19.05 -19.38 32.25
CA ALA A 154 17.94 -20.25 31.85
C ALA A 154 16.80 -20.16 32.84
N ALA A 155 17.13 -20.11 34.13
CA ALA A 155 16.08 -20.04 35.14
C ALA A 155 15.28 -18.75 34.92
N GLN A 156 16.03 -17.66 34.68
CA GLN A 156 15.41 -16.37 34.46
C GLN A 156 14.51 -16.38 33.24
N LYS A 157 15.00 -16.99 32.16
CA LYS A 157 14.23 -17.09 30.93
C LYS A 157 12.94 -17.85 31.17
N LYS A 158 13.02 -18.93 31.93
CA LYS A 158 11.86 -19.79 32.15
C LYS A 158 10.79 -19.08 32.95
N LEU A 159 11.22 -18.46 34.05
CA LEU A 159 10.29 -17.76 34.93
C LEU A 159 9.66 -16.59 34.16
N GLU A 160 10.48 -15.85 33.42
CA GLU A 160 10.02 -14.68 32.68
C GLU A 160 9.02 -15.10 31.60
N THR A 161 9.32 -16.22 30.96
CA THR A 161 8.42 -16.83 29.98
C THR A 161 7.08 -17.20 30.63
N LEU A 162 7.13 -17.68 31.86
CA LEU A 162 5.92 -17.98 32.64
C LEU A 162 5.13 -16.69 32.84
N LEU A 163 5.86 -15.61 33.09
CA LEU A 163 5.29 -14.29 33.35
C LEU A 163 4.78 -13.62 32.08
N GLU A 164 5.22 -14.12 30.93
CA GLU A 164 4.98 -13.50 29.64
C GLU A 164 3.51 -13.67 29.31
N GLU A 165 2.96 -14.84 29.63
CA GLU A 165 1.51 -15.07 29.52
C GLU A 165 0.75 -13.99 30.29
N LYS A 166 1.19 -13.71 31.51
CA LYS A 166 0.69 -12.55 32.26
C LYS A 166 1.33 -11.31 31.67
N GLU A 167 0.98 -10.13 32.16
CA GLU A 167 1.71 -8.94 31.73
C GLU A 167 3.12 -9.26 32.16
N SER A 168 4.11 -8.99 31.32
CA SER A 168 5.46 -9.46 31.62
C SER A 168 5.87 -8.81 32.91
N LYS A 169 6.38 -9.61 33.84
CA LYS A 169 6.80 -9.04 35.08
C LYS A 169 8.28 -9.23 35.29
N ALA A 170 8.97 -8.11 35.12
CA ALA A 170 10.35 -7.99 35.53
C ALA A 170 10.25 -6.90 36.55
N ASP A 171 10.01 -7.30 37.80
CA ASP A 171 9.85 -6.36 38.89
C ASP A 171 11.25 -5.81 39.11
N LYS A 172 12.18 -6.74 39.21
CA LYS A 172 13.59 -6.45 39.09
C LYS A 172 14.26 -7.77 38.80
N VAL A 173 15.47 -7.72 38.26
CA VAL A 173 16.26 -8.90 38.04
C VAL A 173 17.67 -8.54 38.42
N LEU A 174 18.38 -9.47 39.04
CA LEU A 174 19.72 -9.19 39.54
C LEU A 174 20.67 -10.33 39.21
N GLN A 175 21.74 -9.96 38.50
CA GLN A 175 22.71 -10.92 38.02
C GLN A 175 24.02 -10.67 38.75
N PHE A 176 24.62 -11.75 39.26
CA PHE A 176 25.94 -11.70 39.88
C PHE A 176 26.76 -12.81 39.27
N GLU A 177 28.09 -12.76 39.39
CA GLU A 177 28.89 -13.69 38.62
C GLU A 177 29.44 -14.63 39.70
N PRO A 178 29.61 -15.92 39.38
CA PRO A 178 29.95 -16.97 40.36
C PRO A 178 31.33 -16.82 40.99
N GLY A 179 31.49 -17.32 42.21
CA GLY A 179 32.82 -17.36 42.82
C GLY A 179 33.18 -16.09 43.54
N THR A 180 32.23 -15.15 43.54
CA THR A 180 32.41 -13.84 44.18
C THR A 180 31.96 -13.85 45.63
N LYS A 181 32.94 -13.76 46.52
CA LYS A 181 32.73 -13.83 47.97
C LYS A 181 31.88 -12.70 48.53
N ASN A 182 32.09 -11.47 48.05
CA ASN A 182 31.26 -10.40 48.53
C ASN A 182 30.24 -9.83 47.55
N LEU A 183 28.96 -9.97 47.90
CA LEU A 183 27.91 -9.48 47.02
C LEU A 183 27.20 -8.22 47.52
N THR A 184 27.73 -7.56 48.55
CA THR A 184 26.95 -6.58 49.31
C THR A 184 26.27 -5.47 48.52
N ALA A 185 27.00 -4.91 47.55
CA ALA A 185 26.50 -3.75 46.82
C ALA A 185 25.21 -4.05 46.09
N LEU A 186 25.18 -5.21 45.45
CA LEU A 186 24.03 -5.64 44.66
C LEU A 186 22.76 -5.74 45.50
N LEU A 187 22.88 -6.27 46.72
CA LEU A 187 21.75 -6.32 47.62
C LEU A 187 21.37 -4.92 48.10
N LEU A 188 22.36 -4.07 48.31
CA LEU A 188 22.07 -2.68 48.61
C LEU A 188 21.19 -2.08 47.51
N GLU A 189 21.47 -2.44 46.25
CA GLU A 189 20.60 -2.06 45.15
C GLU A 189 19.22 -2.73 45.26
N ALA A 190 19.20 -3.98 45.73
CA ALA A 190 17.96 -4.73 45.86
C ALA A 190 16.95 -4.13 46.86
N LYS A 191 17.45 -3.62 47.99
CA LYS A 191 16.58 -3.07 49.04
C LYS A 191 15.75 -1.90 48.51
N GLU A 192 16.37 -1.08 47.67
CA GLU A 192 15.70 0.08 47.09
C GLU A 192 14.45 -0.33 46.33
N LEU A 193 14.48 -1.50 45.69
CA LEU A 193 13.30 -1.99 44.97
C LEU A 193 12.19 -2.26 45.98
N GLU A 194 10.96 -1.87 45.64
CA GLU A 194 9.86 -1.95 46.58
C GLU A 194 9.51 -3.38 46.90
N ALA A 195 9.48 -4.23 45.88
CA ALA A 195 9.02 -5.59 46.08
C ALA A 195 9.86 -6.27 47.16
N ARG A 196 9.17 -6.87 48.13
CA ARG A 196 9.82 -7.44 49.29
C ARG A 196 10.02 -8.95 49.23
N VAL A 197 9.66 -9.58 48.11
CA VAL A 197 9.81 -11.03 48.01
C VAL A 197 10.97 -11.31 47.09
N ILE A 198 11.77 -12.30 47.47
CA ILE A 198 12.99 -12.64 46.74
C ILE A 198 13.05 -14.12 46.39
N ILE A 199 13.67 -14.42 45.26
CA ILE A 199 13.85 -15.77 44.79
C ILE A 199 15.26 -15.81 44.24
N LEU A 200 15.98 -16.91 44.44
CA LEU A 200 17.35 -16.91 43.98
C LEU A 200 17.79 -18.25 43.44
N SER A 201 18.67 -18.25 42.45
CA SER A 201 19.28 -19.49 42.09
C SER A 201 20.81 -19.34 42.01
N ALA A 202 21.50 -20.27 42.66
CA ALA A 202 22.95 -20.27 42.69
C ALA A 202 23.47 -21.63 43.12
N SER A 203 24.78 -21.81 43.02
CA SER A 203 25.46 -22.97 43.56
C SER A 203 25.60 -22.88 45.07
N GLU A 204 25.89 -24.01 45.71
CA GLU A 204 25.97 -24.08 47.16
C GLU A 204 26.98 -23.09 47.71
N ASP A 205 28.18 -23.10 47.12
CA ASP A 205 29.24 -22.20 47.56
C ASP A 205 28.79 -20.76 47.36
N ASP A 206 28.09 -20.48 46.26
CA ASP A 206 27.72 -19.10 45.97
C ASP A 206 26.66 -18.70 46.97
N ALA A 207 25.73 -19.62 47.23
CA ALA A 207 24.61 -19.42 48.14
C ALA A 207 25.09 -19.09 49.55
N THR A 208 26.19 -19.71 49.95
CA THR A 208 26.77 -19.38 51.24
C THR A 208 27.07 -17.88 51.26
N ALA A 209 27.75 -17.40 50.22
CA ALA A 209 28.10 -15.99 50.11
C ALA A 209 26.85 -15.12 50.02
N VAL A 210 25.81 -15.62 49.36
CA VAL A 210 24.57 -14.87 49.21
C VAL A 210 23.91 -14.65 50.57
N TYR A 211 23.73 -15.73 51.33
CA TYR A 211 23.10 -15.63 52.64
C TYR A 211 23.99 -14.84 53.61
N LYS A 212 25.30 -15.02 53.48
CA LYS A 212 26.28 -14.35 54.31
C LYS A 212 26.19 -12.85 54.13
N SER A 213 26.11 -12.42 52.87
CA SER A 213 25.96 -11.01 52.53
C SER A 213 24.57 -10.48 52.86
N ALA A 214 23.55 -11.32 52.70
CA ALA A 214 22.17 -10.93 52.91
C ALA A 214 21.88 -10.70 54.39
N ALA A 215 22.47 -11.53 55.24
CA ALA A 215 22.29 -11.42 56.68
C ALA A 215 22.90 -10.13 57.22
N MET A 216 23.99 -9.68 56.60
CA MET A 216 24.65 -8.45 57.00
C MET A 216 23.71 -7.25 56.85
N LEU A 217 22.95 -7.22 55.76
CA LEU A 217 21.98 -6.15 55.50
C LEU A 217 20.60 -6.45 56.07
N ASP A 218 20.49 -7.57 56.78
CA ASP A 218 19.26 -7.96 57.46
C ASP A 218 18.08 -8.10 56.50
N MET A 219 18.33 -8.71 55.35
CA MET A 219 17.27 -8.98 54.38
C MET A 219 16.59 -10.31 54.67
N THR A 220 17.15 -11.04 55.63
CA THR A 220 16.58 -12.31 56.07
C THR A 220 15.40 -12.07 57.00
N GLY A 221 15.20 -10.82 57.41
CA GLY A 221 14.13 -10.47 58.33
C GLY A 221 12.73 -10.60 57.74
N ALA A 222 11.73 -10.45 58.60
CA ALA A 222 10.32 -10.53 58.23
C ALA A 222 9.88 -9.39 57.32
N GLY A 223 8.81 -9.60 56.54
CA GLY A 223 8.47 -8.66 55.49
C GLY A 223 9.24 -8.94 54.22
N TYR A 224 10.19 -9.86 54.32
CA TYR A 224 10.97 -10.33 53.19
C TYR A 224 10.74 -11.82 53.01
N VAL A 225 10.71 -12.31 51.78
CA VAL A 225 10.46 -13.72 51.62
C VAL A 225 11.57 -14.25 50.73
N TRP A 226 11.91 -15.50 50.94
CA TRP A 226 12.94 -16.17 50.17
C TRP A 226 12.40 -17.44 49.56
N LEU A 227 12.63 -17.57 48.26
CA LEU A 227 12.29 -18.76 47.52
C LEU A 227 13.57 -19.23 46.85
N VAL A 228 13.78 -20.54 46.82
CA VAL A 228 15.07 -21.09 46.40
C VAL A 228 14.99 -22.49 45.78
N GLY A 229 16.11 -22.83 45.16
CA GLY A 229 16.38 -24.08 44.49
C GLY A 229 16.87 -25.14 45.46
N GLU A 230 16.86 -26.38 45.00
CA GLU A 230 17.23 -27.52 45.82
C GLU A 230 18.68 -27.36 46.25
N ARG A 231 19.53 -26.94 45.34
CA ARG A 231 20.96 -26.81 45.61
C ARG A 231 21.21 -25.83 46.75
N GLU A 232 20.43 -24.75 46.80
CA GLU A 232 20.65 -23.71 47.78
C GLU A 232 20.43 -24.19 49.20
N ILE A 233 19.41 -25.01 49.44
CA ILE A 233 19.18 -25.46 50.80
C ILE A 233 20.24 -26.45 51.25
N SER A 234 20.84 -27.16 50.30
CA SER A 234 21.82 -28.21 50.61
C SER A 234 23.28 -27.78 50.82
N GLY A 235 24.03 -28.60 51.56
CA GLY A 235 25.45 -28.39 51.73
C GLY A 235 25.81 -27.32 52.72
N SER A 236 26.97 -26.70 52.48
CA SER A 236 27.50 -25.66 53.35
C SER A 236 26.48 -24.52 53.39
N ALA A 237 25.75 -24.34 52.28
CA ALA A 237 24.71 -23.33 52.19
C ALA A 237 23.65 -23.53 53.26
N LEU A 238 23.35 -24.78 53.58
CA LEU A 238 22.37 -25.06 54.63
C LEU A 238 22.83 -24.46 55.95
N ARG A 239 24.13 -24.55 56.19
CA ARG A 239 24.70 -24.09 57.45
C ARG A 239 24.51 -22.59 57.64
N TYR A 240 24.67 -21.83 56.57
CA TYR A 240 24.63 -20.37 56.67
C TYR A 240 23.25 -19.83 56.29
N ALA A 241 22.33 -20.76 56.02
CA ALA A 241 20.98 -20.41 55.56
C ALA A 241 20.16 -19.66 56.61
N PRO A 242 19.34 -18.69 56.15
CA PRO A 242 18.46 -17.90 57.02
C PRO A 242 17.19 -18.65 57.44
N ASP A 243 16.57 -18.24 58.55
CA ASP A 243 15.37 -18.90 59.07
C ASP A 243 14.14 -18.54 58.24
N GLY A 244 13.16 -19.44 58.23
CA GLY A 244 11.88 -19.19 57.59
C GLY A 244 11.90 -19.23 56.08
N ILE A 245 13.06 -19.59 55.50
CA ILE A 245 13.22 -19.64 54.06
C ILE A 245 12.29 -20.71 53.49
N ILE A 246 11.87 -20.52 52.25
CA ILE A 246 11.12 -21.55 51.53
C ILE A 246 12.05 -22.27 50.55
N GLY A 247 11.93 -23.59 50.45
CA GLY A 247 12.91 -24.37 49.71
C GLY A 247 12.30 -25.54 48.98
N LEU A 248 13.05 -26.10 48.03
CA LEU A 248 12.52 -27.17 47.18
C LEU A 248 13.45 -28.40 47.20
N GLN A 249 12.87 -29.60 47.17
CA GLN A 249 13.65 -30.82 46.94
C GLN A 249 12.96 -31.74 45.94
N LEU A 250 13.64 -32.12 44.86
CA LEU A 250 13.03 -33.06 43.91
C LEU A 250 12.96 -34.45 44.51
N ILE A 251 11.88 -35.16 44.19
CA ILE A 251 11.62 -36.49 44.70
C ILE A 251 12.42 -37.52 43.93
N ASN A 252 13.05 -38.44 44.68
CA ASN A 252 13.89 -39.50 44.13
C ASN A 252 15.07 -38.96 43.33
N GLY A 253 15.47 -37.72 43.63
CA GLY A 253 16.59 -37.11 42.93
C GLY A 253 17.90 -37.82 43.22
N LYS A 254 18.03 -38.31 44.44
CA LYS A 254 19.22 -39.01 44.88
C LYS A 254 19.32 -40.43 44.32
N ASN A 255 18.18 -41.10 44.20
CA ASN A 255 18.13 -42.50 43.79
C ASN A 255 18.38 -42.62 42.28
N GLU A 256 19.38 -43.36 41.84
CA GLU A 256 19.44 -43.74 40.42
C GLU A 256 18.46 -44.87 40.08
N SER A 257 18.39 -45.88 40.95
CA SER A 257 17.70 -47.17 40.71
C SER A 257 16.21 -47.11 40.34
N ALA A 258 15.43 -46.29 41.05
CA ALA A 258 14.02 -46.15 40.71
C ALA A 258 13.94 -45.63 39.28
N HIS A 259 14.70 -44.57 39.03
CA HIS A 259 14.81 -44.00 37.71
C HIS A 259 15.35 -44.99 36.68
N ILE A 260 16.17 -45.94 37.13
CA ILE A 260 16.68 -46.99 36.26
C ILE A 260 15.53 -47.86 35.80
N SER A 261 14.81 -48.43 36.77
CA SER A 261 13.72 -49.33 36.46
C SER A 261 12.74 -48.64 35.53
N ASP A 262 12.38 -47.42 35.87
CA ASP A 262 11.43 -46.67 35.06
C ASP A 262 11.97 -46.30 33.68
N ALA A 263 13.20 -45.81 33.60
CA ALA A 263 13.77 -45.41 32.33
C ALA A 263 13.83 -46.59 31.39
N VAL A 264 14.33 -47.71 31.89
CA VAL A 264 14.38 -48.92 31.09
C VAL A 264 12.99 -49.37 30.70
N ALA A 265 12.02 -49.21 31.59
CA ALA A 265 10.65 -49.55 31.25
C ALA A 265 10.17 -48.73 30.06
N VAL A 266 10.43 -47.42 30.13
CA VAL A 266 10.10 -46.50 29.06
C VAL A 266 10.84 -46.85 27.77
N VAL A 267 12.10 -47.22 27.89
CA VAL A 267 12.90 -47.61 26.73
C VAL A 267 12.27 -48.83 26.08
N ALA A 268 11.86 -49.78 26.90
CA ALA A 268 11.25 -50.99 26.40
C ALA A 268 9.97 -50.66 25.65
N GLN A 269 9.12 -49.85 26.28
CA GLN A 269 7.85 -49.45 25.65
C GLN A 269 8.11 -48.72 24.34
N ALA A 270 9.14 -47.89 24.35
CA ALA A 270 9.51 -47.12 23.18
C ALA A 270 9.98 -48.02 22.06
N ILE A 271 10.82 -49.00 22.38
CA ILE A 271 11.32 -49.93 21.38
C ILE A 271 10.21 -50.80 20.80
N HIS A 272 9.41 -51.39 21.68
CA HIS A 272 8.32 -52.24 21.25
C HIS A 272 7.33 -51.44 20.40
N GLU A 273 7.16 -50.17 20.75
CA GLU A 273 6.36 -49.27 19.92
C GLU A 273 7.10 -48.96 18.62
N LEU A 274 8.42 -48.98 18.67
CA LEU A 274 9.26 -48.61 17.53
C LEU A 274 9.24 -49.66 16.45
N PHE A 275 9.45 -50.90 16.85
CA PHE A 275 9.55 -51.99 15.89
C PHE A 275 8.22 -52.26 15.19
N GLU A 276 7.16 -51.63 15.67
CA GLU A 276 5.89 -51.63 14.96
C GLU A 276 6.11 -50.90 13.62
N MET A 277 7.05 -49.97 13.59
CA MET A 277 7.40 -49.28 12.35
C MET A 277 8.44 -50.02 11.51
N GLU A 278 8.44 -49.76 10.20
CA GLU A 278 9.37 -50.43 9.30
C GLU A 278 10.45 -49.46 8.84
N GLN A 279 11.37 -49.95 8.00
CA GLN A 279 12.50 -49.19 7.49
C GLN A 279 13.42 -48.81 8.65
N ILE A 280 13.52 -49.70 9.62
CA ILE A 280 14.43 -49.55 10.75
C ILE A 280 15.84 -49.97 10.38
N THR A 281 16.82 -49.35 11.02
CA THR A 281 18.21 -49.75 10.86
C THR A 281 18.90 -49.88 12.22
N ASP A 282 19.70 -50.92 12.37
CA ASP A 282 20.49 -51.12 13.59
C ASP A 282 21.49 -49.98 13.75
N PRO A 283 21.86 -49.65 14.99
CA PRO A 283 22.87 -48.61 15.20
C PRO A 283 24.23 -49.06 14.70
N PRO A 284 25.14 -48.11 14.44
CA PRO A 284 26.43 -48.48 13.85
C PRO A 284 27.23 -49.42 14.73
N ARG A 285 27.82 -50.45 14.14
CA ARG A 285 28.58 -51.42 14.92
C ARG A 285 29.97 -50.89 15.16
N GLY A 286 30.21 -50.44 16.38
CA GLY A 286 31.54 -49.99 16.77
C GLY A 286 31.69 -48.57 16.30
N CYS A 287 32.56 -47.82 16.97
CA CYS A 287 32.85 -46.46 16.55
C CYS A 287 33.64 -46.47 15.26
N VAL A 288 34.58 -47.41 15.15
CA VAL A 288 35.52 -47.44 14.05
C VAL A 288 34.86 -47.63 12.69
N GLY A 289 35.25 -46.77 11.74
CA GLY A 289 34.82 -46.88 10.37
C GLY A 289 33.49 -46.25 10.01
N ASN A 290 32.80 -45.65 10.97
CA ASN A 290 31.53 -45.03 10.65
C ASN A 290 31.51 -43.53 10.93
N THR A 291 31.47 -42.77 9.84
CA THR A 291 31.44 -41.32 9.87
C THR A 291 30.03 -40.80 9.75
N ASN A 292 29.09 -41.73 9.62
CA ASN A 292 27.72 -41.39 9.31
C ASN A 292 26.80 -41.54 10.52
N ILE A 293 25.75 -40.71 10.56
CA ILE A 293 24.78 -40.78 11.64
C ILE A 293 23.91 -42.02 11.49
N TRP A 294 23.00 -42.22 12.44
CA TRP A 294 22.10 -43.35 12.42
C TRP A 294 20.67 -42.86 12.21
N LYS A 295 20.11 -43.12 11.03
CA LYS A 295 18.88 -42.44 10.60
C LYS A 295 17.70 -42.69 11.55
N THR A 296 17.68 -43.85 12.17
CA THR A 296 16.62 -44.21 13.10
C THR A 296 16.62 -43.35 14.37
N GLY A 297 17.81 -43.00 14.84
CA GLY A 297 17.97 -42.36 16.14
C GLY A 297 17.04 -41.21 16.49
N PRO A 298 16.90 -40.23 15.60
CA PRO A 298 15.92 -39.17 15.84
C PRO A 298 14.49 -39.71 15.97
N LEU A 299 14.13 -40.71 15.17
CA LEU A 299 12.80 -41.32 15.31
C LEU A 299 12.64 -41.98 16.67
N PHE A 300 13.66 -42.72 17.08
CA PHE A 300 13.67 -43.35 18.39
C PHE A 300 13.47 -42.29 19.47
N LYS A 301 14.11 -41.14 19.28
CA LYS A 301 13.92 -40.01 20.18
C LYS A 301 12.48 -39.51 20.15
N ARG A 302 11.88 -39.46 18.96
CA ARG A 302 10.52 -38.94 18.80
C ARG A 302 9.49 -39.80 19.51
N VAL A 303 9.56 -41.11 19.29
CA VAL A 303 8.65 -42.01 19.98
C VAL A 303 8.92 -41.97 21.48
N LEU A 304 10.19 -41.98 21.84
CA LEU A 304 10.57 -42.04 23.24
C LEU A 304 10.10 -40.81 24.03
N MET A 305 10.10 -39.64 23.38
CA MET A 305 9.58 -38.42 24.00
C MET A 305 8.05 -38.44 24.17
N SER A 306 7.38 -39.15 23.26
CA SER A 306 5.92 -39.28 23.25
C SER A 306 5.42 -40.56 23.94
N SER A 307 6.29 -41.23 24.70
CA SER A 307 6.13 -42.65 25.03
C SER A 307 5.19 -43.00 26.21
N LYS A 308 4.49 -42.02 26.76
CA LYS A 308 3.47 -42.22 27.81
C LYS A 308 3.92 -43.18 28.92
N TYR A 309 3.16 -44.25 29.14
CA TYR A 309 3.39 -45.18 30.25
C TYR A 309 3.35 -44.42 31.58
N PRO A 310 2.21 -43.76 31.86
CA PRO A 310 2.09 -42.83 33.00
C PRO A 310 2.39 -43.49 34.35
N ASP A 311 2.11 -44.79 34.45
CA ASP A 311 2.39 -45.53 35.66
C ASP A 311 3.86 -45.88 35.71
N GLY A 312 4.55 -45.38 36.72
CA GLY A 312 5.95 -45.64 36.90
C GLY A 312 6.36 -45.50 38.35
N VAL A 313 7.51 -46.07 38.69
CA VAL A 313 8.02 -46.06 40.05
C VAL A 313 8.35 -44.62 40.47
N THR A 314 8.84 -43.83 39.52
CA THR A 314 9.17 -42.42 39.78
C THR A 314 8.01 -41.41 39.78
N GLY A 315 6.87 -41.77 39.21
CA GLY A 315 5.77 -40.81 39.06
C GLY A 315 5.33 -40.68 37.61
N ARG A 316 4.49 -39.69 37.32
CA ARG A 316 4.02 -39.56 35.93
C ARG A 316 5.19 -39.21 35.02
N ILE A 317 5.14 -39.74 33.80
CA ILE A 317 6.19 -39.53 32.82
C ILE A 317 5.69 -38.95 31.51
N GLU A 318 6.14 -37.76 31.17
CA GLU A 318 5.85 -37.21 29.86
C GLU A 318 7.01 -36.26 29.61
N PHE A 319 7.31 -36.00 28.35
CA PHE A 319 8.49 -35.21 28.06
C PHE A 319 8.19 -33.94 27.30
N ASN A 320 8.78 -32.84 27.78
CA ASN A 320 8.64 -31.56 27.12
C ASN A 320 9.43 -31.55 25.83
N GLU A 321 9.34 -30.45 25.11
CA GLU A 321 9.97 -30.31 23.81
C GLU A 321 11.48 -30.50 23.87
N ASP A 322 12.08 -29.99 24.93
CA ASP A 322 13.53 -30.06 25.08
C ASP A 322 14.00 -31.47 25.45
N GLY A 323 13.05 -32.37 25.71
CA GLY A 323 13.37 -33.73 26.12
C GLY A 323 13.42 -33.82 27.63
N ASP A 324 13.27 -32.67 28.28
CA ASP A 324 13.20 -32.60 29.73
C ASP A 324 11.88 -33.20 30.19
N ARG A 325 11.88 -33.74 31.41
CA ARG A 325 10.71 -34.39 31.96
C ARG A 325 9.62 -33.41 32.33
N LYS A 326 8.36 -33.87 32.30
CA LYS A 326 7.24 -33.03 32.66
C LYS A 326 6.50 -33.63 33.85
N PHE A 327 5.75 -32.79 34.55
CA PHE A 327 4.88 -33.22 35.64
C PHE A 327 5.63 -33.94 36.76
N ALA A 328 6.88 -33.56 37.00
CA ALA A 328 7.65 -34.11 38.10
C ALA A 328 7.16 -33.54 39.43
N GLN A 329 7.49 -34.22 40.52
CA GLN A 329 7.03 -33.77 41.83
C GLN A 329 8.17 -33.32 42.75
N TYR A 330 7.99 -32.17 43.38
CA TYR A 330 8.96 -31.67 44.37
C TYR A 330 8.32 -31.59 45.76
N SER A 331 9.16 -31.64 46.78
CA SER A 331 8.71 -31.51 48.16
C SER A 331 9.23 -30.20 48.72
N ILE A 332 8.30 -29.31 49.06
CA ILE A 332 8.66 -28.02 49.61
C ILE A 332 9.22 -28.22 51.02
N MET A 333 10.20 -27.40 51.39
CA MET A 333 10.94 -27.57 52.61
C MET A 333 11.02 -26.25 53.36
N ASN A 334 10.99 -26.32 54.68
CA ASN A 334 11.06 -25.12 55.50
C ASN A 334 12.20 -25.27 56.50
N LEU A 335 12.69 -24.14 56.97
CA LEU A 335 13.90 -24.07 57.80
C LEU A 335 13.63 -24.07 59.30
N GLN A 336 12.40 -24.41 59.69
CA GLN A 336 11.94 -24.25 61.06
C GLN A 336 12.93 -24.77 62.09
N ASN A 337 13.19 -23.94 63.10
CA ASN A 337 14.15 -24.22 64.17
C ASN A 337 15.51 -24.64 63.60
N ARG A 338 15.93 -23.97 62.53
CA ARG A 338 17.17 -24.27 61.81
C ARG A 338 17.29 -25.74 61.40
N LYS A 339 16.17 -26.32 61.02
CA LYS A 339 16.14 -27.70 60.53
C LYS A 339 15.14 -27.83 59.38
N LEU A 340 15.39 -28.78 58.48
CA LEU A 340 14.53 -28.97 57.32
C LEU A 340 13.27 -29.74 57.67
N VAL A 341 12.12 -29.20 57.26
CA VAL A 341 10.81 -29.81 57.51
C VAL A 341 9.94 -29.67 56.27
N GLN A 342 9.04 -30.62 56.07
CA GLN A 342 8.17 -30.55 54.90
C GLN A 342 6.88 -29.84 55.27
N VAL A 343 6.75 -28.61 54.79
CA VAL A 343 5.57 -27.80 55.03
C VAL A 343 4.45 -28.27 54.12
N GLY A 344 4.84 -28.77 52.95
CA GLY A 344 3.92 -29.21 51.93
C GLY A 344 4.68 -30.03 50.92
N ILE A 345 3.98 -30.62 49.97
CA ILE A 345 4.61 -31.33 48.87
C ILE A 345 3.93 -30.98 47.55
N PHE A 346 4.74 -30.83 46.50
CA PHE A 346 4.22 -30.39 45.21
C PHE A 346 4.26 -31.53 44.19
N ASP A 347 3.10 -31.89 43.66
CA ASP A 347 3.05 -32.92 42.62
C ASP A 347 2.09 -32.50 41.51
N GLY A 348 2.48 -32.76 40.27
CA GLY A 348 1.69 -32.33 39.13
C GLY A 348 1.73 -30.83 38.98
N SER A 349 0.71 -30.25 38.36
CA SER A 349 0.64 -28.80 38.16
C SER A 349 0.14 -28.06 39.40
N TYR A 350 -0.39 -28.78 40.38
CA TYR A 350 -0.95 -28.19 41.59
C TYR A 350 -0.15 -28.50 42.84
N ILE A 351 0.10 -27.47 43.64
CA ILE A 351 0.75 -27.63 44.93
C ILE A 351 -0.16 -28.37 45.92
N ILE A 352 0.45 -29.07 46.88
CA ILE A 352 -0.32 -29.69 47.96
C ILE A 352 0.23 -29.24 49.32
N GLN A 353 -0.68 -28.89 50.21
CA GLN A 353 -0.30 -28.35 51.51
C GLN A 353 -0.31 -29.44 52.58
N ASN A 354 0.87 -29.73 53.13
CA ASN A 354 0.98 -30.68 54.23
C ASN A 354 0.45 -30.03 55.51
N ASP A 355 0.14 -30.85 56.50
CA ASP A 355 -0.50 -30.35 57.70
C ASP A 355 0.38 -29.39 58.48
N ARG A 356 1.67 -29.33 58.17
CA ARG A 356 2.59 -28.58 59.00
C ARG A 356 2.31 -27.07 58.84
N LYS A 357 2.54 -26.33 59.92
CA LYS A 357 2.28 -24.90 60.01
C LYS A 357 3.21 -24.10 59.11
N ILE A 358 2.74 -23.03 58.48
CA ILE A 358 3.66 -22.28 57.63
C ILE A 358 4.61 -21.47 58.51
N ILE A 359 5.85 -21.39 58.05
CA ILE A 359 6.90 -20.52 58.61
C ILE A 359 7.38 -19.50 57.58
N TRP A 360 7.62 -18.30 58.05
CA TRP A 360 8.12 -17.21 57.24
C TRP A 360 9.37 -16.72 57.94
N PRO A 361 10.20 -15.92 57.26
CA PRO A 361 11.39 -15.62 58.05
C PRO A 361 11.10 -14.64 59.17
N GLY A 362 11.82 -14.88 60.26
CA GLY A 362 11.67 -14.19 61.53
C GLY A 362 10.47 -14.87 62.16
N GLY A 363 9.90 -14.29 63.22
CA GLY A 363 8.71 -14.88 63.83
C GLY A 363 7.38 -14.62 63.14
N GLU A 364 6.74 -15.64 62.56
CA GLU A 364 5.38 -15.48 62.06
C GLU A 364 4.48 -16.68 62.37
N THR A 365 3.29 -16.52 62.95
CA THR A 365 2.45 -17.71 63.05
C THR A 365 1.94 -18.03 61.64
N GLU A 366 1.42 -16.99 60.98
CA GLU A 366 1.23 -16.96 59.53
C GLU A 366 1.52 -15.53 59.09
N ARG A 367 2.43 -15.32 58.15
CA ARG A 367 2.69 -13.95 57.67
C ARG A 367 3.00 -13.86 56.17
N PRO A 368 1.98 -13.95 55.31
CA PRO A 368 2.32 -13.74 53.91
C PRO A 368 2.38 -12.26 53.52
N GLN A 369 3.49 -11.59 53.81
CA GLN A 369 3.62 -10.15 53.54
C GLN A 369 4.54 -9.85 52.36
N GLY A 370 4.11 -8.95 51.47
CA GLY A 370 4.90 -8.58 50.31
C GLY A 370 4.64 -7.21 49.71
N TYR A 371 5.66 -6.70 49.02
CA TYR A 371 5.62 -5.50 48.18
C TYR A 371 5.62 -4.16 48.90
N GLN A 372 5.25 -4.15 50.19
CA GLN A 372 5.22 -2.91 50.98
C GLN A 372 4.36 -1.89 50.22
N MET A 373 5.00 -0.78 49.86
CA MET A 373 4.45 0.26 49.01
C MET A 373 5.49 1.37 48.95
N SER A 374 5.59 2.11 47.85
CA SER A 374 6.62 3.14 47.88
C SER A 374 5.97 4.50 48.12
N THR A 375 6.36 5.16 49.20
CA THR A 375 5.75 6.43 49.53
C THR A 375 6.29 7.61 48.71
N ARG A 376 7.38 7.33 47.99
CA ARG A 376 8.07 8.30 47.15
C ARG A 376 8.07 8.07 45.64
N LEU A 377 8.13 9.15 44.86
CA LEU A 377 8.19 9.00 43.42
C LEU A 377 9.48 9.69 43.00
N LYS A 378 10.34 8.95 42.30
CA LYS A 378 11.48 9.57 41.64
C LYS A 378 11.04 9.97 40.25
N ILE A 379 11.16 11.25 39.94
CA ILE A 379 10.70 11.75 38.67
C ILE A 379 11.88 12.21 37.83
N VAL A 380 11.79 12.01 36.54
CA VAL A 380 12.88 12.36 35.65
C VAL A 380 12.35 13.26 34.55
N THR A 381 13.20 14.13 34.02
CA THR A 381 12.79 14.99 32.93
C THR A 381 13.97 15.28 32.00
N ILE A 382 13.70 16.08 30.99
CA ILE A 382 14.72 16.48 30.03
C ILE A 382 14.62 17.99 29.88
N HIS A 383 15.64 18.60 29.29
CA HIS A 383 15.58 20.05 29.19
C HIS A 383 14.88 20.37 27.88
N GLN A 384 13.61 20.73 28.00
CA GLN A 384 12.79 21.19 26.89
C GLN A 384 12.19 22.52 27.30
N GLU A 385 12.43 23.54 26.49
CA GLU A 385 12.16 24.92 26.91
C GLU A 385 10.70 25.25 27.28
N PRO A 386 9.72 24.86 26.46
CA PRO A 386 8.36 25.31 26.82
C PRO A 386 7.81 24.69 28.11
N PHE A 387 7.98 23.38 28.29
CA PHE A 387 7.37 22.68 29.42
C PHE A 387 8.29 22.54 30.63
N VAL A 388 9.56 22.86 30.45
CA VAL A 388 10.55 22.81 31.54
C VAL A 388 11.56 23.97 31.45
N TYR A 389 11.85 24.59 32.58
CA TYR A 389 12.93 25.58 32.63
C TYR A 389 13.94 25.29 33.72
N VAL A 390 15.20 25.57 33.41
CA VAL A 390 16.32 25.29 34.30
C VAL A 390 17.12 26.54 34.69
N ARG A 391 17.20 26.80 35.99
CA ARG A 391 18.10 27.82 36.52
C ARG A 391 18.69 27.27 37.80
N PRO A 392 19.96 27.57 38.10
CA PRO A 392 20.45 27.01 39.37
C PRO A 392 19.91 27.79 40.56
N THR A 393 19.78 27.13 41.71
CA THR A 393 19.36 27.82 42.92
C THR A 393 20.45 28.82 43.28
N THR A 394 20.07 30.05 43.62
CA THR A 394 21.08 31.05 43.91
C THR A 394 21.76 30.68 45.22
N SER A 395 23.07 30.45 45.15
CA SER A 395 23.83 29.93 46.29
C SER A 395 23.09 28.76 46.94
N ASP A 396 22.91 28.83 48.25
CA ASP A 396 22.05 27.89 48.97
C ASP A 396 20.57 28.22 48.78
N GLY A 397 20.24 29.51 48.71
CA GLY A 397 18.86 29.95 48.55
C GLY A 397 18.19 29.27 47.38
N THR A 398 16.89 29.00 47.48
CA THR A 398 16.26 28.08 46.54
C THR A 398 15.74 28.66 45.23
N CYS A 399 14.56 29.30 45.26
CA CYS A 399 13.89 29.64 44.02
C CYS A 399 13.34 31.06 43.98
N ARG A 400 13.32 31.63 42.77
CA ARG A 400 12.89 33.01 42.57
C ARG A 400 11.37 33.19 42.67
N GLU A 401 10.98 34.37 43.13
CA GLU A 401 9.58 34.71 43.35
C GLU A 401 8.95 35.22 42.06
N GLU A 402 9.68 35.02 40.96
CA GLU A 402 9.28 35.51 39.64
C GLU A 402 7.83 35.15 39.34
N TYR A 403 7.16 36.05 38.64
CA TYR A 403 5.71 35.97 38.52
C TYR A 403 5.27 35.81 37.07
N THR A 404 4.21 35.03 36.88
CA THR A 404 3.62 34.81 35.56
C THR A 404 3.02 36.10 35.03
N ILE A 405 2.78 36.15 33.72
CA ILE A 405 2.19 37.34 33.10
C ILE A 405 0.83 37.65 33.71
N ASN A 406 0.01 36.63 33.91
CA ASN A 406 -1.14 36.76 34.80
C ASN A 406 -0.57 36.79 36.20
N GLY A 407 -1.00 37.74 37.03
CA GLY A 407 -0.30 37.86 38.30
C GLY A 407 -0.52 36.63 39.14
N ASP A 408 0.55 35.84 39.22
CA ASP A 408 0.67 34.70 40.10
C ASP A 408 2.16 34.52 40.34
N PRO A 409 2.56 34.06 41.53
CA PRO A 409 3.98 33.75 41.68
C PRO A 409 4.30 32.44 40.98
N ILE A 410 5.48 32.31 40.37
CA ILE A 410 5.83 31.08 39.67
C ILE A 410 6.26 30.03 40.68
N LYS A 411 5.69 28.85 40.56
CA LYS A 411 6.07 27.72 41.39
C LYS A 411 7.36 27.12 40.87
N LYS A 412 8.10 26.41 41.73
CA LYS A 412 9.37 25.83 41.33
C LYS A 412 9.75 24.64 42.21
N VAL A 413 10.60 23.75 41.69
CA VAL A 413 11.06 22.58 42.45
C VAL A 413 12.52 22.25 42.15
N ILE A 414 13.18 21.52 43.03
CA ILE A 414 14.60 21.18 42.83
C ILE A 414 14.79 19.90 42.00
N CYS A 415 15.74 19.95 41.07
CA CYS A 415 16.03 18.85 40.14
C CYS A 415 17.53 18.64 39.94
N ASN A 416 17.99 17.41 40.09
CA ASN A 416 19.40 17.08 39.85
C ASN A 416 19.62 16.60 38.43
N GLY A 417 20.45 17.29 37.67
CA GLY A 417 20.60 16.95 36.27
C GLY A 417 21.94 17.28 35.67
N PRO A 418 22.14 16.91 34.40
CA PRO A 418 23.46 17.08 33.79
C PRO A 418 23.82 18.56 33.62
N ASP A 419 25.04 18.91 33.97
CA ASP A 419 25.53 20.26 33.75
C ASP A 419 26.70 20.24 32.78
N GLU A 420 26.61 21.06 31.74
CA GLU A 420 27.71 21.22 30.80
C GLU A 420 28.57 22.44 31.14
N THR A 421 28.18 23.17 32.18
CA THR A 421 28.88 24.40 32.57
C THR A 421 30.30 24.10 33.05
N ILE A 422 30.42 23.11 33.94
CA ILE A 422 31.73 22.61 34.31
C ILE A 422 32.28 21.80 33.15
N PRO A 423 33.61 21.80 32.98
CA PRO A 423 34.23 21.02 31.89
C PRO A 423 33.91 19.53 31.98
N GLY A 424 34.08 18.94 33.15
CA GLY A 424 33.55 17.61 33.41
C GLY A 424 32.06 17.75 33.62
N ARG A 425 31.30 16.67 33.49
CA ARG A 425 29.86 16.77 33.71
C ARG A 425 29.43 16.09 35.01
N PRO A 426 29.21 16.90 36.06
CA PRO A 426 28.64 16.51 37.34
C PRO A 426 27.12 16.46 37.32
N THR A 427 26.50 15.54 38.08
CA THR A 427 25.06 15.63 38.21
C THR A 427 24.84 16.73 39.24
N VAL A 428 24.25 17.83 38.76
CA VAL A 428 24.23 19.10 39.47
C VAL A 428 22.86 19.41 40.06
N PRO A 429 22.85 19.83 41.34
CA PRO A 429 21.60 20.35 41.92
C PRO A 429 21.16 21.62 41.21
N GLN A 430 19.89 21.67 40.82
CA GLN A 430 19.36 22.76 40.01
C GLN A 430 17.94 23.07 40.43
N CYS A 431 17.45 24.23 40.03
CA CYS A 431 16.04 24.58 40.17
C CYS A 431 15.36 24.47 38.82
N CYS A 432 14.24 23.75 38.78
CA CYS A 432 13.45 23.60 37.57
C CYS A 432 11.99 23.96 37.82
N TYR A 433 11.43 24.76 36.91
CA TYR A 433 10.02 25.12 37.00
C TYR A 433 9.33 24.94 35.66
N GLY A 434 8.14 24.35 35.67
CA GLY A 434 7.45 24.06 34.43
C GLY A 434 5.96 23.79 34.47
N PHE A 435 5.36 23.78 33.28
CA PHE A 435 4.00 23.35 33.04
C PHE A 435 3.79 21.94 33.60
N CYS A 436 4.72 21.05 33.24
CA CYS A 436 4.69 19.69 33.72
C CYS A 436 4.87 19.62 35.23
N VAL A 437 5.61 20.57 35.79
CA VAL A 437 5.79 20.65 37.24
C VAL A 437 4.51 21.07 37.95
N ASP A 438 3.86 22.11 37.43
CA ASP A 438 2.59 22.55 37.97
C ASP A 438 1.56 21.42 37.88
N LEU A 439 1.59 20.69 36.77
CA LEU A 439 0.74 19.53 36.60
C LEU A 439 1.05 18.45 37.63
N LEU A 440 2.34 18.23 37.86
CA LEU A 440 2.81 17.21 38.77
C LEU A 440 2.38 17.49 40.21
N ILE A 441 2.54 18.75 40.64
CA ILE A 441 2.11 19.18 41.95
C ILE A 441 0.58 19.21 42.06
N LYS A 442 -0.08 19.52 40.96
CA LYS A 442 -1.55 19.46 40.91
C LYS A 442 -2.00 18.04 41.22
N LEU A 443 -1.30 17.10 40.60
CA LEU A 443 -1.53 15.70 40.88
C LEU A 443 -1.21 15.40 42.34
N ALA A 444 -0.09 15.96 42.82
CA ALA A 444 0.43 15.69 44.17
C ALA A 444 -0.53 16.14 45.27
N ARG A 445 -1.25 17.22 45.00
CA ARG A 445 -2.33 17.64 45.89
C ARG A 445 -3.51 16.69 45.71
N GLU A 446 -3.81 16.34 44.45
CA GLU A 446 -4.84 15.34 44.17
C GLU A 446 -4.47 13.91 44.61
N MET A 447 -3.21 13.55 44.44
CA MET A 447 -2.75 12.19 44.66
C MET A 447 -2.01 12.06 45.97
N ASP A 448 -2.07 10.88 46.58
CA ASP A 448 -1.45 10.64 47.87
C ASP A 448 0.08 10.79 47.84
N PHE A 449 0.66 10.79 46.64
CA PHE A 449 2.11 10.71 46.47
C PHE A 449 2.88 11.97 46.87
N THR A 450 4.18 11.79 47.09
CA THR A 450 5.13 12.88 47.26
C THR A 450 6.20 12.75 46.18
N TYR A 451 6.79 13.86 45.76
CA TYR A 451 7.67 13.84 44.60
C TYR A 451 9.07 14.41 44.84
N GLU A 452 10.06 13.71 44.31
CA GLU A 452 11.42 14.22 44.21
C GLU A 452 11.89 14.03 42.77
N VAL A 453 12.38 15.10 42.16
CA VAL A 453 12.67 15.10 40.72
C VAL A 453 14.14 15.32 40.45
N HIS A 454 14.71 14.51 39.56
CA HIS A 454 16.04 14.79 39.02
C HIS A 454 16.04 14.57 37.51
N LEU A 455 16.65 15.50 36.78
CA LEU A 455 16.71 15.41 35.33
C LEU A 455 17.64 14.26 34.93
N VAL A 456 17.32 13.59 33.83
CA VAL A 456 18.13 12.48 33.35
C VAL A 456 19.50 12.97 32.91
N ALA A 457 20.51 12.14 33.11
CA ALA A 457 21.89 12.47 32.77
C ALA A 457 22.03 12.74 31.26
N ASP A 458 21.39 11.91 30.45
CA ASP A 458 21.46 12.08 29.01
C ASP A 458 20.46 13.15 28.57
N GLY A 459 20.88 14.00 27.65
CA GLY A 459 20.00 15.05 27.15
C GLY A 459 18.85 14.48 26.36
N LYS A 460 19.05 13.26 25.84
CA LYS A 460 18.02 12.59 25.06
C LYS A 460 16.98 11.96 25.98
N PHE A 461 15.72 11.96 25.55
CA PHE A 461 14.64 11.31 26.30
C PHE A 461 14.81 9.82 26.32
N GLY A 462 14.83 9.22 25.13
CA GLY A 462 15.35 7.89 24.93
C GLY A 462 15.26 7.30 23.53
N THR A 463 16.20 6.41 23.22
CA THR A 463 16.22 5.63 21.96
C THR A 463 16.95 4.31 22.11
N GLN A 464 16.42 3.25 21.50
CA GLN A 464 17.08 1.94 21.54
C GLN A 464 18.45 2.00 20.88
N GLU A 465 19.44 1.32 21.48
CA GLU A 465 20.81 1.36 20.96
C GLU A 465 21.73 0.26 21.50
N ARG A 466 23.01 0.42 21.17
CA ARG A 466 24.14 -0.45 21.53
C ARG A 466 24.16 -1.88 20.94
N VAL A 467 24.51 -2.86 21.78
CA VAL A 467 25.17 -4.08 21.31
C VAL A 467 24.28 -5.11 20.62
N ASN A 468 24.91 -5.92 19.76
CA ASN A 468 24.23 -6.82 18.84
C ASN A 468 23.69 -8.14 19.44
N ASN A 469 24.51 -8.81 20.24
CA ASN A 469 24.17 -10.13 20.78
C ASN A 469 22.89 -10.14 21.62
N SER A 470 22.08 -11.18 21.42
CA SER A 470 20.74 -11.26 22.01
C SER A 470 19.99 -9.98 21.69
N ASN A 471 19.40 -9.38 22.71
CA ASN A 471 19.15 -7.95 22.68
C ASN A 471 19.97 -7.38 23.82
N ALA A 472 20.85 -6.43 23.51
CA ALA A 472 21.80 -5.97 24.49
C ALA A 472 21.63 -4.48 24.82
N ALA A 473 21.99 -4.17 26.06
CA ALA A 473 21.73 -2.89 26.70
C ALA A 473 20.26 -2.50 26.62
N ALA A 474 20.01 -1.20 26.55
CA ALA A 474 18.66 -0.67 26.56
C ALA A 474 18.69 0.75 26.03
N TRP A 475 17.53 1.24 25.63
CA TRP A 475 17.43 2.56 25.05
C TRP A 475 18.04 3.62 25.98
N ASN A 476 18.97 4.40 25.45
CA ASN A 476 19.63 5.43 26.23
C ASN A 476 18.65 6.53 26.59
N GLY A 477 18.73 7.08 27.79
CA GLY A 477 17.88 8.20 28.17
C GLY A 477 16.77 7.91 29.15
N MET A 478 16.10 8.98 29.60
CA MET A 478 15.19 8.96 30.76
C MET A 478 14.24 7.78 30.80
N MET A 479 13.75 7.41 29.63
CA MET A 479 12.99 6.18 29.45
C MET A 479 13.75 4.96 30.01
N GLY A 480 15.03 4.88 29.65
CA GLY A 480 15.91 3.83 30.15
C GLY A 480 15.98 3.88 31.66
N GLU A 481 15.95 5.08 32.23
CA GLU A 481 15.90 5.24 33.67
C GLU A 481 14.60 4.67 34.22
N LEU A 482 13.51 4.84 33.47
CA LEU A 482 12.21 4.34 33.92
C LEU A 482 12.20 2.82 34.01
N LEU A 483 12.69 2.15 32.96
CA LEU A 483 12.75 0.69 33.04
C LEU A 483 13.74 0.26 34.11
N SER A 484 14.86 0.96 34.18
CA SER A 484 15.89 0.68 35.18
C SER A 484 15.38 0.97 36.59
N GLY A 485 14.43 1.88 36.70
CA GLY A 485 13.88 2.24 37.98
C GLY A 485 14.58 3.42 38.63
N GLN A 486 15.51 4.03 37.90
CA GLN A 486 16.23 5.20 38.41
C GLN A 486 15.21 6.27 38.73
N ALA A 487 14.22 6.38 37.85
CA ALA A 487 13.01 7.12 38.15
C ALA A 487 11.81 6.22 37.92
N ASP A 488 10.88 6.20 38.86
CA ASP A 488 9.72 5.32 38.75
C ASP A 488 8.68 5.89 37.81
N MET A 489 8.67 7.20 37.66
CA MET A 489 7.71 7.87 36.78
C MET A 489 8.39 8.99 35.97
N ILE A 490 7.98 9.17 34.72
CA ILE A 490 8.59 10.16 33.84
C ILE A 490 7.67 11.33 33.53
N VAL A 491 8.02 12.52 33.99
CA VAL A 491 7.24 13.71 33.63
C VAL A 491 8.05 14.64 32.74
N ALA A 492 7.62 14.77 31.50
CA ALA A 492 8.33 15.52 30.47
C ALA A 492 7.42 15.69 29.25
N PRO A 493 7.87 16.42 28.22
CA PRO A 493 7.06 16.44 26.98
C PRO A 493 7.41 15.25 26.08
N LEU A 494 6.78 14.10 26.32
CA LEU A 494 7.12 12.90 25.57
C LEU A 494 5.98 12.53 24.60
N THR A 495 6.29 12.45 23.30
CA THR A 495 5.31 11.98 22.31
C THR A 495 4.99 10.50 22.54
N ILE A 496 3.76 10.08 22.26
CA ILE A 496 3.45 8.69 22.57
C ILE A 496 3.32 7.79 21.31
N ASN A 497 4.18 6.77 21.25
CA ASN A 497 4.32 5.86 20.11
C ASN A 497 4.35 4.35 20.45
N ASN A 498 3.87 3.50 19.54
CA ASN A 498 3.76 2.05 19.77
C ASN A 498 5.07 1.33 20.08
N GLU A 499 6.15 1.73 19.42
CA GLU A 499 7.45 1.08 19.61
C GLU A 499 7.85 1.15 21.08
N ARG A 500 7.64 2.32 21.68
CA ARG A 500 7.86 2.52 23.11
C ARG A 500 6.74 1.84 23.90
N ALA A 501 5.53 1.88 23.35
CA ALA A 501 4.29 1.56 24.06
C ALA A 501 4.25 0.13 24.60
N GLN A 502 4.80 -0.82 23.84
CA GLN A 502 4.87 -2.21 24.29
C GLN A 502 5.68 -2.36 25.57
N TYR A 503 6.80 -1.64 25.65
CA TYR A 503 7.65 -1.66 26.84
C TYR A 503 7.00 -1.08 28.10
N ILE A 504 6.26 0.00 27.94
CA ILE A 504 5.70 0.71 29.08
C ILE A 504 4.27 1.23 28.93
N GLU A 505 3.63 1.44 30.06
CA GLU A 505 2.30 2.03 30.14
C GLU A 505 2.41 3.53 29.88
N PHE A 506 1.39 4.09 29.26
CA PHE A 506 1.38 5.51 28.94
C PHE A 506 0.14 6.19 29.48
N SER A 507 0.36 7.34 30.11
CA SER A 507 -0.75 8.12 30.65
C SER A 507 -1.50 8.78 29.51
N LYS A 508 -2.78 9.02 29.73
CA LYS A 508 -3.60 9.69 28.74
C LYS A 508 -2.98 11.05 28.44
N PRO A 509 -3.04 11.48 27.18
CA PRO A 509 -2.29 12.69 26.80
C PRO A 509 -2.81 13.96 27.48
N PHE A 510 -1.90 14.69 28.11
CA PHE A 510 -2.23 16.03 28.57
C PHE A 510 -2.32 16.96 27.37
N LYS A 511 -1.47 16.74 26.37
CA LYS A 511 -1.43 17.63 25.22
C LYS A 511 -1.55 16.89 23.89
N TYR A 512 -2.07 17.60 22.89
CA TYR A 512 -2.26 17.06 21.54
C TYR A 512 -1.55 17.96 20.56
N GLN A 513 -0.57 17.41 19.86
CA GLN A 513 0.26 18.20 18.96
C GLN A 513 0.90 17.31 17.93
N GLY A 514 1.42 17.91 16.86
CA GLY A 514 2.00 17.15 15.79
C GLY A 514 3.21 17.87 15.27
N LEU A 515 4.02 17.16 14.49
CA LEU A 515 5.27 17.73 14.01
C LEU A 515 5.01 18.82 12.99
N THR A 516 5.98 19.72 12.88
CA THR A 516 5.88 20.84 11.95
C THR A 516 7.25 21.44 11.73
N ILE A 517 7.30 22.46 10.87
CA ILE A 517 8.57 23.05 10.46
C ILE A 517 8.62 24.53 10.77
N LEU A 518 9.78 24.95 11.27
CA LEU A 518 10.09 26.35 11.53
C LEU A 518 11.05 26.89 10.48
N VAL A 519 10.61 27.99 9.86
CA VAL A 519 11.39 28.76 8.88
C VAL A 519 11.13 30.24 9.12
N LYS A 520 12.17 31.07 8.99
CA LYS A 520 12.04 32.50 9.18
C LYS A 520 11.05 33.12 8.18
N LYS A 521 10.20 34.02 8.69
CA LYS A 521 9.19 34.66 7.87
C LYS A 521 9.76 35.66 6.90
N GLU A 522 10.79 36.39 7.31
CA GLU A 522 10.88 37.74 6.80
C GLU A 522 11.62 37.83 5.48
N ILE A 523 10.80 37.89 4.45
CA ILE A 523 11.13 38.41 3.14
C ILE A 523 10.14 39.53 2.95
N PRO A 524 10.63 40.78 2.83
CA PRO A 524 9.67 41.90 2.84
C PRO A 524 8.77 41.86 1.61
N ARG A 525 7.50 42.24 1.79
CA ARG A 525 6.53 42.36 0.70
C ARG A 525 6.66 41.25 -0.34
N ASP A 529 9.19 51.70 -0.66
CA ASP A 529 9.34 52.55 0.51
C ASP A 529 9.23 54.04 0.20
N SER A 530 8.86 54.41 -1.03
CA SER A 530 8.75 55.84 -1.28
C SER A 530 7.51 56.11 -2.11
N PHE A 531 6.97 57.32 -2.00
CA PHE A 531 5.72 57.61 -2.68
C PHE A 531 5.88 57.47 -4.17
N MET A 532 7.12 57.58 -4.62
CA MET A 532 7.46 57.42 -6.01
C MET A 532 7.17 56.03 -6.53
N GLN A 533 7.30 55.03 -5.67
CA GLN A 533 7.40 53.65 -6.15
C GLN A 533 6.24 53.22 -7.07
N PRO A 534 5.01 53.70 -6.77
CA PRO A 534 3.91 53.43 -7.70
C PRO A 534 4.14 54.16 -9.02
N PHE A 535 4.70 55.37 -8.96
CA PHE A 535 4.94 56.14 -10.18
C PHE A 535 6.42 56.31 -10.49
N GLN A 536 6.80 55.82 -11.66
CA GLN A 536 8.18 55.89 -12.10
C GLN A 536 8.63 57.34 -12.18
N SER A 537 9.90 57.61 -11.94
CA SER A 537 10.42 58.98 -11.96
C SER A 537 10.08 59.60 -13.32
N THR A 538 10.01 58.72 -14.31
CA THR A 538 9.53 59.03 -15.64
C THR A 538 8.08 59.53 -15.57
N LEU A 539 7.28 58.91 -14.72
CA LEU A 539 5.89 59.36 -14.52
C LEU A 539 5.87 60.78 -13.94
N TRP A 540 6.70 61.06 -12.93
CA TRP A 540 6.66 62.35 -12.26
C TRP A 540 7.01 63.42 -13.29
N LEU A 541 8.00 63.11 -14.11
CA LEU A 541 8.45 64.07 -15.11
C LEU A 541 7.36 64.25 -16.16
N LEU A 542 6.74 63.16 -16.59
CA LEU A 542 5.67 63.23 -17.59
C LEU A 542 4.49 64.08 -17.10
N VAL A 543 4.17 63.91 -15.82
CA VAL A 543 3.09 64.64 -15.17
C VAL A 543 3.45 66.12 -15.18
N GLY A 544 4.74 66.39 -15.08
CA GLY A 544 5.23 67.76 -15.12
C GLY A 544 5.18 68.35 -16.52
N LEU A 545 5.50 67.54 -17.52
CA LEU A 545 5.49 67.97 -18.90
C LEU A 545 4.08 68.39 -19.26
N SER A 546 3.10 67.59 -18.85
CA SER A 546 1.71 67.97 -19.08
C SER A 546 1.28 69.13 -18.16
N VAL A 547 1.93 69.26 -17.00
CA VAL A 547 1.63 70.37 -16.08
C VAL A 547 1.93 71.73 -16.72
N HIS A 548 3.16 71.92 -17.18
CA HIS A 548 3.49 73.15 -17.92
C HIS A 548 2.65 73.20 -19.19
N VAL A 549 2.50 72.05 -19.85
CA VAL A 549 1.81 72.00 -21.14
C VAL A 549 0.38 72.51 -21.02
N VAL A 550 -0.11 72.55 -19.79
CA VAL A 550 -1.45 73.06 -19.51
C VAL A 550 -1.31 74.52 -19.09
N ALA A 551 -0.43 74.81 -18.15
CA ALA A 551 -0.34 76.18 -17.62
C ALA A 551 -0.05 77.20 -18.74
N VAL A 552 0.81 76.86 -19.69
CA VAL A 552 1.07 77.70 -20.88
C VAL A 552 -0.20 77.83 -21.74
N MET A 553 -0.83 76.68 -21.93
CA MET A 553 -2.05 76.54 -22.72
C MET A 553 -3.12 77.46 -22.16
N LEU A 554 -3.08 77.69 -20.85
CA LEU A 554 -3.98 78.60 -20.17
C LEU A 554 -3.79 80.06 -20.55
N TYR A 555 -2.54 80.54 -20.60
CA TYR A 555 -2.29 81.93 -20.96
C TYR A 555 -2.79 82.12 -22.38
N LEU A 556 -2.47 81.15 -23.24
CA LEU A 556 -2.89 81.26 -24.63
C LEU A 556 -4.42 81.21 -24.78
N LEU A 557 -5.05 80.32 -24.01
CA LEU A 557 -6.50 80.12 -24.04
C LEU A 557 -7.19 81.41 -23.61
N ASP A 558 -6.66 82.01 -22.57
CA ASP A 558 -7.18 83.23 -21.98
C ASP A 558 -7.11 84.37 -22.99
N ARG A 559 -5.96 84.50 -23.65
CA ARG A 559 -5.75 85.56 -24.63
C ARG A 559 -6.73 85.37 -25.79
N PHE A 560 -6.90 84.13 -26.22
CA PHE A 560 -7.77 83.80 -27.34
C PHE A 560 -9.24 84.10 -27.02
N SER A 561 -9.64 83.81 -25.78
CA SER A 561 -11.04 83.88 -25.36
C SER A 561 -11.80 85.11 -25.84
N LEU A 570 0.04 88.29 -12.98
CA LEU A 570 -1.35 88.39 -13.42
C LEU A 570 -1.81 87.11 -14.09
N THR A 571 -1.75 87.09 -15.42
CA THR A 571 -2.10 85.91 -16.20
C THR A 571 -1.27 84.70 -15.79
N LEU A 572 0.01 84.94 -15.56
CA LEU A 572 0.94 83.88 -15.18
C LEU A 572 0.58 83.29 -13.83
N SER A 573 0.37 84.16 -12.84
CA SER A 573 -0.04 83.74 -11.50
C SER A 573 -1.41 83.06 -11.57
N SER A 574 -2.30 83.64 -12.38
CA SER A 574 -3.65 83.16 -12.53
C SER A 574 -3.65 81.72 -13.00
N ALA A 575 -2.92 81.46 -14.08
CA ALA A 575 -2.85 80.13 -14.66
C ALA A 575 -2.04 79.13 -13.84
N MET A 576 -0.95 79.59 -13.23
CA MET A 576 -0.12 78.69 -12.42
C MET A 576 -0.90 78.21 -11.20
N TRP A 577 -1.46 79.17 -10.47
CA TRP A 577 -2.27 78.87 -9.29
C TRP A 577 -3.55 78.15 -9.67
N PHE A 578 -4.05 78.40 -10.88
CA PHE A 578 -5.20 77.65 -11.38
C PHE A 578 -4.84 76.19 -11.63
N SER A 579 -3.61 75.96 -12.09
CA SER A 579 -3.12 74.63 -12.37
C SER A 579 -2.98 73.86 -11.06
N TRP A 580 -2.31 74.47 -10.10
CA TRP A 580 -2.12 73.84 -8.80
C TRP A 580 -3.44 73.61 -8.08
N ARG A 581 -4.35 74.59 -8.16
CA ARG A 581 -5.66 74.46 -7.52
C ARG A 581 -6.51 73.37 -8.15
N VAL A 582 -6.56 73.35 -9.47
CA VAL A 582 -7.36 72.36 -10.19
C VAL A 582 -6.82 70.95 -9.98
N LEU A 583 -5.49 70.82 -9.95
CA LEU A 583 -4.87 69.53 -9.68
C LEU A 583 -5.15 69.07 -8.25
N LEU A 584 -4.98 69.99 -7.30
CA LEU A 584 -5.01 69.66 -5.87
C LEU A 584 -6.37 69.83 -5.19
N ASN A 585 -7.37 70.27 -5.94
CA ASN A 585 -8.69 70.64 -5.39
C ASN A 585 -8.60 71.80 -4.41
N SER A 586 -7.57 72.63 -4.58
CA SER A 586 -7.36 73.78 -3.72
C SER A 586 -8.46 74.82 -3.88
N GLY A 587 -8.91 75.04 -5.11
CA GLY A 587 -10.00 75.97 -5.36
C GLY A 587 -9.69 77.38 -4.89
N LEU A 588 -8.61 77.97 -5.40
CA LEU A 588 -8.23 79.32 -5.02
C LEU A 588 -9.39 80.29 -5.22
N GLY A 589 -10.13 80.08 -6.30
CA GLY A 589 -11.40 80.75 -6.49
C GLY A 589 -11.33 82.18 -6.95
N GLU A 590 -10.13 82.67 -7.18
CA GLU A 590 -9.95 84.03 -7.66
C GLU A 590 -10.57 84.20 -9.05
N GLY A 591 -10.32 83.21 -9.90
CA GLY A 591 -10.73 83.28 -11.29
C GLY A 591 -11.08 81.98 -12.00
N ALA A 592 -11.87 82.08 -13.06
CA ALA A 592 -12.06 80.97 -13.98
C ALA A 592 -12.24 81.53 -15.39
N PRO A 593 -11.71 80.82 -16.39
CA PRO A 593 -11.95 81.17 -17.80
C PRO A 593 -13.28 80.67 -18.37
N ARG A 594 -13.96 81.52 -19.12
CA ARG A 594 -15.25 81.17 -19.73
C ARG A 594 -15.15 80.29 -20.97
N SER A 595 -14.07 80.44 -21.74
CA SER A 595 -13.98 79.86 -23.09
C SER A 595 -14.08 78.34 -23.17
N PHE A 596 -14.70 77.86 -24.25
CA PHE A 596 -14.91 76.43 -24.47
C PHE A 596 -13.61 75.64 -24.51
N SER A 597 -12.60 76.17 -25.20
CA SER A 597 -11.31 75.51 -25.30
C SER A 597 -10.65 75.35 -23.93
N ALA A 598 -10.59 76.47 -23.22
CA ALA A 598 -10.03 76.52 -21.87
C ALA A 598 -10.82 75.63 -20.92
N ARG A 599 -12.14 75.66 -21.07
CA ARG A 599 -13.02 74.86 -20.22
C ARG A 599 -12.78 73.37 -20.45
N ILE A 600 -12.70 72.97 -21.71
CA ILE A 600 -12.47 71.56 -22.02
C ILE A 600 -11.09 71.09 -21.56
N LEU A 601 -10.05 71.90 -21.79
CA LEU A 601 -8.70 71.53 -21.35
C LEU A 601 -8.60 71.41 -19.82
N GLY A 602 -9.20 72.37 -19.12
CA GLY A 602 -9.21 72.39 -17.67
C GLY A 602 -9.99 71.21 -17.11
N MET A 603 -11.11 70.93 -17.76
CA MET A 603 -11.96 69.81 -17.39
C MET A 603 -11.23 68.50 -17.55
N VAL A 604 -10.55 68.35 -18.69
CA VAL A 604 -9.74 67.18 -18.93
C VAL A 604 -8.65 67.09 -17.88
N TRP A 605 -8.11 68.25 -17.48
CA TRP A 605 -7.08 68.30 -16.45
C TRP A 605 -7.55 67.76 -15.09
N ALA A 606 -8.69 68.25 -14.61
CA ALA A 606 -9.21 67.79 -13.33
C ALA A 606 -9.68 66.34 -13.37
N GLY A 607 -10.43 66.00 -14.41
CA GLY A 607 -10.86 64.63 -14.62
C GLY A 607 -9.75 63.62 -14.71
N PHE A 608 -8.70 63.98 -15.46
CA PHE A 608 -7.54 63.12 -15.60
C PHE A 608 -6.82 63.03 -14.28
N ALA A 609 -6.87 64.11 -13.50
CA ALA A 609 -6.31 64.06 -12.15
C ALA A 609 -7.05 63.05 -11.28
N MET A 610 -8.38 63.04 -11.36
CA MET A 610 -9.17 62.05 -10.63
C MET A 610 -8.85 60.63 -11.09
N ILE A 611 -8.69 60.46 -12.39
CA ILE A 611 -8.38 59.15 -12.95
C ILE A 611 -6.99 58.67 -12.52
N ILE A 612 -6.03 59.59 -12.49
CA ILE A 612 -4.66 59.22 -12.10
C ILE A 612 -4.60 58.92 -10.60
N VAL A 613 -5.30 59.68 -9.76
CA VAL A 613 -5.31 59.33 -8.34
C VAL A 613 -5.97 57.96 -8.16
N ALA A 614 -6.98 57.65 -8.98
CA ALA A 614 -7.54 56.29 -8.98
C ALA A 614 -6.47 55.24 -9.34
N SER A 615 -5.66 55.57 -10.35
CA SER A 615 -4.54 54.73 -10.79
C SER A 615 -3.54 54.55 -9.65
N TYR A 616 -3.36 55.63 -8.90
CA TYR A 616 -2.52 55.70 -7.72
C TYR A 616 -3.03 54.71 -6.67
N THR A 617 -4.35 54.66 -6.52
CA THR A 617 -4.97 53.70 -5.61
C THR A 617 -4.67 52.29 -6.09
N ALA A 618 -4.68 52.09 -7.40
CA ALA A 618 -4.41 50.76 -7.94
C ALA A 618 -2.98 50.30 -7.65
N ASN A 619 -2.04 51.19 -7.93
CA ASN A 619 -0.62 50.93 -7.67
C ASN A 619 -0.31 50.73 -6.18
N LEU A 620 -0.98 51.51 -5.34
CA LEU A 620 -0.87 51.38 -3.89
C LEU A 620 -1.41 50.04 -3.40
N ALA A 621 -2.52 49.62 -4.00
CA ALA A 621 -3.15 48.35 -3.70
C ALA A 621 -2.22 47.22 -4.05
N ALA A 622 -1.42 47.44 -5.09
CA ALA A 622 -0.46 46.43 -5.53
C ALA A 622 0.73 46.10 -4.61
N PHE A 623 1.17 46.98 -3.71
CA PHE A 623 2.38 46.60 -2.96
C PHE A 623 2.18 45.56 -1.86
N LEU A 624 1.05 45.60 -1.16
CA LEU A 624 0.85 44.69 -0.03
C LEU A 624 0.57 43.27 -0.51
N VAL A 625 0.24 43.16 -1.79
CA VAL A 625 -0.10 41.90 -2.40
C VAL A 625 1.11 41.11 -2.83
N LEU A 626 2.28 41.75 -2.85
CA LEU A 626 3.43 41.06 -3.40
C LEU A 626 3.87 39.97 -2.43
N ARG A 627 3.77 38.75 -2.95
CA ARG A 627 3.94 37.50 -2.21
C ARG A 627 5.22 36.79 -2.60
N ARG A 628 5.98 36.30 -1.62
CA ARG A 628 7.18 35.47 -1.86
C ARG A 628 8.32 36.24 -2.51
N ILE A 633 7.24 26.01 3.19
CA ILE A 633 7.13 24.57 3.07
C ILE A 633 5.68 24.14 2.91
N THR A 634 5.30 23.77 1.69
CA THR A 634 3.90 23.62 1.31
C THR A 634 3.17 22.64 2.23
N GLY A 635 3.78 21.48 2.46
CA GLY A 635 3.14 20.44 3.24
C GLY A 635 4.12 19.60 4.04
N ILE A 636 3.57 18.65 4.80
CA ILE A 636 4.37 17.64 5.48
C ILE A 636 5.12 16.94 4.37
N ASN A 637 4.42 16.75 3.27
CA ASN A 637 5.07 16.35 2.05
C ASN A 637 5.31 17.65 1.28
N ASP A 638 6.56 18.06 1.27
CA ASP A 638 6.97 19.26 0.56
C ASP A 638 7.81 18.84 -0.61
N PRO A 639 7.43 19.26 -1.83
CA PRO A 639 8.29 18.94 -2.96
C PRO A 639 9.71 19.42 -2.69
N ARG A 640 9.83 20.54 -2.00
CA ARG A 640 11.11 21.10 -1.59
C ARG A 640 11.92 20.14 -0.69
N LEU A 641 11.21 19.38 0.14
CA LEU A 641 11.83 18.28 0.88
C LEU A 641 12.11 17.15 -0.10
N ARG A 642 11.10 16.87 -0.92
CA ARG A 642 11.14 15.82 -1.94
C ARG A 642 12.23 16.16 -2.96
N ASN A 643 12.45 17.46 -3.15
CA ASN A 643 13.55 17.96 -3.95
C ASN A 643 14.58 18.48 -2.97
N PRO A 644 15.34 17.56 -2.36
CA PRO A 644 16.29 18.04 -1.37
C PRO A 644 17.40 18.79 -2.07
N SER A 645 18.14 19.59 -1.31
CA SER A 645 19.28 20.26 -1.88
C SER A 645 20.33 20.36 -0.81
N ASP A 646 21.58 20.21 -1.23
CA ASP A 646 22.71 20.48 -0.37
C ASP A 646 22.64 21.96 -0.01
N LYS A 647 22.16 22.75 -0.96
CA LYS A 647 22.02 24.19 -0.80
C LYS A 647 20.91 24.54 0.19
N PHE A 648 19.81 23.81 0.17
CA PHE A 648 18.72 24.06 1.11
C PHE A 648 18.68 22.95 2.16
N ILE A 649 19.11 23.29 3.37
CA ILE A 649 19.21 22.32 4.45
C ILE A 649 17.85 22.03 5.09
N TYR A 650 17.63 20.79 5.53
CA TYR A 650 16.54 20.54 6.47
C TYR A 650 17.04 19.68 7.65
N ALA A 651 16.93 20.27 8.84
CA ALA A 651 17.67 19.86 10.02
C ALA A 651 16.82 19.24 11.14
N THR A 652 17.43 18.29 11.85
CA THR A 652 16.76 17.63 12.96
C THR A 652 17.76 17.12 13.99
N VAL A 653 17.26 16.55 15.06
CA VAL A 653 18.11 15.96 16.08
C VAL A 653 18.17 14.45 15.91
N LYS A 654 19.38 13.91 15.81
CA LYS A 654 19.55 12.46 15.79
C LYS A 654 19.11 11.94 17.14
N GLN A 655 18.43 10.80 17.14
CA GLN A 655 17.90 10.14 18.35
C GLN A 655 16.65 10.86 18.87
N SER A 656 16.26 11.96 18.24
CA SER A 656 14.95 12.51 18.51
C SER A 656 13.91 11.53 17.98
N SER A 657 12.74 11.47 18.59
CA SER A 657 11.72 10.49 18.19
C SER A 657 11.35 10.59 16.72
N VAL A 658 11.38 11.80 16.19
CA VAL A 658 11.25 12.02 14.75
C VAL A 658 12.16 11.08 13.95
N ASP A 659 13.39 10.92 14.42
CA ASP A 659 14.34 10.01 13.79
C ASP A 659 13.81 8.57 13.85
N ILE A 660 13.19 8.21 14.96
CA ILE A 660 12.54 6.90 15.08
C ILE A 660 11.41 6.75 14.07
N TYR A 661 10.68 7.84 13.83
CA TYR A 661 9.65 7.85 12.79
C TYR A 661 10.27 7.58 11.43
N PHE A 662 11.42 8.18 11.18
CA PHE A 662 12.11 8.03 9.91
C PHE A 662 12.65 6.61 9.70
N ARG A 663 13.22 6.03 10.75
CA ARG A 663 13.79 4.68 10.68
C ARG A 663 12.74 3.58 10.64
N ARG A 664 11.75 3.67 11.52
CA ARG A 664 10.70 2.66 11.62
C ARG A 664 9.80 2.61 10.40
N GLN A 665 9.50 3.78 9.83
CA GLN A 665 8.58 3.86 8.70
C GLN A 665 9.32 3.50 7.41
N VAL A 666 8.75 2.54 6.67
CA VAL A 666 9.29 2.12 5.40
C VAL A 666 8.94 3.08 4.26
N GLU A 667 7.74 3.66 4.32
CA GLU A 667 7.18 4.39 3.19
C GLU A 667 8.00 5.64 2.85
N LEU A 668 8.45 6.33 3.88
CA LEU A 668 9.31 7.50 3.72
C LEU A 668 10.79 7.19 3.91
N SER A 669 11.11 5.90 4.06
CA SER A 669 12.45 5.47 4.48
C SER A 669 13.58 6.09 3.67
N THR A 670 13.31 6.31 2.38
CA THR A 670 14.25 7.04 1.52
C THR A 670 14.50 8.47 2.03
N MET A 671 13.44 9.16 2.40
CA MET A 671 13.52 10.56 2.82
C MET A 671 14.30 10.80 4.12
N TYR A 672 14.41 9.78 4.96
CA TYR A 672 15.11 9.88 6.24
C TYR A 672 16.56 10.39 6.14
N ARG A 673 17.30 9.81 5.20
CA ARG A 673 18.74 10.05 5.06
C ARG A 673 19.12 11.50 4.83
N HIS A 674 18.33 12.22 4.03
CA HIS A 674 18.57 13.63 3.75
C HIS A 674 18.48 14.46 5.05
N MET A 675 17.53 14.09 5.89
CA MET A 675 17.35 14.69 7.21
C MET A 675 18.51 14.34 8.14
N GLU A 676 19.01 13.11 8.00
CA GLU A 676 20.06 12.58 8.86
C GLU A 676 21.29 13.47 8.76
N LYS A 677 21.54 14.02 7.58
CA LYS A 677 22.69 14.88 7.37
C LYS A 677 22.51 16.17 8.18
N HIS A 678 23.61 16.64 8.76
CA HIS A 678 23.70 17.93 9.44
C HIS A 678 22.72 18.02 10.63
N ASN A 679 22.64 16.94 11.40
CA ASN A 679 21.81 16.91 12.60
C ASN A 679 22.37 17.72 13.78
N TYR A 680 21.48 18.28 14.60
CA TYR A 680 21.89 19.02 15.81
C TYR A 680 21.62 18.23 17.11
N GLU A 681 22.40 18.49 18.14
CA GLU A 681 22.35 17.69 19.37
C GLU A 681 21.14 18.02 20.28
N SER A 682 20.77 19.30 20.35
CA SER A 682 19.75 19.74 21.29
C SER A 682 18.78 20.77 20.69
N ALA A 683 17.70 21.03 21.41
CA ALA A 683 16.64 21.92 20.92
C ALA A 683 17.08 23.37 20.73
N ALA A 684 17.87 23.88 21.67
CA ALA A 684 18.29 25.27 21.62
C ALA A 684 19.15 25.52 20.39
N GLU A 685 20.10 24.63 20.16
CA GLU A 685 20.96 24.73 18.98
C GLU A 685 20.16 24.62 17.70
N ALA A 686 19.17 23.73 17.68
CA ALA A 686 18.32 23.59 16.50
C ALA A 686 17.51 24.82 16.16
N ILE A 687 16.93 25.47 17.16
CA ILE A 687 16.23 26.73 16.94
C ILE A 687 17.21 27.83 16.50
N GLN A 688 18.37 27.83 17.16
CA GLN A 688 19.40 28.81 16.89
C GLN A 688 19.90 28.77 15.46
N ALA A 689 19.99 27.58 14.87
CA ALA A 689 20.55 27.47 13.53
C ALA A 689 19.70 28.26 12.54
N VAL A 690 18.39 28.14 12.68
CA VAL A 690 17.41 28.85 11.86
C VAL A 690 17.49 30.35 12.17
N ARG A 691 17.60 30.65 13.46
CA ARG A 691 17.77 32.03 13.92
C ARG A 691 19.10 32.62 13.45
N ASP A 692 20.14 31.81 13.51
CA ASP A 692 21.49 32.20 13.06
C ASP A 692 21.50 32.18 11.54
N ASN A 693 20.47 31.54 10.97
CA ASN A 693 20.29 31.31 9.54
C ASN A 693 21.30 30.33 8.96
N LYS A 694 21.89 29.53 9.84
CA LYS A 694 22.83 28.49 9.44
C LYS A 694 22.09 27.42 8.64
N LEU A 695 20.89 27.10 9.12
CA LEU A 695 19.99 26.14 8.49
C LEU A 695 18.64 26.77 8.10
N HIS A 696 18.26 26.60 6.85
CA HIS A 696 17.04 27.22 6.32
C HIS A 696 15.75 26.69 6.96
N ALA A 697 15.74 25.44 7.40
CA ALA A 697 14.51 24.86 7.96
C ALA A 697 14.80 23.97 9.17
N PHE A 698 13.83 23.88 10.07
CA PHE A 698 13.93 23.03 11.27
C PHE A 698 12.66 22.20 11.49
N ILE A 699 12.81 20.91 11.77
CA ILE A 699 11.63 20.06 11.95
C ILE A 699 11.49 19.52 13.37
N TRP A 700 10.38 19.85 14.03
CA TRP A 700 10.11 19.33 15.37
C TRP A 700 8.61 19.40 15.69
N ASP A 701 8.19 18.63 16.70
CA ASP A 701 6.79 18.60 17.12
C ASP A 701 6.34 19.98 17.59
N SER A 702 5.06 20.29 17.35
CA SER A 702 4.58 21.65 17.54
C SER A 702 4.67 22.15 18.97
N ALA A 703 4.37 21.33 19.96
CA ALA A 703 4.20 21.84 21.32
C ALA A 703 5.45 22.59 21.80
N VAL A 704 6.62 22.04 21.52
CA VAL A 704 7.88 22.73 21.77
C VAL A 704 8.09 23.92 20.83
N LEU A 705 7.65 23.80 19.58
CA LEU A 705 7.95 24.77 18.53
C LEU A 705 7.09 26.04 18.48
N GLU A 706 5.77 25.89 18.65
CA GLU A 706 4.83 27.01 18.56
C GLU A 706 5.10 28.05 19.62
N PHE A 707 5.41 27.60 20.84
CA PHE A 707 5.74 28.53 21.92
C PHE A 707 6.92 29.42 21.51
N GLU A 708 7.92 28.81 20.89
CA GLU A 708 9.06 29.54 20.34
C GLU A 708 8.66 30.47 19.20
N ALA A 709 7.68 30.01 18.40
CA ALA A 709 7.15 30.76 17.27
C ALA A 709 6.56 32.07 17.77
N SER A 710 5.86 31.98 18.89
CA SER A 710 5.39 33.14 19.62
C SER A 710 6.56 33.92 20.19
N GLN A 711 7.57 33.21 20.70
CA GLN A 711 8.67 33.86 21.42
C GLN A 711 9.47 34.81 20.52
N LYS A 712 9.67 34.46 19.26
CA LYS A 712 10.46 35.32 18.39
C LYS A 712 9.60 36.08 17.37
N CYS A 713 8.88 35.32 16.54
CA CYS A 713 8.03 35.79 15.44
C CYS A 713 8.88 36.16 14.22
N ASP A 714 10.19 36.16 14.43
CA ASP A 714 11.17 36.24 13.36
C ASP A 714 11.10 34.93 12.62
N LEU A 715 10.71 33.90 13.36
CA LEU A 715 10.58 32.55 12.82
C LEU A 715 9.11 32.16 12.85
N VAL A 716 8.72 31.28 11.94
CA VAL A 716 7.32 30.87 11.79
C VAL A 716 7.18 29.37 11.63
N THR A 717 6.01 28.87 11.98
CA THR A 717 5.69 27.45 11.84
C THR A 717 4.84 27.38 10.59
N THR A 718 4.97 26.30 9.82
CA THR A 718 4.16 26.21 8.61
C THR A 718 3.60 24.82 8.33
N GLY A 719 2.50 24.80 7.59
CA GLY A 719 1.83 23.58 7.24
C GLY A 719 0.92 23.03 8.32
N GLU A 720 0.59 21.75 8.20
CA GLU A 720 -0.37 21.08 9.05
C GLU A 720 0.36 20.08 9.91
N LEU A 721 0.09 20.09 11.21
CA LEU A 721 0.69 19.12 12.10
C LEU A 721 0.46 17.72 11.55
N PHE A 722 1.55 17.01 11.33
CA PHE A 722 1.54 15.65 10.82
C PHE A 722 2.22 14.81 11.87
N PHE A 723 1.98 13.50 11.84
CA PHE A 723 2.48 12.62 12.88
C PHE A 723 1.73 13.06 14.14
N ARG A 724 0.47 13.42 13.93
CA ARG A 724 -0.38 13.92 15.01
C ARG A 724 -0.34 12.95 16.18
N SER A 725 -0.04 13.48 17.34
CA SER A 725 0.28 12.67 18.49
C SER A 725 -0.04 13.41 19.76
N GLY A 726 0.36 12.84 20.88
CA GLY A 726 0.10 13.48 22.15
C GLY A 726 1.23 13.28 23.12
N PHE A 727 1.25 14.10 24.17
CA PHE A 727 2.33 14.02 25.14
C PHE A 727 1.78 13.42 26.42
N GLY A 728 2.49 12.46 27.01
CA GLY A 728 1.98 11.77 28.18
C GLY A 728 3.05 11.36 29.17
N ILE A 729 2.63 11.02 30.39
CA ILE A 729 3.55 10.67 31.47
C ILE A 729 3.81 9.17 31.55
N GLY A 730 5.08 8.80 31.43
CA GLY A 730 5.48 7.40 31.41
C GLY A 730 5.49 6.67 32.74
N MET A 731 5.00 5.43 32.72
CA MET A 731 5.03 4.53 33.88
C MET A 731 5.14 3.10 33.40
N ARG A 732 5.65 2.22 34.25
CA ARG A 732 5.72 0.80 33.94
C ARG A 732 4.31 0.23 33.94
N LYS A 733 4.06 -0.76 33.09
CA LYS A 733 2.73 -1.35 32.99
C LYS A 733 2.31 -1.95 34.33
N ASP A 734 3.30 -2.41 35.09
CA ASP A 734 3.06 -3.10 36.35
C ASP A 734 2.56 -2.15 37.44
N SER A 735 2.91 -0.87 37.34
CA SER A 735 2.49 0.10 38.35
C SER A 735 1.06 0.59 38.07
N PRO A 736 0.17 0.38 39.06
CA PRO A 736 -1.25 0.77 39.04
C PRO A 736 -1.53 2.26 39.24
N TRP A 737 -0.52 3.02 39.68
CA TRP A 737 -0.71 4.45 39.93
C TRP A 737 -1.08 5.20 38.65
N LYS A 738 -0.51 4.75 37.53
CA LYS A 738 -0.87 5.26 36.21
C LYS A 738 -2.38 5.20 35.96
N GLN A 739 -3.04 4.17 36.48
CA GLN A 739 -4.49 4.07 36.33
C GLN A 739 -5.16 5.31 36.90
N GLU A 740 -4.71 5.75 38.07
CA GLU A 740 -5.21 7.00 38.63
C GLU A 740 -4.75 8.20 37.81
N VAL A 741 -3.52 8.15 37.32
CA VAL A 741 -2.93 9.29 36.62
C VAL A 741 -3.79 9.68 35.44
N SER A 742 -4.03 8.73 34.55
CA SER A 742 -4.92 8.97 33.43
C SER A 742 -6.27 9.46 33.95
N LEU A 743 -6.78 8.76 34.96
CA LEU A 743 -8.07 9.10 35.55
C LEU A 743 -8.02 10.55 36.02
N ASN A 744 -6.88 10.95 36.56
CA ASN A 744 -6.68 12.33 36.99
C ASN A 744 -6.50 13.26 35.78
N ILE A 745 -5.72 12.83 34.80
CA ILE A 745 -5.46 13.64 33.61
C ILE A 745 -6.76 14.08 32.97
N LEU A 746 -7.64 13.12 32.72
CA LEU A 746 -8.97 13.41 32.19
C LEU A 746 -9.72 14.42 33.05
N LYS A 747 -9.67 14.24 34.37
CA LYS A 747 -10.34 15.14 35.29
C LYS A 747 -9.77 16.55 35.18
N SER A 748 -8.50 16.63 34.80
CA SER A 748 -7.84 17.92 34.63
C SER A 748 -8.21 18.54 33.30
N HIS A 749 -8.59 17.70 32.33
CA HIS A 749 -8.94 18.18 31.01
C HIS A 749 -10.33 18.82 31.01
N GLU A 750 -11.27 18.15 31.66
CA GLU A 750 -12.67 18.54 31.64
C GLU A 750 -12.90 19.94 32.22
N ASN A 751 -12.18 20.28 33.28
CA ASN A 751 -12.38 21.56 33.95
C ASN A 751 -11.69 22.72 33.23
N GLY A 752 -10.84 22.40 32.25
CA GLY A 752 -10.14 23.42 31.49
C GLY A 752 -8.85 23.86 32.17
N PHE A 753 -8.38 23.03 33.09
CA PHE A 753 -7.14 23.28 33.83
C PHE A 753 -5.98 23.38 32.86
N MET A 754 -5.93 22.43 31.92
CA MET A 754 -4.90 22.41 30.90
C MET A 754 -4.98 23.65 30.03
N GLU A 755 -6.19 24.00 29.57
CA GLU A 755 -6.39 25.17 28.73
C GLU A 755 -5.81 26.43 29.36
N GLU A 756 -6.04 26.59 30.67
CA GLU A 756 -5.51 27.74 31.38
C GLU A 756 -4.00 27.62 31.58
N LEU A 757 -3.49 26.40 31.70
CA LEU A 757 -2.05 26.22 31.86
C LEU A 757 -1.28 26.50 30.56
N ASP A 758 -1.81 26.04 29.44
CA ASP A 758 -1.26 26.36 28.14
C ASP A 758 -1.40 27.85 27.90
N LYS A 759 -2.50 28.43 28.39
CA LYS A 759 -2.73 29.86 28.25
C LYS A 759 -1.69 30.66 29.03
N THR A 760 -1.32 30.16 30.20
CA THR A 760 -0.26 30.79 30.99
C THR A 760 1.11 30.63 30.32
N TRP A 761 1.48 29.39 30.01
CA TRP A 761 2.82 29.11 29.51
C TRP A 761 3.02 29.32 28.00
N VAL A 762 1.93 29.40 27.24
CA VAL A 762 2.03 29.90 25.87
C VAL A 762 1.65 31.38 25.88
N ARG A 763 2.64 32.25 25.66
CA ARG A 763 2.45 33.68 25.83
C ARG A 763 1.56 34.31 24.76
N TYR A 764 1.79 33.95 23.50
CA TYR A 764 0.96 34.41 22.38
C TYR A 764 1.07 35.92 22.12
N GLN A 765 1.87 36.61 22.93
CA GLN A 765 1.96 38.07 22.92
C GLN A 765 2.16 38.70 21.54
N GLU A 766 3.32 38.50 20.93
CA GLU A 766 3.60 39.13 19.64
C GLU A 766 3.95 38.16 18.52
N CYS A 767 3.03 38.03 17.56
CA CYS A 767 3.25 37.37 16.27
C CYS A 767 1.93 37.35 15.49
N ASP A 768 2.02 37.09 14.19
CA ASP A 768 0.82 36.93 13.36
C ASP A 768 1.13 36.17 12.08
N SER A 769 0.10 35.91 11.28
CA SER A 769 0.32 35.30 9.98
C SER A 769 0.87 36.42 9.09
N ARG A 770 2.08 36.21 8.60
CA ARG A 770 2.90 37.31 8.08
C ARG A 770 2.43 37.85 6.73
N SER A 771 2.00 36.94 5.86
CA SER A 771 1.79 37.25 4.45
C SER A 771 0.91 38.48 4.19
N ASN A 772 -0.29 38.45 4.75
CA ASN A 772 -1.31 39.44 4.42
C ASN A 772 -1.61 40.60 5.38
N ALA A 773 -0.92 40.71 6.52
CA ALA A 773 -1.39 41.69 7.49
C ALA A 773 -0.32 42.70 7.86
N PRO A 774 0.24 43.36 6.83
CA PRO A 774 1.25 44.40 6.95
C PRO A 774 0.65 45.69 7.50
N ALA A 775 -0.64 45.85 7.24
CA ALA A 775 -1.40 47.07 7.49
C ALA A 775 -1.39 47.59 8.92
N THR A 776 -1.27 46.67 9.89
CA THR A 776 -1.14 47.06 11.29
C THR A 776 0.13 47.89 11.42
N LEU A 777 1.21 47.37 10.85
CA LEU A 777 2.47 48.11 10.71
C LEU A 777 2.19 49.17 9.63
N THR A 778 3.24 49.78 9.07
CA THR A 778 3.21 50.86 8.03
C THR A 778 3.41 52.30 8.49
N PHE A 779 3.64 52.55 9.78
CA PHE A 779 3.87 53.91 10.24
C PHE A 779 5.16 54.38 9.56
N GLU A 780 6.15 53.50 9.62
CA GLU A 780 7.49 53.77 9.12
C GLU A 780 7.40 53.95 7.61
N ASN A 781 6.57 53.11 7.00
CA ASN A 781 6.37 53.05 5.56
C ASN A 781 5.79 54.34 5.00
N MET A 782 4.79 54.88 5.72
CA MET A 782 4.23 56.18 5.38
C MET A 782 5.31 57.20 5.61
N ALA A 783 6.08 57.02 6.66
CA ALA A 783 7.07 58.00 7.06
C ALA A 783 7.99 58.10 5.84
N GLY A 784 8.18 56.96 5.15
CA GLY A 784 9.07 56.93 4.03
C GLY A 784 8.54 57.78 2.89
N VAL A 785 7.25 58.15 2.92
CA VAL A 785 6.71 59.03 1.88
C VAL A 785 6.64 60.52 2.35
N PHE A 786 6.02 60.62 3.52
CA PHE A 786 5.82 61.85 4.29
C PHE A 786 7.06 62.65 4.62
N MET A 787 8.14 61.94 4.93
CA MET A 787 9.40 62.61 5.18
C MET A 787 9.83 63.34 3.93
N LEU A 788 9.61 62.71 2.77
CA LEU A 788 9.92 63.32 1.48
C LEU A 788 9.07 64.57 1.26
N VAL A 789 7.78 64.47 1.59
CA VAL A 789 6.90 65.64 1.42
C VAL A 789 7.39 66.79 2.30
N ALA A 790 7.78 66.43 3.52
CA ALA A 790 8.29 67.36 4.52
C ALA A 790 9.60 67.98 4.04
N GLY A 791 10.43 67.18 3.38
CA GLY A 791 11.70 67.66 2.84
C GLY A 791 11.34 68.71 1.81
N GLY A 792 10.21 68.47 1.15
CA GLY A 792 9.61 69.43 0.27
C GLY A 792 9.33 70.70 1.05
N ILE A 793 8.81 70.56 2.27
CA ILE A 793 8.56 71.74 3.11
C ILE A 793 9.87 72.48 3.43
N VAL A 794 10.93 71.76 3.76
CA VAL A 794 12.24 72.36 4.04
C VAL A 794 12.73 73.17 2.83
N ALA A 795 12.41 72.62 1.66
CA ALA A 795 12.59 73.33 0.40
C ALA A 795 11.74 74.58 0.45
N GLY A 796 10.57 74.45 1.07
CA GLY A 796 9.64 75.56 1.17
C GLY A 796 10.35 76.66 1.93
N ILE A 797 11.06 76.29 2.99
CA ILE A 797 11.83 77.28 3.74
C ILE A 797 12.93 77.93 2.90
N PHE A 798 13.67 77.14 2.12
CA PHE A 798 14.73 77.78 1.33
C PHE A 798 14.13 78.74 0.29
N LEU A 799 13.03 78.28 -0.32
CA LEU A 799 12.39 79.05 -1.36
C LEU A 799 11.88 80.34 -0.77
N ILE A 800 11.35 80.23 0.45
CA ILE A 800 10.78 81.37 1.12
C ILE A 800 11.87 82.39 1.38
N PHE A 801 13.00 81.91 1.89
CA PHE A 801 14.16 82.78 2.09
C PHE A 801 14.55 83.53 0.82
N ILE A 802 14.56 82.78 -0.29
CA ILE A 802 14.93 83.39 -1.57
C ILE A 802 13.94 84.44 -2.01
N GLU A 803 12.66 84.14 -1.82
CA GLU A 803 11.59 85.05 -2.18
C GLU A 803 11.65 86.32 -1.33
N ILE A 804 11.89 86.14 -0.04
CA ILE A 804 11.96 87.24 0.91
C ILE A 804 13.12 88.18 0.62
N ALA A 805 14.27 87.61 0.26
CA ALA A 805 15.43 88.45 -0.03
C ALA A 805 15.18 89.16 -1.36
N TYR A 806 14.84 88.35 -2.35
CA TYR A 806 14.67 88.80 -3.72
C TYR A 806 13.56 89.82 -3.92
N LYS A 807 12.49 89.74 -3.12
CA LYS A 807 11.33 90.62 -3.28
C LYS A 807 11.59 92.03 -2.76
N SER A 808 12.02 92.11 -1.51
CA SER A 808 12.37 93.38 -0.90
C SER A 808 13.47 94.01 -1.73
N ARG A 809 14.42 93.18 -2.17
CA ARG A 809 15.43 93.64 -3.10
C ARG A 809 14.82 94.11 -4.42
N ALA A 810 13.77 93.42 -4.86
CA ALA A 810 13.19 93.65 -6.17
C ALA A 810 12.55 95.01 -6.26
N GLU A 811 11.85 95.39 -5.19
CA GLU A 811 11.18 96.69 -5.15
C GLU A 811 11.95 97.78 -4.39
N ALA A 812 13.13 97.46 -3.88
CA ALA A 812 13.89 98.36 -3.00
C ALA A 812 13.96 99.81 -3.48
N LYS B 7 69.14 -23.11 26.59
CA LYS B 7 69.44 -22.05 25.64
C LYS B 7 68.64 -22.22 24.35
N HIS B 8 68.90 -23.29 23.60
CA HIS B 8 68.17 -23.52 22.35
C HIS B 8 66.75 -23.95 22.65
N PRO B 9 65.77 -23.10 22.30
CA PRO B 9 64.33 -23.27 22.55
C PRO B 9 63.57 -23.92 21.40
N ASN B 10 63.64 -25.23 21.26
CA ASN B 10 62.90 -25.89 20.18
C ASN B 10 61.54 -26.41 20.61
N MET B 11 60.48 -25.81 20.07
CA MET B 11 59.10 -26.17 20.41
C MET B 11 58.71 -27.54 19.86
N ASP B 12 57.67 -28.14 20.42
CA ASP B 12 57.17 -29.42 19.90
C ASP B 12 55.75 -29.28 19.36
N ILE B 13 55.59 -29.63 18.08
CA ILE B 13 54.34 -29.43 17.34
C ILE B 13 53.94 -30.68 16.53
N ALA B 14 52.63 -30.84 16.32
CA ALA B 14 52.11 -31.94 15.51
C ALA B 14 51.00 -31.49 14.57
N VAL B 15 50.96 -32.11 13.38
CA VAL B 15 49.95 -31.81 12.38
C VAL B 15 49.45 -33.11 11.71
N ILE B 16 48.15 -33.08 11.36
CA ILE B 16 47.48 -34.24 10.79
C ILE B 16 46.67 -33.85 9.55
N LEU B 17 46.69 -34.71 8.54
CA LEU B 17 45.86 -34.60 7.34
C LEU B 17 45.06 -35.90 7.17
N VAL B 18 43.78 -35.76 6.86
CA VAL B 18 42.81 -36.86 6.72
C VAL B 18 42.29 -36.94 5.29
N GLY B 19 42.08 -38.09 4.64
CA GLY B 19 41.62 -37.78 3.31
C GLY B 19 42.81 -37.44 2.45
N THR B 20 42.67 -36.44 1.57
CA THR B 20 43.69 -35.99 0.60
C THR B 20 43.58 -36.79 -0.69
N THR B 21 42.62 -37.71 -0.67
CA THR B 21 42.25 -38.59 -1.76
C THR B 21 43.35 -39.56 -2.11
N GLU B 22 44.21 -39.77 -1.12
CA GLU B 22 45.35 -40.65 -1.31
C GLU B 22 45.59 -41.44 -0.04
N GLU B 23 45.93 -42.71 -0.21
CA GLU B 23 46.65 -43.48 0.78
C GLU B 23 48.03 -43.07 0.35
N VAL B 24 48.95 -42.79 1.27
CA VAL B 24 50.24 -42.18 0.94
C VAL B 24 49.97 -40.71 0.60
N ALA B 25 49.20 -40.10 1.50
CA ALA B 25 48.82 -38.69 1.41
C ALA B 25 50.11 -37.92 1.53
N ILE B 26 50.21 -36.75 0.89
CA ILE B 26 51.51 -36.14 0.78
C ILE B 26 52.08 -35.84 2.17
N LYS B 27 53.17 -36.54 2.49
CA LYS B 27 53.80 -36.51 3.81
C LYS B 27 54.85 -35.43 3.97
N ASP B 28 54.75 -34.65 5.05
CA ASP B 28 55.79 -33.68 5.38
C ASP B 28 56.14 -32.76 4.20
N VAL B 29 55.14 -32.36 3.39
CA VAL B 29 55.45 -31.50 2.27
C VAL B 29 56.09 -30.21 2.78
N HIS B 30 55.58 -29.74 3.90
CA HIS B 30 56.01 -28.49 4.51
C HIS B 30 56.78 -28.77 5.77
N GLU B 31 56.90 -27.72 6.61
CA GLU B 31 57.68 -27.67 7.87
C GLU B 31 59.09 -27.22 7.56
N LYS B 32 59.47 -27.28 6.28
CA LYS B 32 60.78 -26.80 5.83
C LYS B 32 61.02 -25.41 6.40
N ASP B 33 62.23 -25.19 6.92
CA ASP B 33 62.53 -23.97 7.64
C ASP B 33 62.24 -22.71 6.82
N ASP B 34 61.38 -21.86 7.37
CA ASP B 34 61.03 -20.59 6.79
C ASP B 34 61.00 -19.60 7.93
N PHE B 35 61.47 -18.37 7.76
CA PHE B 35 61.31 -17.41 8.85
C PHE B 35 62.02 -17.94 10.10
N HIS B 36 63.15 -18.61 9.92
CA HIS B 36 63.88 -19.29 11.00
C HIS B 36 64.25 -18.34 12.13
N HIS B 37 64.29 -17.06 11.80
CA HIS B 37 64.66 -15.99 12.71
C HIS B 37 63.81 -16.07 13.99
N LEU B 38 62.56 -16.50 13.87
CA LEU B 38 61.67 -16.61 15.03
C LEU B 38 62.40 -17.39 16.11
N PRO B 39 62.37 -16.88 17.34
CA PRO B 39 63.21 -17.38 18.45
C PRO B 39 63.12 -18.87 18.74
N VAL B 40 61.92 -19.43 18.71
CA VAL B 40 61.73 -20.88 18.85
C VAL B 40 61.72 -21.58 17.50
N THR B 41 62.46 -22.68 17.37
CA THR B 41 62.43 -23.41 16.11
C THR B 41 61.39 -24.53 16.29
N PRO B 42 60.60 -24.80 15.24
CA PRO B 42 59.62 -25.89 15.34
C PRO B 42 60.19 -27.30 15.20
N ARG B 43 59.72 -28.20 16.04
CA ARG B 43 59.98 -29.62 15.88
C ARG B 43 58.66 -30.26 15.49
N VAL B 44 58.61 -30.92 14.35
CA VAL B 44 57.31 -31.37 13.85
C VAL B 44 57.20 -32.88 13.75
N GLU B 45 56.05 -33.42 14.16
CA GLU B 45 55.75 -34.81 13.86
C GLU B 45 54.46 -34.84 13.05
N LEU B 46 54.51 -35.45 11.87
CA LEU B 46 53.33 -35.48 11.01
C LEU B 46 52.71 -36.86 11.00
N VAL B 47 51.38 -36.92 11.09
CA VAL B 47 50.70 -38.21 10.95
C VAL B 47 49.43 -38.08 10.12
N THR B 48 49.06 -39.11 9.36
CA THR B 48 47.79 -39.06 8.65
C THR B 48 46.91 -40.25 9.01
N MET B 49 45.60 -40.03 8.95
CA MET B 49 44.56 -41.06 9.13
C MET B 49 43.47 -40.91 8.06
N GLN B 50 43.05 -42.02 7.48
CA GLN B 50 42.15 -42.02 6.32
C GLN B 50 40.68 -41.54 6.39
N GLU B 51 39.95 -41.91 7.44
CA GLU B 51 38.52 -41.57 7.61
C GLU B 51 38.25 -41.16 9.05
N SER B 52 37.29 -40.28 9.32
CA SER B 52 37.22 -39.70 10.65
C SER B 52 36.26 -40.45 11.54
N ASP B 53 36.68 -40.52 12.80
CA ASP B 53 35.92 -41.10 13.87
C ASP B 53 36.17 -40.41 15.19
N PRO B 54 35.16 -40.38 16.09
CA PRO B 54 35.51 -39.87 17.41
C PRO B 54 36.56 -40.70 18.16
N LYS B 55 36.47 -42.02 18.03
CA LYS B 55 37.43 -42.92 18.66
C LYS B 55 38.80 -42.88 18.02
N SER B 56 38.84 -42.89 16.70
CA SER B 56 40.11 -42.87 16.00
C SER B 56 40.86 -41.58 16.30
N ILE B 57 40.18 -40.44 16.12
CA ILE B 57 40.82 -39.16 16.35
C ILE B 57 41.25 -38.98 17.80
N ILE B 58 40.35 -39.27 18.74
CA ILE B 58 40.69 -39.11 20.15
C ILE B 58 41.88 -39.97 20.54
N THR B 59 41.83 -41.24 20.13
CA THR B 59 42.88 -42.20 20.44
C THR B 59 44.18 -41.72 19.86
N ARG B 60 44.18 -41.32 18.59
CA ARG B 60 45.42 -40.99 17.91
C ARG B 60 46.05 -39.74 18.48
N ILE B 61 45.23 -38.72 18.73
CA ILE B 61 45.76 -37.45 19.22
C ILE B 61 46.36 -37.67 20.60
N CYS B 62 45.64 -38.41 21.46
CA CYS B 62 46.22 -38.77 22.76
C CYS B 62 47.48 -39.62 22.61
N ASP B 63 47.47 -40.51 21.62
CA ASP B 63 48.61 -41.38 21.33
C ASP B 63 49.85 -40.59 20.94
N LEU B 64 49.66 -39.57 20.11
CA LEU B 64 50.74 -38.67 19.76
C LEU B 64 51.16 -37.87 20.97
N MET B 65 50.22 -37.63 21.89
CA MET B 65 50.58 -36.91 23.10
C MET B 65 51.59 -37.64 23.98
N SER B 66 51.31 -38.90 24.30
CA SER B 66 52.27 -39.81 24.94
C SER B 66 53.09 -39.03 25.95
N ASP B 67 54.40 -39.26 25.97
CA ASP B 67 55.30 -38.40 26.72
C ASP B 67 55.73 -37.22 25.84
N LYS B 68 55.51 -37.37 24.53
CA LYS B 68 55.97 -36.44 23.48
C LYS B 68 55.88 -34.99 23.93
N LYS B 69 54.83 -34.66 24.68
CA LYS B 69 54.61 -33.32 25.20
C LYS B 69 54.37 -32.22 24.17
N VAL B 70 53.63 -32.51 23.11
CA VAL B 70 53.43 -31.50 22.08
C VAL B 70 52.65 -30.31 22.65
N GLN B 71 53.05 -29.10 22.25
CA GLN B 71 52.36 -27.89 22.72
C GLN B 71 51.35 -27.31 21.73
N GLY B 72 51.20 -27.93 20.57
CA GLY B 72 50.23 -27.46 19.59
C GLY B 72 49.81 -28.47 18.55
N VAL B 73 48.62 -28.31 18.00
CA VAL B 73 48.12 -29.25 17.00
C VAL B 73 47.39 -28.50 15.87
N VAL B 74 47.61 -28.93 14.63
CA VAL B 74 46.82 -28.45 13.51
C VAL B 74 46.14 -29.63 12.83
N PHE B 75 44.84 -29.48 12.57
CA PHE B 75 44.04 -30.54 11.99
C PHE B 75 43.54 -30.16 10.61
N GLY B 76 43.55 -31.12 9.69
CA GLY B 76 43.04 -30.83 8.36
C GLY B 76 42.41 -32.07 7.79
N ASP B 77 41.43 -31.88 6.92
CA ASP B 77 40.58 -32.97 6.48
C ASP B 77 40.16 -32.81 5.02
N ASP B 78 39.85 -33.93 4.38
CA ASP B 78 39.25 -33.88 3.05
C ASP B 78 37.73 -33.87 3.19
N THR B 79 37.27 -34.03 4.42
CA THR B 79 35.88 -34.34 4.73
C THR B 79 34.94 -33.14 4.73
N ASP B 80 33.67 -33.41 4.48
CA ASP B 80 32.63 -32.40 4.51
C ASP B 80 31.97 -32.29 5.89
N GLN B 81 32.44 -33.13 6.83
CA GLN B 81 31.77 -33.30 8.11
C GLN B 81 31.81 -32.09 9.03
N GLU B 82 30.64 -31.71 9.52
CA GLU B 82 30.47 -30.61 10.46
C GLU B 82 31.08 -30.88 11.83
N ALA B 83 30.90 -32.10 12.30
CA ALA B 83 31.09 -32.48 13.70
C ALA B 83 32.53 -32.42 14.18
N ILE B 84 33.44 -32.64 13.25
CA ILE B 84 34.83 -32.90 13.58
C ILE B 84 35.44 -31.82 14.46
N ALA B 85 35.14 -30.57 14.13
CA ALA B 85 35.74 -29.44 14.83
C ALA B 85 35.43 -29.56 16.30
N GLN B 86 34.16 -29.80 16.61
CA GLN B 86 33.74 -29.85 17.99
C GLN B 86 34.53 -30.92 18.72
N ILE B 87 34.71 -32.07 18.08
CA ILE B 87 35.42 -33.14 18.74
C ILE B 87 36.82 -32.74 19.14
N LEU B 88 37.55 -32.15 18.21
CA LEU B 88 38.91 -31.80 18.51
C LEU B 88 38.90 -30.71 19.59
N ASP B 89 37.88 -29.85 19.52
CA ASP B 89 37.70 -28.77 20.48
C ASP B 89 37.54 -29.38 21.85
N PHE B 90 36.78 -30.46 21.91
CA PHE B 90 36.56 -31.11 23.19
C PHE B 90 37.91 -31.54 23.77
N ILE B 91 38.77 -32.10 22.93
CA ILE B 91 40.09 -32.53 23.38
C ILE B 91 40.85 -31.34 23.92
N SER B 92 40.73 -30.23 23.21
CA SER B 92 41.38 -29.01 23.63
C SER B 92 40.92 -28.61 25.02
N VAL B 93 39.61 -28.69 25.25
CA VAL B 93 39.05 -28.33 26.55
C VAL B 93 39.67 -29.18 27.63
N GLN B 94 39.95 -30.41 27.27
CA GLN B 94 40.48 -31.39 28.20
C GLN B 94 41.97 -31.15 28.38
N THR B 95 42.67 -30.99 27.26
CA THR B 95 44.12 -30.81 27.30
C THR B 95 44.60 -29.41 27.63
N LEU B 96 43.87 -28.38 27.21
CA LEU B 96 44.38 -27.00 27.24
C LEU B 96 45.57 -26.88 26.29
N THR B 97 45.57 -27.75 25.29
CA THR B 97 46.59 -27.71 24.26
C THR B 97 45.95 -27.12 23.02
N PRO B 98 46.56 -26.08 22.47
CA PRO B 98 45.95 -25.35 21.36
C PRO B 98 45.75 -26.23 20.15
N ILE B 99 44.61 -26.09 19.49
CA ILE B 99 44.37 -26.82 18.26
C ILE B 99 43.60 -25.90 17.31
N LEU B 100 43.91 -26.02 16.02
CA LEU B 100 43.28 -25.20 15.01
C LEU B 100 43.09 -26.04 13.76
N GLY B 101 42.28 -25.58 12.80
CA GLY B 101 42.19 -26.35 11.58
C GLY B 101 42.02 -25.53 10.32
N ILE B 102 42.59 -26.05 9.24
CA ILE B 102 42.78 -25.26 8.03
C ILE B 102 41.85 -25.52 6.86
N HIS B 103 40.98 -26.51 6.96
CA HIS B 103 40.21 -26.91 5.79
C HIS B 103 38.98 -27.68 6.23
N GLY B 104 37.98 -27.74 5.36
CA GLY B 104 36.88 -28.67 5.55
C GLY B 104 36.06 -28.44 6.81
N GLY B 105 35.75 -29.55 7.48
CA GLY B 105 34.89 -29.55 8.64
C GLY B 105 35.41 -28.80 9.85
N SER B 106 36.70 -28.90 10.12
CA SER B 106 37.29 -28.19 11.24
C SER B 106 37.12 -26.69 11.02
N SER B 107 37.28 -26.28 9.77
CA SER B 107 37.03 -24.92 9.32
C SER B 107 35.55 -24.57 9.36
N MET B 108 34.70 -25.60 9.28
CA MET B 108 33.26 -25.38 9.32
C MET B 108 32.87 -24.92 10.71
N ILE B 109 31.86 -24.07 10.81
CA ILE B 109 31.48 -23.45 12.07
C ILE B 109 31.02 -24.46 13.11
N MET B 110 31.00 -24.03 14.36
CA MET B 110 30.76 -24.91 15.48
C MET B 110 30.06 -24.11 16.58
N ALA B 111 29.70 -24.76 17.67
CA ALA B 111 29.00 -24.09 18.75
C ALA B 111 29.96 -23.10 19.38
N ASP B 112 29.43 -22.13 20.12
CA ASP B 112 30.32 -21.14 20.74
C ASP B 112 31.30 -21.87 21.63
N LYS B 113 32.58 -21.54 21.47
CA LYS B 113 33.63 -22.27 22.13
C LYS B 113 33.65 -21.89 23.60
N GLU B 114 33.95 -22.86 24.45
CA GLU B 114 34.11 -22.57 25.87
C GLU B 114 35.27 -21.60 26.03
N GLU B 115 35.10 -20.58 26.85
CA GLU B 115 36.11 -19.54 26.97
C GLU B 115 37.44 -20.09 27.46
N ALA B 116 37.39 -20.99 28.44
CA ALA B 116 38.60 -21.61 28.96
C ALA B 116 39.30 -22.42 27.86
N SER B 117 38.47 -23.03 27.01
CA SER B 117 38.96 -23.88 25.93
C SER B 117 39.69 -23.09 24.86
N MET B 118 40.65 -23.74 24.21
CA MET B 118 41.31 -23.12 23.09
C MET B 118 41.12 -23.88 21.77
N PHE B 119 40.39 -23.27 20.84
CA PHE B 119 40.17 -23.90 19.54
C PHE B 119 40.06 -22.79 18.50
N PHE B 120 40.65 -23.02 17.34
CA PHE B 120 40.52 -22.05 16.26
C PHE B 120 40.18 -22.61 14.88
N GLN B 121 39.45 -21.81 14.10
CA GLN B 121 39.03 -22.25 12.79
C GLN B 121 39.34 -21.22 11.72
N PHE B 122 39.74 -21.73 10.56
CA PHE B 122 40.12 -20.87 9.46
C PHE B 122 38.92 -20.63 8.56
N GLY B 123 37.78 -21.14 8.97
CA GLY B 123 36.54 -20.75 8.35
C GLY B 123 36.19 -19.37 8.84
N PRO B 124 35.28 -18.70 8.13
CA PRO B 124 34.85 -17.35 8.53
C PRO B 124 33.87 -17.40 9.69
N SER B 125 33.76 -16.28 10.39
CA SER B 125 32.80 -16.15 11.49
C SER B 125 31.38 -16.22 10.96
N ILE B 126 30.47 -16.75 11.78
CA ILE B 126 29.07 -16.84 11.40
C ILE B 126 28.56 -15.45 11.10
N GLU B 127 28.91 -14.54 12.01
CA GLU B 127 28.51 -13.15 11.88
C GLU B 127 29.04 -12.55 10.60
N GLN B 128 30.32 -12.80 10.32
CA GLN B 128 30.96 -12.34 9.11
C GLN B 128 30.24 -12.86 7.88
N GLN B 129 29.94 -14.15 7.89
CA GLN B 129 29.26 -14.76 6.76
C GLN B 129 27.90 -14.12 6.52
N ALA B 130 27.16 -13.89 7.60
CA ALA B 130 25.86 -13.25 7.51
C ALA B 130 26.00 -11.87 6.90
N SER B 131 27.05 -11.18 7.32
CA SER B 131 27.35 -9.87 6.78
C SER B 131 27.56 -9.97 5.27
N VAL B 132 28.35 -10.94 4.83
CA VAL B 132 28.62 -11.12 3.39
C VAL B 132 27.35 -11.45 2.60
N MET B 133 26.47 -12.21 3.21
CA MET B 133 25.19 -12.58 2.60
C MET B 133 24.37 -11.32 2.38
N LEU B 134 24.40 -10.45 3.39
CA LEU B 134 23.73 -9.16 3.30
C LEU B 134 24.32 -8.27 2.22
N ASN B 135 25.65 -8.21 2.14
CA ASN B 135 26.31 -7.45 1.08
C ASN B 135 25.90 -7.94 -0.29
N ILE B 136 25.79 -9.27 -0.43
CA ILE B 136 25.38 -9.88 -1.68
C ILE B 136 23.96 -9.46 -2.05
N MET B 137 23.04 -9.55 -1.09
CA MET B 137 21.67 -9.14 -1.35
C MET B 137 21.55 -7.66 -1.71
N GLU B 138 22.32 -6.84 -1.00
CA GLU B 138 22.33 -5.39 -1.24
C GLU B 138 22.86 -5.07 -2.63
N GLU B 139 23.87 -5.81 -3.07
CA GLU B 139 24.48 -5.59 -4.37
C GLU B 139 23.46 -5.79 -5.49
N TYR B 140 22.67 -6.86 -5.38
CA TYR B 140 21.61 -7.09 -6.36
C TYR B 140 20.37 -6.34 -5.97
N ASP B 141 20.45 -5.60 -4.88
CA ASP B 141 19.35 -4.83 -4.35
C ASP B 141 18.12 -5.72 -4.14
N TRP B 142 18.34 -6.89 -3.58
CA TRP B 142 17.21 -7.72 -3.20
C TRP B 142 16.89 -7.34 -1.77
N TYR B 143 15.86 -6.53 -1.61
CA TYR B 143 15.56 -5.91 -0.32
C TYR B 143 14.78 -6.83 0.61
N ILE B 144 13.88 -7.61 0.04
CA ILE B 144 12.94 -8.38 0.84
C ILE B 144 13.36 -9.83 0.90
N PHE B 145 13.48 -10.37 2.11
CA PHE B 145 13.97 -11.73 2.28
C PHE B 145 13.46 -12.40 3.57
N SER B 146 13.59 -13.72 3.63
CA SER B 146 13.23 -14.51 4.81
C SER B 146 14.38 -15.44 5.18
N ILE B 147 14.34 -15.94 6.41
CA ILE B 147 15.34 -16.89 6.88
C ILE B 147 14.78 -18.23 7.32
N VAL B 148 15.32 -19.29 6.74
CA VAL B 148 15.03 -20.65 7.17
C VAL B 148 16.28 -21.18 7.87
N THR B 149 16.10 -21.69 9.08
CA THR B 149 17.24 -22.07 9.89
C THR B 149 16.94 -23.43 10.50
N THR B 150 17.90 -24.02 11.18
CA THR B 150 17.64 -25.24 11.91
C THR B 150 18.26 -25.10 13.28
N TYR B 151 18.03 -26.09 14.12
CA TYR B 151 18.41 -25.95 15.52
C TYR B 151 19.91 -26.06 15.72
N PHE B 152 20.64 -26.30 14.63
CA PHE B 152 22.09 -26.45 14.70
C PHE B 152 22.74 -25.21 15.31
N PRO B 153 23.93 -25.37 15.94
CA PRO B 153 24.50 -24.29 16.75
C PRO B 153 24.77 -23.06 15.92
N GLY B 154 24.72 -21.88 16.53
CA GLY B 154 24.96 -20.65 15.81
C GLY B 154 23.67 -20.00 15.40
N TYR B 155 22.55 -20.71 15.59
CA TYR B 155 21.26 -20.10 15.28
C TYR B 155 21.19 -19.02 16.37
N GLN B 156 20.44 -17.96 16.11
CA GLN B 156 20.24 -16.88 17.07
C GLN B 156 21.53 -16.08 17.28
N ASP B 157 22.69 -16.66 16.97
CA ASP B 157 23.88 -15.85 16.87
C ASP B 157 23.82 -15.27 15.48
N PHE B 158 23.33 -16.12 14.58
CA PHE B 158 23.00 -15.75 13.22
C PHE B 158 21.77 -14.87 13.11
N GLU B 159 20.68 -15.24 13.79
CA GLU B 159 19.46 -14.44 13.75
C GLU B 159 19.78 -13.05 14.31
N ASN B 160 20.52 -13.01 15.43
CA ASN B 160 20.92 -11.75 16.05
C ASN B 160 21.83 -10.93 15.13
N LYS B 161 22.80 -11.60 14.52
CA LYS B 161 23.72 -10.90 13.64
C LYS B 161 22.98 -10.29 12.46
N VAL B 162 22.04 -11.03 11.88
CA VAL B 162 21.24 -10.48 10.79
C VAL B 162 20.44 -9.30 11.32
N ARG B 163 19.92 -9.42 12.54
CA ARG B 163 19.07 -8.37 13.10
C ARG B 163 19.84 -7.07 13.28
N SER B 164 21.07 -7.20 13.78
CA SER B 164 21.97 -6.07 13.99
C SER B 164 22.38 -5.43 12.68
N THR B 165 22.74 -6.26 11.71
CA THR B 165 23.21 -5.78 10.42
C THR B 165 22.08 -5.05 9.67
N ILE B 166 20.89 -5.64 9.71
CA ILE B 166 19.66 -5.09 9.12
C ILE B 166 19.12 -3.81 9.76
N GLU B 167 19.14 -3.70 11.08
CA GLU B 167 18.53 -2.53 11.72
C GLU B 167 19.24 -1.25 11.31
N ASN B 168 20.55 -1.29 11.23
CA ASN B 168 21.34 -0.10 10.97
C ASN B 168 21.08 0.54 9.60
N SER B 169 20.89 -0.27 8.57
CA SER B 169 20.77 0.27 7.21
C SER B 169 19.52 1.11 6.98
N PHE B 170 19.67 2.15 6.18
CA PHE B 170 18.58 3.08 5.84
C PHE B 170 17.44 2.46 5.05
N VAL B 171 17.81 1.54 4.17
CA VAL B 171 16.89 0.96 3.20
C VAL B 171 15.74 0.26 3.92
N GLY B 172 14.59 0.26 3.27
CA GLY B 172 13.34 -0.28 3.77
C GLY B 172 13.18 -1.78 3.55
N TRP B 173 14.26 -2.53 3.76
CA TRP B 173 14.19 -3.99 3.59
C TRP B 173 13.19 -4.62 4.52
N GLU B 174 12.69 -5.78 4.10
CA GLU B 174 11.71 -6.51 4.86
C GLU B 174 12.22 -7.88 5.27
N LEU B 175 12.15 -8.21 6.56
CA LEU B 175 12.32 -9.57 7.00
C LEU B 175 10.90 -10.15 7.05
N GLU B 176 10.67 -11.24 6.32
CA GLU B 176 9.32 -11.76 6.22
C GLU B 176 9.05 -12.83 7.28
N GLU B 177 9.85 -13.90 7.27
CA GLU B 177 9.70 -14.95 8.28
C GLU B 177 11.05 -15.52 8.74
N VAL B 178 11.06 -16.02 9.97
CA VAL B 178 12.19 -16.77 10.51
C VAL B 178 11.67 -18.12 10.99
N ILE B 179 12.31 -19.20 10.53
CA ILE B 179 11.82 -20.52 10.87
C ILE B 179 12.86 -21.38 11.57
N HIS B 180 12.47 -21.95 12.71
CA HIS B 180 13.31 -22.86 13.47
C HIS B 180 12.70 -24.24 13.50
N LEU B 181 13.37 -25.21 12.89
CA LEU B 181 12.85 -26.56 12.86
C LEU B 181 13.88 -27.57 13.35
N ASP B 182 13.47 -28.43 14.26
CA ASP B 182 14.40 -29.43 14.80
C ASP B 182 14.53 -30.58 13.83
N MET B 183 15.76 -30.82 13.39
CA MET B 183 16.04 -32.00 12.57
C MET B 183 15.77 -33.24 13.39
N SER B 184 16.07 -33.16 14.69
CA SER B 184 15.69 -34.22 15.61
C SER B 184 14.18 -34.22 15.69
N LEU B 185 13.61 -35.33 16.15
CA LEU B 185 12.18 -35.56 16.03
C LEU B 185 11.85 -35.50 14.54
N ASP B 186 12.60 -36.29 13.78
CA ASP B 186 12.48 -36.33 12.32
C ASP B 186 11.05 -36.64 11.91
N ASP B 187 10.62 -36.08 10.79
CA ASP B 187 9.21 -35.88 10.54
C ASP B 187 8.54 -36.90 9.61
N ILE B 188 7.41 -37.42 10.08
CA ILE B 188 6.41 -38.05 9.22
C ILE B 188 5.52 -36.95 8.67
N ASP B 189 5.40 -35.88 9.45
CA ASP B 189 4.47 -34.80 9.19
C ASP B 189 4.90 -33.93 8.00
N SER B 190 6.17 -34.04 7.62
CA SER B 190 6.73 -33.12 6.64
C SER B 190 6.43 -31.74 7.19
N LYS B 191 6.62 -31.58 8.51
CA LYS B 191 6.31 -30.33 9.18
C LYS B 191 7.08 -29.19 8.55
N ILE B 192 8.28 -29.49 8.11
CA ILE B 192 9.08 -28.54 7.37
C ILE B 192 8.39 -28.19 6.06
N GLN B 193 7.78 -29.17 5.40
CA GLN B 193 7.02 -28.89 4.18
C GLN B 193 5.83 -27.98 4.49
N ASN B 194 5.18 -28.25 5.62
CA ASN B 194 3.99 -27.51 6.01
C ASN B 194 4.29 -26.05 6.33
N GLN B 195 5.42 -25.77 6.96
CA GLN B 195 5.84 -24.39 7.19
C GLN B 195 6.36 -23.76 5.90
N LEU B 196 7.38 -24.39 5.31
CA LEU B 196 8.08 -23.84 4.15
C LEU B 196 7.09 -23.43 3.09
N CYS B 197 6.00 -24.19 2.97
CA CYS B 197 4.97 -23.89 1.99
C CYS B 197 4.42 -22.48 2.20
N LYS B 198 4.38 -22.02 3.45
CA LYS B 198 3.81 -20.72 3.77
C LYS B 198 4.55 -19.51 3.15
N LEU B 199 5.87 -19.50 3.23
CA LEU B 199 6.64 -18.28 2.89
C LEU B 199 6.54 -17.87 1.42
N GLN B 200 6.23 -16.58 1.20
CA GLN B 200 6.11 -16.03 -0.14
C GLN B 200 7.33 -15.23 -0.62
N SER B 201 8.37 -15.14 0.21
CA SER B 201 9.47 -14.20 -0.07
C SER B 201 10.44 -14.69 -1.15
N PRO B 202 10.95 -13.75 -1.96
CA PRO B 202 11.83 -14.03 -3.11
C PRO B 202 13.25 -14.49 -2.76
N VAL B 203 13.78 -14.06 -1.64
CA VAL B 203 15.18 -14.32 -1.33
C VAL B 203 15.30 -14.99 0.02
N ILE B 204 15.85 -16.19 0.03
CA ILE B 204 15.86 -17.01 1.23
C ILE B 204 17.26 -17.31 1.73
N LEU B 205 17.48 -17.08 3.01
CA LEU B 205 18.73 -17.45 3.65
C LEU B 205 18.48 -18.75 4.39
N LEU B 206 19.34 -19.74 4.18
CA LEU B 206 19.17 -21.01 4.85
C LEU B 206 20.36 -21.25 5.75
N TYR B 207 20.12 -21.86 6.90
CA TYR B 207 21.22 -22.23 7.77
C TYR B 207 21.04 -23.60 8.42
N CYS B 208 22.01 -24.48 8.18
CA CYS B 208 21.97 -25.84 8.71
C CYS B 208 23.26 -26.64 8.46
N THR B 209 23.25 -27.88 8.94
CA THR B 209 24.32 -28.85 8.70
C THR B 209 24.31 -29.25 7.23
N LYS B 210 25.44 -29.75 6.73
CA LYS B 210 25.55 -30.12 5.33
C LYS B 210 24.47 -31.13 4.97
N GLU B 211 24.28 -32.12 5.82
CA GLU B 211 23.30 -33.17 5.55
C GLU B 211 21.86 -32.64 5.50
N GLU B 212 21.51 -31.82 6.48
CA GLU B 212 20.18 -31.21 6.60
C GLU B 212 19.71 -30.43 5.38
N ALA B 213 20.64 -29.71 4.76
CA ALA B 213 20.35 -28.93 3.57
C ALA B 213 19.76 -29.79 2.48
N THR B 214 20.23 -31.02 2.37
CA THR B 214 19.69 -31.94 1.38
C THR B 214 18.20 -32.19 1.60
N TYR B 215 17.83 -32.51 2.84
CA TYR B 215 16.46 -32.86 3.16
C TYR B 215 15.55 -31.64 2.97
N ILE B 216 16.01 -30.51 3.49
CA ILE B 216 15.27 -29.27 3.35
C ILE B 216 15.07 -28.93 1.87
N PHE B 217 16.08 -29.20 1.06
CA PHE B 217 15.97 -28.94 -0.37
C PHE B 217 15.07 -29.90 -1.15
N GLU B 218 15.09 -31.19 -0.82
CA GLU B 218 14.16 -32.13 -1.43
C GLU B 218 12.73 -31.68 -1.13
N VAL B 219 12.52 -31.31 0.13
CA VAL B 219 11.23 -30.82 0.58
C VAL B 219 10.83 -29.52 -0.12
N ALA B 220 11.80 -28.64 -0.36
CA ALA B 220 11.55 -27.39 -1.07
C ALA B 220 11.18 -27.69 -2.51
N HIS B 221 11.81 -28.71 -3.08
CA HIS B 221 11.54 -29.16 -4.45
C HIS B 221 10.11 -29.67 -4.55
N SER B 222 9.64 -30.34 -3.50
CA SER B 222 8.24 -30.74 -3.41
C SER B 222 7.32 -29.53 -3.27
N VAL B 223 7.74 -28.58 -2.44
CA VAL B 223 6.96 -27.37 -2.14
C VAL B 223 6.92 -26.43 -3.33
N GLY B 224 7.94 -26.49 -4.18
CA GLY B 224 8.02 -25.60 -5.33
C GLY B 224 8.79 -24.32 -5.06
N LEU B 225 9.57 -24.33 -3.98
CA LEU B 225 10.32 -23.15 -3.56
C LEU B 225 11.63 -22.89 -4.32
N THR B 226 12.14 -23.89 -5.03
CA THR B 226 13.43 -23.73 -5.71
C THR B 226 13.36 -22.98 -7.05
N GLY B 227 12.16 -22.89 -7.62
CA GLY B 227 11.97 -22.36 -8.95
C GLY B 227 12.02 -20.84 -9.17
N TYR B 228 12.06 -20.45 -10.44
CA TYR B 228 11.34 -19.28 -10.97
C TYR B 228 11.27 -18.00 -10.12
N GLY B 229 12.38 -17.28 -9.97
CA GLY B 229 12.30 -16.01 -9.26
C GLY B 229 12.66 -15.99 -7.79
N PHE B 230 12.42 -17.09 -7.10
CA PHE B 230 12.96 -17.25 -5.76
C PHE B 230 14.40 -17.69 -5.88
N THR B 231 15.23 -17.23 -4.96
CA THR B 231 16.64 -17.58 -4.96
C THR B 231 17.09 -17.82 -3.54
N TRP B 232 18.08 -18.69 -3.40
CA TRP B 232 18.52 -19.14 -2.09
C TRP B 232 19.96 -18.75 -1.88
N ILE B 233 20.29 -18.43 -0.63
CA ILE B 233 21.62 -17.99 -0.30
C ILE B 233 22.03 -18.75 0.95
N VAL B 234 23.30 -19.15 0.98
CA VAL B 234 23.78 -20.16 1.90
C VAL B 234 25.11 -19.77 2.55
N PRO B 235 25.33 -20.19 3.81
CA PRO B 235 26.62 -20.02 4.48
C PRO B 235 27.65 -21.10 4.13
N SER B 236 28.79 -21.06 4.81
CA SER B 236 29.91 -21.92 4.47
C SER B 236 29.54 -23.39 4.59
N LEU B 237 28.77 -23.71 5.63
CA LEU B 237 28.61 -25.10 6.05
C LEU B 237 28.03 -26.02 5.01
N VAL B 238 27.00 -25.54 4.31
CA VAL B 238 26.31 -26.35 3.34
C VAL B 238 27.21 -26.69 2.17
N ALA B 239 27.99 -25.72 1.73
CA ALA B 239 28.85 -25.92 0.57
C ALA B 239 30.07 -26.75 0.98
N GLY B 240 30.53 -26.53 2.21
CA GLY B 240 31.61 -27.30 2.79
C GLY B 240 32.88 -27.26 1.96
N ASP B 241 33.33 -28.45 1.57
CA ASP B 241 34.48 -28.62 0.69
C ASP B 241 34.18 -28.03 -0.69
N THR B 242 32.96 -28.28 -1.16
CA THR B 242 32.45 -27.94 -2.51
C THR B 242 32.89 -28.98 -3.55
N ASP B 243 33.70 -29.94 -3.13
CA ASP B 243 34.12 -31.02 -4.01
C ASP B 243 32.95 -31.94 -4.40
N THR B 244 32.06 -32.21 -3.45
CA THR B 244 30.93 -33.11 -3.69
C THR B 244 29.58 -32.42 -3.50
N VAL B 245 28.74 -32.45 -4.52
CA VAL B 245 27.50 -31.69 -4.55
C VAL B 245 26.28 -32.51 -4.99
N PRO B 246 25.53 -33.09 -4.03
CA PRO B 246 24.27 -33.71 -4.43
C PRO B 246 23.39 -32.71 -5.18
N ASP B 247 22.79 -33.13 -6.28
CA ASP B 247 22.08 -32.18 -7.14
C ASP B 247 20.68 -31.95 -6.58
N GLU B 248 20.43 -32.54 -5.42
CA GLU B 248 19.25 -32.22 -4.63
C GLU B 248 19.23 -30.71 -4.37
N PHE B 249 20.41 -30.13 -4.22
CA PHE B 249 20.56 -28.68 -4.13
C PHE B 249 20.05 -28.09 -5.43
N PRO B 250 19.27 -27.00 -5.35
CA PRO B 250 18.81 -26.40 -6.60
C PRO B 250 19.93 -25.65 -7.31
N THR B 251 19.82 -25.47 -8.62
CA THR B 251 20.79 -24.67 -9.36
C THR B 251 20.49 -23.20 -9.09
N GLY B 252 21.50 -22.35 -9.22
CA GLY B 252 21.34 -20.94 -8.94
C GLY B 252 21.48 -20.67 -7.45
N LEU B 253 21.81 -21.71 -6.69
CA LEU B 253 22.05 -21.58 -5.27
C LEU B 253 23.32 -20.76 -5.03
N ILE B 254 23.22 -19.76 -4.15
CA ILE B 254 24.31 -18.82 -3.96
C ILE B 254 24.95 -18.99 -2.59
N SER B 255 26.26 -19.19 -2.53
CA SER B 255 26.90 -19.33 -1.23
C SER B 255 28.37 -18.93 -1.20
N VAL B 256 28.85 -18.58 -0.01
CA VAL B 256 30.23 -18.15 0.19
C VAL B 256 31.13 -19.28 0.68
N SER B 257 32.39 -19.30 0.23
CA SER B 257 33.33 -20.26 0.81
C SER B 257 34.79 -19.82 0.62
N TYR B 258 35.69 -20.42 1.38
CA TYR B 258 37.12 -20.17 1.23
C TYR B 258 37.68 -20.78 -0.06
N ASP B 259 38.58 -20.09 -0.75
CA ASP B 259 39.07 -20.61 -2.03
C ASP B 259 40.29 -21.54 -1.95
N GLU B 260 40.19 -22.68 -2.62
CA GLU B 260 41.31 -23.61 -2.74
C GLU B 260 42.41 -23.08 -3.68
N TRP B 261 41.97 -22.44 -4.76
CA TRP B 261 42.87 -21.92 -5.80
C TRP B 261 43.87 -20.86 -5.33
N ASP B 262 43.43 -19.95 -4.47
CA ASP B 262 44.25 -18.81 -4.10
C ASP B 262 45.51 -19.28 -3.43
N TYR B 263 45.28 -20.12 -2.45
CA TYR B 263 46.30 -20.78 -1.66
C TYR B 263 45.92 -22.25 -1.47
N ASP B 264 46.87 -23.14 -1.73
CA ASP B 264 46.65 -24.56 -1.59
C ASP B 264 46.74 -24.92 -0.11
N LEU B 265 46.26 -26.11 0.22
CA LEU B 265 46.23 -26.61 1.59
C LEU B 265 47.58 -26.59 2.32
N PRO B 266 48.68 -26.97 1.65
CA PRO B 266 49.95 -26.87 2.38
C PRO B 266 50.30 -25.43 2.75
N ALA B 267 49.98 -24.46 1.89
CA ALA B 267 50.22 -23.06 2.23
C ALA B 267 49.43 -22.70 3.50
N ARG B 268 48.18 -23.13 3.55
CA ARG B 268 47.33 -22.91 4.71
C ARG B 268 47.92 -23.54 5.99
N VAL B 269 48.43 -24.76 5.85
CA VAL B 269 49.07 -25.44 6.98
C VAL B 269 50.28 -24.65 7.44
N ARG B 270 51.00 -24.08 6.48
CA ARG B 270 52.15 -23.24 6.77
C ARG B 270 51.67 -22.06 7.59
N ASP B 271 50.50 -21.53 7.24
CA ASP B 271 49.93 -20.43 8.00
C ASP B 271 49.69 -20.87 9.44
N GLY B 272 49.15 -22.07 9.62
CA GLY B 272 48.86 -22.55 10.97
C GLY B 272 50.10 -22.71 11.82
N ILE B 273 51.12 -23.34 11.23
CA ILE B 273 52.39 -23.54 11.92
C ILE B 273 52.99 -22.21 12.30
N ALA B 274 52.92 -21.26 11.36
CA ALA B 274 53.43 -19.93 11.57
C ALA B 274 52.71 -19.24 12.72
N ILE B 275 51.41 -19.48 12.83
CA ILE B 275 50.65 -18.86 13.92
C ILE B 275 51.09 -19.42 15.25
N ILE B 276 51.24 -20.74 15.31
CA ILE B 276 51.61 -21.40 16.56
C ILE B 276 53.00 -20.94 17.03
N THR B 277 53.95 -20.88 16.10
CA THR B 277 55.32 -20.54 16.45
C THR B 277 55.49 -19.03 16.67
N THR B 278 54.63 -18.23 16.05
CA THR B 278 54.66 -16.79 16.28
C THR B 278 54.09 -16.48 17.66
N ALA B 279 53.03 -17.19 18.03
CA ALA B 279 52.45 -17.05 19.36
C ALA B 279 53.49 -17.46 20.38
N ALA B 280 54.21 -18.54 20.08
CA ALA B 280 55.29 -19.00 20.94
C ALA B 280 56.40 -17.95 21.07
N SER B 281 56.74 -17.29 19.96
CA SER B 281 57.80 -16.28 19.96
C SER B 281 57.40 -15.02 20.73
N THR B 282 56.16 -14.58 20.55
CA THR B 282 55.64 -13.42 21.27
C THR B 282 55.52 -13.69 22.77
N MET B 283 55.02 -14.88 23.11
CA MET B 283 54.89 -15.27 24.51
C MET B 283 56.28 -15.36 25.13
N LEU B 284 57.23 -15.85 24.33
CA LEU B 284 58.62 -15.88 24.74
C LEU B 284 59.09 -14.47 25.04
N SER B 285 58.96 -13.58 24.06
CA SER B 285 59.38 -12.19 24.20
C SER B 285 58.82 -11.55 25.47
N GLU B 286 57.55 -11.83 25.76
CA GLU B 286 56.93 -11.30 26.97
C GLU B 286 57.50 -11.90 28.25
N HIS B 287 57.43 -13.22 28.40
CA HIS B 287 57.93 -13.87 29.62
C HIS B 287 59.25 -14.66 29.55
N ASN B 288 59.89 -14.72 28.38
CA ASN B 288 61.11 -15.51 28.21
C ASN B 288 60.93 -16.95 28.69
N SER B 289 59.73 -17.48 28.48
CA SER B 289 59.35 -18.78 29.05
C SER B 289 58.97 -19.78 27.97
N ILE B 290 59.47 -21.00 28.11
CA ILE B 290 59.11 -22.09 27.20
C ILE B 290 57.63 -22.45 27.35
N PRO B 291 56.90 -22.44 26.22
CA PRO B 291 55.50 -22.85 26.12
C PRO B 291 55.31 -24.36 26.27
N GLN B 292 56.38 -25.12 26.11
CA GLN B 292 56.30 -26.57 26.05
C GLN B 292 55.68 -27.16 27.31
N SER B 293 54.78 -28.11 27.11
CA SER B 293 54.03 -28.70 28.22
C SER B 293 53.80 -30.19 27.98
N LYS B 294 53.57 -30.94 29.06
CA LYS B 294 53.32 -32.37 28.95
C LYS B 294 51.99 -32.59 28.24
N SER B 295 51.99 -33.47 27.25
CA SER B 295 50.82 -33.59 26.39
C SER B 295 49.81 -34.64 26.83
N SER B 296 50.14 -35.49 27.80
CA SER B 296 49.35 -36.71 27.98
C SER B 296 47.98 -36.42 28.60
N CYS B 297 46.94 -36.76 27.85
CA CYS B 297 45.55 -36.54 28.24
C CYS B 297 45.08 -37.40 29.40
N ASN B 298 45.44 -38.69 29.38
CA ASN B 298 44.95 -39.66 30.35
C ASN B 298 45.13 -39.24 31.80
N ASN B 299 46.32 -38.73 32.13
CA ASN B 299 46.55 -38.21 33.48
C ASN B 299 46.01 -36.80 33.61
N ILE B 300 46.12 -36.21 34.79
CA ILE B 300 45.68 -34.84 35.03
C ILE B 300 46.51 -33.91 34.14
N GLN B 301 45.94 -32.77 33.75
CA GLN B 301 46.64 -31.81 32.92
C GLN B 301 47.89 -31.34 33.64
N GLU B 302 48.99 -31.21 32.91
CA GLU B 302 50.29 -30.90 33.50
C GLU B 302 50.25 -29.56 34.24
N SER B 303 51.04 -29.45 35.29
CA SER B 303 51.08 -28.20 36.03
C SER B 303 51.66 -27.07 35.17
N ARG B 304 51.19 -25.87 35.46
CA ARG B 304 51.60 -24.60 34.83
C ARG B 304 50.99 -24.53 33.44
N VAL B 305 50.33 -25.59 33.01
CA VAL B 305 49.49 -25.55 31.82
C VAL B 305 48.29 -24.65 32.14
N TYR B 306 47.86 -24.63 33.40
CA TYR B 306 46.77 -23.74 33.82
C TYR B 306 47.13 -22.29 33.50
N GLU B 307 48.44 -22.03 33.55
CA GLU B 307 49.05 -20.73 33.21
C GLU B 307 48.83 -20.37 31.74
N ALA B 308 48.55 -21.37 30.93
CA ALA B 308 48.45 -21.27 29.46
C ALA B 308 47.46 -20.24 28.95
N HIS B 309 46.53 -19.78 29.78
CA HIS B 309 45.46 -18.90 29.32
C HIS B 309 46.02 -17.72 28.54
N MET B 310 47.11 -17.13 29.02
CA MET B 310 47.68 -15.93 28.43
C MET B 310 48.06 -16.22 26.97
N LEU B 311 48.45 -17.46 26.69
CA LEU B 311 48.81 -17.86 25.33
C LEU B 311 47.65 -17.54 24.40
N LYS B 312 46.44 -17.94 24.79
CA LYS B 312 45.26 -17.70 23.99
C LYS B 312 45.16 -16.20 23.77
N ARG B 313 45.39 -15.46 24.85
CA ARG B 313 45.32 -14.02 24.86
C ARG B 313 46.33 -13.45 23.88
N TYR B 314 47.53 -14.04 23.85
CA TYR B 314 48.52 -13.68 22.85
C TYR B 314 48.16 -14.17 21.46
N LEU B 315 47.56 -15.35 21.39
CA LEU B 315 47.42 -16.02 20.10
C LEU B 315 46.30 -15.44 19.25
N ILE B 316 45.43 -14.62 19.84
CA ILE B 316 44.22 -14.24 19.12
C ILE B 316 44.51 -13.48 17.82
N ASN B 317 45.38 -12.48 17.89
CA ASN B 317 45.85 -11.85 16.68
C ASN B 317 47.33 -12.17 16.35
N VAL B 318 47.60 -12.78 15.19
CA VAL B 318 48.99 -13.09 14.83
C VAL B 318 49.36 -12.70 13.39
N THR B 319 50.51 -12.08 13.14
CA THR B 319 50.80 -11.69 11.76
C THR B 319 52.17 -12.15 11.25
N PHE B 320 52.17 -12.70 10.04
CA PHE B 320 53.38 -13.10 9.30
C PHE B 320 53.19 -12.98 7.78
N GLU B 321 54.27 -12.75 7.03
CA GLU B 321 54.19 -12.70 5.56
C GLU B 321 53.33 -11.55 5.05
N GLY B 322 53.24 -10.50 5.84
CA GLY B 322 52.39 -9.36 5.56
C GLY B 322 50.93 -9.75 5.59
N ARG B 323 50.63 -10.82 6.29
CA ARG B 323 49.26 -11.30 6.34
C ARG B 323 48.79 -11.42 7.78
N ASP B 324 47.56 -10.96 8.02
CA ASP B 324 46.97 -10.96 9.35
C ASP B 324 46.20 -12.27 9.58
N LEU B 325 46.48 -12.95 10.68
CA LEU B 325 45.70 -14.12 11.10
C LEU B 325 44.67 -13.82 12.19
N SER B 326 44.47 -12.54 12.50
CA SER B 326 43.76 -12.13 13.71
C SER B 326 42.42 -12.85 13.88
N PHE B 327 42.22 -13.40 15.08
CA PHE B 327 41.03 -14.16 15.45
C PHE B 327 39.95 -13.29 16.06
N SER B 328 38.82 -13.92 16.37
CA SER B 328 37.76 -13.26 17.10
C SER B 328 37.52 -14.10 18.35
N GLU B 329 36.82 -13.52 19.32
CA GLU B 329 36.69 -14.15 20.64
C GLU B 329 36.19 -15.59 20.53
N ASP B 330 35.38 -15.82 19.50
CA ASP B 330 34.87 -17.15 19.23
C ASP B 330 35.92 -18.11 18.72
N GLY B 331 37.01 -17.60 18.13
CA GLY B 331 38.04 -18.46 17.57
C GLY B 331 38.04 -18.60 16.06
N TYR B 332 37.07 -17.98 15.39
CA TYR B 332 37.16 -17.83 13.94
C TYR B 332 38.15 -16.70 13.63
N GLN B 333 38.82 -16.76 12.49
CA GLN B 333 39.72 -15.68 12.09
C GLN B 333 38.91 -14.45 11.73
N MET B 334 39.42 -13.28 12.09
CA MET B 334 38.64 -12.04 12.02
C MET B 334 38.18 -11.73 10.60
N HIS B 335 39.10 -11.76 9.65
CA HIS B 335 38.72 -11.53 8.25
C HIS B 335 39.54 -12.30 7.21
N PRO B 336 39.38 -13.64 7.17
CA PRO B 336 40.03 -14.37 6.07
C PRO B 336 39.43 -13.94 4.73
N LYS B 337 40.21 -14.06 3.66
CA LYS B 337 39.71 -13.69 2.34
C LYS B 337 38.60 -14.68 2.02
N LEU B 338 37.58 -14.24 1.29
CA LEU B 338 36.44 -15.13 1.05
C LEU B 338 35.98 -14.99 -0.38
N VAL B 339 35.38 -16.06 -0.91
CA VAL B 339 34.91 -16.01 -2.28
C VAL B 339 33.41 -16.28 -2.37
N ILE B 340 32.75 -15.43 -3.15
CA ILE B 340 31.35 -15.60 -3.51
C ILE B 340 31.25 -16.62 -4.62
N ILE B 341 30.46 -17.65 -4.37
CA ILE B 341 30.39 -18.78 -5.27
C ILE B 341 28.93 -19.07 -5.58
N LEU B 342 28.71 -19.63 -6.75
CA LEU B 342 27.37 -19.97 -7.21
C LEU B 342 27.45 -21.37 -7.77
N LEU B 343 26.31 -22.04 -7.91
CA LEU B 343 26.32 -23.32 -8.57
C LEU B 343 26.05 -23.05 -10.03
N ASN B 344 27.09 -23.20 -10.85
CA ASN B 344 26.92 -23.02 -12.27
C ASN B 344 26.06 -24.16 -12.74
N GLN B 345 25.46 -24.02 -13.92
CA GLN B 345 24.58 -25.06 -14.42
C GLN B 345 25.38 -26.35 -14.48
N GLU B 346 24.68 -27.47 -14.37
CA GLU B 346 25.22 -28.77 -14.00
C GLU B 346 25.82 -28.74 -12.59
N ARG B 347 26.94 -29.43 -12.39
CA ARG B 347 27.50 -29.62 -11.04
C ARG B 347 28.58 -28.62 -10.65
N LYS B 348 28.83 -27.65 -11.50
CA LYS B 348 29.95 -26.74 -11.30
C LYS B 348 29.75 -25.82 -10.10
N TRP B 349 30.80 -25.66 -9.30
CA TRP B 349 30.83 -24.54 -8.37
C TRP B 349 31.74 -23.54 -9.04
N GLU B 350 31.16 -22.46 -9.53
CA GLU B 350 31.96 -21.47 -10.21
C GLU B 350 31.82 -20.18 -9.45
N ARG B 351 32.96 -19.55 -9.25
CA ARG B 351 33.12 -18.33 -8.48
C ARG B 351 32.34 -17.25 -9.20
N VAL B 352 31.76 -16.35 -8.41
CA VAL B 352 31.10 -15.15 -8.89
C VAL B 352 31.80 -13.93 -8.29
N GLY B 353 31.97 -13.86 -6.95
CA GLY B 353 32.58 -12.70 -6.25
C GLY B 353 33.88 -12.85 -5.40
N LYS B 354 34.64 -11.77 -5.17
CA LYS B 354 35.73 -11.83 -4.15
C LYS B 354 35.34 -10.86 -3.04
N TYR B 355 35.63 -11.19 -1.78
CA TYR B 355 35.29 -10.29 -0.66
C TYR B 355 36.38 -10.35 0.42
N LYS B 356 36.82 -9.18 0.89
CA LYS B 356 37.90 -9.11 1.85
C LYS B 356 37.76 -7.93 2.82
N ASP B 357 38.15 -8.16 4.07
CA ASP B 357 38.12 -7.13 5.10
C ASP B 357 36.74 -6.46 5.19
N ARG B 358 36.74 -5.15 4.99
CA ARG B 358 35.52 -4.36 5.00
C ARG B 358 34.71 -4.50 3.72
N SER B 359 35.39 -4.66 2.59
CA SER B 359 34.75 -4.45 1.29
C SER B 359 34.60 -5.70 0.44
N LEU B 360 33.60 -5.66 -0.44
CA LEU B 360 33.23 -6.76 -1.31
C LEU B 360 33.20 -6.28 -2.76
N LYS B 361 33.59 -7.18 -3.66
CA LYS B 361 33.54 -6.95 -5.09
C LYS B 361 32.95 -8.15 -5.82
N MET B 362 32.03 -7.88 -6.73
CA MET B 362 31.37 -8.95 -7.47
C MET B 362 31.41 -8.63 -8.96
N TRP B 363 31.51 -9.68 -9.76
CA TRP B 363 31.68 -9.57 -11.21
C TRP B 363 30.45 -9.31 -12.09
N PRO B 364 29.38 -10.13 -11.98
CA PRO B 364 28.34 -9.97 -13.00
C PRO B 364 27.57 -8.67 -12.85
N VAL B 365 27.22 -8.07 -13.98
CA VAL B 365 26.54 -6.78 -14.00
C VAL B 365 25.07 -6.92 -13.66
N PHE B 366 24.35 -7.67 -14.49
CA PHE B 366 22.90 -7.68 -14.47
C PHE B 366 22.24 -9.01 -14.70
N ASP B 367 21.00 -9.09 -14.24
CA ASP B 367 20.16 -10.25 -14.49
C ASP B 367 20.93 -11.50 -14.20
N LEU B 368 21.50 -11.55 -13.01
CA LEU B 368 22.32 -12.68 -12.62
C LEU B 368 21.52 -13.96 -12.63
N TYR B 369 22.06 -14.96 -13.31
CA TYR B 369 21.47 -16.28 -13.36
C TYR B 369 20.07 -16.26 -13.95
N SER B 372 18.61 -19.46 -17.90
CA SER B 372 17.87 -20.70 -17.82
C SER B 372 16.53 -20.52 -17.11
N GLU B 373 15.67 -19.67 -17.66
CA GLU B 373 14.32 -19.50 -17.15
C GLU B 373 13.31 -19.95 -18.20
N GLU B 374 12.42 -20.85 -17.82
CA GLU B 374 11.48 -21.47 -18.76
C GLU B 374 10.57 -20.46 -19.44
N HIS B 375 10.08 -19.50 -18.67
CA HIS B 375 9.21 -18.47 -19.23
C HIS B 375 9.94 -17.59 -20.24
N LYS B 376 11.18 -17.22 -19.92
CA LYS B 376 11.91 -16.26 -20.75
C LYS B 376 13.43 -16.33 -20.57
N ASP B 377 14.17 -15.76 -21.53
CA ASP B 377 15.62 -15.71 -21.40
C ASP B 377 16.31 -14.38 -21.77
N GLU B 378 17.62 -14.47 -21.59
CA GLU B 378 18.70 -13.48 -21.49
C GLU B 378 18.64 -12.29 -20.50
N HIS B 379 19.67 -11.43 -20.63
CA HIS B 379 19.91 -10.21 -19.85
C HIS B 379 19.99 -8.90 -20.64
N LEU B 380 19.53 -7.78 -20.04
CA LEU B 380 19.54 -6.47 -20.72
C LEU B 380 20.32 -5.31 -20.06
N SER B 381 21.41 -4.86 -20.68
CA SER B 381 22.10 -3.67 -20.20
C SER B 381 21.46 -2.43 -20.84
N ILE B 382 21.33 -1.38 -20.04
CA ILE B 382 20.62 -0.14 -20.34
C ILE B 382 21.55 1.06 -20.19
N VAL B 383 21.43 2.04 -21.06
CA VAL B 383 22.23 3.27 -20.96
C VAL B 383 21.33 4.48 -20.77
N THR B 384 21.80 5.47 -20.01
CA THR B 384 21.01 6.68 -19.83
C THR B 384 21.91 7.92 -19.80
N LEU B 385 21.28 9.08 -19.57
CA LEU B 385 21.99 10.33 -19.44
C LEU B 385 21.32 11.17 -18.36
N GLU B 386 22.06 12.07 -17.74
CA GLU B 386 21.52 12.84 -16.62
C GLU B 386 20.78 14.10 -17.07
N GLU B 387 19.52 14.21 -16.66
CA GLU B 387 18.78 15.48 -16.80
C GLU B 387 17.77 15.66 -15.68
N ALA B 388 17.64 16.89 -15.20
CA ALA B 388 16.77 17.20 -14.08
C ALA B 388 15.40 17.60 -14.57
N PRO B 389 14.33 17.19 -13.87
CA PRO B 389 14.23 16.29 -12.71
C PRO B 389 14.40 14.81 -13.06
N PHE B 390 14.18 14.45 -14.32
CA PHE B 390 13.91 13.06 -14.72
C PHE B 390 15.02 12.06 -14.40
N VAL B 391 16.24 12.31 -14.87
CA VAL B 391 17.34 11.41 -14.53
C VAL B 391 18.42 12.20 -13.82
N ILE B 392 18.58 11.96 -12.53
CA ILE B 392 19.53 12.74 -11.75
C ILE B 392 20.68 11.87 -11.30
N VAL B 393 21.89 12.29 -11.64
CA VAL B 393 23.09 11.65 -11.13
C VAL B 393 23.50 12.34 -9.84
N GLU B 394 23.78 11.52 -8.83
CA GLU B 394 24.25 12.00 -7.55
C GLU B 394 25.51 11.24 -7.18
N ASP B 395 26.36 11.88 -6.39
CA ASP B 395 27.56 11.24 -5.89
C ASP B 395 27.23 10.56 -4.57
N VAL B 396 27.48 9.25 -4.54
CA VAL B 396 27.16 8.44 -3.38
C VAL B 396 28.04 8.82 -2.19
N ASP B 397 27.52 8.61 -0.98
CA ASP B 397 28.29 8.85 0.22
C ASP B 397 29.48 7.91 0.25
N PRO B 398 30.70 8.48 0.31
CA PRO B 398 31.93 7.69 0.28
C PRO B 398 32.04 6.76 1.49
N LEU B 399 31.58 7.22 2.64
CA LEU B 399 31.59 6.41 3.86
C LEU B 399 30.72 5.17 3.71
N SER B 400 29.56 5.33 3.08
CA SER B 400 28.65 4.21 2.81
C SER B 400 29.25 3.24 1.80
N GLY B 401 29.91 3.77 0.78
CA GLY B 401 30.56 2.97 -0.23
C GLY B 401 29.65 2.42 -1.32
N THR B 402 28.34 2.55 -1.13
CA THR B 402 27.37 2.07 -2.12
C THR B 402 26.06 2.86 -2.05
N CYS B 403 25.25 2.76 -3.10
CA CYS B 403 24.09 3.63 -3.28
C CYS B 403 23.03 3.45 -2.21
N MET B 404 22.26 4.51 -1.96
CA MET B 404 21.27 4.53 -0.90
C MET B 404 19.85 4.73 -1.44
N ARG B 405 18.89 4.05 -0.80
CA ARG B 405 17.47 4.24 -1.07
C ARG B 405 17.08 3.99 -2.53
N ASN B 406 16.38 4.95 -3.11
CA ASN B 406 15.82 4.82 -4.46
C ASN B 406 16.90 4.80 -5.53
N THR B 407 18.07 5.33 -5.19
CA THR B 407 19.17 5.42 -6.13
C THR B 407 19.64 4.04 -6.58
N VAL B 408 19.83 3.91 -7.88
CA VAL B 408 20.25 2.67 -8.52
C VAL B 408 21.59 2.98 -9.20
N PRO B 409 22.54 2.03 -9.13
CA PRO B 409 23.87 2.29 -9.68
C PRO B 409 23.94 2.45 -11.19
N CYS B 410 24.78 3.38 -11.64
CA CYS B 410 25.08 3.53 -13.05
C CYS B 410 26.56 3.91 -13.23
N ARG B 411 27.24 3.25 -14.16
CA ARG B 411 28.66 3.48 -14.35
C ARG B 411 28.96 4.28 -15.61
N LYS B 412 29.96 5.15 -15.53
CA LYS B 412 30.38 5.94 -16.68
C LYS B 412 31.86 5.75 -16.95
N GLN B 413 32.18 5.23 -18.14
CA GLN B 413 33.58 5.05 -18.54
C GLN B 413 34.20 6.40 -18.84
N ILE B 414 35.38 6.64 -18.27
CA ILE B 414 36.06 7.92 -18.44
C ILE B 414 37.55 7.74 -18.75
N ILE B 427 34.45 4.80 -12.58
CA ILE B 427 33.80 5.62 -11.57
C ILE B 427 32.30 5.31 -11.49
N LYS B 428 31.84 4.98 -10.29
CA LYS B 428 30.43 4.66 -10.06
C LYS B 428 29.60 5.88 -9.66
N ARG B 429 28.55 6.16 -10.44
CA ARG B 429 27.66 7.27 -10.17
C ARG B 429 26.27 6.75 -9.79
N CYS B 430 25.54 7.47 -8.95
CA CYS B 430 24.24 6.96 -8.51
C CYS B 430 23.05 7.67 -9.14
N CYS B 431 22.34 6.95 -9.99
CA CYS B 431 21.23 7.53 -10.72
C CYS B 431 19.90 7.32 -10.00
N LYS B 432 19.08 8.36 -9.95
CA LYS B 432 17.75 8.24 -9.39
C LYS B 432 16.90 9.31 -10.02
N GLY B 433 15.58 9.11 -10.08
CA GLY B 433 14.74 10.09 -10.72
C GLY B 433 13.58 9.43 -11.43
N PHE B 434 12.98 10.17 -12.36
CA PHE B 434 11.81 9.72 -13.09
C PHE B 434 12.09 8.46 -13.91
N CYS B 435 13.15 8.49 -14.73
CA CYS B 435 13.48 7.31 -15.51
C CYS B 435 13.82 6.14 -14.61
N ILE B 436 14.51 6.41 -13.51
CA ILE B 436 14.88 5.34 -12.59
C ILE B 436 13.64 4.69 -12.00
N ASP B 437 12.68 5.50 -11.57
CA ASP B 437 11.46 4.98 -10.96
C ASP B 437 10.54 4.25 -11.94
N ILE B 438 10.35 4.84 -13.13
CA ILE B 438 9.52 4.22 -14.15
C ILE B 438 10.12 2.88 -14.57
N LEU B 439 11.44 2.89 -14.75
CA LEU B 439 12.18 1.70 -15.10
C LEU B 439 12.04 0.66 -14.00
N LYS B 440 12.12 1.11 -12.74
CA LYS B 440 12.05 0.21 -11.59
C LYS B 440 10.70 -0.50 -11.49
N LYS B 441 9.63 0.26 -11.71
CA LYS B 441 8.29 -0.32 -11.68
C LYS B 441 8.13 -1.30 -12.82
N ILE B 442 8.61 -0.91 -14.00
CA ILE B 442 8.53 -1.76 -15.19
C ILE B 442 9.27 -3.09 -14.98
N ALA B 443 10.47 -3.00 -14.41
CA ALA B 443 11.28 -4.17 -14.10
C ALA B 443 10.55 -5.04 -13.09
N LYS B 444 9.89 -4.42 -12.12
CA LYS B 444 9.13 -5.18 -11.13
C LYS B 444 7.97 -5.94 -11.78
N THR B 445 7.27 -5.29 -12.70
CA THR B 445 6.10 -5.89 -13.36
C THR B 445 6.41 -6.98 -14.37
N VAL B 446 7.37 -6.74 -15.25
CA VAL B 446 7.72 -7.71 -16.29
C VAL B 446 8.67 -8.77 -15.74
N LYS B 447 9.23 -8.46 -14.58
CA LYS B 447 10.10 -9.36 -13.83
C LYS B 447 11.34 -9.76 -14.62
N PHE B 448 12.24 -8.80 -14.85
CA PHE B 448 13.55 -9.09 -15.41
C PHE B 448 14.54 -8.21 -14.68
N THR B 449 15.82 -8.56 -14.77
CA THR B 449 16.88 -7.77 -14.14
C THR B 449 17.76 -7.12 -15.22
N TYR B 450 18.40 -6.00 -14.90
CA TYR B 450 19.05 -5.16 -15.90
C TYR B 450 20.28 -4.41 -15.38
N ASP B 451 21.21 -4.06 -16.27
CA ASP B 451 22.42 -3.31 -15.86
C ASP B 451 22.37 -1.90 -16.36
N LEU B 452 22.64 -0.94 -15.50
CA LEU B 452 22.51 0.43 -15.95
C LEU B 452 23.85 1.16 -15.98
N TYR B 453 24.12 1.85 -17.08
CA TYR B 453 25.32 2.67 -17.19
C TYR B 453 25.02 4.00 -17.85
N LEU B 454 26.03 4.86 -17.90
CA LEU B 454 25.90 6.18 -18.50
C LEU B 454 26.60 6.26 -19.84
N VAL B 455 26.02 7.04 -20.75
CA VAL B 455 26.57 7.22 -22.07
C VAL B 455 27.78 8.16 -22.02
N THR B 456 28.70 8.00 -22.96
CA THR B 456 29.88 8.86 -23.03
C THR B 456 29.80 9.77 -24.25
N ASN B 457 29.79 9.18 -25.44
CA ASN B 457 29.81 9.98 -26.65
C ASN B 457 28.42 10.50 -27.00
N GLY B 458 28.29 11.82 -27.03
CA GLY B 458 27.11 12.50 -27.53
C GLY B 458 25.80 12.43 -26.78
N LYS B 459 25.77 11.93 -25.54
CA LYS B 459 24.55 11.96 -24.73
C LYS B 459 23.34 11.36 -25.43
N HIS B 460 22.32 12.20 -25.65
CA HIS B 460 21.17 11.82 -26.46
C HIS B 460 21.69 11.79 -27.89
N GLY B 461 21.16 10.91 -28.71
CA GLY B 461 21.73 10.66 -30.02
C GLY B 461 21.89 11.82 -30.97
N LYS B 462 23.07 11.91 -31.60
CA LYS B 462 23.34 13.02 -32.49
C LYS B 462 23.98 12.55 -33.79
N LYS B 463 23.49 13.14 -34.87
CA LYS B 463 23.96 12.87 -36.22
C LYS B 463 24.93 13.89 -36.80
N ILE B 464 26.16 13.46 -37.09
CA ILE B 464 27.10 14.33 -37.80
C ILE B 464 27.33 13.61 -39.13
N ASN B 465 26.95 14.27 -40.22
CA ASN B 465 27.04 13.65 -41.54
C ASN B 465 26.27 12.33 -41.62
N GLY B 466 26.98 11.25 -41.93
CA GLY B 466 26.40 9.93 -42.07
C GLY B 466 26.07 9.11 -40.83
N VAL B 467 26.70 9.40 -39.70
CA VAL B 467 26.65 8.47 -38.56
C VAL B 467 25.91 9.00 -37.34
N TRP B 468 25.21 8.09 -36.66
CA TRP B 468 24.53 8.36 -35.39
C TRP B 468 25.49 8.40 -34.20
N ASN B 469 25.04 9.03 -33.12
CA ASN B 469 25.80 9.10 -31.87
C ASN B 469 24.89 8.91 -30.68
N GLY B 470 25.48 8.82 -29.48
CA GLY B 470 24.72 8.76 -28.26
C GLY B 470 24.23 7.39 -27.83
N MET B 471 23.23 7.38 -26.96
CA MET B 471 22.66 6.14 -26.45
C MET B 471 22.15 5.28 -27.60
N ILE B 472 21.69 5.95 -28.65
CA ILE B 472 21.19 5.28 -29.84
C ILE B 472 22.29 4.46 -30.49
N GLY B 473 23.52 4.96 -30.40
CA GLY B 473 24.68 4.24 -30.89
C GLY B 473 24.86 2.93 -30.16
N GLU B 474 24.70 2.98 -28.84
CA GLU B 474 24.85 1.80 -28.00
C GLU B 474 23.66 0.87 -28.18
N VAL B 475 22.56 1.41 -28.68
CA VAL B 475 21.39 0.61 -29.02
C VAL B 475 21.60 -0.09 -30.36
N VAL B 476 22.32 0.59 -31.26
CA VAL B 476 22.62 0.05 -32.59
C VAL B 476 23.79 -0.93 -32.53
N THR B 477 24.79 -0.58 -31.72
CA THR B 477 25.96 -1.43 -31.53
C THR B 477 25.63 -2.67 -30.69
N LYS B 478 24.40 -2.70 -30.18
CA LYS B 478 23.93 -3.76 -29.29
C LYS B 478 24.72 -3.77 -28.00
N ARG B 479 25.30 -2.63 -27.65
CA ARG B 479 25.94 -2.46 -26.35
C ARG B 479 24.87 -2.05 -25.36
N ALA B 480 23.72 -1.66 -25.91
CA ALA B 480 22.51 -1.43 -25.13
C ALA B 480 21.28 -2.02 -25.83
N TYR B 481 20.44 -2.71 -25.06
CA TYR B 481 19.16 -3.23 -25.56
C TYR B 481 18.09 -2.13 -25.62
N MET B 482 17.93 -1.44 -24.50
CA MET B 482 16.97 -0.35 -24.39
C MET B 482 17.60 0.91 -23.82
N ALA B 483 17.29 2.06 -24.40
CA ALA B 483 17.82 3.32 -23.89
C ALA B 483 16.73 4.14 -23.20
N VAL B 484 17.02 4.59 -21.99
CA VAL B 484 16.03 5.31 -21.18
C VAL B 484 16.52 6.72 -20.83
N GLY B 485 15.57 7.63 -20.65
CA GLY B 485 15.90 9.01 -20.32
C GLY B 485 14.81 10.02 -20.63
N SER B 486 15.24 11.26 -20.84
CA SER B 486 14.34 12.35 -21.21
C SER B 486 14.22 12.42 -22.73
N LEU B 487 14.76 11.40 -23.40
CA LEU B 487 14.82 11.34 -24.85
C LEU B 487 13.48 11.59 -25.51
N THR B 488 13.46 12.52 -26.46
CA THR B 488 12.26 12.84 -27.20
C THR B 488 12.05 11.85 -28.33
N ILE B 489 10.93 11.93 -29.02
CA ILE B 489 10.63 11.02 -30.11
C ILE B 489 10.61 11.73 -31.45
N ASN B 490 11.08 11.04 -32.48
CA ASN B 490 11.07 11.57 -33.84
C ASN B 490 11.00 10.44 -34.87
N GLU B 491 10.65 10.80 -36.10
CA GLU B 491 10.41 9.83 -37.16
C GLU B 491 11.64 8.96 -37.47
N GLU B 492 12.82 9.58 -37.48
CA GLU B 492 14.07 8.88 -37.77
C GLU B 492 14.39 7.77 -36.76
N ARG B 493 14.25 8.11 -35.48
CA ARG B 493 14.58 7.17 -34.42
C ARG B 493 13.53 6.09 -34.33
N SER B 494 12.28 6.45 -34.59
CA SER B 494 11.20 5.46 -34.65
C SER B 494 11.45 4.51 -35.82
N GLU B 495 12.04 5.04 -36.88
CA GLU B 495 12.42 4.24 -38.04
C GLU B 495 13.51 3.23 -37.68
N VAL B 496 14.55 3.69 -36.97
CA VAL B 496 15.67 2.79 -36.67
C VAL B 496 15.38 1.86 -35.49
N VAL B 497 14.65 2.34 -34.49
CA VAL B 497 14.36 1.55 -33.29
C VAL B 497 12.92 1.72 -32.83
N ASP B 498 12.32 0.62 -32.38
CA ASP B 498 10.96 0.68 -31.84
C ASP B 498 10.92 1.47 -30.54
N PHE B 499 9.91 2.31 -30.39
CA PHE B 499 9.79 3.16 -29.20
C PHE B 499 8.59 2.78 -28.34
N SER B 500 8.75 2.94 -27.03
CA SER B 500 7.65 2.76 -26.08
C SER B 500 6.65 3.91 -26.23
N VAL B 501 5.41 3.67 -25.81
CA VAL B 501 4.38 4.70 -25.86
C VAL B 501 4.73 5.83 -24.89
N PRO B 502 4.33 7.07 -25.22
CA PRO B 502 4.75 8.21 -24.39
C PRO B 502 4.08 8.22 -23.03
N PHE B 503 4.88 8.34 -21.98
CA PHE B 503 4.35 8.37 -20.62
C PHE B 503 3.95 9.77 -20.16
N ILE B 504 4.50 10.79 -20.80
CA ILE B 504 4.29 12.16 -20.34
C ILE B 504 4.02 13.12 -21.50
N GLU B 505 3.22 14.13 -21.24
CA GLU B 505 2.96 15.15 -22.25
C GLU B 505 4.08 16.16 -22.25
N THR B 506 4.76 16.30 -23.39
CA THR B 506 5.91 17.18 -23.49
C THR B 506 6.12 17.64 -24.93
N GLY B 507 7.27 18.24 -25.20
CA GLY B 507 7.57 18.73 -26.54
C GLY B 507 8.44 19.96 -26.52
N ILE B 508 8.54 20.62 -27.66
CA ILE B 508 9.27 21.89 -27.75
C ILE B 508 8.42 22.94 -27.05
N SER B 509 9.07 23.91 -26.42
CA SER B 509 8.35 24.98 -25.76
C SER B 509 9.27 26.15 -25.43
N VAL B 510 8.67 27.22 -24.93
CA VAL B 510 9.41 28.44 -24.63
C VAL B 510 9.29 28.82 -23.16
N MET B 511 10.34 29.43 -22.64
CA MET B 511 10.40 29.88 -21.27
C MET B 511 10.95 31.30 -21.25
N VAL B 512 10.17 32.23 -20.71
CA VAL B 512 10.52 33.66 -20.73
C VAL B 512 10.03 34.41 -19.50
N SER B 513 10.67 35.54 -19.22
CA SER B 513 10.26 36.48 -18.17
C SER B 513 9.14 37.42 -18.64
N ARG B 514 8.43 38.02 -17.70
CA ARG B 514 7.23 38.79 -18.03
C ARG B 514 6.80 39.67 -16.85
N ALA B 523 -6.71 50.48 -19.70
CA ALA B 523 -7.47 49.53 -18.90
C ALA B 523 -7.98 50.17 -17.63
N PHE B 524 -7.37 51.29 -17.25
CA PHE B 524 -7.87 52.16 -16.17
C PHE B 524 -9.12 52.94 -16.58
N LEU B 525 -9.14 53.38 -17.83
CA LEU B 525 -10.29 54.05 -18.42
C LEU B 525 -11.48 53.11 -18.64
N GLU B 526 -11.16 51.88 -19.03
CA GLU B 526 -12.15 50.83 -19.31
C GLU B 526 -13.15 50.42 -18.21
N PRO B 527 -12.78 50.51 -16.91
CA PRO B 527 -13.71 50.19 -15.83
C PRO B 527 -14.96 51.02 -15.88
N PHE B 528 -14.90 52.12 -16.63
CA PHE B 528 -16.08 52.90 -16.92
C PHE B 528 -17.10 51.95 -17.54
N SER B 529 -16.59 51.03 -18.35
CA SER B 529 -17.39 50.09 -19.13
C SER B 529 -18.27 50.84 -20.10
N ALA B 530 -17.75 51.97 -20.59
CA ALA B 530 -18.46 52.81 -21.54
C ALA B 530 -19.68 53.43 -20.84
N ASP B 531 -19.80 53.14 -19.55
CA ASP B 531 -20.91 53.62 -18.75
C ASP B 531 -20.60 54.98 -18.15
N VAL B 532 -19.37 55.23 -17.72
CA VAL B 532 -19.04 56.51 -17.08
C VAL B 532 -19.33 57.68 -18.01
N TRP B 533 -18.93 57.55 -19.27
CA TRP B 533 -19.17 58.57 -20.29
C TRP B 533 -20.66 58.75 -20.55
N VAL B 534 -21.36 57.63 -20.71
CA VAL B 534 -22.79 57.64 -21.04
C VAL B 534 -23.51 58.31 -19.89
N MET B 535 -23.03 57.98 -18.69
CA MET B 535 -23.49 58.53 -17.45
C MET B 535 -23.25 60.00 -17.51
N MET B 536 -22.11 60.41 -18.05
CA MET B 536 -21.74 61.82 -18.10
C MET B 536 -22.74 62.58 -18.95
N PHE B 537 -23.15 61.98 -20.07
CA PHE B 537 -24.17 62.59 -20.94
C PHE B 537 -25.52 62.70 -20.22
N VAL B 538 -25.91 61.60 -19.58
CA VAL B 538 -27.21 61.53 -18.89
C VAL B 538 -27.18 62.58 -17.81
N MET B 539 -26.02 62.64 -17.19
CA MET B 539 -25.71 63.55 -16.12
C MET B 539 -25.87 64.95 -16.65
N LEU B 540 -25.41 65.17 -17.87
CA LEU B 540 -25.45 66.48 -18.49
C LEU B 540 -26.91 66.89 -18.58
N LEU B 541 -27.74 65.95 -19.01
CA LEU B 541 -29.15 66.24 -19.20
C LEU B 541 -29.78 66.61 -17.86
N ILE B 542 -29.49 65.82 -16.83
CA ILE B 542 -30.10 66.02 -15.52
C ILE B 542 -29.66 67.37 -14.95
N VAL B 543 -28.36 67.66 -15.04
CA VAL B 543 -27.80 68.89 -14.51
C VAL B 543 -28.45 70.06 -15.21
N SER B 544 -28.53 69.97 -16.54
CA SER B 544 -29.00 71.09 -17.34
C SER B 544 -30.43 71.40 -16.94
N ALA B 545 -31.26 70.35 -16.88
CA ALA B 545 -32.67 70.54 -16.59
C ALA B 545 -32.84 71.13 -15.20
N VAL B 546 -32.10 70.57 -14.24
CA VAL B 546 -32.22 70.96 -12.85
C VAL B 546 -31.82 72.41 -12.67
N ALA B 547 -30.71 72.79 -13.28
CA ALA B 547 -30.18 74.14 -13.18
C ALA B 547 -31.16 75.12 -13.79
N VAL B 548 -31.69 74.77 -14.96
CA VAL B 548 -32.59 75.67 -15.67
C VAL B 548 -33.83 75.92 -14.83
N PHE B 549 -34.36 74.85 -14.24
CA PHE B 549 -35.55 74.96 -13.40
C PHE B 549 -35.34 75.70 -12.08
N VAL B 550 -34.26 75.38 -11.38
CA VAL B 550 -34.17 75.56 -9.93
C VAL B 550 -34.24 77.00 -9.40
N PHE B 551 -33.56 77.93 -10.07
CA PHE B 551 -33.28 79.25 -9.52
C PHE B 551 -34.49 79.98 -8.92
N GLU B 552 -35.66 79.70 -9.49
CA GLU B 552 -36.93 80.25 -9.02
C GLU B 552 -37.06 80.38 -7.50
N ILE B 566 -26.80 78.59 -17.45
CA ILE B 566 -26.90 77.14 -17.27
C ILE B 566 -25.53 76.48 -17.37
N GLY B 567 -24.78 76.83 -18.41
CA GLY B 567 -23.45 76.28 -18.62
C GLY B 567 -22.46 76.51 -17.49
N LYS B 568 -22.50 77.70 -16.89
CA LYS B 568 -21.65 77.98 -15.73
C LYS B 568 -22.02 77.11 -14.53
N ALA B 569 -23.32 77.12 -14.20
CA ALA B 569 -23.84 76.34 -13.09
C ALA B 569 -23.52 74.86 -13.24
N ILE B 570 -23.66 74.37 -14.47
CA ILE B 570 -23.37 72.98 -14.79
C ILE B 570 -21.87 72.73 -14.88
N TRP B 571 -21.09 73.78 -15.09
CA TRP B 571 -19.64 73.67 -14.97
C TRP B 571 -19.30 73.40 -13.52
N LEU B 572 -19.97 74.12 -12.62
CA LEU B 572 -19.81 73.91 -11.19
C LEU B 572 -20.25 72.51 -10.78
N LEU B 573 -21.40 72.08 -11.29
CA LEU B 573 -21.90 70.75 -10.99
C LEU B 573 -20.99 69.65 -11.53
N TRP B 574 -20.46 69.86 -12.72
CA TRP B 574 -19.54 68.90 -13.34
C TRP B 574 -18.23 68.82 -12.56
N GLY B 575 -17.76 69.96 -12.07
CA GLY B 575 -16.58 69.99 -11.24
C GLY B 575 -16.86 69.20 -9.97
N LEU B 576 -17.99 69.52 -9.34
CA LEU B 576 -18.41 68.81 -8.13
C LEU B 576 -18.49 67.32 -8.37
N VAL B 577 -18.82 66.94 -9.61
CA VAL B 577 -18.86 65.53 -9.98
C VAL B 577 -17.50 64.87 -9.86
N PHE B 578 -16.47 65.47 -10.45
CA PHE B 578 -15.13 64.89 -10.33
C PHE B 578 -14.30 65.55 -9.23
N ASN B 579 -14.23 64.89 -8.08
CA ASN B 579 -13.31 65.23 -7.00
C ASN B 579 -13.30 66.71 -6.63
N ASN B 580 -14.46 67.35 -6.73
CA ASN B 580 -14.58 68.78 -6.47
C ASN B 580 -13.59 69.56 -7.35
N SER B 581 -12.75 70.36 -6.70
CA SER B 581 -11.68 71.13 -7.33
C SER B 581 -12.19 72.13 -8.36
N LEU B 582 -13.38 72.67 -8.13
CA LEU B 582 -13.96 73.77 -8.89
C LEU B 582 -14.30 75.00 -8.04
N PRO B 583 -13.75 76.16 -8.38
CA PRO B 583 -13.93 77.36 -7.53
C PRO B 583 -15.35 77.95 -7.36
N VAL B 584 -16.17 78.01 -8.39
CA VAL B 584 -17.25 79.01 -8.41
C VAL B 584 -18.71 78.74 -8.00
N GLN B 585 -19.16 79.59 -7.08
CA GLN B 585 -20.54 80.09 -7.04
C GLN B 585 -21.67 79.08 -7.05
N ASN B 586 -21.76 78.25 -6.01
CA ASN B 586 -22.88 77.34 -5.88
C ASN B 586 -24.17 78.15 -5.93
N PRO B 587 -25.11 77.74 -6.80
CA PRO B 587 -26.28 78.60 -7.04
C PRO B 587 -27.11 78.79 -5.78
N LYS B 588 -27.61 80.01 -5.60
CA LYS B 588 -28.36 80.39 -4.42
C LYS B 588 -29.65 79.63 -4.25
N GLY B 589 -30.31 79.32 -5.37
CA GLY B 589 -31.68 78.83 -5.34
C GLY B 589 -31.77 77.63 -4.42
N THR B 590 -32.81 77.62 -3.59
CA THR B 590 -32.89 76.69 -2.47
C THR B 590 -32.90 75.25 -2.94
N THR B 591 -33.69 74.99 -3.98
CA THR B 591 -33.86 73.66 -4.56
C THR B 591 -32.52 73.14 -5.04
N SER B 592 -31.71 74.04 -5.56
CA SER B 592 -30.36 73.74 -6.02
C SER B 592 -29.53 73.12 -4.91
N LYS B 593 -29.81 73.49 -3.66
CA LYS B 593 -29.07 72.90 -2.55
C LYS B 593 -29.38 71.40 -2.45
N ILE B 594 -30.65 71.04 -2.51
CA ILE B 594 -31.04 69.62 -2.45
C ILE B 594 -30.57 68.84 -3.67
N MET B 595 -30.78 69.40 -4.86
CA MET B 595 -30.33 68.76 -6.08
C MET B 595 -28.81 68.57 -6.07
N VAL B 596 -28.13 69.56 -5.51
CA VAL B 596 -26.68 69.50 -5.35
C VAL B 596 -26.30 68.38 -4.41
N SER B 597 -27.07 68.22 -3.33
CA SER B 597 -26.78 67.15 -2.37
C SER B 597 -26.93 65.76 -2.99
N VAL B 598 -28.07 65.51 -3.63
CA VAL B 598 -28.28 64.22 -4.29
C VAL B 598 -27.23 63.94 -5.37
N TRP B 599 -26.96 64.95 -6.19
CA TRP B 599 -25.96 64.79 -7.24
C TRP B 599 -24.59 64.54 -6.67
N ALA B 600 -24.30 65.18 -5.53
CA ALA B 600 -23.02 65.03 -4.87
C ALA B 600 -22.86 63.60 -4.40
N PHE B 601 -23.93 63.03 -3.85
CA PHE B 601 -23.90 61.62 -3.47
C PHE B 601 -23.60 60.74 -4.68
N PHE B 602 -24.26 61.04 -5.81
CA PHE B 602 -23.98 60.30 -7.04
C PHE B 602 -22.51 60.41 -7.45
N ALA B 603 -21.95 61.60 -7.26
CA ALA B 603 -20.58 61.90 -7.62
C ALA B 603 -19.56 61.17 -6.76
N VAL B 604 -19.78 61.16 -5.44
CA VAL B 604 -18.91 60.43 -4.53
C VAL B 604 -18.99 58.93 -4.86
N ILE B 605 -20.17 58.48 -5.24
CA ILE B 605 -20.31 57.09 -5.70
C ILE B 605 -19.43 56.89 -6.94
N PHE B 606 -19.42 57.87 -7.83
CA PHE B 606 -18.60 57.79 -9.04
C PHE B 606 -17.09 57.73 -8.74
N LEU B 607 -16.62 58.57 -7.82
CA LEU B 607 -15.21 58.57 -7.44
C LEU B 607 -14.83 57.23 -6.81
N ALA B 608 -15.64 56.76 -5.86
CA ALA B 608 -15.34 55.53 -5.14
C ALA B 608 -15.30 54.37 -6.13
N SER B 609 -16.28 54.34 -7.02
CA SER B 609 -16.40 53.25 -7.99
C SER B 609 -15.21 53.28 -8.93
N TYR B 610 -14.85 54.46 -9.43
CA TYR B 610 -13.75 54.57 -10.39
C TYR B 610 -12.45 54.12 -9.76
N THR B 611 -12.18 54.59 -8.54
CA THR B 611 -10.91 54.27 -7.88
C THR B 611 -10.84 52.78 -7.58
N ALA B 612 -11.96 52.24 -7.10
CA ALA B 612 -12.06 50.85 -6.73
C ALA B 612 -11.90 49.94 -7.94
N ASN B 613 -12.55 50.30 -9.03
CA ASN B 613 -12.47 49.55 -10.27
C ASN B 613 -11.05 49.58 -10.80
N LEU B 614 -10.39 50.73 -10.65
CA LEU B 614 -9.00 50.85 -11.11
C LEU B 614 -8.12 49.89 -10.31
N ALA B 615 -8.30 49.88 -8.99
CA ALA B 615 -7.53 48.97 -8.14
C ALA B 615 -7.83 47.50 -8.42
N ALA B 616 -9.10 47.23 -8.71
CA ALA B 616 -9.55 45.88 -9.03
C ALA B 616 -8.95 45.38 -10.33
N PHE B 617 -8.88 46.25 -11.34
CA PHE B 617 -8.20 45.88 -12.57
C PHE B 617 -6.70 45.72 -12.31
N MET B 618 -6.18 46.49 -11.35
CA MET B 618 -4.80 46.29 -10.91
C MET B 618 -4.57 44.96 -10.20
N ILE B 619 -5.65 44.36 -9.69
CA ILE B 619 -5.56 43.03 -9.10
C ILE B 619 -6.15 41.95 -9.99
N GLN B 620 -6.70 42.37 -11.13
CA GLN B 620 -7.17 41.43 -12.13
C GLN B 620 -6.68 41.85 -13.51
N SER B 631 3.31 31.46 -34.00
CA SER B 631 3.73 31.40 -35.39
C SER B 631 3.91 32.79 -35.98
N ASP B 632 3.96 33.79 -35.10
CA ASP B 632 3.81 35.20 -35.45
C ASP B 632 4.83 35.74 -36.45
N LYS B 633 5.88 34.96 -36.69
CA LYS B 633 6.99 35.26 -37.61
C LYS B 633 8.00 36.19 -36.93
N LYS B 634 7.72 36.56 -35.69
CA LYS B 634 8.68 37.27 -34.87
C LYS B 634 9.89 36.37 -34.63
N PHE B 635 9.60 35.09 -34.45
CA PHE B 635 10.63 34.05 -34.45
C PHE B 635 11.30 33.90 -35.81
N GLN B 636 10.51 33.99 -36.88
CA GLN B 636 11.04 33.73 -38.23
C GLN B 636 12.15 34.70 -38.61
N ARG B 637 11.95 35.99 -38.33
CA ARG B 637 13.03 36.95 -38.46
C ARG B 637 13.14 37.88 -37.27
N PRO B 638 14.36 38.00 -36.72
CA PRO B 638 14.76 39.01 -35.74
C PRO B 638 14.89 40.39 -36.39
N ASN B 639 15.36 40.38 -37.63
CA ASN B 639 15.69 41.60 -38.37
C ASN B 639 14.48 42.48 -38.67
N ASP B 640 13.29 41.88 -38.72
CA ASP B 640 12.07 42.65 -38.91
C ASP B 640 11.88 43.64 -37.77
N PHE B 641 12.21 43.20 -36.55
CA PHE B 641 12.22 44.08 -35.39
C PHE B 641 13.57 44.79 -35.27
N SER B 642 13.55 46.11 -35.21
CA SER B 642 14.78 46.91 -35.24
C SER B 642 15.77 46.60 -34.11
N PRO B 643 15.28 46.51 -32.86
CA PRO B 643 16.26 46.00 -31.88
C PRO B 643 16.48 44.50 -32.13
N ALA B 644 17.67 44.01 -31.83
CA ALA B 644 17.95 42.61 -32.08
C ALA B 644 17.21 41.76 -31.07
N PHE B 645 16.53 40.72 -31.54
CA PHE B 645 15.84 39.85 -30.61
C PHE B 645 16.76 38.67 -30.34
N ARG B 646 16.41 37.84 -29.36
CA ARG B 646 17.28 36.73 -29.01
C ARG B 646 16.52 35.50 -28.53
N PHE B 647 16.85 34.35 -29.12
CA PHE B 647 16.35 33.07 -28.62
C PHE B 647 17.32 31.97 -29.01
N GLY B 648 17.44 30.96 -28.15
CA GLY B 648 18.39 29.89 -28.37
C GLY B 648 17.97 28.57 -27.76
N THR B 649 18.62 27.50 -28.19
CA THR B 649 18.36 26.17 -27.66
C THR B 649 19.66 25.35 -27.58
N VAL B 650 19.60 24.25 -26.85
CA VAL B 650 20.75 23.36 -26.71
C VAL B 650 21.00 22.61 -28.02
N PRO B 651 22.25 22.60 -28.48
CA PRO B 651 22.63 21.90 -29.72
C PRO B 651 22.67 20.38 -29.56
N ASN B 652 22.70 19.68 -30.70
CA ASN B 652 22.68 18.22 -30.75
C ASN B 652 21.39 17.65 -30.18
N GLY B 653 20.36 18.49 -30.14
CA GLY B 653 19.08 18.10 -29.60
C GLY B 653 18.13 17.68 -30.70
N SER B 654 17.08 16.95 -30.32
CA SER B 654 16.03 16.60 -31.26
C SER B 654 15.33 17.88 -31.72
N THR B 655 15.29 18.86 -30.82
CA THR B 655 14.74 20.17 -31.12
C THR B 655 15.52 20.89 -32.21
N GLU B 656 16.84 20.92 -32.09
CA GLU B 656 17.68 21.59 -33.06
C GLU B 656 17.62 20.92 -34.43
N ARG B 657 17.64 19.58 -34.43
CA ARG B 657 17.53 18.81 -35.67
C ARG B 657 16.20 19.03 -36.36
N ASN B 658 15.12 19.01 -35.58
CA ASN B 658 13.78 19.30 -36.09
C ASN B 658 13.74 20.70 -36.70
N ILE B 659 14.28 21.66 -35.96
CA ILE B 659 14.38 23.04 -36.42
C ILE B 659 15.08 23.11 -37.78
N ARG B 660 16.26 22.53 -37.87
CA ARG B 660 17.02 22.53 -39.13
C ARG B 660 16.21 21.87 -40.26
N ASN B 661 15.46 20.83 -39.93
CA ASN B 661 14.65 20.16 -40.94
C ASN B 661 13.55 21.06 -41.47
N ASN B 662 12.69 21.56 -40.58
CA ASN B 662 11.63 22.47 -41.01
C ASN B 662 12.05 23.93 -41.25
N TYR B 663 12.68 24.56 -40.27
CA TYR B 663 12.98 26.00 -40.36
C TYR B 663 14.49 26.28 -40.37
N LEU B 664 15.03 26.61 -41.54
CA LEU B 664 16.48 26.81 -41.69
C LEU B 664 16.99 28.10 -41.07
N GLU B 665 16.37 29.22 -41.47
CA GLU B 665 16.78 30.56 -41.03
C GLU B 665 16.88 30.66 -39.51
N MET B 666 15.92 30.03 -38.83
CA MET B 666 15.90 30.03 -37.38
C MET B 666 17.14 29.32 -36.82
N HIS B 667 17.51 28.20 -37.43
CA HIS B 667 18.69 27.44 -37.01
C HIS B 667 19.97 28.25 -37.25
N SER B 668 20.12 28.72 -38.47
CA SER B 668 21.30 29.48 -38.89
C SER B 668 21.47 30.75 -38.08
N TYR B 669 20.36 31.32 -37.62
CA TYR B 669 20.42 32.49 -36.78
C TYR B 669 20.71 32.13 -35.32
N MET B 670 20.07 31.06 -34.85
CA MET B 670 20.13 30.67 -33.43
C MET B 670 21.44 29.98 -33.03
N VAL B 671 22.25 29.57 -34.00
CA VAL B 671 23.54 28.93 -33.69
C VAL B 671 24.40 29.82 -32.79
N LYS B 672 24.27 31.14 -32.95
CA LYS B 672 24.98 32.10 -32.12
C LYS B 672 24.45 32.11 -30.68
N PHE B 673 23.16 31.82 -30.53
CA PHE B 673 22.51 31.89 -29.22
C PHE B 673 22.46 30.53 -28.52
N ASN B 674 23.04 29.51 -29.15
CA ASN B 674 23.14 28.19 -28.55
C ASN B 674 23.93 28.21 -27.24
N GLN B 675 23.50 27.40 -26.28
CA GLN B 675 24.12 27.40 -24.95
C GLN B 675 24.64 26.03 -24.54
N ARG B 676 25.68 26.05 -23.69
CA ARG B 676 26.38 24.84 -23.27
C ARG B 676 25.48 23.83 -22.55
N SER B 677 24.76 24.30 -21.54
CA SER B 677 23.96 23.41 -20.71
C SER B 677 22.72 24.13 -20.20
N VAL B 678 21.73 23.35 -19.77
CA VAL B 678 20.44 23.88 -19.35
C VAL B 678 20.59 24.84 -18.16
N GLN B 679 21.51 24.54 -17.26
CA GLN B 679 21.83 25.46 -16.17
C GLN B 679 22.45 26.74 -16.70
N ASP B 680 23.34 26.60 -17.69
CA ASP B 680 23.98 27.74 -18.33
C ASP B 680 23.04 28.49 -19.28
N ALA B 681 22.25 27.76 -20.06
CA ALA B 681 21.17 28.37 -20.84
C ALA B 681 20.30 29.23 -19.92
N LEU B 682 20.04 28.66 -18.75
CA LEU B 682 19.28 29.35 -17.71
C LEU B 682 20.07 30.57 -17.25
N LEU B 683 21.39 30.47 -17.22
CA LEU B 683 22.22 31.61 -16.86
C LEU B 683 22.05 32.74 -17.88
N SER B 684 21.91 32.38 -19.15
CA SER B 684 21.71 33.37 -20.20
C SER B 684 20.34 34.03 -20.07
N LEU B 685 19.33 33.26 -19.67
CA LEU B 685 18.01 33.87 -19.46
C LEU B 685 17.95 34.73 -18.18
N LYS B 686 18.39 34.15 -17.08
CA LYS B 686 18.23 34.68 -15.73
C LYS B 686 18.95 35.99 -15.42
N SER B 687 20.20 36.09 -15.84
CA SER B 687 21.02 37.24 -15.50
C SER B 687 20.88 38.34 -16.54
N GLY B 688 20.02 38.11 -17.53
CA GLY B 688 19.88 39.01 -18.65
C GLY B 688 20.84 38.56 -19.73
N LYS B 689 20.92 39.36 -20.80
CA LYS B 689 21.76 39.10 -21.98
C LYS B 689 21.11 38.07 -22.91
N LEU B 690 19.95 37.56 -22.50
CA LEU B 690 19.11 36.76 -23.39
C LEU B 690 17.65 36.95 -23.00
N ASP B 691 16.78 37.05 -24.01
CA ASP B 691 15.37 37.27 -23.78
C ASP B 691 14.61 35.96 -23.54
N ALA B 692 14.56 35.12 -24.57
CA ALA B 692 13.75 33.91 -24.52
C ALA B 692 14.61 32.65 -24.56
N PHE B 693 14.13 31.58 -23.93
CA PHE B 693 14.81 30.30 -24.04
C PHE B 693 13.86 29.23 -24.56
N ILE B 694 14.36 28.29 -25.36
CA ILE B 694 13.50 27.24 -25.91
C ILE B 694 14.06 25.87 -25.59
N TYR B 695 13.20 24.97 -25.12
CA TYR B 695 13.64 23.64 -24.70
C TYR B 695 12.47 22.67 -24.57
N ASP B 696 12.76 21.47 -24.06
CA ASP B 696 11.73 20.46 -23.89
C ASP B 696 10.66 20.97 -22.93
N ALA B 697 9.41 20.60 -23.18
CA ALA B 697 8.26 21.19 -22.50
C ALA B 697 8.13 20.71 -21.06
N ALA B 698 8.43 19.43 -20.83
CA ALA B 698 8.36 18.87 -19.48
C ALA B 698 9.39 19.53 -18.58
N VAL B 699 10.61 19.68 -19.10
CA VAL B 699 11.69 20.31 -18.36
C VAL B 699 11.39 21.78 -18.11
N LEU B 700 10.82 22.45 -19.11
CA LEU B 700 10.49 23.86 -19.00
C LEU B 700 9.32 24.11 -18.05
N ASN B 701 8.42 23.14 -17.97
CA ASN B 701 7.28 23.22 -17.05
C ASN B 701 7.69 22.95 -15.60
N TYR B 702 8.54 21.94 -15.42
CA TYR B 702 9.08 21.63 -14.10
C TYR B 702 9.94 22.79 -13.61
N MET B 703 10.71 23.36 -14.51
CA MET B 703 11.52 24.54 -14.21
C MET B 703 10.63 25.77 -14.00
N ALA B 704 9.46 25.76 -14.61
CA ALA B 704 8.49 26.82 -14.40
C ALA B 704 8.03 26.74 -12.96
N GLY B 705 7.67 25.54 -12.53
CA GLY B 705 7.29 25.29 -11.16
C GLY B 705 8.43 25.49 -10.16
N ARG B 706 9.63 25.10 -10.54
CA ARG B 706 10.78 25.24 -9.64
C ARG B 706 11.75 26.33 -10.09
N ASP B 707 11.76 27.44 -9.37
CA ASP B 707 12.70 28.53 -9.62
C ASP B 707 12.98 29.27 -8.31
N GLU B 708 14.18 29.82 -8.16
CA GLU B 708 14.60 30.48 -6.92
C GLU B 708 13.70 31.66 -6.59
N GLY B 709 13.13 32.21 -7.65
CA GLY B 709 12.10 33.23 -7.57
C GLY B 709 11.25 32.88 -8.77
N CYS B 710 10.00 33.32 -8.77
CA CYS B 710 9.05 32.95 -9.83
C CYS B 710 9.29 33.83 -11.04
N LYS B 711 10.57 34.12 -11.26
CA LYS B 711 11.02 34.99 -12.33
C LYS B 711 10.82 34.37 -13.72
N LEU B 712 10.53 33.07 -13.80
CA LEU B 712 10.40 32.41 -15.10
C LEU B 712 9.04 31.71 -15.29
N VAL B 713 8.50 31.79 -16.50
CA VAL B 713 7.20 31.20 -16.83
C VAL B 713 7.16 30.58 -18.24
N THR B 714 6.12 29.79 -18.52
CA THR B 714 5.97 29.17 -19.83
C THR B 714 5.30 30.11 -20.84
N ILE B 715 5.16 29.66 -22.09
CA ILE B 715 4.54 30.48 -23.13
C ILE B 715 3.06 30.14 -23.31
N GLY B 716 2.20 31.15 -23.30
CA GLY B 716 0.77 30.93 -23.35
C GLY B 716 0.29 29.98 -22.26
N SER B 717 -0.44 28.94 -22.66
CA SER B 717 -0.88 27.90 -21.73
C SER B 717 0.21 26.83 -21.63
N GLY B 718 1.36 27.11 -22.22
CA GLY B 718 2.41 26.13 -22.34
C GLY B 718 1.99 25.04 -23.30
N LYS B 719 0.98 25.34 -24.10
CA LYS B 719 0.52 24.38 -25.10
C LYS B 719 1.56 24.35 -26.19
N VAL B 720 2.15 23.17 -26.38
CA VAL B 720 3.34 23.03 -27.19
C VAL B 720 3.04 22.54 -28.59
N PHE B 721 3.75 23.08 -29.58
CA PHE B 721 3.69 22.50 -30.90
C PHE B 721 4.59 21.28 -30.87
N ALA B 722 4.61 20.52 -31.97
CA ALA B 722 5.37 19.27 -32.01
C ALA B 722 5.04 18.42 -30.80
N THR B 723 3.74 18.25 -30.55
CA THR B 723 3.28 17.53 -29.36
C THR B 723 3.87 16.13 -29.34
N THR B 724 4.64 15.84 -28.30
CA THR B 724 5.32 14.56 -28.19
C THR B 724 5.38 14.08 -26.76
N GLY B 725 6.01 12.92 -26.56
CA GLY B 725 6.19 12.37 -25.23
C GLY B 725 7.50 11.62 -25.17
N TYR B 726 7.96 11.33 -23.96
CA TYR B 726 9.21 10.59 -23.80
C TYR B 726 8.98 9.11 -24.08
N GLY B 727 9.76 8.57 -25.01
CA GLY B 727 9.70 7.16 -25.32
C GLY B 727 10.90 6.39 -24.79
N ILE B 728 11.02 5.13 -25.19
CA ILE B 728 12.13 4.29 -24.77
C ILE B 728 12.60 3.42 -25.94
N ALA B 729 13.91 3.34 -26.13
CA ALA B 729 14.47 2.59 -27.25
C ALA B 729 14.34 1.08 -27.07
N ILE B 730 14.34 0.37 -28.19
CA ILE B 730 14.34 -1.09 -28.25
C ILE B 730 15.17 -1.33 -29.51
N GLN B 731 15.46 -2.58 -29.88
CA GLN B 731 16.35 -2.81 -31.02
C GLN B 731 15.61 -2.64 -32.35
N LYS B 732 14.65 -3.53 -32.59
CA LYS B 732 13.93 -3.59 -33.85
C LYS B 732 12.69 -4.43 -33.61
N ASP B 733 12.03 -4.84 -34.70
CA ASP B 733 10.78 -5.59 -34.63
C ASP B 733 10.84 -6.77 -33.65
N SER B 734 12.04 -7.31 -33.45
CA SER B 734 12.23 -8.34 -32.43
C SER B 734 12.63 -7.70 -31.11
N GLY B 735 11.75 -7.84 -30.13
CA GLY B 735 12.00 -7.31 -28.80
C GLY B 735 10.87 -7.74 -27.91
N TRP B 736 11.03 -7.58 -26.60
CA TRP B 736 9.95 -7.84 -25.67
C TRP B 736 8.75 -6.98 -26.09
N LYS B 737 9.05 -5.77 -26.56
CA LYS B 737 8.10 -4.98 -27.33
C LYS B 737 6.79 -4.73 -26.59
N ARG B 738 5.71 -5.28 -27.12
CA ARG B 738 4.36 -5.04 -26.61
C ARG B 738 4.25 -5.26 -25.09
N GLN B 739 4.97 -6.25 -24.57
CA GLN B 739 4.97 -6.55 -23.14
C GLN B 739 5.32 -5.31 -22.32
N VAL B 740 6.32 -4.56 -22.79
CA VAL B 740 6.69 -3.29 -22.19
C VAL B 740 5.52 -2.32 -22.21
N ASP B 741 4.90 -2.17 -23.38
CA ASP B 741 3.88 -1.16 -23.56
C ASP B 741 2.76 -1.35 -22.56
N LEU B 742 2.27 -2.58 -22.46
CA LEU B 742 1.23 -2.89 -21.49
C LEU B 742 1.68 -2.41 -20.12
N ALA B 743 2.87 -2.82 -19.70
CA ALA B 743 3.35 -2.45 -18.38
C ALA B 743 3.20 -0.95 -18.16
N ILE B 744 3.59 -0.16 -19.16
CA ILE B 744 3.56 1.28 -19.02
C ILE B 744 2.20 1.86 -18.66
N LEU B 745 1.17 1.49 -19.39
CA LEU B 745 -0.12 2.13 -19.12
C LEU B 745 -0.80 1.47 -17.92
N GLN B 746 -0.20 0.41 -17.40
CA GLN B 746 -0.70 -0.18 -16.17
C GLN B 746 -0.27 0.76 -15.06
N LEU B 747 0.85 1.45 -15.30
CA LEU B 747 1.43 2.34 -14.31
C LEU B 747 0.48 3.49 -14.08
N PHE B 748 -0.07 4.03 -15.17
CA PHE B 748 -1.10 5.06 -15.07
C PHE B 748 -2.42 4.41 -14.71
N GLY B 749 -2.56 3.13 -15.05
CA GLY B 749 -3.80 2.41 -14.86
C GLY B 749 -4.15 2.30 -13.38
N ASP B 750 -3.13 2.27 -12.54
CA ASP B 750 -3.33 2.24 -11.09
C ASP B 750 -3.20 3.64 -10.49
N GLY B 751 -2.86 4.61 -11.32
CA GLY B 751 -2.79 6.00 -10.90
C GLY B 751 -1.49 6.40 -10.22
N GLU B 752 -0.46 5.57 -10.37
CA GLU B 752 0.83 5.85 -9.75
C GLU B 752 1.49 7.11 -10.33
N MET B 753 1.34 7.29 -11.64
CA MET B 753 1.95 8.42 -12.35
C MET B 753 1.56 9.79 -11.82
N GLU B 754 0.34 9.91 -11.30
CA GLU B 754 -0.10 11.18 -10.73
C GLU B 754 0.68 11.48 -9.46
N GLU B 755 0.86 10.45 -8.64
CA GLU B 755 1.64 10.55 -7.42
C GLU B 755 3.09 10.90 -7.74
N LEU B 756 3.69 10.15 -8.66
CA LEU B 756 5.06 10.39 -9.10
C LEU B 756 5.22 11.77 -9.72
N GLU B 757 4.15 12.28 -10.33
CA GLU B 757 4.15 13.61 -10.90
C GLU B 757 4.18 14.66 -9.80
N ALA B 758 3.36 14.44 -8.78
CA ALA B 758 3.32 15.36 -7.64
C ALA B 758 4.66 15.38 -6.91
N LEU B 759 5.28 14.22 -6.76
CA LEU B 759 6.57 14.14 -6.07
C LEU B 759 7.73 14.72 -6.89
N TRP B 760 7.94 14.16 -8.08
CA TRP B 760 9.09 14.54 -8.91
C TRP B 760 8.88 15.74 -9.82
N LEU B 761 7.74 15.78 -10.50
CA LEU B 761 7.51 16.78 -11.54
C LEU B 761 6.97 18.10 -11.02
N THR B 762 6.16 18.03 -9.97
CA THR B 762 5.48 19.22 -9.46
C THR B 762 6.43 20.27 -8.90
N GLY B 763 6.30 21.49 -9.41
CA GLY B 763 7.05 22.62 -8.91
C GLY B 763 6.18 23.49 -8.02
N ILE B 764 6.83 24.30 -7.18
CA ILE B 764 6.14 25.16 -6.21
C ILE B 764 5.52 26.41 -6.84
N CYS B 765 6.17 26.92 -7.89
CA CYS B 765 5.75 28.14 -8.62
C CYS B 765 4.45 27.83 -9.36
N HIS B 766 3.90 28.77 -10.14
CA HIS B 766 2.60 28.50 -10.77
C HIS B 766 1.64 28.35 -9.58
N ASN B 767 2.07 29.01 -8.51
CA ASN B 767 1.43 29.11 -7.21
C ASN B 767 0.21 30.03 -7.19
N GLU B 768 0.17 31.06 -8.02
CA GLU B 768 -0.99 31.92 -7.95
C GLU B 768 -2.11 31.28 -8.77
N LYS B 769 -1.74 30.34 -9.63
CA LYS B 769 -2.68 29.58 -10.48
C LYS B 769 -3.92 30.33 -10.92
N ILE B 779 2.60 52.24 -17.61
CA ILE B 779 2.66 53.45 -18.40
C ILE B 779 1.65 53.42 -19.53
N ASP B 780 1.44 52.26 -20.15
CA ASP B 780 0.58 52.23 -21.33
C ASP B 780 -0.82 52.73 -20.97
N ASN B 781 -1.29 52.37 -19.77
CA ASN B 781 -2.63 52.76 -19.34
C ASN B 781 -2.68 54.29 -19.27
N MET B 782 -1.57 54.80 -18.74
CA MET B 782 -1.28 56.23 -18.69
C MET B 782 -1.22 56.79 -20.09
N ALA B 783 -0.66 56.02 -21.02
CA ALA B 783 -0.59 56.49 -22.40
C ALA B 783 -2.01 56.65 -22.92
N GLY B 784 -2.89 55.76 -22.49
CA GLY B 784 -4.29 55.83 -22.87
C GLY B 784 -4.98 57.08 -22.35
N VAL B 785 -4.88 57.34 -21.05
CA VAL B 785 -5.50 58.55 -20.50
C VAL B 785 -4.86 59.81 -21.08
N PHE B 786 -3.55 59.75 -21.29
CA PHE B 786 -2.78 60.86 -21.84
C PHE B 786 -3.20 61.19 -23.25
N TYR B 787 -3.40 60.16 -24.05
CA TYR B 787 -3.88 60.34 -25.41
C TYR B 787 -5.28 60.91 -25.35
N MET B 788 -6.09 60.43 -24.40
CA MET B 788 -7.44 60.96 -24.31
C MET B 788 -7.41 62.45 -24.01
N LEU B 789 -6.53 62.85 -23.09
CA LEU B 789 -6.37 64.27 -22.76
C LEU B 789 -5.82 65.13 -23.89
N ALA B 790 -4.72 64.69 -24.51
CA ALA B 790 -4.13 65.41 -25.64
C ALA B 790 -5.11 65.56 -26.80
N ALA B 791 -5.79 64.47 -27.11
CA ALA B 791 -6.74 64.45 -28.21
C ALA B 791 -7.92 65.33 -27.89
N ALA B 792 -8.41 65.23 -26.66
CA ALA B 792 -9.54 66.04 -26.23
C ALA B 792 -9.16 67.50 -26.26
N MET B 793 -7.92 67.80 -25.90
CA MET B 793 -7.40 69.16 -25.96
C MET B 793 -7.32 69.70 -27.38
N ALA B 794 -6.78 68.89 -28.29
CA ALA B 794 -6.86 69.21 -29.72
C ALA B 794 -8.28 69.50 -30.16
N LEU B 795 -9.21 68.64 -29.73
CA LEU B 795 -10.64 68.81 -29.98
C LEU B 795 -11.18 70.09 -29.35
N SER B 796 -10.59 70.48 -28.23
CA SER B 796 -10.93 71.70 -27.51
C SER B 796 -10.55 72.92 -28.34
N LEU B 797 -9.34 72.89 -28.88
CA LEU B 797 -8.87 73.94 -29.77
C LEU B 797 -9.67 73.95 -31.08
N ILE B 798 -10.12 72.77 -31.49
CA ILE B 798 -10.96 72.65 -32.68
C ILE B 798 -12.30 73.30 -32.41
N THR B 799 -12.81 73.10 -31.19
CA THR B 799 -14.04 73.72 -30.73
C THR B 799 -13.83 75.21 -30.53
N PHE B 800 -12.58 75.59 -30.29
CA PHE B 800 -12.17 76.99 -30.22
C PHE B 800 -12.26 77.60 -31.61
N ILE B 801 -11.85 76.83 -32.61
CA ILE B 801 -11.92 77.23 -34.01
C ILE B 801 -13.38 77.36 -34.44
N MET B 802 -14.20 76.41 -33.98
CA MET B 802 -15.63 76.43 -34.24
C MET B 802 -16.25 77.65 -33.55
N GLU B 803 -15.71 77.98 -32.38
CA GLU B 803 -16.11 79.17 -31.64
C GLU B 803 -15.75 80.43 -32.41
N HIS B 804 -14.60 80.40 -33.07
CA HIS B 804 -14.16 81.49 -33.92
C HIS B 804 -15.11 81.63 -35.11
N LEU B 805 -15.55 80.48 -35.61
CA LEU B 805 -16.53 80.44 -36.68
C LEU B 805 -17.82 81.08 -36.17
N PHE B 806 -18.11 80.88 -34.89
CA PHE B 806 -19.30 81.48 -34.31
C PHE B 806 -19.07 82.99 -34.25
N TYR B 807 -17.81 83.36 -33.99
CA TYR B 807 -17.44 84.76 -33.76
C TYR B 807 -17.62 85.56 -35.04
N LYS B 808 -17.32 84.93 -36.17
CA LYS B 808 -17.48 85.56 -37.47
C LYS B 808 -18.94 85.93 -37.71
N SER B 809 -19.84 85.07 -37.23
CA SER B 809 -21.26 85.27 -37.40
C SER B 809 -21.72 86.56 -36.75
N ASP C 2 9.23 -69.03 -5.56
CA ASP C 2 7.90 -69.30 -6.07
C ASP C 2 7.43 -68.20 -7.03
N PRO C 3 6.64 -68.58 -8.05
CA PRO C 3 6.04 -67.70 -9.06
C PRO C 3 4.75 -66.96 -8.66
N LYS C 4 4.48 -65.84 -9.33
CA LYS C 4 3.22 -65.11 -9.19
C LYS C 4 2.63 -64.81 -10.57
N ILE C 5 1.36 -65.18 -10.80
CA ILE C 5 0.75 -64.99 -12.11
C ILE C 5 -0.01 -63.66 -12.24
N VAL C 6 0.49 -62.76 -13.09
CA VAL C 6 -0.16 -61.46 -13.30
C VAL C 6 -0.90 -61.34 -14.64
N ASN C 7 -2.23 -61.23 -14.58
CA ASN C 7 -3.01 -61.17 -15.82
C ASN C 7 -3.01 -59.80 -16.50
N ILE C 8 -3.21 -59.84 -17.81
CA ILE C 8 -3.38 -58.66 -18.64
C ILE C 8 -4.58 -58.93 -19.53
N GLY C 9 -5.21 -57.88 -20.05
CA GLY C 9 -6.34 -58.14 -20.91
C GLY C 9 -6.37 -57.15 -22.05
N ALA C 10 -7.08 -57.51 -23.10
CA ALA C 10 -7.10 -56.66 -24.27
C ALA C 10 -8.31 -56.96 -25.12
N VAL C 11 -8.65 -55.99 -25.96
CA VAL C 11 -9.65 -56.15 -26.98
C VAL C 11 -9.08 -55.70 -28.31
N LEU C 12 -9.11 -56.61 -29.28
CA LEU C 12 -8.47 -56.37 -30.55
C LEU C 12 -9.37 -56.76 -31.71
N SER C 13 -8.96 -56.35 -32.90
CA SER C 13 -9.78 -56.51 -34.09
C SER C 13 -9.97 -57.98 -34.45
N THR C 14 -8.89 -58.76 -34.45
CA THR C 14 -8.96 -60.14 -34.91
C THR C 14 -8.10 -61.09 -34.08
N LYS C 15 -8.43 -62.38 -34.14
CA LYS C 15 -7.73 -63.43 -33.41
C LYS C 15 -6.24 -63.52 -33.73
N LYS C 16 -5.88 -63.21 -34.97
CA LYS C 16 -4.48 -63.16 -35.38
C LYS C 16 -3.72 -62.15 -34.53
N HIS C 17 -4.34 -61.00 -34.32
CA HIS C 17 -3.75 -59.95 -33.51
C HIS C 17 -3.72 -60.38 -32.05
N GLU C 18 -4.66 -61.24 -31.66
CA GLU C 18 -4.63 -61.83 -30.32
C GLU C 18 -3.38 -62.71 -30.17
N GLN C 19 -3.10 -63.54 -31.18
CA GLN C 19 -1.87 -64.34 -31.16
C GLN C 19 -0.63 -63.47 -31.13
N ILE C 20 -0.63 -62.37 -31.88
CA ILE C 20 0.47 -61.42 -31.84
C ILE C 20 0.64 -60.87 -30.43
N PHE C 21 -0.48 -60.56 -29.80
CA PHE C 21 -0.50 -60.06 -28.43
C PHE C 21 0.15 -61.06 -27.48
N ARG C 22 -0.37 -62.28 -27.46
CA ARG C 22 0.18 -63.34 -26.60
C ARG C 22 1.66 -63.59 -26.86
N GLU C 23 2.04 -63.56 -28.13
CA GLU C 23 3.44 -63.73 -28.52
C GLU C 23 4.32 -62.63 -27.91
N ALA C 24 3.85 -61.40 -28.02
CA ALA C 24 4.56 -60.25 -27.45
C ALA C 24 4.66 -60.37 -25.93
N VAL C 25 3.58 -60.81 -25.30
CA VAL C 25 3.54 -61.04 -23.86
C VAL C 25 4.59 -62.07 -23.46
N ASN C 26 4.65 -63.17 -24.19
CA ASN C 26 5.64 -64.20 -23.94
C ASN C 26 7.06 -63.66 -24.13
N GLN C 27 7.24 -62.79 -25.13
CA GLN C 27 8.51 -62.10 -25.32
C GLN C 27 8.88 -61.26 -24.09
N ALA C 28 7.88 -60.63 -23.49
CA ALA C 28 8.09 -59.83 -22.28
C ALA C 28 8.50 -60.72 -21.11
N ASN C 29 7.82 -61.85 -20.97
CA ASN C 29 8.14 -62.83 -19.93
C ASN C 29 9.56 -63.38 -20.06
N PHE C 30 9.93 -63.74 -21.29
CA PHE C 30 11.22 -64.36 -21.57
C PHE C 30 12.40 -63.43 -21.25
N PHE C 31 12.24 -62.14 -21.55
CA PHE C 31 13.36 -61.19 -21.47
C PHE C 31 13.45 -60.51 -20.11
N HIS C 32 12.58 -60.88 -19.19
CA HIS C 32 12.59 -60.34 -17.84
C HIS C 32 12.40 -61.48 -16.86
N PHE C 33 12.72 -61.26 -15.59
CA PHE C 33 12.78 -62.35 -14.61
C PHE C 33 11.45 -63.11 -14.52
N THR C 34 11.51 -64.43 -14.76
CA THR C 34 10.34 -65.29 -14.67
C THR C 34 10.28 -65.92 -13.28
N ARG C 35 11.38 -65.80 -12.55
CA ARG C 35 11.47 -66.36 -11.20
C ARG C 35 10.62 -65.56 -10.23
N LYS C 36 10.78 -64.24 -10.25
CA LYS C 36 10.00 -63.36 -9.39
C LYS C 36 8.54 -63.28 -9.83
N ILE C 37 8.31 -63.02 -11.10
CA ILE C 37 6.96 -62.80 -11.62
C ILE C 37 6.78 -63.33 -13.03
N GLN C 38 5.53 -63.63 -13.38
CA GLN C 38 5.17 -64.04 -14.74
C GLN C 38 3.91 -63.30 -15.21
N LEU C 39 3.78 -63.11 -16.51
CA LEU C 39 2.60 -62.45 -17.06
C LEU C 39 1.71 -63.42 -17.85
N ASN C 40 0.41 -63.26 -17.70
CA ASN C 40 -0.62 -64.12 -18.30
C ASN C 40 -1.58 -63.27 -19.10
N ALA C 41 -2.09 -63.79 -20.20
CA ALA C 41 -2.95 -63.00 -21.08
C ALA C 41 -4.36 -63.59 -21.16
N THR C 42 -5.37 -62.73 -21.05
CA THR C 42 -6.75 -63.16 -21.27
C THR C 42 -7.39 -62.13 -22.19
N SER C 43 -8.21 -62.58 -23.14
CA SER C 43 -8.80 -61.66 -24.11
C SER C 43 -10.11 -62.13 -24.73
N VAL C 44 -10.80 -61.20 -25.39
CA VAL C 44 -12.09 -61.45 -26.06
C VAL C 44 -12.25 -60.57 -27.30
N THR C 45 -13.00 -61.07 -28.27
CA THR C 45 -13.28 -60.36 -29.50
C THR C 45 -14.20 -59.19 -29.24
N HIS C 46 -14.19 -58.23 -30.15
CA HIS C 46 -15.12 -57.11 -30.07
C HIS C 46 -16.53 -57.62 -30.15
N ARG C 47 -17.40 -57.02 -29.34
CA ARG C 47 -18.80 -57.36 -29.40
C ARG C 47 -19.44 -56.31 -30.29
N PRO C 48 -20.58 -56.64 -30.90
CA PRO C 48 -21.17 -55.73 -31.90
C PRO C 48 -21.54 -54.37 -31.29
N ASN C 49 -22.10 -54.40 -30.09
CA ASN C 49 -22.44 -53.19 -29.35
C ASN C 49 -21.48 -52.90 -28.21
N ALA C 50 -21.72 -51.78 -27.54
CA ALA C 50 -20.95 -51.43 -26.35
C ALA C 50 -21.25 -52.35 -25.16
N ILE C 51 -22.51 -52.68 -24.96
CA ILE C 51 -22.94 -53.38 -23.74
C ILE C 51 -22.37 -54.79 -23.60
N GLN C 52 -22.41 -55.56 -24.67
CA GLN C 52 -21.85 -56.91 -24.67
C GLN C 52 -20.37 -56.85 -24.34
N MET C 53 -19.71 -55.85 -24.90
CA MET C 53 -18.28 -55.63 -24.68
C MET C 53 -17.94 -55.22 -23.23
N ALA C 54 -18.70 -54.28 -22.67
CA ALA C 54 -18.50 -53.86 -21.28
C ALA C 54 -18.74 -55.05 -20.35
N LEU C 55 -19.79 -55.81 -20.67
CA LEU C 55 -20.11 -57.03 -19.96
C LEU C 55 -18.97 -58.04 -20.09
N SER C 56 -18.32 -58.02 -21.25
CA SER C 56 -17.18 -58.90 -21.51
C SER C 56 -16.01 -58.52 -20.62
N VAL C 57 -15.81 -57.22 -20.45
CA VAL C 57 -14.75 -56.70 -19.60
C VAL C 57 -14.99 -57.09 -18.14
N CYS C 58 -16.22 -56.86 -17.67
CA CYS C 58 -16.54 -57.16 -16.28
C CYS C 58 -16.51 -58.67 -16.02
N GLU C 59 -16.96 -59.46 -16.99
CA GLU C 59 -17.03 -60.90 -16.84
C GLU C 59 -15.79 -61.63 -17.36
N ASP C 60 -15.52 -61.52 -18.66
CA ASP C 60 -14.48 -62.32 -19.29
C ASP C 60 -13.06 -61.86 -18.93
N LEU C 61 -12.87 -60.56 -18.73
CA LEU C 61 -11.53 -60.01 -18.46
C LEU C 61 -11.27 -59.81 -16.97
N ILE C 62 -12.06 -58.96 -16.32
CA ILE C 62 -11.85 -58.62 -14.91
C ILE C 62 -11.92 -59.84 -13.97
N SER C 63 -12.62 -60.89 -14.40
CA SER C 63 -12.63 -62.13 -13.63
C SER C 63 -11.25 -62.79 -13.58
N SER C 64 -10.38 -62.35 -14.48
CA SER C 64 -9.01 -62.86 -14.55
C SER C 64 -8.10 -61.92 -13.76
N GLN C 65 -8.71 -60.91 -13.13
CA GLN C 65 -7.98 -59.93 -12.31
C GLN C 65 -6.97 -59.12 -13.12
N VAL C 66 -7.38 -58.64 -14.30
CA VAL C 66 -6.46 -57.90 -15.14
C VAL C 66 -5.92 -56.65 -14.42
N TYR C 67 -4.64 -56.38 -14.62
CA TYR C 67 -4.01 -55.21 -14.01
C TYR C 67 -4.10 -54.04 -14.98
N ALA C 68 -4.53 -54.35 -16.21
CA ALA C 68 -4.61 -53.37 -17.28
C ALA C 68 -5.22 -53.95 -18.55
N ILE C 69 -5.68 -53.05 -19.40
CA ILE C 69 -6.38 -53.43 -20.62
C ILE C 69 -5.84 -52.68 -21.83
N LEU C 70 -5.79 -53.36 -22.97
CA LEU C 70 -5.45 -52.73 -24.23
C LEU C 70 -6.69 -52.72 -25.10
N VAL C 71 -6.82 -51.72 -25.96
CA VAL C 71 -7.99 -51.64 -26.84
C VAL C 71 -7.58 -51.13 -28.22
N SER C 72 -8.24 -51.62 -29.25
CA SER C 72 -7.97 -51.16 -30.62
C SER C 72 -9.28 -50.87 -31.33
N HIS C 73 -9.23 -49.98 -32.31
CA HIS C 73 -10.40 -49.72 -33.14
C HIS C 73 -10.78 -50.96 -33.95
N PRO C 74 -12.08 -51.22 -34.06
CA PRO C 74 -12.61 -52.39 -34.77
C PRO C 74 -12.41 -52.30 -36.28
N PRO C 75 -12.55 -53.43 -36.99
CA PRO C 75 -12.35 -53.45 -38.44
C PRO C 75 -13.32 -52.51 -39.16
N ALA C 76 -14.59 -52.54 -38.76
CA ALA C 76 -15.57 -51.60 -39.26
C ALA C 76 -15.99 -50.66 -38.13
N PRO C 77 -15.55 -49.39 -38.20
CA PRO C 77 -15.86 -48.42 -37.14
C PRO C 77 -17.35 -48.19 -36.99
N THR C 78 -17.86 -48.31 -35.76
CA THR C 78 -19.26 -48.06 -35.48
C THR C 78 -19.41 -46.75 -34.73
N ASP C 79 -20.10 -45.79 -35.34
CA ASP C 79 -20.15 -44.43 -34.82
C ASP C 79 -18.72 -43.98 -34.68
N HIS C 80 -18.37 -43.46 -33.51
CA HIS C 80 -16.96 -43.27 -33.22
C HIS C 80 -16.72 -43.60 -31.77
N LEU C 81 -15.46 -43.91 -31.48
CA LEU C 81 -15.01 -44.21 -30.14
C LEU C 81 -15.72 -45.41 -29.49
N THR C 82 -15.96 -46.49 -30.23
CA THR C 82 -16.48 -47.71 -29.61
C THR C 82 -15.52 -48.12 -28.49
N PRO C 83 -14.23 -47.77 -28.61
CA PRO C 83 -13.69 -47.92 -27.25
C PRO C 83 -13.98 -46.74 -26.32
N THR C 84 -15.22 -46.24 -26.27
CA THR C 84 -15.65 -45.41 -25.14
C THR C 84 -16.02 -46.21 -23.87
N PRO C 85 -16.77 -47.33 -23.99
CA PRO C 85 -17.34 -47.93 -22.78
C PRO C 85 -16.34 -48.52 -21.79
N ILE C 86 -15.33 -49.20 -22.30
CA ILE C 86 -14.42 -49.97 -21.49
C ILE C 86 -13.66 -49.12 -20.52
N SER C 87 -13.22 -47.99 -21.06
CA SER C 87 -12.47 -47.00 -20.33
C SER C 87 -13.36 -46.59 -19.19
N TYR C 88 -14.65 -46.51 -19.47
CA TYR C 88 -15.60 -46.20 -18.42
C TYR C 88 -15.67 -47.38 -17.45
N THR C 89 -15.84 -48.60 -17.96
CA THR C 89 -15.99 -49.75 -17.07
C THR C 89 -14.72 -49.95 -16.26
N ALA C 90 -13.57 -49.90 -16.95
CA ALA C 90 -12.29 -50.00 -16.27
C ALA C 90 -12.13 -48.80 -15.36
N GLY C 91 -12.65 -47.66 -15.82
CA GLY C 91 -12.49 -46.40 -15.12
C GLY C 91 -13.07 -46.59 -13.72
N PHE C 92 -14.05 -47.47 -13.61
CA PHE C 92 -14.70 -47.70 -12.33
C PHE C 92 -13.73 -48.19 -11.25
N TYR C 93 -12.85 -49.12 -11.60
CA TYR C 93 -11.87 -49.64 -10.64
C TYR C 93 -10.50 -48.99 -10.76
N ARG C 94 -10.42 -48.00 -11.63
CA ARG C 94 -9.17 -47.27 -11.92
C ARG C 94 -8.13 -48.21 -12.53
N ILE C 95 -8.62 -49.27 -13.17
CA ILE C 95 -7.77 -50.16 -13.96
C ILE C 95 -7.35 -49.41 -15.21
N PRO C 96 -6.03 -49.27 -15.43
CA PRO C 96 -5.47 -48.51 -16.55
C PRO C 96 -5.86 -49.09 -17.92
N VAL C 97 -6.18 -48.20 -18.86
CA VAL C 97 -6.54 -48.61 -20.21
C VAL C 97 -5.54 -48.04 -21.21
N ILE C 98 -5.15 -48.84 -22.19
CA ILE C 98 -4.22 -48.37 -23.21
C ILE C 98 -4.73 -48.59 -24.63
N GLY C 99 -4.91 -47.51 -25.38
CA GLY C 99 -5.29 -47.67 -26.77
C GLY C 99 -4.09 -47.77 -27.69
N LEU C 100 -4.17 -48.64 -28.69
CA LEU C 100 -3.21 -48.70 -29.77
C LEU C 100 -3.64 -47.64 -30.77
N THR C 101 -4.93 -47.71 -31.08
CA THR C 101 -5.60 -46.90 -32.09
C THR C 101 -6.33 -45.81 -31.32
N THR C 102 -7.31 -45.20 -31.98
CA THR C 102 -8.08 -44.08 -31.46
C THR C 102 -7.30 -42.79 -31.25
N ARG C 103 -7.37 -41.99 -32.30
CA ARG C 103 -6.81 -40.66 -32.39
C ARG C 103 -7.74 -39.63 -31.79
N MET C 104 -8.89 -40.11 -31.33
CA MET C 104 -9.93 -39.22 -30.82
C MET C 104 -9.44 -38.30 -29.71
N SER C 105 -9.85 -37.04 -29.77
CA SER C 105 -9.38 -36.02 -28.84
C SER C 105 -10.12 -36.07 -27.51
N ILE C 106 -11.35 -36.58 -27.54
CA ILE C 106 -12.22 -36.52 -26.37
C ILE C 106 -11.67 -37.30 -25.18
N TYR C 107 -10.67 -38.14 -25.44
CA TYR C 107 -10.02 -38.92 -24.40
C TYR C 107 -8.92 -38.13 -23.71
N SER C 108 -8.63 -36.93 -24.23
CA SER C 108 -7.55 -36.11 -23.69
C SER C 108 -7.93 -35.52 -22.35
N ASP C 109 -9.23 -35.35 -22.12
CA ASP C 109 -9.69 -34.80 -20.85
C ASP C 109 -9.60 -35.90 -19.80
N LYS C 110 -8.77 -35.69 -18.80
CA LYS C 110 -8.57 -36.67 -17.73
C LYS C 110 -9.87 -36.97 -16.98
N SER C 111 -10.69 -35.93 -16.84
CA SER C 111 -11.97 -36.02 -16.11
C SER C 111 -12.91 -37.12 -16.49
N ILE C 112 -13.24 -37.17 -17.76
CA ILE C 112 -14.24 -38.11 -18.23
C ILE C 112 -13.61 -39.48 -18.34
N HIS C 113 -12.42 -39.57 -18.92
CA HIS C 113 -11.72 -40.84 -18.94
C HIS C 113 -10.43 -40.73 -18.12
N LEU C 114 -10.40 -41.30 -16.91
CA LEU C 114 -9.25 -41.09 -16.03
C LEU C 114 -8.30 -42.28 -16.06
N SER C 115 -8.73 -43.36 -16.69
CA SER C 115 -7.87 -44.54 -16.82
C SER C 115 -7.24 -44.63 -18.21
N PHE C 116 -7.50 -43.64 -19.05
CA PHE C 116 -7.14 -43.76 -20.46
C PHE C 116 -5.76 -43.21 -20.82
N LEU C 117 -4.95 -44.08 -21.40
CA LEU C 117 -3.64 -43.77 -21.93
C LEU C 117 -3.63 -44.27 -23.38
N ARG C 118 -2.80 -43.71 -24.23
CA ARG C 118 -2.75 -44.17 -25.62
C ARG C 118 -1.37 -44.08 -26.25
N THR C 119 -1.12 -44.99 -27.19
CA THR C 119 0.16 -45.05 -27.88
C THR C 119 0.18 -44.12 -29.09
N VAL C 120 -0.91 -43.39 -29.28
CA VAL C 120 -0.97 -42.38 -30.32
C VAL C 120 -1.47 -41.04 -29.77
N PRO C 121 -0.96 -39.93 -30.30
CA PRO C 121 -1.44 -38.61 -29.93
C PRO C 121 -2.77 -38.31 -30.61
N PRO C 122 -3.60 -37.45 -29.99
CA PRO C 122 -4.89 -37.15 -30.59
C PRO C 122 -4.80 -36.20 -31.78
N TYR C 123 -5.94 -35.97 -32.44
CA TYR C 123 -6.01 -35.06 -33.56
C TYR C 123 -5.72 -33.65 -33.12
N SER C 124 -6.04 -33.37 -31.85
CA SER C 124 -5.77 -32.07 -31.31
C SER C 124 -4.26 -31.81 -31.31
N HIS C 125 -3.50 -32.83 -30.89
CA HIS C 125 -2.05 -32.68 -30.81
C HIS C 125 -1.44 -32.52 -32.21
N GLN C 126 -2.22 -32.88 -33.23
CA GLN C 126 -1.79 -32.71 -34.61
C GLN C 126 -1.50 -31.26 -34.92
N ALA C 127 -2.16 -30.36 -34.20
CA ALA C 127 -1.94 -28.93 -34.41
C ALA C 127 -0.49 -28.58 -34.17
N LEU C 128 0.20 -29.37 -33.35
CA LEU C 128 1.63 -29.13 -33.11
C LEU C 128 2.36 -29.18 -34.44
N VAL C 129 1.97 -30.15 -35.26
CA VAL C 129 2.51 -30.31 -36.60
C VAL C 129 2.13 -29.08 -37.37
N TRP C 130 0.86 -28.70 -37.29
CA TRP C 130 0.38 -27.55 -38.03
C TRP C 130 1.19 -26.36 -37.51
N PHE C 131 1.37 -26.30 -36.19
CA PHE C 131 2.20 -25.27 -35.56
C PHE C 131 3.64 -25.40 -36.05
N GLU C 132 4.09 -26.63 -36.14
CA GLU C 132 5.44 -26.94 -36.62
C GLU C 132 5.48 -26.51 -38.08
N MET C 133 4.37 -26.74 -38.76
CA MET C 133 4.19 -26.37 -40.17
C MET C 133 4.37 -24.86 -40.25
N MET C 134 3.86 -24.13 -39.26
CA MET C 134 3.91 -22.68 -39.28
C MET C 134 5.36 -22.20 -39.32
N ARG C 135 6.27 -22.97 -38.71
CA ARG C 135 7.69 -22.58 -38.64
C ARG C 135 8.14 -22.46 -40.08
N LEU C 136 7.70 -23.42 -40.87
CA LEU C 136 8.12 -23.52 -42.24
C LEU C 136 7.59 -22.34 -43.07
N PHE C 137 6.34 -21.91 -42.89
CA PHE C 137 5.91 -20.87 -43.82
C PHE C 137 6.31 -19.46 -43.40
N ASN C 138 6.69 -19.30 -42.13
CA ASN C 138 7.24 -18.07 -41.55
C ASN C 138 6.18 -16.98 -41.63
N TRP C 139 4.93 -17.43 -41.57
CA TRP C 139 3.69 -16.69 -41.45
C TRP C 139 3.00 -16.81 -40.09
N ASN C 140 2.74 -15.71 -39.39
CA ASN C 140 2.04 -15.83 -38.12
C ASN C 140 0.51 -15.74 -38.29
N HIS C 141 0.05 -15.19 -39.42
CA HIS C 141 -1.38 -15.03 -39.68
C HIS C 141 -1.97 -16.16 -40.53
N VAL C 142 -2.97 -16.83 -39.97
CA VAL C 142 -3.66 -17.97 -40.58
C VAL C 142 -5.16 -17.94 -40.27
N ILE C 143 -5.91 -18.92 -40.77
CA ILE C 143 -7.31 -19.03 -40.38
C ILE C 143 -7.60 -20.46 -39.97
N LEU C 144 -8.47 -20.61 -38.97
CA LEU C 144 -8.80 -21.93 -38.44
C LEU C 144 -10.28 -22.20 -38.62
N ILE C 145 -10.60 -23.34 -39.21
CA ILE C 145 -11.97 -23.77 -39.37
C ILE C 145 -12.19 -25.08 -38.62
N VAL C 146 -13.09 -25.05 -37.65
CA VAL C 146 -13.33 -26.23 -36.85
C VAL C 146 -14.80 -26.60 -36.83
N SER C 147 -15.07 -27.90 -36.74
CA SER C 147 -16.40 -28.40 -36.45
C SER C 147 -16.71 -28.12 -35.00
N ASP C 148 -17.99 -28.15 -34.63
CA ASP C 148 -18.35 -27.87 -33.25
C ASP C 148 -18.57 -29.19 -32.51
N ASP C 149 -17.61 -29.49 -31.64
CA ASP C 149 -17.57 -30.72 -30.86
C ASP C 149 -16.33 -30.66 -29.99
N HIS C 150 -16.14 -31.66 -29.14
CA HIS C 150 -14.96 -31.70 -28.29
C HIS C 150 -13.70 -31.72 -29.15
N GLU C 151 -13.77 -32.41 -30.29
CA GLU C 151 -12.63 -32.53 -31.21
C GLU C 151 -12.14 -31.18 -31.74
N GLY C 152 -13.04 -30.45 -32.40
CA GLY C 152 -12.68 -29.17 -33.00
C GLY C 152 -12.27 -28.14 -31.97
N ARG C 153 -13.08 -27.98 -30.92
CA ARG C 153 -12.78 -27.02 -29.87
C ARG C 153 -11.47 -27.34 -29.15
N ALA C 154 -11.20 -28.62 -28.95
CA ALA C 154 -9.92 -29.05 -28.38
C ALA C 154 -8.81 -28.65 -29.32
N ALA C 155 -9.05 -28.81 -30.61
CA ALA C 155 -8.05 -28.46 -31.63
C ALA C 155 -7.74 -26.98 -31.55
N GLN C 156 -8.79 -26.18 -31.40
CA GLN C 156 -8.69 -24.73 -31.30
C GLN C 156 -7.83 -24.43 -30.10
N LYS C 157 -8.10 -25.16 -29.03
CA LYS C 157 -7.36 -25.03 -27.79
C LYS C 157 -5.91 -25.35 -28.08
N LYS C 158 -5.64 -26.37 -28.91
CA LYS C 158 -4.28 -26.77 -29.16
C LYS C 158 -3.52 -25.70 -29.92
N LEU C 159 -4.11 -25.16 -30.99
CA LEU C 159 -3.38 -24.15 -31.72
C LEU C 159 -3.17 -22.97 -30.79
N GLU C 160 -4.21 -22.58 -30.06
CA GLU C 160 -4.12 -21.41 -29.18
C GLU C 160 -3.15 -21.56 -28.00
N THR C 161 -3.15 -22.73 -27.37
CA THR C 161 -2.19 -23.03 -26.31
C THR C 161 -0.78 -22.99 -26.85
N LEU C 162 -0.63 -23.50 -28.06
CA LEU C 162 0.64 -23.44 -28.77
C LEU C 162 1.02 -21.97 -29.03
N LEU C 163 0.03 -21.16 -29.38
CA LEU C 163 0.21 -19.75 -29.71
C LEU C 163 0.42 -18.82 -28.52
N GLU C 164 0.00 -19.26 -27.34
CA GLU C 164 -0.07 -18.40 -26.16
C GLU C 164 1.27 -18.05 -25.52
N GLU C 165 2.15 -19.05 -25.44
CA GLU C 165 3.52 -18.84 -24.99
C GLU C 165 4.22 -17.78 -25.82
N LYS C 166 4.05 -17.88 -27.14
CA LYS C 166 4.47 -16.82 -28.05
C LYS C 166 3.47 -15.68 -27.98
N GLU C 167 3.71 -14.60 -28.71
CA GLU C 167 2.70 -13.56 -28.80
C GLU C 167 1.42 -14.13 -29.39
N SER C 168 0.29 -13.76 -28.80
CA SER C 168 -1.00 -14.36 -29.14
C SER C 168 -1.37 -14.07 -30.58
N LYS C 169 -1.76 -15.10 -31.33
CA LYS C 169 -2.16 -14.87 -32.70
C LYS C 169 -3.62 -15.22 -32.95
N ALA C 170 -4.49 -14.23 -33.11
CA ALA C 170 -5.80 -14.61 -33.62
C ALA C 170 -6.03 -13.89 -34.94
N ASP C 171 -5.60 -14.52 -36.03
CA ASP C 171 -5.76 -13.91 -37.33
C ASP C 171 -7.23 -13.99 -37.72
N LYS C 172 -7.79 -15.19 -37.62
CA LYS C 172 -9.23 -15.43 -37.62
C LYS C 172 -9.62 -16.80 -37.05
N VAL C 173 -10.87 -16.95 -36.64
CA VAL C 173 -11.39 -18.25 -36.21
C VAL C 173 -12.81 -18.46 -36.74
N LEU C 174 -13.12 -19.68 -37.17
CA LEU C 174 -14.41 -20.01 -37.78
C LEU C 174 -14.94 -21.35 -37.26
N GLN C 175 -16.15 -21.33 -36.69
CA GLN C 175 -16.77 -22.49 -36.07
C GLN C 175 -18.01 -22.91 -36.84
N PHE C 176 -18.16 -24.20 -37.15
CA PHE C 176 -19.42 -24.60 -37.77
C PHE C 176 -20.11 -25.79 -37.09
N GLU C 177 -21.40 -25.89 -37.38
CA GLU C 177 -22.35 -26.76 -36.69
C GLU C 177 -22.84 -27.93 -37.53
N PRO C 178 -23.15 -29.07 -36.88
CA PRO C 178 -23.40 -30.28 -37.68
C PRO C 178 -24.65 -30.23 -38.55
N GLY C 179 -24.57 -30.97 -39.64
CA GLY C 179 -25.68 -31.24 -40.54
C GLY C 179 -25.94 -30.21 -41.63
N THR C 180 -25.16 -29.15 -41.70
CA THR C 180 -25.44 -28.20 -42.76
C THR C 180 -24.60 -28.57 -43.98
N LYS C 181 -25.27 -29.11 -45.00
CA LYS C 181 -24.58 -29.56 -46.19
C LYS C 181 -23.94 -28.38 -46.88
N ASN C 182 -24.68 -27.27 -46.92
CA ASN C 182 -24.15 -26.04 -47.51
C ASN C 182 -23.84 -24.95 -46.48
N LEU C 183 -22.54 -24.63 -46.42
CA LEU C 183 -21.92 -23.63 -45.54
C LEU C 183 -21.38 -22.31 -46.14
N THR C 184 -21.75 -21.96 -47.36
CA THR C 184 -21.04 -20.95 -48.17
C THR C 184 -20.81 -19.60 -47.48
N ALA C 185 -21.80 -19.11 -46.73
CA ALA C 185 -21.75 -17.78 -46.13
C ALA C 185 -20.54 -17.61 -45.20
N LEU C 186 -20.24 -18.61 -44.37
CA LEU C 186 -19.13 -18.52 -43.43
C LEU C 186 -17.81 -18.28 -44.16
N LEU C 187 -17.61 -18.96 -45.29
CA LEU C 187 -16.43 -18.74 -46.12
C LEU C 187 -16.47 -17.35 -46.76
N LEU C 188 -17.67 -16.92 -47.15
CA LEU C 188 -17.83 -15.54 -47.63
C LEU C 188 -17.31 -14.54 -46.58
N GLU C 189 -17.57 -14.84 -45.31
CA GLU C 189 -17.01 -14.08 -44.20
C GLU C 189 -15.49 -14.24 -44.14
N ALA C 190 -15.01 -15.43 -44.46
CA ALA C 190 -13.58 -15.73 -44.43
C ALA C 190 -12.79 -14.87 -45.42
N LYS C 191 -13.36 -14.65 -46.60
CA LYS C 191 -12.69 -13.90 -47.65
C LYS C 191 -12.36 -12.47 -47.22
N GLU C 192 -13.27 -11.85 -46.47
CA GLU C 192 -13.09 -10.49 -45.98
C GLU C 192 -11.82 -10.35 -45.15
N LEU C 193 -11.48 -11.41 -44.43
CA LEU C 193 -10.26 -11.47 -43.61
C LEU C 193 -8.98 -11.39 -44.45
N GLU C 194 -8.02 -10.62 -43.96
CA GLU C 194 -6.78 -10.30 -44.66
C GLU C 194 -5.87 -11.51 -44.87
N ALA C 195 -5.76 -12.35 -43.83
CA ALA C 195 -4.83 -13.49 -43.81
C ALA C 195 -5.04 -14.44 -44.97
N ARG C 196 -3.95 -14.81 -45.65
CA ARG C 196 -4.05 -15.59 -46.89
C ARG C 196 -3.85 -17.11 -46.78
N VAL C 197 -3.65 -17.62 -45.57
CA VAL C 197 -3.45 -19.06 -45.36
C VAL C 197 -4.66 -19.72 -44.68
N ILE C 198 -5.06 -20.93 -45.08
CA ILE C 198 -6.26 -21.51 -44.46
C ILE C 198 -6.00 -22.92 -43.91
N ILE C 199 -6.66 -23.25 -42.80
CA ILE C 199 -6.54 -24.56 -42.14
C ILE C 199 -7.87 -25.11 -41.58
N LEU C 200 -8.08 -26.43 -41.66
CA LEU C 200 -9.36 -27.01 -41.21
C LEU C 200 -9.27 -28.39 -40.53
N SER C 201 -10.21 -28.63 -39.61
CA SER C 201 -10.44 -29.94 -38.96
C SER C 201 -11.91 -30.35 -39.04
N ALA C 202 -12.19 -31.60 -39.40
CA ALA C 202 -13.58 -32.04 -39.53
C ALA C 202 -13.84 -33.56 -39.52
N SER C 203 -15.13 -33.89 -39.50
CA SER C 203 -15.65 -35.25 -39.64
C SER C 203 -15.54 -35.69 -41.09
N GLU C 204 -15.64 -37.00 -41.34
CA GLU C 204 -15.43 -37.53 -42.68
C GLU C 204 -16.35 -36.90 -43.72
N ASP C 205 -17.65 -36.86 -43.44
CA ASP C 205 -18.63 -36.24 -44.34
C ASP C 205 -18.41 -34.74 -44.53
N ASP C 206 -17.98 -34.10 -43.46
CA ASP C 206 -17.85 -32.65 -43.41
C ASP C 206 -16.75 -32.06 -44.28
N ALA C 207 -15.58 -32.70 -44.33
CA ALA C 207 -14.47 -32.16 -45.12
C ALA C 207 -14.88 -32.04 -46.60
N THR C 208 -15.69 -32.99 -47.06
CA THR C 208 -16.25 -32.94 -48.41
C THR C 208 -17.04 -31.67 -48.67
N ALA C 209 -17.97 -31.37 -47.77
CA ALA C 209 -18.79 -30.18 -47.87
C ALA C 209 -17.96 -28.92 -47.80
N VAL C 210 -16.92 -28.96 -46.97
CA VAL C 210 -16.03 -27.82 -46.80
C VAL C 210 -15.29 -27.51 -48.09
N TYR C 211 -14.65 -28.52 -48.68
CA TYR C 211 -13.91 -28.33 -49.91
C TYR C 211 -14.84 -27.97 -51.07
N LYS C 212 -16.03 -28.58 -51.06
CA LYS C 212 -17.03 -28.33 -52.10
C LYS C 212 -17.47 -26.88 -52.08
N SER C 213 -17.74 -26.35 -50.89
CA SER C 213 -18.11 -24.95 -50.73
C SER C 213 -16.94 -24.01 -50.98
N ALA C 214 -15.74 -24.42 -50.58
CA ALA C 214 -14.54 -23.59 -50.70
C ALA C 214 -14.11 -23.40 -52.16
N ALA C 215 -14.25 -24.45 -52.94
CA ALA C 215 -13.88 -24.39 -54.36
C ALA C 215 -14.80 -23.43 -55.09
N MET C 216 -16.04 -23.35 -54.64
CA MET C 216 -17.04 -22.46 -55.20
C MET C 216 -16.60 -20.99 -55.09
N LEU C 217 -16.03 -20.63 -53.94
CA LEU C 217 -15.54 -19.27 -53.74
C LEU C 217 -14.09 -19.13 -54.19
N ASP C 218 -13.54 -20.19 -54.78
CA ASP C 218 -12.19 -20.16 -55.34
C ASP C 218 -11.15 -19.78 -54.29
N MET C 219 -11.29 -20.39 -53.11
CA MET C 219 -10.33 -20.20 -52.04
C MET C 219 -9.20 -21.20 -52.20
N THR C 220 -9.34 -22.13 -53.15
CA THR C 220 -8.29 -23.08 -53.46
C THR C 220 -7.16 -22.49 -54.32
N GLY C 221 -7.37 -21.28 -54.83
CA GLY C 221 -6.41 -20.63 -55.71
C GLY C 221 -5.12 -20.21 -55.04
N ALA C 222 -4.14 -19.77 -55.83
CA ALA C 222 -2.88 -19.34 -55.25
C ALA C 222 -3.10 -18.08 -54.43
N GLY C 223 -2.22 -17.87 -53.45
CA GLY C 223 -2.40 -16.84 -52.45
C GLY C 223 -3.28 -17.37 -51.34
N TYR C 224 -3.89 -18.53 -51.57
CA TYR C 224 -4.67 -19.20 -50.54
C TYR C 224 -3.99 -20.54 -50.36
N VAL C 225 -3.93 -21.05 -49.14
CA VAL C 225 -3.26 -22.32 -48.81
C VAL C 225 -4.12 -23.27 -47.99
N TRP C 226 -3.88 -24.58 -48.10
CA TRP C 226 -4.68 -25.47 -47.29
C TRP C 226 -3.85 -26.40 -46.41
N LEU C 227 -4.20 -26.41 -45.12
CA LEU C 227 -3.60 -27.32 -44.15
C LEU C 227 -4.77 -28.07 -43.51
N VAL C 228 -4.62 -29.37 -43.26
CA VAL C 228 -5.77 -30.18 -42.86
C VAL C 228 -5.42 -31.39 -42.01
N GLY C 229 -6.42 -31.99 -41.36
CA GLY C 229 -6.15 -33.17 -40.57
C GLY C 229 -6.15 -34.45 -41.39
N GLU C 230 -5.56 -35.50 -40.83
CA GLU C 230 -5.43 -36.78 -41.52
C GLU C 230 -6.72 -37.52 -41.86
N ARG C 231 -7.63 -37.57 -40.89
CA ARG C 231 -8.88 -38.30 -41.03
C ARG C 231 -9.71 -37.70 -42.15
N GLU C 232 -9.65 -36.38 -42.21
CA GLU C 232 -10.41 -35.56 -43.13
C GLU C 232 -10.01 -35.84 -44.58
N ILE C 233 -8.73 -36.03 -44.81
CA ILE C 233 -8.20 -36.26 -46.16
C ILE C 233 -8.61 -37.60 -46.77
N SER C 234 -8.89 -38.58 -45.93
CA SER C 234 -9.21 -39.95 -46.38
C SER C 234 -10.69 -40.07 -46.75
N GLY C 235 -11.02 -41.06 -47.58
CA GLY C 235 -12.41 -41.34 -47.92
C GLY C 235 -13.00 -40.44 -48.99
N SER C 236 -14.30 -40.19 -48.96
CA SER C 236 -14.93 -39.37 -50.00
C SER C 236 -14.33 -37.98 -50.11
N ALA C 237 -13.87 -37.45 -48.99
CA ALA C 237 -13.22 -36.14 -48.98
C ALA C 237 -12.00 -36.13 -49.88
N LEU C 238 -11.31 -37.26 -49.93
CA LEU C 238 -10.12 -37.41 -50.76
C LEU C 238 -10.47 -37.15 -52.20
N ARG C 239 -11.65 -37.60 -52.60
CA ARG C 239 -12.08 -37.45 -53.98
C ARG C 239 -12.17 -35.97 -54.35
N TYR C 240 -12.67 -35.17 -53.41
CA TYR C 240 -12.94 -33.75 -53.69
C TYR C 240 -11.85 -32.75 -53.25
N ALA C 241 -10.72 -33.25 -52.75
CA ALA C 241 -9.67 -32.39 -52.23
C ALA C 241 -9.01 -31.49 -53.28
N PRO C 242 -8.66 -30.26 -52.88
CA PRO C 242 -7.99 -29.26 -53.73
C PRO C 242 -6.50 -29.54 -53.92
N ASP C 243 -5.92 -29.00 -54.99
CA ASP C 243 -4.52 -29.23 -55.28
C ASP C 243 -3.58 -28.46 -54.36
N GLY C 244 -2.40 -29.01 -54.16
CA GLY C 244 -1.37 -28.31 -53.41
C GLY C 244 -1.55 -28.25 -51.92
N ILE C 245 -2.60 -28.92 -51.43
CA ILE C 245 -2.91 -28.90 -50.01
C ILE C 245 -1.79 -29.55 -49.23
N ILE C 246 -1.66 -29.12 -47.98
CA ILE C 246 -0.74 -29.75 -47.05
C ILE C 246 -1.59 -30.65 -46.18
N GLY C 247 -1.08 -31.83 -45.89
CA GLY C 247 -1.87 -32.88 -45.27
C GLY C 247 -1.03 -33.67 -44.29
N LEU C 248 -1.68 -34.44 -43.44
CA LEU C 248 -0.99 -35.14 -42.37
C LEU C 248 -1.26 -36.63 -42.35
N GLN C 249 -0.23 -37.43 -42.03
CA GLN C 249 -0.47 -38.85 -41.73
C GLN C 249 0.29 -39.31 -40.49
N LEU C 250 -0.40 -39.86 -39.49
CA LEU C 250 0.30 -40.39 -38.33
C LEU C 250 1.04 -41.68 -38.70
N ILE C 251 2.22 -41.89 -38.13
CA ILE C 251 2.99 -43.08 -38.46
C ILE C 251 2.49 -44.30 -37.68
N ASN C 252 2.34 -45.42 -38.38
CA ASN C 252 1.85 -46.67 -37.80
C ASN C 252 0.45 -46.54 -37.18
N GLY C 253 -0.31 -45.55 -37.65
CA GLY C 253 -1.65 -45.32 -37.13
C GLY C 253 -2.57 -46.48 -37.48
N LYS C 254 -2.36 -47.06 -38.65
CA LYS C 254 -3.19 -48.18 -39.10
C LYS C 254 -2.81 -49.45 -38.36
N ASN C 255 -1.51 -49.63 -38.11
CA ASN C 255 -1.07 -50.86 -37.46
C ASN C 255 -1.33 -50.89 -35.98
N GLU C 256 -2.08 -51.92 -35.62
CA GLU C 256 -2.25 -52.34 -34.25
C GLU C 256 -1.06 -53.11 -33.73
N SER C 257 -0.51 -54.04 -34.52
CA SER C 257 0.51 -54.98 -34.03
C SER C 257 1.79 -54.37 -33.44
N ALA C 258 2.35 -53.38 -34.14
CA ALA C 258 3.54 -52.67 -33.63
C ALA C 258 3.24 -52.02 -32.30
N HIS C 259 2.14 -51.27 -32.30
CA HIS C 259 1.65 -50.64 -31.08
C HIS C 259 1.35 -51.65 -29.99
N ILE C 260 0.97 -52.87 -30.38
CA ILE C 260 0.74 -53.95 -29.43
C ILE C 260 2.04 -54.34 -28.77
N SER C 261 3.03 -54.69 -29.58
CA SER C 261 4.32 -55.15 -29.06
C SER C 261 4.91 -54.09 -28.15
N ASP C 262 4.90 -52.85 -28.61
CA ASP C 262 5.46 -51.75 -27.82
C ASP C 262 4.66 -51.46 -26.57
N ALA C 263 3.34 -51.41 -26.68
CA ALA C 263 2.48 -51.13 -25.53
C ALA C 263 2.69 -52.17 -24.45
N VAL C 264 2.66 -53.44 -24.85
CA VAL C 264 2.90 -54.54 -23.92
C VAL C 264 4.30 -54.46 -23.33
N ALA C 265 5.27 -54.04 -24.14
CA ALA C 265 6.64 -53.87 -23.64
C ALA C 265 6.66 -52.83 -22.53
N VAL C 266 5.99 -51.71 -22.77
CA VAL C 266 5.84 -50.65 -21.79
C VAL C 266 5.12 -51.13 -20.54
N VAL C 267 4.09 -51.93 -20.75
CA VAL C 267 3.32 -52.50 -19.65
C VAL C 267 4.23 -53.35 -18.79
N ALA C 268 5.04 -54.17 -19.44
CA ALA C 268 5.98 -55.06 -18.75
C ALA C 268 6.96 -54.25 -17.92
N GLN C 269 7.54 -53.24 -18.56
CA GLN C 269 8.51 -52.36 -17.89
C GLN C 269 7.85 -51.67 -16.69
N ALA C 270 6.61 -51.26 -16.87
CA ALA C 270 5.83 -50.57 -15.85
C ALA C 270 5.52 -51.47 -14.65
N ILE C 271 5.11 -52.70 -14.92
CA ILE C 271 4.80 -53.67 -13.89
C ILE C 271 6.07 -54.01 -13.10
N HIS C 272 7.14 -54.32 -13.84
CA HIS C 272 8.40 -54.66 -13.22
C HIS C 272 8.94 -53.51 -12.37
N GLU C 273 8.70 -52.29 -12.82
CA GLU C 273 9.01 -51.09 -12.04
C GLU C 273 8.10 -50.93 -10.83
N LEU C 274 6.86 -51.41 -10.94
CA LEU C 274 5.84 -51.23 -9.92
C LEU C 274 6.09 -52.09 -8.68
N PHE C 275 6.38 -53.36 -8.92
CA PHE C 275 6.56 -54.33 -7.83
C PHE C 275 7.80 -54.06 -6.99
N GLU C 276 8.64 -53.13 -7.44
CA GLU C 276 9.74 -52.67 -6.58
C GLU C 276 9.19 -52.00 -5.33
N MET C 277 8.01 -51.39 -5.49
CA MET C 277 7.29 -50.79 -4.37
C MET C 277 6.42 -51.82 -3.65
N GLU C 278 6.14 -51.56 -2.39
CA GLU C 278 5.35 -52.47 -1.56
C GLU C 278 3.95 -51.90 -1.35
N GLN C 279 3.15 -52.64 -0.59
CA GLN C 279 1.75 -52.30 -0.34
C GLN C 279 0.92 -52.33 -1.61
N ILE C 280 1.24 -53.28 -2.48
CA ILE C 280 0.47 -53.53 -3.69
C ILE C 280 -0.74 -54.39 -3.34
N THR C 281 -1.83 -54.23 -4.09
CA THR C 281 -3.00 -55.09 -3.93
C THR C 281 -3.45 -55.56 -5.29
N ASP C 282 -3.83 -56.84 -5.38
CA ASP C 282 -4.34 -57.35 -6.64
C ASP C 282 -5.63 -56.62 -6.98
N PRO C 283 -5.93 -56.50 -8.28
CA PRO C 283 -7.18 -55.86 -8.70
C PRO C 283 -8.36 -56.72 -8.28
N PRO C 284 -9.57 -56.14 -8.23
CA PRO C 284 -10.74 -56.84 -7.73
C PRO C 284 -11.07 -58.09 -8.56
N ARG C 285 -11.41 -59.17 -7.88
CA ARG C 285 -11.70 -60.44 -8.54
C ARG C 285 -13.13 -60.40 -9.01
N GLY C 286 -13.30 -60.23 -10.33
CA GLY C 286 -14.63 -60.27 -10.90
C GLY C 286 -15.32 -58.93 -10.76
N CYS C 287 -16.26 -58.64 -11.65
CA CYS C 287 -17.04 -57.41 -11.55
C CYS C 287 -17.93 -57.56 -10.32
N VAL C 288 -18.46 -58.76 -10.15
CA VAL C 288 -19.46 -59.05 -9.13
C VAL C 288 -18.93 -58.91 -7.69
N GLY C 289 -19.71 -58.20 -6.86
CA GLY C 289 -19.42 -58.05 -5.45
C GLY C 289 -18.46 -56.98 -4.99
N ASN C 290 -17.90 -56.22 -5.93
CA ASN C 290 -16.97 -55.16 -5.56
C ASN C 290 -17.44 -53.77 -5.99
N THR C 291 -17.80 -52.95 -5.00
CA THR C 291 -18.25 -51.59 -5.25
C THR C 291 -17.10 -50.62 -5.08
N ASN C 292 -15.94 -51.16 -4.73
CA ASN C 292 -14.80 -50.35 -4.36
C ASN C 292 -13.75 -50.32 -5.44
N ILE C 293 -13.03 -49.19 -5.52
CA ILE C 293 -11.97 -49.05 -6.50
C ILE C 293 -10.76 -49.91 -6.13
N TRP C 294 -9.75 -49.87 -6.99
CA TRP C 294 -8.52 -50.63 -6.77
C TRP C 294 -7.38 -49.66 -6.51
N LYS C 295 -6.91 -49.62 -5.27
CA LYS C 295 -6.05 -48.55 -4.78
C LYS C 295 -4.73 -48.44 -5.57
N THR C 296 -4.22 -49.57 -6.05
CA THR C 296 -2.98 -49.61 -6.81
C THR C 296 -3.09 -48.89 -8.15
N GLY C 297 -4.27 -48.99 -8.77
CA GLY C 297 -4.48 -48.52 -10.13
C GLY C 297 -3.97 -47.15 -10.51
N PRO C 298 -4.28 -46.12 -9.69
CA PRO C 298 -3.70 -44.80 -9.95
C PRO C 298 -2.17 -44.76 -9.90
N LEU C 299 -1.57 -45.51 -8.99
CA LEU C 299 -0.12 -45.61 -8.91
C LEU C 299 0.44 -46.25 -10.18
N PHE C 300 -0.20 -47.34 -10.60
CA PHE C 300 0.17 -48.01 -11.84
C PHE C 300 0.11 -47.03 -13.01
N LYS C 301 -0.91 -46.19 -13.01
CA LYS C 301 -1.05 -45.15 -14.02
C LYS C 301 0.11 -44.16 -13.95
N ARG C 302 0.51 -43.80 -12.72
CA ARG C 302 1.56 -42.81 -12.52
C ARG C 302 2.91 -43.32 -13.05
N VAL C 303 3.27 -44.54 -12.69
CA VAL C 303 4.51 -45.12 -13.21
C VAL C 303 4.42 -45.30 -14.73
N LEU C 304 3.27 -45.78 -15.20
CA LEU C 304 3.10 -46.09 -16.63
C LEU C 304 3.22 -44.85 -17.51
N MET C 305 2.75 -43.71 -17.00
CA MET C 305 2.88 -42.44 -17.70
C MET C 305 4.34 -41.96 -17.74
N SER C 306 5.09 -42.34 -16.72
CA SER C 306 6.51 -41.97 -16.57
C SER C 306 7.50 -43.01 -17.09
N SER C 307 7.01 -43.99 -17.85
CA SER C 307 7.70 -45.28 -18.04
C SER C 307 8.82 -45.39 -19.07
N LYS C 308 9.24 -44.29 -19.69
CA LYS C 308 10.38 -44.25 -20.62
C LYS C 308 10.42 -45.40 -21.65
N TYR C 309 11.50 -46.16 -21.64
CA TYR C 309 11.75 -47.22 -22.64
C TYR C 309 11.76 -46.66 -24.07
N PRO C 310 12.66 -45.69 -24.34
CA PRO C 310 12.65 -44.93 -25.59
C PRO C 310 12.79 -45.82 -26.83
N ASP C 311 13.48 -46.95 -26.71
CA ASP C 311 13.59 -47.85 -27.86
C ASP C 311 12.31 -48.67 -28.00
N GLY C 312 11.61 -48.49 -29.12
CA GLY C 312 10.38 -49.22 -29.38
C GLY C 312 10.12 -49.31 -30.87
N VAL C 313 9.27 -50.25 -31.28
CA VAL C 313 8.97 -50.43 -32.70
C VAL C 313 8.24 -49.21 -33.26
N THR C 314 7.35 -48.61 -32.46
CA THR C 314 6.62 -47.43 -32.88
C THR C 314 7.48 -46.17 -32.75
N GLY C 315 8.54 -46.26 -31.95
CA GLY C 315 9.31 -45.07 -31.64
C GLY C 315 9.48 -44.90 -30.14
N ARG C 316 9.96 -43.72 -29.74
CA ARG C 316 10.20 -43.38 -28.35
C ARG C 316 8.89 -43.40 -27.59
N ILE C 317 8.93 -43.77 -26.32
CA ILE C 317 7.69 -43.86 -25.56
C ILE C 317 7.74 -42.99 -24.29
N GLU C 318 6.85 -42.00 -24.29
CA GLU C 318 6.60 -41.13 -23.15
C GLU C 318 5.19 -40.58 -23.20
N PHE C 319 4.63 -40.20 -22.06
CA PHE C 319 3.24 -39.75 -21.98
C PHE C 319 3.09 -38.33 -21.45
N ASN C 320 2.29 -37.51 -22.15
CA ASN C 320 2.00 -36.15 -21.70
C ASN C 320 1.10 -36.16 -20.47
N GLU C 321 0.79 -34.99 -19.92
CA GLU C 321 0.00 -34.91 -18.69
C GLU C 321 -1.37 -35.56 -18.85
N ASP C 322 -1.98 -35.39 -20.02
CA ASP C 322 -3.30 -35.92 -20.29
C ASP C 322 -3.27 -37.43 -20.51
N GLY C 323 -2.07 -37.99 -20.57
CA GLY C 323 -1.89 -39.41 -20.84
C GLY C 323 -1.74 -39.65 -22.33
N ASP C 324 -1.89 -38.58 -23.11
CA ASP C 324 -1.67 -38.65 -24.55
C ASP C 324 -0.18 -38.82 -24.82
N ARG C 325 0.15 -39.45 -25.95
CA ARG C 325 1.54 -39.73 -26.27
C ARG C 325 2.29 -38.46 -26.65
N LYS C 326 3.60 -38.47 -26.42
CA LYS C 326 4.45 -37.34 -26.75
C LYS C 326 5.52 -37.77 -27.77
N PHE C 327 6.06 -36.78 -28.47
CA PHE C 327 7.17 -37.00 -29.40
C PHE C 327 6.83 -38.03 -30.47
N ALA C 328 5.55 -38.06 -30.86
CA ALA C 328 5.13 -38.92 -31.96
C ALA C 328 5.59 -38.34 -33.29
N GLN C 329 5.62 -39.19 -34.31
CA GLN C 329 6.08 -38.75 -35.63
C GLN C 329 4.95 -38.80 -36.66
N TYR C 330 4.81 -37.71 -37.42
CA TYR C 330 3.84 -37.64 -38.51
C TYR C 330 4.58 -37.49 -39.83
N SER C 331 3.93 -37.89 -40.92
CA SER C 331 4.49 -37.75 -42.26
C SER C 331 3.68 -36.71 -43.03
N ILE C 332 4.36 -35.62 -43.40
CA ILE C 332 3.70 -34.55 -44.14
C ILE C 332 3.38 -35.04 -45.54
N MET C 333 2.25 -34.56 -46.06
CA MET C 333 1.72 -35.05 -47.32
C MET C 333 1.32 -33.91 -48.25
N ASN C 334 1.51 -34.13 -49.55
CA ASN C 334 1.16 -33.13 -50.55
C ASN C 334 0.23 -33.70 -51.62
N LEU C 335 -0.49 -32.83 -52.29
CA LEU C 335 -1.57 -33.23 -53.20
C LEU C 335 -1.14 -33.34 -54.66
N GLN C 336 0.16 -33.34 -54.92
CA GLN C 336 0.70 -33.25 -56.29
C GLN C 336 0.07 -34.20 -57.30
N ASN C 337 -0.29 -33.63 -58.45
CA ASN C 337 -0.95 -34.36 -59.53
C ASN C 337 -2.16 -35.17 -59.08
N ARG C 338 -2.96 -34.58 -58.18
CA ARG C 338 -4.12 -35.25 -57.61
C ARG C 338 -3.73 -36.61 -57.02
N LYS C 339 -2.54 -36.66 -56.43
CA LYS C 339 -2.05 -37.87 -55.79
C LYS C 339 -1.31 -37.50 -54.51
N LEU C 340 -1.31 -38.41 -53.55
CA LEU C 340 -0.68 -38.14 -52.28
C LEU C 340 0.84 -38.36 -52.36
N VAL C 341 1.62 -37.39 -51.91
CA VAL C 341 3.09 -37.50 -51.94
C VAL C 341 3.72 -36.95 -50.66
N GLN C 342 4.87 -37.49 -50.27
CA GLN C 342 5.52 -37.01 -49.07
C GLN C 342 6.53 -35.93 -49.42
N VAL C 343 6.19 -34.69 -49.08
CA VAL C 343 7.07 -33.56 -49.34
C VAL C 343 8.12 -33.59 -48.26
N GLY C 344 7.72 -34.09 -47.10
CA GLY C 344 8.60 -34.17 -45.95
C GLY C 344 8.05 -35.10 -44.88
N ILE C 345 8.86 -35.31 -43.85
CA ILE C 345 8.42 -36.09 -42.70
C ILE C 345 8.84 -35.41 -41.41
N PHE C 346 7.95 -35.48 -40.44
CA PHE C 346 8.10 -34.82 -39.14
C PHE C 346 8.33 -35.85 -38.03
N ASP C 347 9.46 -35.75 -37.35
CA ASP C 347 9.75 -36.63 -36.23
C ASP C 347 10.36 -35.84 -35.08
N GLY C 348 9.95 -36.15 -33.86
CA GLY C 348 10.41 -35.40 -32.71
C GLY C 348 9.83 -34.00 -32.71
N SER C 349 10.52 -33.07 -32.06
CA SER C 349 10.05 -31.68 -32.01
C SER C 349 10.41 -30.90 -33.28
N TYR C 350 11.28 -31.46 -34.11
CA TYR C 350 11.72 -30.76 -35.32
C TYR C 350 11.24 -31.43 -36.61
N ILE C 351 10.72 -30.61 -37.53
CA ILE C 351 10.33 -31.11 -38.85
C ILE C 351 11.55 -31.51 -39.68
N ILE C 352 11.35 -32.45 -40.59
CA ILE C 352 12.39 -32.80 -41.55
C ILE C 352 11.85 -32.70 -42.98
N GLN C 353 12.63 -32.07 -43.86
CA GLN C 353 12.18 -31.82 -45.23
C GLN C 353 12.72 -32.89 -46.18
N ASN C 354 11.83 -33.68 -46.77
CA ASN C 354 12.26 -34.65 -47.77
C ASN C 354 12.60 -33.99 -49.10
N ASP C 355 13.37 -34.72 -49.92
CA ASP C 355 13.89 -34.20 -51.17
C ASP C 355 12.79 -33.90 -52.18
N ARG C 356 11.60 -34.42 -51.88
CA ARG C 356 10.46 -34.42 -52.79
C ARG C 356 9.89 -33.05 -53.03
N LYS C 357 9.35 -32.84 -54.23
CA LYS C 357 8.83 -31.55 -54.60
C LYS C 357 7.62 -31.19 -53.74
N ILE C 358 7.55 -29.93 -53.39
CA ILE C 358 6.49 -29.33 -52.60
C ILE C 358 5.22 -29.16 -53.40
N ILE C 359 4.06 -29.33 -52.80
CA ILE C 359 2.90 -28.94 -53.58
C ILE C 359 2.23 -27.80 -52.87
N TRP C 360 1.85 -26.82 -53.68
CA TRP C 360 1.14 -25.68 -53.18
C TRP C 360 -0.10 -25.54 -54.02
N PRO C 361 -1.08 -24.77 -53.54
CA PRO C 361 -2.36 -24.60 -54.22
C PRO C 361 -2.23 -23.66 -55.42
N GLY C 362 -2.99 -23.89 -56.49
CA GLY C 362 -2.79 -23.07 -57.66
C GLY C 362 -1.65 -23.35 -58.61
N GLY C 363 -1.40 -22.33 -59.42
CA GLY C 363 -0.36 -22.24 -60.42
C GLY C 363 0.94 -21.92 -59.73
N GLU C 364 1.17 -22.65 -58.64
CA GLU C 364 2.43 -22.60 -57.94
C GLU C 364 2.96 -23.96 -57.52
N THR C 365 4.24 -24.13 -57.87
CA THR C 365 5.10 -25.24 -57.51
C THR C 365 5.40 -25.12 -56.03
N GLU C 366 5.70 -23.89 -55.62
CA GLU C 366 5.69 -23.53 -54.21
C GLU C 366 5.11 -22.13 -53.97
N ARG C 367 4.12 -22.09 -53.08
CA ARG C 367 3.45 -20.87 -52.66
C ARG C 367 3.13 -20.92 -51.17
N TYR C 371 -0.23 -13.44 -47.30
CA TYR C 371 -0.37 -12.02 -47.05
C TYR C 371 -1.74 -11.50 -47.50
N GLN C 372 -1.87 -11.24 -48.80
CA GLN C 372 -3.12 -10.76 -49.39
C GLN C 372 -3.60 -9.51 -48.65
N MET C 373 -2.69 -8.57 -48.37
CA MET C 373 -3.16 -7.32 -47.80
C MET C 373 -4.05 -6.67 -48.83
N SER C 374 -5.03 -5.95 -48.30
CA SER C 374 -6.06 -5.24 -49.05
C SER C 374 -5.77 -3.76 -49.10
N THR C 375 -5.70 -3.23 -50.31
CA THR C 375 -5.34 -1.85 -50.56
C THR C 375 -6.52 -0.93 -50.21
N ARG C 376 -7.66 -1.52 -49.88
CA ARG C 376 -8.82 -0.69 -49.53
C ARG C 376 -9.05 -0.88 -48.04
N LEU C 377 -9.57 0.18 -47.42
CA LEU C 377 -9.88 0.23 -45.98
C LEU C 377 -11.31 0.53 -45.54
N LYS C 378 -11.85 -0.35 -44.70
CA LYS C 378 -13.10 -0.05 -43.98
C LYS C 378 -12.76 0.64 -42.66
N ILE C 379 -13.30 1.85 -42.46
CA ILE C 379 -12.98 2.65 -41.28
C ILE C 379 -14.21 2.81 -40.38
N VAL C 380 -13.98 2.85 -39.07
CA VAL C 380 -15.07 2.95 -38.11
C VAL C 380 -14.84 4.14 -37.16
N THR C 381 -15.92 4.73 -36.68
CA THR C 381 -15.83 5.83 -35.71
C THR C 381 -17.01 5.81 -34.76
N ILE C 382 -17.05 6.80 -33.87
CA ILE C 382 -18.13 6.93 -32.92
C ILE C 382 -18.58 8.38 -32.98
N HIS C 383 -19.76 8.68 -32.43
CA HIS C 383 -20.22 10.04 -32.52
C HIS C 383 -19.67 10.75 -31.30
N GLN C 384 -18.60 11.51 -31.54
CA GLN C 384 -17.97 12.36 -30.55
C GLN C 384 -17.88 13.75 -31.15
N GLU C 385 -18.46 14.72 -30.47
CA GLU C 385 -18.69 16.03 -31.06
C GLU C 385 -17.44 16.76 -31.56
N PRO C 386 -16.36 16.84 -30.75
CA PRO C 386 -15.25 17.65 -31.26
C PRO C 386 -14.55 17.09 -32.50
N PHE C 387 -14.26 15.79 -32.52
CA PHE C 387 -13.46 15.22 -33.60
C PHE C 387 -14.30 14.61 -34.73
N VAL C 388 -15.61 14.49 -34.52
CA VAL C 388 -16.53 13.96 -35.54
C VAL C 388 -17.87 14.69 -35.52
N TYR C 389 -18.40 15.01 -36.70
CA TYR C 389 -19.76 15.55 -36.79
C TYR C 389 -20.63 14.78 -37.76
N VAL C 390 -21.90 14.65 -37.40
CA VAL C 390 -22.88 13.89 -38.14
C VAL C 390 -24.06 14.74 -38.60
N ARG C 391 -24.27 14.76 -39.91
CA ARG C 391 -25.47 15.35 -40.48
C ARG C 391 -25.89 14.45 -41.61
N PRO C 392 -27.20 14.27 -41.84
CA PRO C 392 -27.47 13.40 -42.98
C PRO C 392 -27.22 14.13 -44.28
N THR C 393 -26.88 13.39 -45.33
CA THR C 393 -26.71 14.00 -46.63
C THR C 393 -28.09 14.50 -47.05
N THR C 394 -28.16 15.73 -47.56
CA THR C 394 -29.46 16.28 -47.91
C THR C 394 -29.98 15.52 -49.12
N SER C 395 -31.13 14.86 -48.93
CA SER C 395 -31.68 13.97 -49.94
C SER C 395 -30.60 13.03 -50.48
N ASP C 396 -30.48 12.97 -51.80
CA ASP C 396 -29.36 12.28 -52.43
C ASP C 396 -28.08 13.11 -52.39
N GLY C 397 -28.21 14.43 -52.51
CA GLY C 397 -27.07 15.34 -52.50
C GLY C 397 -26.18 15.10 -51.30
N THR C 398 -24.88 15.30 -51.46
CA THR C 398 -23.93 14.79 -50.47
C THR C 398 -23.64 15.71 -49.30
N CYS C 399 -22.77 16.70 -49.51
CA CYS C 399 -22.24 17.44 -48.38
C CYS C 399 -22.23 18.94 -48.58
N ARG C 400 -22.39 19.66 -47.47
CA ARG C 400 -22.49 21.11 -47.49
C ARG C 400 -21.12 21.75 -47.73
N GLU C 401 -21.15 22.90 -48.38
CA GLU C 401 -19.96 23.65 -48.76
C GLU C 401 -19.54 24.54 -47.60
N GLU C 402 -20.13 24.27 -46.44
CA GLU C 402 -19.92 25.07 -45.23
C GLU C 402 -18.43 25.29 -44.96
N TYR C 403 -18.12 26.47 -44.44
CA TYR C 403 -16.73 26.92 -44.38
C TYR C 403 -16.24 27.17 -42.96
N THR C 404 -14.98 26.85 -42.73
CA THR C 404 -14.33 27.07 -41.44
C THR C 404 -14.19 28.56 -41.13
N ILE C 405 -13.98 28.89 -39.86
CA ILE C 405 -13.83 30.28 -39.43
C ILE C 405 -12.67 30.96 -40.17
N ASN C 406 -11.55 30.26 -40.27
CA ASN C 406 -10.52 30.64 -41.23
C ASN C 406 -11.08 30.24 -42.59
N GLY C 407 -11.02 31.12 -43.58
CA GLY C 407 -11.75 30.79 -44.79
C GLY C 407 -11.15 29.58 -45.49
N ASP C 408 -11.88 28.48 -45.39
CA ASP C 408 -11.65 27.26 -46.13
C ASP C 408 -12.97 26.52 -46.25
N PRO C 409 -13.20 25.81 -47.35
CA PRO C 409 -14.41 24.99 -47.38
C PRO C 409 -14.24 23.75 -46.52
N ILE C 410 -15.29 23.30 -45.84
CA ILE C 410 -15.17 22.11 -45.00
C ILE C 410 -15.22 20.83 -45.81
N LYS C 411 -14.25 19.95 -45.56
CA LYS C 411 -14.22 18.64 -46.19
C LYS C 411 -15.21 17.72 -45.48
N LYS C 412 -15.66 16.67 -46.19
CA LYS C 412 -16.64 15.75 -45.62
C LYS C 412 -16.57 14.38 -46.30
N VAL C 413 -17.04 13.35 -45.60
CA VAL C 413 -17.06 12.01 -46.17
C VAL C 413 -18.31 11.25 -45.74
N ILE C 414 -18.67 10.22 -46.49
CA ILE C 414 -19.88 9.44 -46.17
C ILE C 414 -19.61 8.32 -45.16
N CYS C 415 -20.51 8.18 -44.20
CA CYS C 415 -20.40 7.20 -43.13
C CYS C 415 -21.72 6.51 -42.82
N ASN C 416 -21.71 5.18 -42.77
CA ASN C 416 -22.91 4.43 -42.41
C ASN C 416 -22.92 4.09 -40.92
N GLY C 417 -23.94 4.56 -40.20
CA GLY C 417 -23.93 4.40 -38.76
C GLY C 417 -25.31 4.32 -38.13
N PRO C 418 -25.35 4.10 -36.80
CA PRO C 418 -26.62 3.89 -36.12
C PRO C 418 -27.47 5.16 -36.13
N ASP C 419 -28.76 5.00 -36.40
CA ASP C 419 -29.66 6.14 -36.32
C ASP C 419 -30.72 5.86 -35.26
N GLU C 420 -30.89 6.81 -34.35
CA GLU C 420 -31.94 6.71 -33.35
C GLU C 420 -33.17 7.51 -33.79
N THR C 421 -33.06 8.16 -34.94
CA THR C 421 -34.15 9.00 -35.44
C THR C 421 -35.36 8.15 -35.78
N ILE C 422 -35.15 7.07 -36.52
CA ILE C 422 -36.19 6.07 -36.73
C ILE C 422 -36.39 5.29 -35.44
N PRO C 423 -37.63 4.85 -35.18
CA PRO C 423 -37.92 4.06 -33.98
C PRO C 423 -37.12 2.77 -33.90
N GLY C 424 -37.10 2.00 -34.98
CA GLY C 424 -36.17 0.89 -35.11
C GLY C 424 -34.83 1.49 -35.43
N ARG C 425 -33.74 0.75 -35.24
CA ARG C 425 -32.44 1.30 -35.58
C ARG C 425 -31.86 0.63 -36.83
N PRO C 426 -31.97 1.32 -37.97
CA PRO C 426 -31.36 0.99 -39.26
C PRO C 426 -29.92 1.46 -39.35
N THR C 427 -29.05 0.73 -40.04
CA THR C 427 -27.74 1.31 -40.28
C THR C 427 -27.93 2.29 -41.44
N VAL C 428 -27.73 3.56 -41.11
CA VAL C 428 -28.16 4.68 -41.96
C VAL C 428 -26.99 5.37 -42.66
N PRO C 429 -27.14 5.61 -43.98
CA PRO C 429 -26.15 6.45 -44.69
C PRO C 429 -26.18 7.88 -44.16
N GLN C 430 -25.00 8.41 -43.87
CA GLN C 430 -24.89 9.71 -43.22
C GLN C 430 -23.69 10.46 -43.78
N CYS C 431 -23.64 11.76 -43.55
CA CYS C 431 -22.46 12.54 -43.84
C CYS C 431 -21.74 12.85 -42.54
N CYS C 432 -20.44 12.58 -42.52
CA CYS C 432 -19.61 12.86 -41.36
C CYS C 432 -18.37 13.66 -41.75
N TYR C 433 -18.13 14.72 -40.99
CA TYR C 433 -16.93 15.54 -41.23
C TYR C 433 -16.19 15.79 -39.91
N GLY C 434 -14.87 15.66 -39.93
CA GLY C 434 -14.10 15.79 -38.72
C GLY C 434 -12.60 16.05 -38.83
N PHE C 435 -12.01 16.41 -37.70
CA PHE C 435 -10.57 16.52 -37.52
C PHE C 435 -9.91 15.21 -37.92
N CYS C 436 -10.46 14.11 -37.40
CA CYS C 436 -9.97 12.78 -37.71
C CYS C 436 -10.16 12.42 -39.19
N VAL C 437 -11.20 12.97 -39.81
CA VAL C 437 -11.42 12.76 -41.24
C VAL C 437 -10.39 13.50 -42.08
N ASP C 438 -10.13 14.76 -41.74
CA ASP C 438 -9.10 15.54 -42.41
C ASP C 438 -7.74 14.88 -42.25
N LEU C 439 -7.49 14.34 -41.06
CA LEU C 439 -6.25 13.60 -40.78
C LEU C 439 -6.18 12.35 -41.66
N LEU C 440 -7.31 11.66 -41.77
CA LEU C 440 -7.41 10.41 -42.52
C LEU C 440 -7.15 10.62 -44.01
N ILE C 441 -7.76 11.66 -44.57
CA ILE C 441 -7.55 12.02 -45.97
C ILE C 441 -6.13 12.56 -46.19
N LYS C 442 -5.58 13.24 -45.19
CA LYS C 442 -4.20 13.71 -45.25
C LYS C 442 -3.28 12.50 -45.41
N LEU C 443 -3.57 11.48 -44.61
CA LEU C 443 -2.86 10.22 -44.73
C LEU C 443 -3.10 9.62 -46.11
N ALA C 444 -4.36 9.66 -46.56
CA ALA C 444 -4.76 9.05 -47.82
C ALA C 444 -4.06 9.65 -49.03
N ARG C 445 -3.76 10.93 -48.95
CA ARG C 445 -2.92 11.57 -49.96
C ARG C 445 -1.47 11.15 -49.76
N GLU C 446 -1.04 11.13 -48.51
CA GLU C 446 0.30 10.65 -48.17
C GLU C 446 0.45 9.13 -48.39
N MET C 447 -0.60 8.39 -48.08
CA MET C 447 -0.56 6.92 -48.07
C MET C 447 -1.25 6.35 -49.30
N ASP C 448 -0.80 5.19 -49.74
CA ASP C 448 -1.34 4.55 -50.93
C ASP C 448 -2.82 4.16 -50.81
N PHE C 449 -3.33 4.14 -49.58
CA PHE C 449 -4.65 3.58 -49.29
C PHE C 449 -5.81 4.44 -49.81
N THR C 450 -6.97 3.79 -49.93
CA THR C 450 -8.24 4.46 -50.18
C THR C 450 -9.19 4.14 -49.04
N TYR C 451 -10.12 5.03 -48.75
CA TYR C 451 -10.93 4.88 -47.55
C TYR C 451 -12.44 4.89 -47.79
N GLU C 452 -13.13 3.97 -47.12
CA GLU C 452 -14.58 3.99 -47.01
C GLU C 452 -14.92 3.86 -45.52
N VAL C 453 -15.76 4.76 -45.02
CA VAL C 453 -15.99 4.85 -43.59
C VAL C 453 -17.45 4.58 -43.24
N HIS C 454 -17.68 3.75 -42.23
CA HIS C 454 -19.01 3.63 -41.65
C HIS C 454 -18.92 3.61 -40.12
N LEU C 455 -19.81 4.35 -39.46
CA LEU C 455 -19.80 4.42 -38.01
C LEU C 455 -20.26 3.10 -37.37
N VAL C 456 -19.68 2.76 -36.23
CA VAL C 456 -20.02 1.52 -35.53
C VAL C 456 -21.46 1.57 -35.03
N ALA C 457 -22.13 0.41 -35.03
CA ALA C 457 -23.53 0.33 -34.61
C ALA C 457 -23.69 0.75 -33.15
N ASP C 458 -22.77 0.30 -32.30
CA ASP C 458 -22.83 0.63 -30.87
C ASP C 458 -22.23 2.01 -30.59
N GLY C 459 -22.88 2.78 -29.73
CA GLY C 459 -22.40 4.10 -29.38
C GLY C 459 -21.10 4.06 -28.60
N LYS C 460 -20.85 2.93 -27.94
CA LYS C 460 -19.64 2.74 -27.16
C LYS C 460 -18.44 2.41 -28.05
N LEU C 482 -12.95 -4.02 -34.77
CA LEU C 482 -11.59 -4.09 -35.28
C LEU C 482 -11.04 -5.51 -35.23
N LEU C 483 -11.22 -6.17 -34.08
CA LEU C 483 -10.81 -7.55 -33.94
C LEU C 483 -11.62 -8.44 -34.87
N SER C 484 -12.91 -8.16 -34.96
CA SER C 484 -13.81 -8.90 -35.83
C SER C 484 -13.49 -8.68 -37.30
N GLY C 485 -12.91 -7.52 -37.61
CA GLY C 485 -12.56 -7.19 -38.97
C GLY C 485 -13.64 -6.43 -39.72
N GLN C 486 -14.71 -6.06 -39.01
CA GLN C 486 -15.80 -5.31 -39.62
C GLN C 486 -15.25 -4.00 -40.16
N ALA C 487 -14.36 -3.39 -39.39
CA ALA C 487 -13.51 -2.33 -39.88
C ALA C 487 -12.05 -2.72 -39.60
N ASP C 488 -11.20 -2.56 -40.60
CA ASP C 488 -9.81 -2.96 -40.50
C ASP C 488 -8.97 -1.95 -39.71
N MET C 489 -9.41 -0.69 -39.70
CA MET C 489 -8.70 0.37 -38.98
C MET C 489 -9.69 1.27 -38.25
N ILE C 490 -9.32 1.73 -37.06
CA ILE C 490 -10.23 2.55 -36.25
C ILE C 490 -9.77 3.99 -36.14
N VAL C 491 -10.54 4.91 -36.71
CA VAL C 491 -10.24 6.33 -36.55
C VAL C 491 -11.31 7.02 -35.72
N ALA C 492 -10.92 7.46 -34.51
CA ALA C 492 -11.84 8.03 -33.54
C ALA C 492 -11.03 8.68 -32.42
N PRO C 493 -11.70 9.36 -31.46
CA PRO C 493 -10.92 9.81 -30.29
C PRO C 493 -10.78 8.74 -29.22
N LEU C 494 -9.79 7.86 -29.35
CA LEU C 494 -9.62 6.74 -28.42
C LEU C 494 -8.43 6.85 -27.48
N THR C 495 -8.71 6.81 -26.18
CA THR C 495 -7.66 6.75 -25.19
C THR C 495 -6.98 5.39 -25.39
N ILE C 496 -5.68 5.35 -25.12
CA ILE C 496 -4.84 4.19 -25.33
C ILE C 496 -4.50 3.55 -23.98
N ASN C 497 -4.81 2.27 -23.80
CA ASN C 497 -4.63 1.68 -22.48
C ASN C 497 -3.84 0.37 -22.51
N ASN C 498 -3.13 0.14 -21.41
CA ASN C 498 -2.23 -0.99 -21.24
C ASN C 498 -2.86 -2.33 -21.36
N GLU C 499 -4.07 -2.39 -20.82
CA GLU C 499 -4.82 -3.62 -20.80
C GLU C 499 -4.97 -4.05 -22.24
N ARG C 500 -5.27 -3.08 -23.11
CA ARG C 500 -5.32 -3.31 -24.55
C ARG C 500 -3.99 -3.46 -25.31
N ALA C 501 -2.94 -2.74 -24.95
CA ALA C 501 -1.78 -2.64 -25.86
C ALA C 501 -1.12 -3.99 -26.19
N GLN C 502 -1.00 -4.86 -25.21
CA GLN C 502 -0.46 -6.20 -25.48
C GLN C 502 -1.43 -6.88 -26.44
N TYR C 503 -2.72 -6.68 -26.16
CA TYR C 503 -3.81 -7.21 -26.97
C TYR C 503 -3.87 -6.61 -28.38
N ILE C 504 -3.65 -5.30 -28.54
CA ILE C 504 -3.80 -4.69 -29.86
C ILE C 504 -2.72 -3.67 -30.20
N GLU C 505 -2.49 -3.43 -31.49
CA GLU C 505 -1.56 -2.38 -31.88
C GLU C 505 -2.16 -0.99 -31.75
N PHE C 506 -1.32 -0.02 -31.41
CA PHE C 506 -1.75 1.36 -31.22
C PHE C 506 -0.90 2.35 -32.03
N SER C 507 -1.54 3.27 -32.75
CA SER C 507 -0.81 4.29 -33.49
C SER C 507 -0.25 5.31 -32.51
N LYS C 508 0.87 5.93 -32.86
CA LYS C 508 1.43 6.98 -32.01
C LYS C 508 0.39 8.08 -31.81
N PRO C 509 0.32 8.67 -30.61
CA PRO C 509 -0.78 9.60 -30.34
C PRO C 509 -0.76 10.86 -31.19
N PHE C 510 -1.87 11.17 -31.86
CA PHE C 510 -2.00 12.47 -32.49
C PHE C 510 -2.20 13.55 -31.44
N LYS C 511 -2.93 13.22 -30.38
CA LYS C 511 -3.26 14.19 -29.35
C LYS C 511 -2.90 13.70 -27.95
N TYR C 512 -2.63 14.66 -27.06
CA TYR C 512 -2.26 14.36 -25.67
C TYR C 512 -3.20 15.08 -24.73
N GLN C 513 -3.95 14.33 -23.93
CA GLN C 513 -4.96 14.91 -23.06
C GLN C 513 -5.29 13.98 -21.90
N GLY C 514 -5.94 14.52 -20.88
CA GLY C 514 -6.25 13.76 -19.69
C GLY C 514 -7.62 14.14 -19.17
N LEU C 515 -8.15 13.32 -18.27
CA LEU C 515 -9.50 13.53 -17.77
C LEU C 515 -9.59 14.79 -16.91
N THR C 516 -10.80 15.34 -16.84
CA THR C 516 -11.08 16.53 -16.05
C THR C 516 -12.58 16.66 -15.87
N ILE C 517 -12.99 17.69 -15.13
CA ILE C 517 -14.40 17.81 -14.80
C ILE C 517 -15.05 19.11 -15.26
N LEU C 518 -16.26 18.98 -15.78
CA LEU C 518 -17.10 20.10 -16.15
C LEU C 518 -18.21 20.24 -15.13
N ASP C 529 -28.09 44.31 -5.11
CA ASP C 529 -28.24 44.75 -6.49
C ASP C 529 -28.17 46.27 -6.57
N SER C 530 -27.84 46.88 -5.45
CA SER C 530 -27.73 48.33 -5.29
C SER C 530 -26.53 48.78 -4.45
N PHE C 531 -26.15 50.04 -4.64
CA PHE C 531 -24.99 50.70 -4.06
C PHE C 531 -25.12 50.63 -2.54
N MET C 532 -26.32 50.35 -2.07
CA MET C 532 -26.58 50.19 -0.65
C MET C 532 -25.71 49.07 -0.10
N GLN C 533 -25.39 48.08 -0.93
CA GLN C 533 -24.84 46.80 -0.48
C GLN C 533 -23.59 46.96 0.40
N PRO C 534 -22.73 47.95 0.10
CA PRO C 534 -21.64 48.13 1.05
C PRO C 534 -21.95 48.61 2.45
N PHE C 535 -22.90 49.51 2.59
CA PHE C 535 -23.25 50.00 3.92
C PHE C 535 -24.68 49.56 4.20
N GLN C 536 -24.87 48.78 5.26
CA GLN C 536 -26.22 48.32 5.56
C GLN C 536 -27.11 49.51 5.84
N SER C 537 -28.40 49.40 5.49
CA SER C 537 -29.32 50.49 5.72
C SER C 537 -29.30 50.89 7.19
N THR C 538 -29.06 49.92 8.06
CA THR C 538 -28.85 50.23 9.47
C THR C 538 -27.61 51.11 9.65
N LEU C 539 -26.53 50.82 8.93
CA LEU C 539 -25.35 51.67 8.97
C LEU C 539 -25.66 53.04 8.38
N TRP C 540 -26.30 53.00 7.22
CA TRP C 540 -26.58 54.19 6.43
C TRP C 540 -27.49 55.22 7.08
N LEU C 541 -28.56 54.76 7.72
CA LEU C 541 -29.51 55.67 8.34
C LEU C 541 -28.89 56.33 9.56
N LEU C 542 -28.20 55.52 10.35
CA LEU C 542 -27.55 55.98 11.56
C LEU C 542 -26.51 57.04 11.25
N VAL C 543 -25.78 56.86 10.15
CA VAL C 543 -24.78 57.87 9.81
C VAL C 543 -25.43 59.23 9.51
N GLY C 544 -26.63 59.21 8.93
CA GLY C 544 -27.35 60.43 8.63
C GLY C 544 -27.94 61.05 9.88
N LEU C 545 -28.45 60.19 10.75
CA LEU C 545 -29.06 60.61 12.01
C LEU C 545 -28.03 61.31 12.88
N SER C 546 -26.83 60.72 12.95
CA SER C 546 -25.72 61.33 13.68
C SER C 546 -25.17 62.54 12.93
N VAL C 547 -25.34 62.54 11.61
CA VAL C 547 -24.92 63.66 10.79
C VAL C 547 -25.67 64.91 11.21
N HIS C 548 -26.99 64.79 11.19
CA HIS C 548 -27.84 65.87 11.65
C HIS C 548 -27.58 66.11 13.13
N VAL C 549 -27.41 65.02 13.89
CA VAL C 549 -27.22 65.09 15.34
C VAL C 549 -25.97 65.86 15.74
N VAL C 550 -25.06 66.00 14.78
CA VAL C 550 -23.82 66.72 14.97
C VAL C 550 -24.02 68.12 14.47
N ALA C 551 -24.54 68.27 13.26
CA ALA C 551 -24.68 69.59 12.68
C ALA C 551 -25.53 70.41 13.59
N VAL C 552 -26.56 69.78 14.09
CA VAL C 552 -27.42 70.36 15.10
C VAL C 552 -26.65 70.61 16.36
N MET C 553 -25.84 69.68 16.87
CA MET C 553 -25.11 69.97 18.10
C MET C 553 -24.24 71.22 17.93
N LEU C 554 -23.73 71.37 16.71
CA LEU C 554 -22.95 72.52 16.27
C LEU C 554 -23.80 73.79 16.19
N TYR C 555 -24.97 73.64 15.58
CA TYR C 555 -25.96 74.69 15.35
C TYR C 555 -26.52 75.21 16.62
N LEU C 556 -26.84 74.25 17.45
CA LEU C 556 -27.41 74.39 18.76
C LEU C 556 -26.36 75.07 19.54
N LEU C 557 -25.11 74.65 19.33
CA LEU C 557 -24.03 75.26 20.08
C LEU C 557 -24.03 76.72 19.70
N ASP C 558 -24.16 77.00 18.40
CA ASP C 558 -24.15 78.37 17.92
C ASP C 558 -25.34 79.19 18.45
N ARG C 559 -26.54 78.63 18.35
CA ARG C 559 -27.76 79.30 18.77
C ARG C 559 -27.80 79.53 20.26
N PHE C 560 -27.40 78.51 21.02
CA PHE C 560 -27.39 78.57 22.48
C PHE C 560 -26.36 79.56 22.96
N SER C 561 -25.21 79.55 22.29
CA SER C 561 -24.03 80.32 22.71
C SER C 561 -22.84 80.00 21.81
N THR C 571 -29.84 79.76 11.90
CA THR C 571 -28.99 78.78 12.54
C THR C 571 -29.28 77.37 12.03
N LEU C 572 -30.56 77.06 11.85
CA LEU C 572 -30.96 75.74 11.39
C LEU C 572 -30.48 75.46 9.98
N SER C 573 -30.75 76.41 9.07
CA SER C 573 -30.29 76.30 7.69
C SER C 573 -28.78 76.31 7.64
N SER C 574 -28.18 77.18 8.46
CA SER C 574 -26.75 77.35 8.48
C SER C 574 -26.05 76.05 8.80
N ALA C 575 -26.45 75.41 9.89
CA ALA C 575 -25.85 74.15 10.33
C ALA C 575 -26.24 72.93 9.53
N MET C 576 -27.48 72.85 9.07
CA MET C 576 -27.89 71.69 8.30
C MET C 576 -27.08 71.69 7.01
N TRP C 577 -27.11 72.84 6.33
CA TRP C 577 -26.35 72.99 5.10
C TRP C 577 -24.85 72.94 5.38
N PHE C 578 -24.44 73.32 6.59
CA PHE C 578 -23.04 73.18 7.00
C PHE C 578 -22.63 71.72 7.15
N SER C 579 -23.54 70.90 7.65
CA SER C 579 -23.27 69.48 7.83
C SER C 579 -23.11 68.79 6.53
N TRP C 580 -24.10 69.03 5.69
CA TRP C 580 -24.08 68.45 4.37
C TRP C 580 -22.91 68.97 3.54
N ARG C 581 -22.62 70.26 3.64
CA ARG C 581 -21.49 70.83 2.91
C ARG C 581 -20.15 70.27 3.41
N VAL C 582 -20.00 70.20 4.73
CA VAL C 582 -18.78 69.69 5.33
C VAL C 582 -18.60 68.19 5.03
N LEU C 583 -19.70 67.47 5.02
CA LEU C 583 -19.70 66.05 4.67
C LEU C 583 -19.34 65.82 3.20
N LEU C 584 -19.96 66.59 2.32
CA LEU C 584 -19.86 66.36 0.88
C LEU C 584 -18.75 67.16 0.18
N ASN C 585 -18.03 67.98 0.96
CA ASN C 585 -17.04 68.90 0.43
C ASN C 585 -17.67 69.95 -0.48
N SER C 586 -18.96 70.22 -0.27
CA SER C 586 -19.68 71.19 -1.07
C SER C 586 -19.13 72.60 -0.84
N GLY C 587 -18.81 72.89 0.42
CA GLY C 587 -18.21 74.15 0.79
C GLY C 587 -19.09 75.33 0.42
N LEU C 588 -20.32 75.35 0.94
CA LEU C 588 -21.24 76.44 0.67
C LEU C 588 -20.58 77.74 1.06
N GLY C 589 -19.83 77.69 2.16
CA GLY C 589 -18.95 78.79 2.52
C GLY C 589 -19.74 79.91 3.14
N GLU C 590 -21.04 79.68 3.29
CA GLU C 590 -21.93 80.65 3.88
C GLU C 590 -21.50 80.87 5.33
N GLY C 591 -21.17 79.79 6.02
CA GLY C 591 -20.84 79.97 7.42
C GLY C 591 -19.82 78.98 7.93
N ALA C 592 -19.16 79.41 9.00
CA ALA C 592 -18.33 78.56 9.81
C ALA C 592 -18.42 79.06 11.23
N PRO C 593 -18.37 78.16 12.20
CA PRO C 593 -18.31 78.60 13.60
C PRO C 593 -16.89 78.96 14.03
N ARG C 594 -16.72 80.05 14.76
CA ARG C 594 -15.41 80.48 15.23
C ARG C 594 -14.98 79.61 16.40
N SER C 595 -15.97 79.16 17.17
CA SER C 595 -15.78 78.54 18.47
C SER C 595 -14.95 77.25 18.42
N PHE C 596 -14.16 77.04 19.48
CA PHE C 596 -13.27 75.89 19.60
C PHE C 596 -14.00 74.56 19.54
N SER C 597 -15.15 74.49 20.21
CA SER C 597 -15.95 73.29 20.24
C SER C 597 -16.39 72.95 18.85
N ALA C 598 -16.96 73.97 18.22
CA ALA C 598 -17.42 73.87 16.86
C ALA C 598 -16.33 73.53 15.84
N ARG C 599 -15.17 74.17 16.00
CA ARG C 599 -14.04 73.95 15.09
C ARG C 599 -13.52 72.52 15.22
N ILE C 600 -13.37 72.06 16.45
CA ILE C 600 -12.90 70.72 16.75
C ILE C 600 -13.88 69.66 16.27
N LEU C 601 -15.16 69.92 16.51
CA LEU C 601 -16.22 69.02 16.08
C LEU C 601 -16.17 68.92 14.57
N GLY C 602 -15.99 70.05 13.90
CA GLY C 602 -15.90 70.08 12.45
C GLY C 602 -14.68 69.36 11.88
N MET C 603 -13.52 69.54 12.51
CA MET C 603 -12.28 68.87 12.07
C MET C 603 -12.40 67.36 12.22
N VAL C 604 -12.90 66.93 13.37
CA VAL C 604 -13.15 65.51 13.65
C VAL C 604 -14.18 64.98 12.66
N TRP C 605 -15.14 65.85 12.33
CA TRP C 605 -16.22 65.60 11.39
C TRP C 605 -15.66 65.30 9.99
N ALA C 606 -14.72 66.14 9.55
CA ALA C 606 -14.07 66.00 8.26
C ALA C 606 -13.24 64.72 8.22
N GLY C 607 -12.51 64.47 9.31
CA GLY C 607 -11.76 63.23 9.45
C GLY C 607 -12.72 62.07 9.27
N PHE C 608 -13.90 62.18 9.88
CA PHE C 608 -14.94 61.16 9.77
C PHE C 608 -15.47 61.05 8.33
N ALA C 609 -15.48 62.16 7.60
CA ALA C 609 -15.85 62.15 6.19
C ALA C 609 -14.85 61.32 5.38
N MET C 610 -13.57 61.50 5.69
CA MET C 610 -12.50 60.74 5.07
C MET C 610 -12.68 59.25 5.39
N ILE C 611 -13.07 59.00 6.63
CA ILE C 611 -13.29 57.63 7.09
C ILE C 611 -14.48 56.99 6.38
N ILE C 612 -15.54 57.76 6.13
CA ILE C 612 -16.71 57.23 5.45
C ILE C 612 -16.44 56.96 3.97
N VAL C 613 -15.68 57.85 3.32
CA VAL C 613 -15.30 57.61 1.94
C VAL C 613 -14.43 56.35 1.89
N ALA C 614 -13.63 56.20 2.93
CA ALA C 614 -12.85 54.98 3.12
C ALA C 614 -13.77 53.77 3.22
N SER C 615 -14.87 53.88 3.95
CA SER C 615 -15.82 52.77 4.04
C SER C 615 -16.42 52.40 2.68
N TYR C 616 -16.70 53.41 1.85
CA TYR C 616 -17.20 53.12 0.51
C TYR C 616 -16.15 52.32 -0.26
N THR C 617 -14.89 52.75 -0.13
CA THR C 617 -13.78 52.04 -0.75
C THR C 617 -13.53 50.61 -0.24
N ALA C 618 -13.69 50.41 1.06
CA ALA C 618 -13.47 49.10 1.68
C ALA C 618 -14.49 48.13 1.19
N ASN C 619 -15.71 48.59 1.21
CA ASN C 619 -16.82 47.81 0.72
C ASN C 619 -16.72 47.49 -0.76
N LEU C 620 -16.25 48.46 -1.55
CA LEU C 620 -16.01 48.22 -2.96
C LEU C 620 -14.92 47.16 -3.08
N ALA C 621 -13.91 47.25 -2.22
CA ALA C 621 -12.85 46.25 -2.21
C ALA C 621 -13.41 44.87 -1.83
N ALA C 622 -14.41 44.85 -0.94
CA ALA C 622 -15.04 43.60 -0.51
C ALA C 622 -15.83 43.05 -1.70
N PHE C 623 -16.19 43.98 -2.56
CA PHE C 623 -17.02 43.79 -3.74
C PHE C 623 -16.15 43.10 -4.78
N LEU C 624 -14.87 43.44 -4.77
CA LEU C 624 -13.94 42.97 -5.78
C LEU C 624 -13.63 41.49 -5.64
N VAL C 625 -13.97 40.86 -4.51
CA VAL C 625 -13.64 39.45 -4.43
C VAL C 625 -14.78 38.74 -5.15
N LEU C 626 -14.54 38.47 -6.43
CA LEU C 626 -15.53 37.92 -7.33
C LEU C 626 -15.83 36.47 -7.05
N ARG C 627 -14.86 35.77 -6.49
CA ARG C 627 -15.04 34.34 -6.38
C ARG C 627 -15.31 33.98 -4.95
N ARG C 628 -16.32 33.13 -4.82
CA ARG C 628 -16.72 32.53 -3.57
C ARG C 628 -15.79 31.37 -3.30
N PRO C 629 -15.71 30.94 -2.03
CA PRO C 629 -14.84 29.83 -1.65
C PRO C 629 -15.13 28.53 -2.41
N GLU C 630 -16.38 28.31 -2.80
CA GLU C 630 -16.79 27.07 -3.47
C GLU C 630 -16.55 27.09 -4.98
N GLU C 631 -17.16 26.13 -5.67
CA GLU C 631 -17.25 26.02 -7.13
C GLU C 631 -16.03 25.37 -7.79
N ARG C 632 -15.02 25.03 -7.00
CA ARG C 632 -13.85 24.37 -7.54
C ARG C 632 -13.80 22.88 -7.21
N ILE C 633 -13.34 22.08 -8.16
CA ILE C 633 -12.96 20.71 -7.86
C ILE C 633 -11.45 20.81 -7.72
N THR C 634 -11.00 20.75 -6.46
CA THR C 634 -9.65 21.12 -6.07
C THR C 634 -8.53 20.37 -6.79
N GLY C 635 -8.66 19.07 -6.90
CA GLY C 635 -7.60 18.25 -7.48
C GLY C 635 -8.18 17.06 -8.21
N ILE C 636 -7.31 16.26 -8.81
CA ILE C 636 -7.74 15.00 -9.39
C ILE C 636 -8.39 14.11 -8.35
N ASN C 637 -7.83 14.09 -7.14
CA ASN C 637 -8.51 13.51 -6.01
C ASN C 637 -9.23 14.59 -5.22
N ASP C 638 -10.55 14.64 -5.33
CA ASP C 638 -11.33 15.62 -4.60
C ASP C 638 -12.17 14.98 -3.51
N PRO C 639 -12.02 15.45 -2.27
CA PRO C 639 -12.83 15.00 -1.13
C PRO C 639 -14.32 15.10 -1.40
N ARG C 640 -14.76 16.09 -2.16
CA ARG C 640 -16.19 16.18 -2.49
C ARG C 640 -16.58 14.88 -3.21
N LEU C 641 -15.66 14.32 -3.99
CA LEU C 641 -15.84 12.98 -4.52
C LEU C 641 -15.66 11.96 -3.39
N ARG C 642 -14.60 12.13 -2.60
CA ARG C 642 -14.27 11.26 -1.48
C ARG C 642 -15.36 11.29 -0.42
N ASN C 643 -16.03 12.44 -0.32
CA ASN C 643 -17.22 12.60 0.51
C ASN C 643 -18.37 12.62 -0.47
N PRO C 644 -18.77 11.45 -0.96
CA PRO C 644 -19.84 11.40 -1.94
C PRO C 644 -21.15 11.76 -1.28
N SER C 645 -22.13 12.11 -2.09
CA SER C 645 -23.45 12.36 -1.56
C SER C 645 -24.50 11.94 -2.56
N ASP C 646 -25.61 11.43 -2.03
CA ASP C 646 -26.77 11.16 -2.85
C ASP C 646 -27.25 12.50 -3.38
N LYS C 647 -27.08 13.54 -2.55
CA LYS C 647 -27.49 14.89 -2.90
C LYS C 647 -26.60 15.51 -3.97
N PHE C 648 -25.29 15.25 -3.91
CA PHE C 648 -24.38 15.78 -4.92
C PHE C 648 -23.90 14.65 -5.84
N ILE C 649 -24.42 14.66 -7.06
CA ILE C 649 -24.15 13.62 -8.04
C ILE C 649 -22.77 13.83 -8.66
N TYR C 650 -22.11 12.72 -8.99
CA TYR C 650 -20.98 12.83 -9.90
C TYR C 650 -21.12 11.80 -11.00
N ALA C 651 -21.20 12.32 -12.22
CA ALA C 651 -21.74 11.56 -13.34
C ALA C 651 -20.68 11.22 -14.37
N THR C 652 -20.85 10.05 -14.97
CA THR C 652 -19.97 9.57 -16.01
C THR C 652 -20.75 8.61 -16.90
N VAL C 653 -20.10 8.10 -17.93
CA VAL C 653 -20.73 7.13 -18.81
C VAL C 653 -20.25 5.72 -18.46
N LYS C 654 -21.19 4.80 -18.21
CA LYS C 654 -20.84 3.41 -18.02
C LYS C 654 -20.29 2.87 -19.32
N GLN C 655 -19.26 2.03 -19.22
CA GLN C 655 -18.59 1.40 -20.37
C GLN C 655 -17.66 2.38 -21.08
N SER C 656 -17.67 3.64 -20.65
CA SER C 656 -16.65 4.59 -21.09
C SER C 656 -15.33 4.14 -20.51
N SER C 657 -14.23 4.44 -21.20
CA SER C 657 -12.92 3.95 -20.76
C SER C 657 -12.61 4.38 -19.33
N VAL C 658 -13.09 5.56 -18.95
CA VAL C 658 -13.04 6.01 -17.55
C VAL C 658 -13.56 4.94 -16.58
N ASP C 659 -14.67 4.30 -16.95
CA ASP C 659 -15.23 3.21 -16.15
C ASP C 659 -14.24 2.05 -16.04
N ILE C 660 -13.53 1.78 -17.14
CA ILE C 660 -12.49 0.77 -17.13
C ILE C 660 -11.37 1.17 -16.18
N TYR C 661 -11.07 2.47 -16.12
CA TYR C 661 -10.11 2.99 -15.17
C TYR C 661 -10.58 2.72 -13.74
N PHE C 662 -11.87 2.91 -13.51
CA PHE C 662 -12.44 2.70 -12.18
C PHE C 662 -12.45 1.24 -11.75
N ARG C 663 -12.80 0.36 -12.68
CA ARG C 663 -12.88 -1.07 -12.40
C ARG C 663 -11.51 -1.73 -12.29
N ARG C 664 -10.62 -1.43 -13.23
CA ARG C 664 -9.29 -2.02 -13.25
C ARG C 664 -8.44 -1.59 -12.06
N GLN C 665 -8.56 -0.31 -11.68
CA GLN C 665 -7.73 0.21 -10.61
C GLN C 665 -8.28 -0.14 -9.23
N VAL C 666 -7.44 -0.75 -8.41
CA VAL C 666 -7.78 -1.12 -7.04
C VAL C 666 -7.72 0.06 -6.08
N GLU C 667 -6.77 0.96 -6.31
CA GLU C 667 -6.44 1.99 -5.33
C GLU C 667 -7.60 2.96 -5.10
N LEU C 668 -8.28 3.32 -6.18
CA LEU C 668 -9.46 4.18 -6.09
C LEU C 668 -10.77 3.39 -6.13
N SER C 669 -10.67 2.06 -6.10
CA SER C 669 -11.80 1.17 -6.35
C SER C 669 -13.06 1.47 -5.54
N THR C 670 -12.89 1.93 -4.31
CA THR C 670 -14.04 2.39 -3.51
C THR C 670 -14.78 3.56 -4.18
N MET C 671 -14.03 4.54 -4.68
CA MET C 671 -14.58 5.75 -5.27
C MET C 671 -15.33 5.40 -6.56
N TYR C 672 -14.93 4.26 -7.10
CA TYR C 672 -15.50 3.76 -8.33
C TYR C 672 -16.99 3.71 -8.19
N ARG C 673 -17.51 3.17 -7.08
CA ARG C 673 -18.94 2.97 -6.94
C ARG C 673 -19.69 4.30 -7.08
N HIS C 674 -19.12 5.36 -6.49
CA HIS C 674 -19.73 6.67 -6.61
C HIS C 674 -19.76 7.07 -8.08
N MET C 675 -18.68 6.77 -8.81
CA MET C 675 -18.74 7.04 -10.25
C MET C 675 -19.69 6.11 -11.04
N GLU C 676 -19.73 4.84 -10.65
CA GLU C 676 -20.48 3.77 -11.31
C GLU C 676 -21.99 3.96 -11.33
N LYS C 677 -22.51 4.53 -10.25
CA LYS C 677 -23.93 4.77 -10.12
C LYS C 677 -24.47 5.83 -11.07
N HIS C 678 -25.66 5.59 -11.61
CA HIS C 678 -26.37 6.59 -12.41
C HIS C 678 -25.61 7.08 -13.63
N ASN C 679 -24.99 6.16 -14.37
CA ASN C 679 -24.30 6.54 -15.58
C ASN C 679 -25.26 6.94 -16.70
N TYR C 680 -24.80 7.86 -17.55
CA TYR C 680 -25.56 8.30 -18.72
C TYR C 680 -24.94 7.67 -19.96
N GLU C 681 -25.73 7.48 -20.99
CA GLU C 681 -25.31 6.71 -22.16
C GLU C 681 -24.39 7.44 -23.13
N SER C 682 -24.57 8.73 -23.32
CA SER C 682 -23.81 9.43 -24.34
C SER C 682 -23.34 10.81 -23.89
N ALA C 683 -22.44 11.39 -24.69
CA ALA C 683 -21.82 12.66 -24.37
C ALA C 683 -22.89 13.73 -24.31
N ALA C 684 -23.82 13.65 -25.26
CA ALA C 684 -24.89 14.62 -25.43
C ALA C 684 -25.85 14.68 -24.22
N GLU C 685 -26.27 13.52 -23.72
CA GLU C 685 -27.16 13.47 -22.55
C GLU C 685 -26.46 14.09 -21.34
N ALA C 686 -25.16 13.82 -21.24
CA ALA C 686 -24.29 14.34 -20.19
C ALA C 686 -24.23 15.86 -20.32
N ILE C 687 -24.15 16.34 -21.56
CA ILE C 687 -24.19 17.77 -21.86
C ILE C 687 -25.55 18.36 -21.45
N GLN C 688 -26.61 17.60 -21.69
CA GLN C 688 -27.97 18.00 -21.37
C GLN C 688 -28.04 18.22 -19.87
N ALA C 689 -27.29 17.40 -19.14
CA ALA C 689 -27.28 17.37 -17.69
C ALA C 689 -26.86 18.67 -17.00
N VAL C 690 -25.84 19.37 -17.50
CA VAL C 690 -25.47 20.62 -16.84
C VAL C 690 -26.55 21.70 -16.95
N ARG C 691 -27.15 21.87 -18.13
CA ARG C 691 -28.25 22.82 -18.25
C ARG C 691 -29.49 22.37 -17.46
N ASP C 692 -29.81 21.08 -17.56
CA ASP C 692 -30.95 20.50 -16.87
C ASP C 692 -30.75 20.25 -15.38
N ASN C 693 -29.48 20.23 -14.94
CA ASN C 693 -29.12 19.91 -13.56
C ASN C 693 -29.43 18.45 -13.26
N LYS C 694 -29.55 17.64 -14.31
CA LYS C 694 -29.79 16.20 -14.14
C LYS C 694 -28.60 15.54 -13.46
N LEU C 695 -27.40 15.93 -13.87
CA LEU C 695 -26.20 15.42 -13.24
C LEU C 695 -25.44 16.61 -12.66
N HIS C 696 -25.12 16.54 -11.37
CA HIS C 696 -24.44 17.64 -10.70
C HIS C 696 -23.02 17.89 -11.16
N ALA C 697 -22.33 16.84 -11.59
CA ALA C 697 -20.93 16.94 -11.99
C ALA C 697 -20.63 16.08 -13.21
N PHE C 698 -19.65 16.46 -14.02
CA PHE C 698 -19.33 15.60 -15.15
C PHE C 698 -17.84 15.36 -15.29
N ILE C 699 -17.47 14.08 -15.46
CA ILE C 699 -16.07 13.69 -15.59
C ILE C 699 -15.79 13.10 -16.95
N TRP C 700 -14.88 13.72 -17.70
CA TRP C 700 -14.49 13.15 -18.98
C TRP C 700 -13.13 13.67 -19.42
N ASP C 701 -12.50 12.96 -20.36
CA ASP C 701 -11.19 13.36 -20.86
C ASP C 701 -11.28 14.73 -21.51
N SER C 702 -10.20 15.50 -21.39
CA SER C 702 -10.23 16.90 -21.77
C SER C 702 -10.51 17.14 -23.23
N ALA C 703 -9.95 16.34 -24.14
CA ALA C 703 -10.00 16.71 -25.55
C ALA C 703 -11.44 16.90 -26.02
N VAL C 704 -12.34 16.02 -25.58
CA VAL C 704 -13.76 16.22 -25.82
C VAL C 704 -14.36 17.38 -25.00
N LEU C 705 -13.87 17.55 -23.76
CA LEU C 705 -14.48 18.50 -22.82
C LEU C 705 -14.10 19.99 -22.96
N GLU C 706 -12.80 20.25 -23.12
CA GLU C 706 -12.24 21.60 -23.20
C GLU C 706 -12.78 22.31 -24.41
N PHE C 707 -12.87 21.54 -25.49
CA PHE C 707 -13.42 22.05 -26.73
C PHE C 707 -14.81 22.53 -26.45
N GLU C 708 -15.58 21.78 -25.67
CA GLU C 708 -16.90 22.19 -25.22
C GLU C 708 -16.91 23.40 -24.28
N ALA C 709 -15.91 23.49 -23.39
CA ALA C 709 -15.84 24.62 -22.46
C ALA C 709 -15.72 25.91 -23.24
N SER C 710 -14.87 25.90 -24.26
CA SER C 710 -14.82 27.01 -25.21
C SER C 710 -16.08 27.14 -26.09
N GLN C 711 -16.56 25.98 -26.55
CA GLN C 711 -17.65 25.85 -27.53
C GLN C 711 -19.00 26.35 -27.05
N LYS C 712 -19.24 26.14 -25.77
CA LYS C 712 -20.49 26.49 -25.12
C LYS C 712 -20.30 27.71 -24.23
N CYS C 713 -19.39 27.57 -23.28
CA CYS C 713 -19.07 28.59 -22.26
C CYS C 713 -20.11 28.54 -21.17
N ASP C 714 -21.16 27.75 -21.37
CA ASP C 714 -22.09 27.44 -20.28
C ASP C 714 -21.41 26.53 -19.25
N LEU C 715 -20.48 25.71 -19.71
CA LEU C 715 -19.75 24.77 -18.86
C LEU C 715 -18.25 25.11 -18.80
N VAL C 716 -17.59 24.74 -17.71
CA VAL C 716 -16.18 25.10 -17.55
C VAL C 716 -15.36 23.91 -17.05
N THR C 717 -14.06 23.92 -17.36
CA THR C 717 -13.16 22.87 -16.89
C THR C 717 -12.33 23.34 -15.70
N THR C 718 -12.03 22.43 -14.79
CA THR C 718 -11.24 22.77 -13.63
C THR C 718 -10.24 21.69 -13.26
N GLY C 719 -9.17 22.10 -12.58
CA GLY C 719 -8.11 21.21 -12.15
C GLY C 719 -7.09 20.83 -13.21
N GLU C 720 -6.37 19.76 -12.93
CA GLU C 720 -5.25 19.33 -13.75
C GLU C 720 -5.60 18.02 -14.43
N LEU C 721 -5.35 17.93 -15.73
CA LEU C 721 -5.61 16.70 -16.45
C LEU C 721 -4.92 15.54 -15.75
N PHE C 722 -5.72 14.55 -15.38
CA PHE C 722 -5.22 13.35 -14.71
C PHE C 722 -5.57 12.18 -15.59
N PHE C 723 -4.88 11.06 -15.38
CA PHE C 723 -5.02 9.90 -16.25
C PHE C 723 -4.49 10.34 -17.59
N ARG C 724 -3.43 11.16 -17.54
CA ARG C 724 -2.84 11.74 -18.73
C ARG C 724 -2.54 10.65 -19.74
N SER C 725 -3.03 10.86 -20.94
CA SER C 725 -3.07 9.82 -21.94
C SER C 725 -3.04 10.47 -23.30
N GLY C 726 -3.23 9.67 -24.34
CA GLY C 726 -3.22 10.21 -25.68
C GLY C 726 -4.24 9.49 -26.52
N PHE C 727 -4.58 10.10 -27.65
CA PHE C 727 -5.59 9.51 -28.52
C PHE C 727 -4.89 8.98 -29.76
N GLY C 728 -5.24 7.77 -30.16
CA GLY C 728 -4.57 7.11 -31.27
C GLY C 728 -5.45 6.23 -32.12
N ILE C 729 -4.96 5.90 -33.31
CA ILE C 729 -5.70 5.11 -34.28
C ILE C 729 -5.42 3.61 -34.14
N GLY C 730 -6.46 2.83 -33.89
CA GLY C 730 -6.29 1.41 -33.66
C GLY C 730 -6.02 0.65 -34.95
N MET C 731 -5.07 -0.29 -34.89
CA MET C 731 -4.76 -1.16 -36.02
C MET C 731 -4.27 -2.51 -35.49
N ARG C 732 -4.40 -3.56 -36.28
CA ARG C 732 -3.86 -4.86 -35.88
C ARG C 732 -2.33 -4.88 -35.88
N LYS C 733 -1.74 -5.63 -34.95
CA LYS C 733 -0.31 -5.76 -34.81
C LYS C 733 0.36 -6.32 -36.05
N ASP C 734 -0.37 -7.16 -36.78
CA ASP C 734 0.17 -7.88 -37.93
C ASP C 734 0.42 -6.95 -39.12
N SER C 735 -0.35 -5.88 -39.19
CA SER C 735 -0.20 -4.93 -40.30
C SER C 735 0.95 -3.96 -40.07
N PRO C 736 1.93 -3.96 -40.99
CA PRO C 736 3.06 -3.05 -40.90
C PRO C 736 2.60 -1.66 -41.30
N TRP C 737 1.39 -1.56 -41.84
CA TRP C 737 0.88 -0.25 -42.25
C TRP C 737 0.75 0.67 -41.03
N LYS C 738 0.37 0.12 -39.88
CA LYS C 738 0.37 0.89 -38.64
C LYS C 738 1.74 1.52 -38.39
N GLN C 739 2.78 0.78 -38.77
CA GLN C 739 4.17 1.23 -38.67
C GLN C 739 4.33 2.52 -39.48
N GLU C 740 3.74 2.55 -40.67
CA GLU C 740 3.74 3.78 -41.46
C GLU C 740 2.87 4.84 -40.80
N VAL C 741 1.75 4.41 -40.23
CA VAL C 741 0.79 5.35 -39.67
C VAL C 741 1.47 6.20 -38.62
N SER C 742 2.06 5.54 -37.63
CA SER C 742 2.84 6.23 -36.60
C SER C 742 3.92 7.08 -37.26
N LEU C 743 4.63 6.49 -38.22
CA LEU C 743 5.71 7.19 -38.92
C LEU C 743 5.16 8.46 -39.55
N ASN C 744 3.95 8.37 -40.07
CA ASN C 744 3.26 9.51 -40.63
C ASN C 744 2.79 10.48 -39.56
N ILE C 745 2.22 9.94 -38.47
CA ILE C 745 1.71 10.78 -37.38
C ILE C 745 2.79 11.71 -36.88
N LEU C 746 3.95 11.15 -36.57
CA LEU C 746 5.11 11.93 -36.16
C LEU C 746 5.45 12.99 -37.20
N LYS C 747 5.43 12.59 -38.48
CA LYS C 747 5.73 13.52 -39.56
C LYS C 747 4.71 14.65 -39.61
N SER C 748 3.49 14.36 -39.17
CA SER C 748 2.44 15.36 -39.14
C SER C 748 2.57 16.26 -37.92
N HIS C 749 3.23 15.74 -36.89
CA HIS C 749 3.42 16.50 -35.65
C HIS C 749 4.49 17.56 -35.80
N GLU C 750 5.61 17.17 -36.42
CA GLU C 750 6.78 18.03 -36.54
C GLU C 750 6.51 19.33 -37.29
N ASN C 751 5.71 19.26 -38.35
CA ASN C 751 5.43 20.42 -39.17
C ASN C 751 4.39 21.37 -38.58
N GLY C 752 3.71 20.93 -37.52
CA GLY C 752 2.70 21.75 -36.87
C GLY C 752 1.33 21.62 -37.50
N PHE C 753 1.16 20.55 -38.28
CA PHE C 753 -0.10 20.25 -38.95
C PHE C 753 -1.20 20.08 -37.90
N MET C 754 -0.88 19.33 -36.87
CA MET C 754 -1.79 19.10 -35.76
C MET C 754 -2.13 20.40 -35.03
N GLU C 755 -1.11 21.20 -34.74
CA GLU C 755 -1.33 22.48 -34.05
C GLU C 755 -2.35 23.35 -34.78
N GLU C 756 -2.22 23.40 -36.11
CA GLU C 756 -3.14 24.18 -36.94
C GLU C 756 -4.51 23.53 -37.04
N LEU C 757 -4.57 22.20 -36.99
CA LEU C 757 -5.87 21.53 -37.06
C LEU C 757 -6.65 21.73 -35.76
N ASP C 758 -5.95 21.64 -34.63
CA ASP C 758 -6.54 21.95 -33.34
C ASP C 758 -6.92 23.42 -33.28
N LYS C 759 -6.10 24.26 -33.91
CA LYS C 759 -6.38 25.70 -33.95
C LYS C 759 -7.67 25.97 -34.73
N THR C 760 -7.87 25.22 -35.81
CA THR C 760 -9.10 25.31 -36.59
C THR C 760 -10.32 24.78 -35.84
N TRP C 761 -10.25 23.54 -35.36
CA TRP C 761 -11.41 22.89 -34.76
C TRP C 761 -11.64 23.25 -33.29
N VAL C 762 -10.63 23.79 -32.62
CA VAL C 762 -10.87 24.44 -31.32
C VAL C 762 -11.01 25.94 -31.54
N ARG C 763 -12.21 26.46 -31.34
CA ARG C 763 -12.54 27.84 -31.68
C ARG C 763 -11.88 28.85 -30.75
N TYR C 764 -11.94 28.58 -29.45
CA TYR C 764 -11.30 29.40 -28.42
C TYR C 764 -11.93 30.78 -28.34
N THR C 776 -19.17 48.99 -15.31
CA THR C 776 -18.41 47.92 -14.68
C THR C 776 -18.90 46.54 -15.10
N LEU C 777 -19.02 45.64 -14.12
CA LEU C 777 -19.64 44.34 -14.32
C LEU C 777 -21.15 44.40 -14.52
N THR C 778 -21.85 45.25 -13.77
CA THR C 778 -23.29 45.30 -13.91
C THR C 778 -23.82 46.72 -13.99
N PHE C 779 -24.42 47.04 -15.13
CA PHE C 779 -24.99 48.36 -15.32
C PHE C 779 -26.14 48.50 -14.32
N GLU C 780 -26.97 47.46 -14.26
CA GLU C 780 -28.17 47.48 -13.44
C GLU C 780 -27.95 47.57 -11.93
N ASN C 781 -26.96 46.84 -11.42
CA ASN C 781 -26.76 46.81 -9.98
C ASN C 781 -26.41 48.19 -9.45
N MET C 782 -25.50 48.87 -10.13
CA MET C 782 -25.25 50.26 -9.77
C MET C 782 -26.45 51.15 -10.08
N ALA C 783 -27.07 50.89 -11.24
CA ALA C 783 -28.14 51.73 -11.79
C ALA C 783 -29.41 51.96 -10.96
N GLY C 784 -29.85 50.96 -10.21
CA GLY C 784 -31.10 51.11 -9.46
C GLY C 784 -31.07 52.13 -8.32
N VAL C 785 -29.84 52.53 -8.01
CA VAL C 785 -29.55 53.48 -6.95
C VAL C 785 -29.53 54.80 -7.63
N PHE C 786 -28.88 54.88 -8.77
CA PHE C 786 -28.89 56.11 -9.54
C PHE C 786 -30.37 56.47 -9.75
N MET C 787 -31.21 55.46 -9.96
CA MET C 787 -32.65 55.67 -10.11
C MET C 787 -33.20 56.26 -8.82
N LEU C 788 -32.71 55.78 -7.67
CA LEU C 788 -33.18 56.39 -6.41
C LEU C 788 -32.81 57.87 -6.31
N VAL C 789 -31.58 58.22 -6.70
CA VAL C 789 -31.13 59.62 -6.67
C VAL C 789 -31.98 60.49 -7.60
N ALA C 790 -32.26 59.95 -8.79
CA ALA C 790 -33.06 60.66 -9.77
C ALA C 790 -34.46 60.86 -9.22
N GLY C 791 -34.96 59.85 -8.52
CA GLY C 791 -36.27 59.89 -7.90
C GLY C 791 -36.25 60.99 -6.86
N GLY C 792 -35.08 61.16 -6.26
CA GLY C 792 -34.82 62.28 -5.38
C GLY C 792 -35.04 63.55 -6.16
N ILE C 793 -34.57 63.62 -7.40
CA ILE C 793 -34.82 64.81 -8.23
C ILE C 793 -36.31 65.01 -8.49
N VAL C 794 -37.03 63.93 -8.81
CA VAL C 794 -38.47 64.07 -9.05
C VAL C 794 -39.07 64.68 -7.80
N ALA C 795 -38.55 64.28 -6.65
CA ALA C 795 -38.88 64.95 -5.41
C ALA C 795 -38.41 66.41 -5.44
N GLY C 796 -37.26 66.70 -6.04
CA GLY C 796 -36.72 68.06 -6.09
C GLY C 796 -37.63 69.02 -6.84
N ILE C 797 -38.14 68.52 -7.96
CA ILE C 797 -39.10 69.22 -8.80
C ILE C 797 -40.36 69.39 -7.96
N PHE C 798 -40.69 68.32 -7.25
CA PHE C 798 -41.88 68.23 -6.39
C PHE C 798 -41.84 69.21 -5.21
N LEU C 799 -40.67 69.38 -4.63
CA LEU C 799 -40.37 70.18 -3.46
C LEU C 799 -40.71 71.63 -3.76
N ILE C 800 -40.43 72.02 -4.99
CA ILE C 800 -40.64 73.38 -5.45
C ILE C 800 -42.13 73.66 -5.33
N PHE C 801 -42.95 72.70 -5.74
CA PHE C 801 -44.41 72.79 -5.59
C PHE C 801 -44.74 73.14 -4.13
N ILE C 802 -44.05 72.49 -3.20
CA ILE C 802 -44.26 72.72 -1.78
C ILE C 802 -43.91 74.17 -1.48
N GLU C 803 -42.83 74.66 -2.08
CA GLU C 803 -42.41 76.05 -1.88
C GLU C 803 -43.50 77.02 -2.37
N ILE C 804 -44.09 76.71 -3.53
CA ILE C 804 -45.13 77.56 -4.11
C ILE C 804 -46.34 77.58 -3.17
N ALA C 805 -46.65 76.42 -2.60
CA ALA C 805 -47.78 76.29 -1.69
C ALA C 805 -47.52 76.97 -0.36
N MET D 11 -49.14 -48.10 -20.77
CA MET D 11 -47.69 -48.03 -20.85
C MET D 11 -47.03 -49.11 -19.99
N ASP D 12 -45.76 -49.41 -20.29
CA ASP D 12 -44.99 -50.35 -19.49
C ASP D 12 -43.80 -49.67 -18.82
N ILE D 13 -43.74 -49.77 -17.50
CA ILE D 13 -42.76 -49.05 -16.67
C ILE D 13 -42.13 -49.96 -15.60
N ALA D 14 -40.88 -49.64 -15.24
CA ALA D 14 -40.17 -50.36 -14.20
C ALA D 14 -39.42 -49.43 -13.25
N VAL D 15 -39.35 -49.83 -11.97
CA VAL D 15 -38.63 -49.06 -10.96
C VAL D 15 -37.86 -50.04 -10.07
N ILE D 16 -36.70 -49.62 -9.60
CA ILE D 16 -35.82 -50.48 -8.81
C ILE D 16 -35.33 -49.76 -7.56
N LEU D 17 -35.24 -50.49 -6.45
CA LEU D 17 -34.63 -49.92 -5.26
C LEU D 17 -33.48 -50.78 -4.75
N VAL D 18 -32.38 -50.10 -4.41
CA VAL D 18 -31.23 -50.86 -3.96
C VAL D 18 -30.88 -50.53 -2.51
N GLY D 19 -30.65 -51.64 -1.80
CA GLY D 19 -30.26 -51.86 -0.42
C GLY D 19 -31.39 -51.64 0.57
N THR D 20 -31.00 -51.28 1.78
CA THR D 20 -31.84 -51.01 2.96
C THR D 20 -32.21 -52.38 3.55
N THR D 21 -31.80 -53.45 2.85
CA THR D 21 -32.06 -54.80 3.31
C THR D 21 -33.58 -55.07 3.33
N GLU D 22 -34.37 -54.33 2.55
CA GLU D 22 -35.81 -54.52 2.68
C GLU D 22 -36.75 -54.56 1.49
N GLU D 23 -37.72 -55.47 1.62
CA GLU D 23 -38.94 -55.37 0.87
C GLU D 23 -39.84 -54.45 1.67
N VAL D 24 -40.48 -53.53 0.98
CA VAL D 24 -41.22 -52.47 1.64
C VAL D 24 -42.54 -52.28 0.92
N ALA D 25 -43.62 -52.24 1.68
CA ALA D 25 -44.95 -52.03 1.14
C ALA D 25 -45.07 -50.66 0.48
N ILE D 26 -44.38 -49.70 1.07
CA ILE D 26 -44.57 -48.29 0.77
C ILE D 26 -44.32 -47.89 -0.68
N LYS D 27 -43.84 -48.81 -1.50
CA LYS D 27 -43.46 -48.40 -2.83
C LYS D 27 -44.76 -48.45 -3.61
N ASP D 28 -45.58 -49.46 -3.34
CA ASP D 28 -46.90 -49.43 -3.95
C ASP D 28 -47.59 -48.19 -3.35
N VAL D 29 -47.39 -48.02 -2.04
CA VAL D 29 -47.97 -46.93 -1.25
C VAL D 29 -47.50 -45.64 -1.86
N HIS D 30 -46.28 -45.66 -2.37
CA HIS D 30 -45.66 -44.50 -2.94
C HIS D 30 -46.54 -44.04 -4.02
N GLU D 31 -46.72 -44.94 -4.99
CA GLU D 31 -47.44 -44.53 -6.14
C GLU D 31 -48.90 -44.67 -5.77
N LYS D 32 -49.21 -45.45 -4.74
CA LYS D 32 -50.59 -45.59 -4.26
C LYS D 32 -51.59 -45.65 -5.40
N ASP D 33 -51.20 -46.31 -6.49
CA ASP D 33 -51.98 -46.31 -7.73
C ASP D 33 -52.21 -44.87 -8.21
N ASP D 34 -51.19 -44.03 -8.02
CA ASP D 34 -51.19 -42.62 -8.48
C ASP D 34 -51.43 -42.45 -9.95
N PHE D 35 -52.15 -41.37 -10.22
CA PHE D 35 -52.50 -40.85 -11.53
C PHE D 35 -53.31 -41.84 -12.32
N HIS D 36 -54.13 -42.62 -11.62
CA HIS D 36 -54.90 -43.64 -12.30
C HIS D 36 -55.83 -42.93 -13.29
N HIS D 37 -56.15 -41.68 -12.96
CA HIS D 37 -57.05 -40.85 -13.77
C HIS D 37 -56.64 -40.70 -15.22
N LEU D 38 -55.33 -40.60 -15.42
CA LEU D 38 -54.73 -40.45 -16.75
C LEU D 38 -55.17 -41.52 -17.72
N PRO D 39 -55.54 -41.13 -18.95
CA PRO D 39 -56.17 -42.05 -19.90
C PRO D 39 -55.27 -43.27 -20.08
N VAL D 40 -53.97 -43.03 -20.15
CA VAL D 40 -53.04 -44.15 -20.20
C VAL D 40 -52.65 -44.48 -18.76
N THR D 41 -52.72 -45.77 -18.46
CA THR D 41 -52.34 -46.30 -17.16
C THR D 41 -50.93 -46.83 -17.10
N PRO D 42 -50.24 -46.60 -15.98
CA PRO D 42 -48.89 -47.16 -15.86
C PRO D 42 -48.99 -48.64 -15.53
N ARG D 43 -48.18 -49.47 -16.16
CA ARG D 43 -48.06 -50.86 -15.74
C ARG D 43 -46.67 -51.00 -15.11
N VAL D 44 -46.61 -51.42 -13.85
CA VAL D 44 -45.34 -51.37 -13.16
C VAL D 44 -44.85 -52.74 -12.78
N GLU D 45 -43.55 -52.97 -12.98
CA GLU D 45 -42.94 -54.16 -12.39
C GLU D 45 -41.82 -53.72 -11.47
N LEU D 46 -41.88 -54.15 -10.21
CA LEU D 46 -40.86 -53.73 -9.26
C LEU D 46 -39.90 -54.86 -8.93
N VAL D 47 -38.63 -54.51 -8.89
CA VAL D 47 -37.58 -55.44 -8.48
C VAL D 47 -36.65 -54.62 -7.62
N THR D 48 -36.07 -55.26 -6.61
CA THR D 48 -35.08 -54.65 -5.74
C THR D 48 -33.81 -55.46 -5.71
N MET D 49 -32.69 -54.82 -5.45
CA MET D 49 -31.53 -55.66 -5.28
C MET D 49 -30.73 -55.26 -4.07
N GLN D 50 -30.36 -56.29 -3.30
CA GLN D 50 -29.72 -56.11 -2.01
C GLN D 50 -28.41 -55.51 -2.40
N GLU D 51 -27.80 -56.06 -3.46
CA GLU D 51 -26.54 -55.49 -3.81
C GLU D 51 -26.33 -55.30 -5.30
N SER D 52 -25.66 -54.19 -5.54
CA SER D 52 -25.44 -53.55 -6.81
C SER D 52 -24.08 -53.82 -7.43
N ASP D 53 -24.02 -53.95 -8.74
CA ASP D 53 -22.73 -54.04 -9.40
C ASP D 53 -22.91 -53.42 -10.74
N PRO D 54 -21.84 -52.85 -11.31
CA PRO D 54 -22.05 -52.44 -12.70
C PRO D 54 -22.40 -53.68 -13.48
N LYS D 55 -21.80 -54.82 -13.19
CA LYS D 55 -22.19 -56.02 -13.91
C LYS D 55 -23.61 -56.40 -13.46
N SER D 56 -23.87 -56.36 -12.16
CA SER D 56 -25.20 -56.73 -11.63
C SER D 56 -26.30 -55.78 -12.12
N ILE D 57 -26.07 -54.48 -11.95
CA ILE D 57 -27.04 -53.46 -12.35
C ILE D 57 -27.27 -53.53 -13.85
N ILE D 58 -26.19 -53.61 -14.62
CA ILE D 58 -26.30 -53.68 -16.08
C ILE D 58 -27.13 -54.91 -16.45
N THR D 59 -26.83 -56.04 -15.84
CA THR D 59 -27.53 -57.30 -16.10
C THR D 59 -29.03 -57.30 -15.79
N ARG D 60 -29.37 -56.78 -14.62
CA ARG D 60 -30.74 -56.87 -14.12
C ARG D 60 -31.76 -56.08 -14.92
N ILE D 61 -31.43 -54.85 -15.30
CA ILE D 61 -32.39 -54.02 -16.01
C ILE D 61 -32.74 -54.57 -17.40
N CYS D 62 -31.74 -55.01 -18.15
CA CYS D 62 -31.96 -55.69 -19.44
C CYS D 62 -32.71 -57.01 -19.30
N ASP D 63 -32.39 -57.75 -18.22
CA ASP D 63 -33.05 -59.02 -17.94
C ASP D 63 -34.55 -58.72 -17.74
N LEU D 64 -34.77 -57.62 -17.04
CA LEU D 64 -36.10 -57.07 -16.80
C LEU D 64 -36.70 -56.58 -18.12
N MET D 65 -35.86 -56.19 -19.07
CA MET D 65 -36.33 -55.79 -20.38
C MET D 65 -37.00 -57.01 -21.03
N SER D 66 -36.28 -58.13 -21.01
CA SER D 66 -36.86 -59.42 -21.38
C SER D 66 -38.17 -59.86 -20.68
N ASP D 67 -38.33 -59.66 -19.37
CA ASP D 67 -39.67 -59.90 -18.80
C ASP D 67 -40.76 -58.81 -18.80
N LYS D 68 -40.41 -57.55 -18.97
CA LYS D 68 -41.38 -56.47 -18.83
C LYS D 68 -41.56 -55.67 -20.12
N LYS D 69 -40.46 -55.42 -20.80
CA LYS D 69 -40.43 -54.67 -22.07
C LYS D 69 -40.92 -53.23 -21.84
N VAL D 70 -40.52 -52.68 -20.70
CA VAL D 70 -40.85 -51.36 -20.20
C VAL D 70 -40.29 -50.21 -21.04
N GLN D 71 -41.04 -49.12 -21.16
CA GLN D 71 -40.63 -47.96 -21.94
C GLN D 71 -39.98 -46.88 -21.06
N GLY D 72 -39.85 -47.15 -19.76
CA GLY D 72 -39.21 -46.22 -18.85
C GLY D 72 -38.72 -46.91 -17.59
N VAL D 73 -37.70 -46.33 -16.97
CA VAL D 73 -37.10 -46.89 -15.76
C VAL D 73 -36.75 -45.82 -14.73
N VAL D 74 -37.01 -46.12 -13.47
CA VAL D 74 -36.55 -45.28 -12.38
C VAL D 74 -35.65 -46.11 -11.47
N PHE D 75 -34.49 -45.54 -11.13
CA PHE D 75 -33.50 -46.22 -10.33
C PHE D 75 -33.35 -45.50 -9.01
N GLY D 76 -33.22 -46.27 -7.93
CA GLY D 76 -33.01 -45.66 -6.64
C GLY D 76 -32.12 -46.54 -5.81
N ASP D 77 -31.40 -45.91 -4.91
CA ASP D 77 -30.32 -46.56 -4.20
C ASP D 77 -30.21 -46.04 -2.77
N ASP D 78 -29.64 -46.88 -1.91
CA ASP D 78 -29.29 -46.48 -0.56
C ASP D 78 -27.86 -45.96 -0.55
N THR D 79 -27.20 -46.06 -1.70
CA THR D 79 -25.76 -45.89 -1.79
C THR D 79 -25.25 -44.46 -1.83
N ASP D 80 -24.01 -44.30 -1.39
CA ASP D 80 -23.32 -43.02 -1.42
C ASP D 80 -22.50 -42.93 -2.71
N GLN D 81 -22.56 -43.98 -3.51
CA GLN D 81 -21.68 -44.14 -4.67
C GLN D 81 -21.93 -43.14 -5.79
N GLU D 82 -20.86 -42.47 -6.21
CA GLU D 82 -20.88 -41.52 -7.32
C GLU D 82 -21.18 -42.16 -8.68
N ALA D 83 -20.59 -43.32 -8.94
CA ALA D 83 -20.49 -43.85 -10.30
C ALA D 83 -21.85 -44.27 -10.91
N ILE D 84 -22.77 -44.67 -10.04
CA ILE D 84 -23.99 -45.34 -10.49
C ILE D 84 -24.74 -44.44 -11.50
N ALA D 85 -24.81 -43.15 -11.21
CA ALA D 85 -25.55 -42.25 -12.07
C ALA D 85 -24.98 -42.31 -13.47
N GLN D 86 -23.66 -42.20 -13.55
CA GLN D 86 -22.95 -42.18 -14.83
C GLN D 86 -23.22 -43.47 -15.59
N ILE D 87 -23.20 -44.59 -14.87
CA ILE D 87 -23.43 -45.89 -15.51
C ILE D 87 -24.81 -45.79 -16.15
N LEU D 88 -25.77 -45.25 -15.41
CA LEU D 88 -27.13 -45.16 -15.92
C LEU D 88 -27.17 -44.26 -17.15
N ASP D 89 -26.35 -43.21 -17.18
CA ASP D 89 -26.33 -42.33 -18.34
C ASP D 89 -25.91 -43.19 -19.54
N PHE D 90 -24.91 -44.04 -19.30
CA PHE D 90 -24.43 -44.91 -20.36
C PHE D 90 -25.57 -45.79 -20.84
N ILE D 91 -26.35 -46.31 -19.90
CA ILE D 91 -27.50 -47.15 -20.22
C ILE D 91 -28.52 -46.38 -21.05
N SER D 92 -28.75 -45.12 -20.72
CA SER D 92 -29.69 -44.31 -21.49
C SER D 92 -29.19 -44.27 -22.91
N VAL D 93 -27.88 -44.07 -23.05
CA VAL D 93 -27.25 -44.04 -24.36
C VAL D 93 -27.46 -45.39 -25.07
N GLN D 94 -27.47 -46.46 -24.29
CA GLN D 94 -27.58 -47.81 -24.84
C GLN D 94 -28.97 -48.27 -25.27
N THR D 95 -29.95 -48.07 -24.41
CA THR D 95 -31.32 -48.49 -24.65
C THR D 95 -32.09 -47.52 -25.53
N LEU D 96 -31.76 -46.24 -25.34
CA LEU D 96 -32.53 -45.10 -25.84
C LEU D 96 -33.89 -45.14 -25.15
N THR D 97 -33.90 -45.78 -23.98
CA THR D 97 -35.05 -45.90 -23.08
C THR D 97 -34.81 -44.98 -21.89
N PRO D 98 -35.76 -44.10 -21.58
CA PRO D 98 -35.56 -43.09 -20.54
C PRO D 98 -35.32 -43.71 -19.17
N ILE D 99 -34.39 -43.13 -18.43
CA ILE D 99 -34.11 -43.55 -17.07
C ILE D 99 -33.85 -42.32 -16.24
N LEU D 100 -34.30 -42.36 -15.00
CA LEU D 100 -34.15 -41.25 -14.09
C LEU D 100 -33.92 -41.80 -12.70
N GLY D 101 -33.47 -40.94 -11.78
CA GLY D 101 -33.35 -41.47 -10.42
C GLY D 101 -33.65 -40.46 -9.33
N ILE D 102 -34.21 -40.97 -8.24
CA ILE D 102 -34.81 -40.12 -7.21
C ILE D 102 -33.99 -39.93 -5.94
N HIS D 103 -32.87 -40.63 -5.82
CA HIS D 103 -32.13 -40.68 -4.56
C HIS D 103 -30.69 -41.10 -4.81
N GLY D 104 -29.82 -40.80 -3.85
CA GLY D 104 -28.49 -41.38 -3.82
C GLY D 104 -27.59 -41.07 -5.01
N GLY D 105 -26.90 -42.10 -5.49
CA GLY D 105 -25.92 -41.93 -6.54
C GLY D 105 -26.51 -41.42 -7.85
N SER D 106 -27.69 -41.92 -8.22
CA SER D 106 -28.34 -41.48 -9.44
C SER D 106 -28.64 -39.99 -9.35
N SER D 107 -29.04 -39.55 -8.16
CA SER D 107 -29.23 -38.13 -7.88
C SER D 107 -27.91 -37.36 -7.85
N MET D 108 -26.81 -38.07 -7.58
CA MET D 108 -25.51 -37.41 -7.53
C MET D 108 -25.10 -36.94 -8.92
N ILE D 109 -24.39 -35.82 -8.98
CA ILE D 109 -24.05 -35.19 -10.25
C ILE D 109 -23.14 -36.06 -11.10
N MET D 110 -23.08 -35.75 -12.39
CA MET D 110 -22.39 -36.58 -13.35
C MET D 110 -21.84 -35.73 -14.48
N ALA D 111 -21.13 -36.37 -15.41
CA ALA D 111 -20.51 -35.65 -16.52
C ALA D 111 -21.62 -35.13 -17.43
N ASP D 112 -21.32 -34.15 -18.27
CA ASP D 112 -22.34 -33.61 -19.15
C ASP D 112 -22.90 -34.74 -19.99
N LYS D 113 -24.23 -34.81 -20.03
CA LYS D 113 -24.89 -35.95 -20.65
C LYS D 113 -24.82 -35.84 -22.18
N GLU D 114 -24.69 -36.98 -22.83
CA GLU D 114 -24.71 -37.02 -24.28
C GLU D 114 -26.08 -36.54 -24.76
N GLU D 115 -26.07 -35.69 -25.78
CA GLU D 115 -27.30 -35.05 -26.27
C GLU D 115 -28.28 -36.11 -26.75
N ALA D 116 -27.74 -37.11 -27.44
CA ALA D 116 -28.55 -38.21 -27.95
C ALA D 116 -29.19 -38.98 -26.80
N SER D 117 -28.46 -39.09 -25.70
CA SER D 117 -28.93 -39.82 -24.52
C SER D 117 -30.12 -39.13 -23.87
N MET D 118 -30.98 -39.93 -23.23
CA MET D 118 -32.09 -39.41 -22.45
C MET D 118 -31.88 -39.84 -21.01
N PHE D 119 -31.60 -38.87 -20.14
CA PHE D 119 -31.37 -39.20 -18.75
C PHE D 119 -31.82 -38.12 -17.80
N PHE D 120 -32.39 -38.53 -16.66
CA PHE D 120 -32.75 -37.52 -15.68
C PHE D 120 -32.30 -37.89 -14.26
N GLN D 121 -31.97 -36.84 -13.52
CA GLN D 121 -31.48 -37.00 -12.16
C GLN D 121 -32.25 -36.04 -11.27
N PHE D 122 -32.57 -36.47 -10.06
CA PHE D 122 -33.35 -35.64 -9.16
C PHE D 122 -32.45 -34.82 -8.25
N GLY D 123 -31.14 -34.93 -8.44
CA GLY D 123 -30.21 -34.02 -7.82
C GLY D 123 -30.21 -32.66 -8.50
N PRO D 124 -29.67 -31.64 -7.81
CA PRO D 124 -29.60 -30.30 -8.40
C PRO D 124 -28.48 -30.15 -9.41
N SER D 125 -28.58 -29.16 -10.29
CA SER D 125 -27.54 -28.86 -11.25
C SER D 125 -26.28 -28.36 -10.54
N ILE D 126 -25.12 -28.64 -11.11
CA ILE D 126 -23.85 -28.17 -10.56
C ILE D 126 -23.82 -26.66 -10.46
N GLU D 127 -24.26 -26.00 -11.54
CA GLU D 127 -24.31 -24.54 -11.60
C GLU D 127 -25.22 -23.99 -10.51
N GLN D 128 -26.38 -24.59 -10.35
CA GLN D 128 -27.34 -24.20 -9.32
C GLN D 128 -26.71 -24.31 -7.93
N GLN D 129 -26.02 -25.42 -7.68
CA GLN D 129 -25.38 -25.65 -6.39
C GLN D 129 -24.34 -24.58 -6.13
N ALA D 130 -23.55 -24.26 -7.16
CA ALA D 130 -22.53 -23.23 -7.06
C ALA D 130 -23.18 -21.89 -6.72
N SER D 131 -24.33 -21.64 -7.33
CA SER D 131 -25.09 -20.45 -7.06
C SER D 131 -25.48 -20.41 -5.60
N VAL D 132 -25.98 -21.53 -5.08
CA VAL D 132 -26.39 -21.61 -3.67
C VAL D 132 -25.21 -21.38 -2.75
N MET D 133 -24.04 -21.87 -3.16
CA MET D 133 -22.83 -21.69 -2.38
C MET D 133 -22.51 -20.20 -2.32
N LEU D 134 -22.68 -19.53 -3.46
CA LEU D 134 -22.47 -18.10 -3.52
C LEU D 134 -23.47 -17.33 -2.67
N ASN D 135 -24.74 -17.70 -2.74
CA ASN D 135 -25.77 -17.09 -1.91
C ASN D 135 -25.51 -17.27 -0.43
N ILE D 136 -25.04 -18.45 -0.05
CA ILE D 136 -24.69 -18.76 1.32
C ILE D 136 -23.55 -17.85 1.77
N MET D 137 -22.52 -17.76 0.93
CA MET D 137 -21.37 -16.91 1.23
C MET D 137 -21.77 -15.44 1.33
N GLU D 138 -22.66 -15.02 0.44
CA GLU D 138 -23.17 -13.65 0.43
C GLU D 138 -23.98 -13.35 1.68
N GLU D 139 -24.74 -14.33 2.13
CA GLU D 139 -25.59 -14.20 3.31
C GLU D 139 -24.75 -13.92 4.55
N TYR D 140 -23.65 -14.66 4.69
CA TYR D 140 -22.73 -14.44 5.80
C TYR D 140 -21.71 -13.37 5.43
N ASP D 141 -21.86 -12.83 4.22
CA ASP D 141 -20.96 -11.79 3.71
C ASP D 141 -19.52 -12.24 3.77
N TRP D 142 -19.25 -13.48 3.38
CA TRP D 142 -17.88 -13.91 3.27
C TRP D 142 -17.47 -13.61 1.84
N TYR D 143 -16.72 -12.53 1.69
CA TYR D 143 -16.41 -12.00 0.38
C TYR D 143 -15.23 -12.73 -0.23
N ILE D 144 -14.28 -13.10 0.62
CA ILE D 144 -13.03 -13.64 0.12
C ILE D 144 -13.01 -15.15 0.25
N PHE D 145 -12.73 -15.81 -0.86
CA PHE D 145 -12.78 -17.26 -0.92
C PHE D 145 -11.87 -17.86 -1.97
N SER D 146 -11.61 -19.15 -1.84
CA SER D 146 -10.83 -19.90 -2.83
C SER D 146 -11.57 -21.16 -3.20
N ILE D 147 -11.18 -21.77 -4.32
CA ILE D 147 -11.79 -23.01 -4.71
C ILE D 147 -10.74 -24.09 -4.83
N VAL D 148 -10.96 -25.19 -4.12
CA VAL D 148 -10.15 -26.37 -4.27
C VAL D 148 -11.06 -27.35 -4.98
N THR D 149 -10.56 -27.90 -6.08
CA THR D 149 -11.39 -28.73 -6.92
C THR D 149 -10.54 -29.94 -7.25
N THR D 150 -11.11 -30.92 -7.93
CA THR D 150 -10.33 -32.04 -8.42
C THR D 150 -10.75 -32.26 -9.86
N TYR D 151 -10.09 -33.19 -10.53
CA TYR D 151 -10.28 -33.38 -11.96
C TYR D 151 -11.64 -34.03 -12.22
N PHE D 152 -12.35 -34.32 -11.12
CA PHE D 152 -13.66 -34.97 -11.14
C PHE D 152 -14.60 -34.14 -12.01
N PRO D 153 -15.66 -34.76 -12.58
CA PRO D 153 -16.40 -34.08 -13.65
C PRO D 153 -17.06 -32.76 -13.27
N GLY D 154 -17.19 -31.84 -14.22
CA GLY D 154 -17.80 -30.57 -13.90
C GLY D 154 -16.86 -29.43 -13.57
N TYR D 155 -15.56 -29.71 -13.44
CA TYR D 155 -14.60 -28.65 -13.14
C TYR D 155 -14.48 -27.65 -14.27
N GLN D 156 -14.09 -26.44 -13.90
CA GLN D 156 -13.83 -25.31 -14.80
C GLN D 156 -15.11 -24.80 -15.43
N ASP D 157 -16.12 -25.68 -15.44
CA ASP D 157 -17.51 -25.37 -15.74
C ASP D 157 -18.06 -24.84 -14.43
N PHE D 158 -17.54 -25.41 -13.34
CA PHE D 158 -17.80 -24.93 -12.00
C PHE D 158 -17.09 -23.59 -11.91
N GLU D 159 -15.84 -23.57 -12.36
CA GLU D 159 -15.05 -22.35 -12.43
C GLU D 159 -15.70 -21.34 -13.33
N ASN D 160 -16.18 -21.79 -14.49
CA ASN D 160 -16.85 -20.92 -15.43
C ASN D 160 -18.14 -20.32 -14.88
N LYS D 161 -18.97 -21.14 -14.25
CA LYS D 161 -20.24 -20.69 -13.68
C LYS D 161 -19.97 -19.67 -12.59
N VAL D 162 -18.97 -19.97 -11.75
CA VAL D 162 -18.53 -19.07 -10.71
C VAL D 162 -17.98 -17.80 -11.32
N ARG D 163 -17.24 -17.93 -12.42
CA ARG D 163 -16.61 -16.77 -13.01
C ARG D 163 -17.71 -15.82 -13.43
N SER D 164 -18.76 -16.33 -14.07
CA SER D 164 -19.87 -15.45 -14.45
C SER D 164 -20.63 -14.88 -13.24
N THR D 165 -20.95 -15.75 -12.28
CA THR D 165 -21.73 -15.34 -11.12
C THR D 165 -21.00 -14.33 -10.24
N ILE D 166 -19.73 -14.60 -9.97
CA ILE D 166 -18.88 -13.70 -9.22
C ILE D 166 -18.60 -12.40 -10.00
N GLU D 167 -18.33 -12.54 -11.29
CA GLU D 167 -17.95 -11.42 -12.15
C GLU D 167 -19.04 -10.37 -12.35
N ASN D 168 -20.27 -10.84 -12.52
CA ASN D 168 -21.35 -9.93 -12.87
C ASN D 168 -21.60 -8.89 -11.79
N SER D 169 -21.49 -9.34 -10.54
CA SER D 169 -21.81 -8.49 -9.40
C SER D 169 -20.81 -7.34 -9.26
N PHE D 170 -21.33 -6.20 -8.82
CA PHE D 170 -20.52 -5.01 -8.63
C PHE D 170 -19.46 -5.25 -7.56
N VAL D 171 -19.81 -6.04 -6.54
CA VAL D 171 -18.96 -6.18 -5.37
C VAL D 171 -17.56 -6.71 -5.68
N GLY D 172 -16.60 -6.25 -4.91
CA GLY D 172 -15.20 -6.60 -5.09
C GLY D 172 -14.74 -7.85 -4.37
N TRP D 173 -15.55 -8.90 -4.33
CA TRP D 173 -15.09 -10.14 -3.67
C TRP D 173 -13.86 -10.69 -4.40
N GLU D 174 -13.07 -11.46 -3.67
CA GLU D 174 -11.83 -12.00 -4.23
C GLU D 174 -11.77 -13.53 -4.29
N LEU D 175 -11.46 -14.00 -5.48
CA LEU D 175 -11.06 -15.39 -5.71
C LEU D 175 -9.55 -15.42 -5.55
N GLU D 176 -9.10 -16.27 -4.63
CA GLU D 176 -7.69 -16.33 -4.26
C GLU D 176 -6.96 -17.38 -5.07
N GLU D 177 -7.42 -18.62 -4.98
CA GLU D 177 -6.81 -19.68 -5.77
C GLU D 177 -7.83 -20.68 -6.29
N VAL D 178 -7.49 -21.28 -7.41
CA VAL D 178 -8.26 -22.40 -7.93
C VAL D 178 -7.26 -23.52 -8.07
N ILE D 179 -7.56 -24.68 -7.50
CA ILE D 179 -6.60 -25.77 -7.53
C ILE D 179 -7.21 -27.01 -8.16
N HIS D 180 -6.48 -27.56 -9.12
CA HIS D 180 -6.89 -28.77 -9.79
C HIS D 180 -5.87 -29.87 -9.50
N LEU D 181 -6.29 -30.92 -8.79
CA LEU D 181 -5.40 -32.03 -8.47
C LEU D 181 -6.02 -33.37 -8.85
N ASP D 182 -5.25 -34.19 -9.55
CA ASP D 182 -5.74 -35.50 -9.98
C ASP D 182 -5.67 -36.51 -8.84
N MET D 183 -6.81 -37.09 -8.49
CA MET D 183 -6.85 -38.17 -7.51
C MET D 183 -6.07 -39.37 -8.05
N SER D 184 -6.14 -39.58 -9.36
CA SER D 184 -5.31 -40.57 -10.03
C SER D 184 -3.86 -40.12 -9.97
N LEU D 185 -2.93 -41.06 -10.17
CA LEU D 185 -1.52 -40.82 -9.89
C LEU D 185 -1.37 -40.45 -8.41
N ASP D 186 -1.93 -41.30 -7.55
CA ASP D 186 -1.94 -41.07 -6.11
C ASP D 186 -0.53 -40.87 -5.57
N ASP D 187 -0.43 -40.04 -4.55
CA ASP D 187 0.80 -39.35 -4.21
C ASP D 187 1.62 -39.93 -3.06
N ILE D 188 2.91 -40.10 -3.29
CA ILE D 188 3.87 -40.22 -2.20
C ILE D 188 4.29 -38.82 -1.74
N ASP D 189 4.25 -37.90 -2.69
CA ASP D 189 4.74 -36.53 -2.53
C ASP D 189 3.87 -35.67 -1.64
N SER D 190 2.63 -36.12 -1.39
CA SER D 190 1.62 -35.31 -0.74
C SER D 190 1.46 -33.99 -1.47
N LYS D 191 1.43 -34.09 -2.80
CA LYS D 191 1.33 -32.93 -3.67
C LYS D 191 0.09 -32.13 -3.31
N ILE D 192 -0.96 -32.83 -2.90
CA ILE D 192 -2.17 -32.16 -2.42
C ILE D 192 -1.86 -31.37 -1.15
N GLN D 193 -1.03 -31.92 -0.28
CA GLN D 193 -0.60 -31.20 0.92
C GLN D 193 0.21 -29.99 0.52
N ASN D 194 1.06 -30.17 -0.50
CA ASN D 194 1.96 -29.15 -0.98
C ASN D 194 1.22 -27.96 -1.59
N GLN D 195 0.14 -28.24 -2.31
CA GLN D 195 -0.69 -27.16 -2.82
C GLN D 195 -1.51 -26.56 -1.68
N LEU D 196 -2.34 -27.40 -1.06
CA LEU D 196 -3.31 -26.96 -0.05
C LEU D 196 -2.73 -26.10 1.07
N CYS D 197 -1.50 -26.43 1.50
CA CYS D 197 -0.84 -25.70 2.60
C CYS D 197 -0.66 -24.22 2.28
N LYS D 198 -0.48 -23.92 0.99
CA LYS D 198 -0.21 -22.57 0.51
C LYS D 198 -1.34 -21.57 0.78
N LEU D 199 -2.58 -21.97 0.51
CA LEU D 199 -3.71 -21.06 0.49
C LEU D 199 -4.01 -20.46 1.86
N GLN D 200 -4.15 -19.13 1.90
CA GLN D 200 -4.43 -18.40 3.13
C GLN D 200 -5.89 -17.98 3.34
N SER D 201 -6.77 -18.33 2.41
CA SER D 201 -8.13 -17.78 2.41
C SER D 201 -9.08 -18.38 3.45
N PRO D 202 -9.97 -17.55 4.00
CA PRO D 202 -10.89 -17.91 5.07
C PRO D 202 -12.02 -18.84 4.63
N VAL D 203 -12.42 -18.76 3.37
CA VAL D 203 -13.60 -19.48 2.91
C VAL D 203 -13.30 -20.35 1.70
N ILE D 204 -13.49 -21.65 1.85
CA ILE D 204 -13.06 -22.56 0.81
C ILE D 204 -14.24 -23.31 0.23
N LEU D 205 -14.30 -23.34 -1.10
CA LEU D 205 -15.30 -24.14 -1.79
C LEU D 205 -14.54 -25.37 -2.24
N LEU D 206 -15.07 -26.54 -1.96
CA LEU D 206 -14.38 -27.76 -2.38
C LEU D 206 -15.25 -28.52 -3.34
N TYR D 207 -14.64 -29.15 -4.35
CA TYR D 207 -15.43 -29.99 -5.23
C TYR D 207 -14.66 -31.27 -5.61
N CYS D 208 -15.27 -32.43 -5.29
CA CYS D 208 -14.66 -33.75 -5.56
C CYS D 208 -15.61 -34.92 -5.27
N THR D 209 -15.13 -36.14 -5.50
CA THR D 209 -15.86 -37.36 -5.13
C THR D 209 -15.88 -37.43 -3.59
N LYS D 210 -16.84 -38.13 -3.00
CA LYS D 210 -16.92 -38.19 -1.53
C LYS D 210 -15.65 -38.74 -0.86
N GLU D 211 -15.12 -39.81 -1.42
CA GLU D 211 -13.94 -40.47 -0.87
C GLU D 211 -12.75 -39.52 -0.98
N GLU D 212 -12.63 -38.89 -2.15
CA GLU D 212 -11.56 -37.94 -2.36
C GLU D 212 -11.67 -36.88 -1.28
N ALA D 213 -12.89 -36.48 -0.95
CA ALA D 213 -13.12 -35.50 0.10
C ALA D 213 -12.51 -36.01 1.40
N THR D 214 -12.61 -37.32 1.63
CA THR D 214 -12.01 -37.88 2.84
C THR D 214 -10.51 -37.63 2.81
N TYR D 215 -9.87 -37.96 1.68
CA TYR D 215 -8.41 -37.83 1.60
C TYR D 215 -7.97 -36.37 1.71
N ILE D 216 -8.65 -35.49 0.98
CA ILE D 216 -8.37 -34.05 0.98
C ILE D 216 -8.53 -33.47 2.38
N PHE D 217 -9.51 -33.97 3.12
CA PHE D 217 -9.74 -33.50 4.48
C PHE D 217 -8.66 -34.00 5.45
N GLU D 218 -8.22 -35.25 5.30
CA GLU D 218 -7.11 -35.73 6.11
C GLU D 218 -5.89 -34.84 5.86
N VAL D 219 -5.65 -34.56 4.58
CA VAL D 219 -4.56 -33.69 4.17
C VAL D 219 -4.71 -32.27 4.70
N ALA D 220 -5.93 -31.77 4.72
CA ALA D 220 -6.21 -30.44 5.25
C ALA D 220 -5.97 -30.39 6.76
N HIS D 221 -6.31 -31.48 7.44
CA HIS D 221 -6.11 -31.62 8.86
C HIS D 221 -4.64 -31.59 9.18
N SER D 222 -3.85 -32.22 8.30
CA SER D 222 -2.39 -32.13 8.42
C SER D 222 -1.90 -30.72 8.13
N VAL D 223 -2.47 -30.09 7.11
CA VAL D 223 -2.07 -28.76 6.68
C VAL D 223 -2.48 -27.70 7.70
N GLY D 224 -3.56 -27.98 8.42
CA GLY D 224 -4.08 -27.03 9.39
C GLY D 224 -5.15 -26.13 8.80
N LEU D 225 -5.67 -26.53 7.64
CA LEU D 225 -6.65 -25.70 6.93
C LEU D 225 -8.05 -25.84 7.50
N THR D 226 -8.27 -26.89 8.27
CA THR D 226 -9.60 -27.18 8.82
C THR D 226 -9.88 -26.32 10.03
N GLY D 227 -8.84 -25.74 10.62
CA GLY D 227 -8.97 -25.06 11.89
C GLY D 227 -9.64 -23.71 11.83
N TYR D 228 -9.96 -23.21 13.03
CA TYR D 228 -10.87 -22.08 13.23
C TYR D 228 -10.57 -20.84 12.40
N GLY D 229 -11.65 -20.26 11.87
CA GLY D 229 -11.66 -19.03 11.11
C GLY D 229 -11.64 -19.34 9.63
N PHE D 230 -11.01 -20.44 9.23
CA PHE D 230 -11.20 -20.94 7.89
C PHE D 230 -12.48 -21.75 7.92
N THR D 231 -13.26 -21.73 6.83
CA THR D 231 -14.50 -22.49 6.79
C THR D 231 -14.65 -23.11 5.42
N TRP D 232 -15.33 -24.26 5.36
CA TRP D 232 -15.38 -24.98 4.12
C TRP D 232 -16.82 -25.09 3.67
N ILE D 233 -17.02 -25.05 2.36
CA ILE D 233 -18.35 -25.10 1.78
C ILE D 233 -18.32 -26.07 0.63
N VAL D 234 -19.39 -26.85 0.50
CA VAL D 234 -19.36 -28.03 -0.32
C VAL D 234 -20.64 -28.11 -1.16
N PRO D 235 -20.54 -28.68 -2.37
CA PRO D 235 -21.75 -28.93 -3.15
C PRO D 235 -22.39 -30.24 -2.66
N SER D 236 -23.43 -30.71 -3.34
CA SER D 236 -24.21 -31.85 -2.85
C SER D 236 -23.42 -33.16 -2.69
N LEU D 237 -22.50 -33.42 -3.61
CA LEU D 237 -21.91 -34.75 -3.78
C LEU D 237 -21.18 -35.31 -2.56
N VAL D 238 -20.41 -34.47 -1.88
CA VAL D 238 -19.61 -34.93 -0.75
C VAL D 238 -20.48 -35.42 0.41
N ALA D 239 -21.58 -34.75 0.69
CA ALA D 239 -22.41 -35.11 1.82
C ALA D 239 -23.25 -36.35 1.45
N GLY D 240 -23.63 -36.45 0.19
CA GLY D 240 -24.31 -37.63 -0.32
C GLY D 240 -25.60 -38.00 0.40
N ASP D 241 -25.64 -39.22 0.92
CA ASP D 241 -26.78 -39.68 1.70
C ASP D 241 -26.91 -38.85 2.98
N THR D 242 -25.77 -38.59 3.60
CA THR D 242 -25.60 -37.92 4.91
C THR D 242 -25.85 -38.89 6.05
N ASP D 243 -26.25 -40.11 5.72
CA ASP D 243 -26.45 -41.15 6.73
C ASP D 243 -25.12 -41.55 7.34
N THR D 244 -24.08 -41.61 6.53
CA THR D 244 -22.77 -42.01 7.00
C THR D 244 -21.76 -40.91 6.79
N VAL D 245 -21.12 -40.52 7.89
CA VAL D 245 -20.23 -39.37 7.91
C VAL D 245 -18.92 -39.68 8.60
N PRO D 246 -17.91 -40.07 7.81
CA PRO D 246 -16.58 -40.18 8.43
C PRO D 246 -16.23 -38.86 9.09
N ASP D 247 -15.69 -38.91 10.30
CA ASP D 247 -15.48 -37.70 11.08
C ASP D 247 -14.19 -37.07 10.61
N GLU D 248 -13.60 -37.67 9.58
CA GLU D 248 -12.50 -37.07 8.85
C GLU D 248 -12.90 -35.70 8.33
N PHE D 249 -14.18 -35.55 7.97
CA PHE D 249 -14.71 -34.23 7.64
C PHE D 249 -14.59 -33.34 8.86
N PRO D 250 -14.18 -32.08 8.66
CA PRO D 250 -14.12 -31.21 9.83
C PRO D 250 -15.51 -30.78 10.25
N THR D 251 -15.68 -30.42 11.52
CA THR D 251 -16.96 -29.92 11.98
C THR D 251 -17.10 -28.48 11.51
N GLY D 252 -18.34 -28.02 11.38
CA GLY D 252 -18.56 -26.67 10.88
C GLY D 252 -18.53 -26.68 9.36
N LEU D 253 -18.39 -27.87 8.78
CA LEU D 253 -18.42 -28.00 7.34
C LEU D 253 -19.82 -27.66 6.85
N ILE D 254 -19.87 -26.80 5.84
CA ILE D 254 -21.13 -26.27 5.37
C ILE D 254 -21.40 -26.84 4.01
N SER D 255 -22.57 -27.43 3.84
CA SER D 255 -22.90 -28.01 2.56
C SER D 255 -24.38 -28.06 2.31
N VAL D 256 -24.70 -28.12 1.03
CA VAL D 256 -26.05 -28.12 0.54
C VAL D 256 -26.55 -29.54 0.30
N SER D 257 -27.82 -29.78 0.57
CA SER D 257 -28.46 -31.06 0.26
C SER D 257 -29.97 -31.02 0.11
N TYR D 258 -30.51 -32.10 -0.46
CA TYR D 258 -31.94 -32.32 -0.64
C TYR D 258 -32.61 -32.55 0.73
N ASP D 259 -33.83 -32.05 0.87
CA ASP D 259 -34.57 -32.08 2.12
C ASP D 259 -35.29 -33.39 2.32
N GLU D 260 -35.15 -33.95 3.51
CA GLU D 260 -35.84 -35.17 3.87
C GLU D 260 -37.35 -34.98 4.01
N TRP D 261 -37.76 -33.86 4.60
CA TRP D 261 -39.19 -33.61 4.80
C TRP D 261 -39.91 -33.52 3.46
N ASP D 262 -39.25 -32.88 2.50
CA ASP D 262 -39.83 -32.51 1.20
C ASP D 262 -40.31 -33.65 0.31
N TYR D 263 -39.48 -34.68 0.11
CA TYR D 263 -39.98 -35.80 -0.67
C TYR D 263 -39.56 -37.10 -0.03
N ASP D 264 -40.52 -37.99 0.15
CA ASP D 264 -40.20 -39.27 0.74
C ASP D 264 -39.61 -40.12 -0.36
N LEU D 265 -38.91 -41.20 -0.01
CA LEU D 265 -38.35 -42.02 -1.07
C LEU D 265 -39.55 -42.44 -1.93
N PRO D 266 -40.67 -42.84 -1.26
CA PRO D 266 -41.84 -43.16 -2.06
C PRO D 266 -42.49 -41.99 -2.83
N ALA D 267 -42.51 -40.81 -2.22
CA ALA D 267 -43.02 -39.61 -2.89
C ALA D 267 -42.22 -39.28 -4.13
N ARG D 268 -40.89 -39.34 -3.99
CA ARG D 268 -39.99 -39.10 -5.09
C ARG D 268 -40.20 -40.10 -6.23
N VAL D 269 -40.39 -41.37 -5.87
CA VAL D 269 -40.68 -42.37 -6.91
C VAL D 269 -42.00 -42.05 -7.60
N ARG D 270 -42.98 -41.59 -6.83
CA ARG D 270 -44.27 -41.21 -7.39
C ARG D 270 -44.09 -40.07 -8.39
N ASP D 271 -43.22 -39.13 -8.04
CA ASP D 271 -42.91 -38.03 -8.93
C ASP D 271 -42.30 -38.57 -10.22
N GLY D 272 -41.37 -39.51 -10.11
CA GLY D 272 -40.72 -40.07 -11.28
C GLY D 272 -41.68 -40.78 -12.22
N ILE D 273 -42.55 -41.61 -11.64
CA ILE D 273 -43.55 -42.33 -12.39
C ILE D 273 -44.45 -41.32 -13.08
N ALA D 274 -44.81 -40.28 -12.32
CA ALA D 274 -45.65 -39.22 -12.82
C ALA D 274 -44.99 -38.50 -13.99
N ILE D 275 -43.68 -38.31 -13.93
CA ILE D 275 -42.95 -37.64 -15.02
C ILE D 275 -42.98 -38.49 -16.27
N ILE D 276 -42.72 -39.78 -16.10
CA ILE D 276 -42.67 -40.68 -17.24
C ILE D 276 -44.04 -40.75 -17.92
N THR D 277 -45.09 -40.87 -17.11
CA THR D 277 -46.45 -41.04 -17.63
C THR D 277 -47.06 -39.72 -18.11
N THR D 278 -46.58 -38.60 -17.56
CA THR D 278 -47.02 -37.28 -18.00
C THR D 278 -46.39 -37.00 -19.35
N ALA D 279 -45.13 -37.38 -19.48
CA ALA D 279 -44.42 -37.25 -20.73
C ALA D 279 -45.07 -38.11 -21.80
N ALA D 280 -45.47 -39.31 -21.40
CA ALA D 280 -46.19 -40.22 -22.29
C ALA D 280 -47.51 -39.60 -22.72
N SER D 281 -48.17 -38.95 -21.78
CA SER D 281 -49.46 -38.32 -22.03
C SER D 281 -49.35 -37.12 -22.96
N THR D 282 -48.34 -36.28 -22.75
CA THR D 282 -48.12 -35.12 -23.62
C THR D 282 -47.73 -35.55 -25.03
N MET D 283 -46.85 -36.55 -25.12
CA MET D 283 -46.45 -37.07 -26.44
C MET D 283 -47.64 -37.69 -27.15
N LEU D 284 -48.48 -38.38 -26.37
CA LEU D 284 -49.72 -38.94 -26.88
C LEU D 284 -50.60 -37.84 -27.44
N SER D 285 -50.90 -36.84 -26.60
CA SER D 285 -51.74 -35.72 -27.01
C SER D 285 -51.24 -35.10 -28.30
N GLU D 286 -49.92 -34.97 -28.43
CA GLU D 286 -49.35 -34.42 -29.64
C GLU D 286 -49.51 -35.33 -30.87
N HIS D 287 -48.99 -36.55 -30.81
CA HIS D 287 -49.08 -37.48 -31.94
C HIS D 287 -50.06 -38.66 -31.86
N ASN D 288 -50.81 -38.80 -30.76
CA ASN D 288 -51.73 -39.93 -30.58
C ASN D 288 -51.07 -41.29 -30.78
N SER D 289 -49.80 -41.39 -30.37
CA SER D 289 -48.98 -42.56 -30.66
C SER D 289 -48.45 -43.23 -29.39
N ILE D 290 -48.53 -44.57 -29.34
CA ILE D 290 -47.98 -45.32 -28.22
C ILE D 290 -46.46 -45.20 -28.14
N PRO D 291 -45.94 -44.79 -26.96
CA PRO D 291 -44.51 -44.70 -26.66
C PRO D 291 -43.82 -46.06 -26.52
N GLN D 292 -44.60 -47.12 -26.32
CA GLN D 292 -44.05 -48.43 -25.99
C GLN D 292 -43.08 -48.94 -27.06
N SER D 293 -41.94 -49.47 -26.62
CA SER D 293 -40.87 -49.90 -27.53
C SER D 293 -40.19 -51.17 -27.01
N LYS D 294 -39.56 -51.92 -27.90
CA LYS D 294 -38.87 -53.14 -27.49
C LYS D 294 -37.67 -52.74 -26.64
N SER D 295 -37.54 -53.40 -25.50
CA SER D 295 -36.56 -52.99 -24.48
C SER D 295 -35.20 -53.68 -24.57
N SER D 296 -35.08 -54.72 -25.41
CA SER D 296 -33.94 -55.63 -25.28
C SER D 296 -32.65 -54.99 -25.78
N CYS D 297 -31.68 -54.88 -24.87
CA CYS D 297 -30.39 -54.27 -25.14
C CYS D 297 -29.52 -55.09 -26.09
N ASN D 298 -29.50 -56.41 -25.84
CA ASN D 298 -28.61 -57.33 -26.55
C ASN D 298 -28.70 -57.23 -28.08
N ASN D 299 -29.92 -57.19 -28.59
CA ASN D 299 -30.12 -56.99 -30.02
C ASN D 299 -30.01 -55.52 -30.39
N ILE D 300 -30.12 -55.22 -31.68
CA ILE D 300 -30.08 -53.84 -32.13
C ILE D 300 -31.26 -53.08 -31.52
N GLN D 301 -31.10 -51.78 -31.32
CA GLN D 301 -32.17 -50.97 -30.76
C GLN D 301 -33.38 -51.03 -31.67
N GLU D 302 -34.57 -51.13 -31.07
CA GLU D 302 -35.80 -51.32 -31.83
C GLU D 302 -36.04 -50.18 -32.80
N SER D 303 -36.67 -50.49 -33.94
CA SER D 303 -37.01 -49.49 -34.94
C SER D 303 -38.02 -48.55 -34.31
N ARG D 304 -38.05 -47.30 -34.75
CA ARG D 304 -39.02 -46.31 -34.23
C ARG D 304 -38.62 -45.82 -32.83
N VAL D 305 -37.53 -46.36 -32.29
CA VAL D 305 -36.95 -45.80 -31.08
C VAL D 305 -36.43 -44.39 -31.37
N TYR D 306 -36.00 -44.16 -32.60
CA TYR D 306 -35.55 -42.83 -32.99
C TYR D 306 -36.63 -41.76 -32.80
N GLU D 307 -37.90 -42.14 -32.95
CA GLU D 307 -38.93 -41.15 -32.72
C GLU D 307 -38.93 -40.66 -31.28
N ALA D 308 -38.41 -41.48 -30.37
CA ALA D 308 -38.48 -41.11 -28.97
C ALA D 308 -37.75 -39.79 -28.79
N HIS D 309 -36.87 -39.48 -29.75
CA HIS D 309 -36.03 -38.31 -29.58
C HIS D 309 -36.89 -37.08 -29.37
N MET D 310 -37.93 -36.97 -30.22
CA MET D 310 -38.75 -35.78 -30.16
C MET D 310 -39.37 -35.63 -28.79
N LEU D 311 -39.72 -36.77 -28.22
CA LEU D 311 -40.32 -36.80 -26.91
C LEU D 311 -39.45 -36.10 -25.89
N LYS D 312 -38.17 -36.45 -25.87
CA LYS D 312 -37.25 -35.84 -24.91
C LYS D 312 -37.25 -34.33 -25.05
N ARG D 313 -37.20 -33.85 -26.29
CA ARG D 313 -37.16 -32.41 -26.52
C ARG D 313 -38.42 -31.78 -25.94
N TYR D 314 -39.54 -32.45 -26.18
CA TYR D 314 -40.84 -32.13 -25.60
C TYR D 314 -40.88 -32.44 -24.07
N LEU D 315 -40.19 -33.51 -23.67
CA LEU D 315 -40.28 -34.13 -22.33
C LEU D 315 -39.56 -33.39 -21.21
N ILE D 316 -38.74 -32.42 -21.58
CA ILE D 316 -37.80 -31.77 -20.67
C ILE D 316 -38.52 -31.14 -19.49
N ASN D 317 -39.62 -30.45 -19.74
CA ASN D 317 -40.43 -29.98 -18.64
C ASN D 317 -41.70 -30.81 -18.52
N VAL D 318 -41.82 -31.42 -17.34
CA VAL D 318 -42.96 -32.24 -16.97
C VAL D 318 -43.40 -31.75 -15.61
N THR D 319 -44.71 -31.61 -15.48
CA THR D 319 -45.34 -31.07 -14.29
C THR D 319 -46.44 -31.95 -13.73
N PHE D 320 -46.43 -32.10 -12.41
CA PHE D 320 -47.52 -32.80 -11.74
C PHE D 320 -47.67 -32.12 -10.40
N GLU D 321 -48.90 -32.17 -9.90
CA GLU D 321 -49.29 -31.61 -8.61
C GLU D 321 -49.07 -30.10 -8.64
N GLY D 322 -49.13 -29.50 -9.82
CA GLY D 322 -48.86 -28.07 -9.97
C GLY D 322 -47.41 -27.74 -9.59
N ARG D 323 -46.55 -28.76 -9.69
CA ARG D 323 -45.15 -28.67 -9.30
C ARG D 323 -44.25 -29.04 -10.46
N ASP D 324 -43.16 -28.30 -10.64
CA ASP D 324 -42.30 -28.57 -11.78
C ASP D 324 -41.22 -29.60 -11.53
N LEU D 325 -41.18 -30.58 -12.42
CA LEU D 325 -40.09 -31.53 -12.47
C LEU D 325 -39.18 -31.09 -13.59
N SER D 326 -39.44 -29.91 -14.13
CA SER D 326 -38.86 -29.47 -15.40
C SER D 326 -37.36 -29.69 -15.40
N PHE D 327 -36.85 -30.34 -16.43
CA PHE D 327 -35.43 -30.60 -16.45
C PHE D 327 -34.69 -29.47 -17.14
N SER D 328 -33.37 -29.59 -17.12
CA SER D 328 -32.48 -28.69 -17.85
C SER D 328 -31.60 -29.50 -18.77
N GLU D 329 -30.95 -28.82 -19.72
CA GLU D 329 -30.22 -29.47 -20.80
C GLU D 329 -29.21 -30.51 -20.30
N ASP D 330 -28.67 -30.29 -19.10
CA ASP D 330 -27.75 -31.25 -18.51
C ASP D 330 -28.50 -32.51 -18.08
N GLY D 331 -29.80 -32.39 -17.86
CA GLY D 331 -30.62 -33.51 -17.42
C GLY D 331 -30.97 -33.48 -15.94
N TYR D 332 -30.43 -32.49 -15.23
CA TYR D 332 -30.89 -32.19 -13.87
C TYR D 332 -32.22 -31.45 -13.88
N GLN D 333 -33.02 -31.64 -12.84
CA GLN D 333 -34.27 -30.92 -12.71
C GLN D 333 -33.95 -29.46 -12.45
N MET D 334 -34.74 -28.56 -13.04
CA MET D 334 -34.38 -27.14 -13.07
C MET D 334 -34.23 -26.49 -11.70
N HIS D 335 -35.22 -26.64 -10.82
CA HIS D 335 -35.10 -26.09 -9.48
C HIS D 335 -35.80 -26.91 -8.41
N PRO D 336 -35.28 -28.11 -8.09
CA PRO D 336 -35.86 -28.84 -6.95
C PRO D 336 -35.65 -28.05 -5.65
N LYS D 337 -36.52 -28.26 -4.66
CA LYS D 337 -36.37 -27.57 -3.39
C LYS D 337 -35.10 -28.03 -2.70
N LEU D 338 -34.47 -27.12 -1.96
CA LEU D 338 -33.18 -27.45 -1.39
C LEU D 338 -32.95 -26.94 0.04
N VAL D 339 -32.11 -27.64 0.80
CA VAL D 339 -31.79 -27.23 2.16
C VAL D 339 -30.28 -27.03 2.43
N ILE D 340 -29.99 -25.91 3.08
CA ILE D 340 -28.67 -25.56 3.58
C ILE D 340 -28.45 -26.34 4.85
N ILE D 341 -27.38 -27.12 4.86
CA ILE D 341 -27.13 -28.03 5.97
C ILE D 341 -25.71 -27.80 6.46
N LEU D 342 -25.48 -28.09 7.73
CA LEU D 342 -24.18 -27.93 8.34
C LEU D 342 -23.89 -29.18 9.15
N LEU D 343 -22.62 -29.41 9.49
CA LEU D 343 -22.34 -30.51 10.38
C LEU D 343 -22.37 -30.00 11.80
N ASN D 344 -23.43 -30.38 12.51
CA ASN D 344 -23.58 -30.02 13.91
C ASN D 344 -22.51 -30.75 14.70
N GLN D 345 -22.23 -30.29 15.91
CA GLN D 345 -21.20 -30.92 16.72
C GLN D 345 -21.55 -32.39 16.90
N GLU D 346 -20.51 -33.21 17.10
CA GLU D 346 -20.57 -34.67 16.91
C GLU D 346 -20.91 -35.04 15.46
N ARG D 347 -21.72 -36.07 15.28
CA ARG D 347 -21.96 -36.63 13.95
C ARG D 347 -23.22 -36.09 13.28
N LYS D 348 -23.87 -35.13 13.94
CA LYS D 348 -25.17 -34.65 13.49
C LYS D 348 -25.12 -33.85 12.17
N TRP D 349 -26.06 -34.15 11.28
CA TRP D 349 -26.39 -33.29 10.15
C TRP D 349 -27.67 -32.54 10.50
N GLU D 350 -27.58 -31.23 10.72
CA GLU D 350 -28.75 -30.45 11.11
C GLU D 350 -29.08 -29.37 10.10
N ARG D 351 -30.36 -29.27 9.76
CA ARG D 351 -30.77 -28.30 8.74
C ARG D 351 -30.48 -26.89 9.20
N VAL D 352 -30.12 -26.00 8.30
CA VAL D 352 -30.06 -24.62 8.70
C VAL D 352 -30.94 -23.72 7.86
N GLY D 353 -30.71 -23.72 6.56
CA GLY D 353 -31.45 -22.78 5.73
C GLY D 353 -32.27 -23.52 4.75
N LYS D 354 -33.32 -22.89 4.25
CA LYS D 354 -34.03 -23.44 3.13
C LYS D 354 -33.87 -22.55 1.92
N TYR D 355 -33.78 -23.14 0.74
CA TYR D 355 -33.62 -22.38 -0.48
C TYR D 355 -34.40 -22.97 -1.64
N LYS D 356 -35.11 -22.10 -2.37
CA LYS D 356 -35.96 -22.55 -3.46
C LYS D 356 -36.02 -21.53 -4.59
N ASP D 357 -36.06 -22.05 -5.82
CA ASP D 357 -36.17 -21.25 -7.02
C ASP D 357 -35.09 -20.17 -7.08
N ARG D 358 -35.51 -18.92 -7.16
CA ARG D 358 -34.57 -17.80 -7.18
C ARG D 358 -34.01 -17.49 -5.80
N SER D 359 -34.83 -17.65 -4.76
CA SER D 359 -34.49 -17.06 -3.47
C SER D 359 -34.18 -18.05 -2.35
N LEU D 360 -33.38 -17.60 -1.39
CA LEU D 360 -32.95 -18.43 -0.29
C LEU D 360 -33.23 -17.73 1.04
N LYS D 361 -33.60 -18.50 2.06
CA LYS D 361 -33.76 -17.91 3.39
C LYS D 361 -33.12 -18.83 4.42
N MET D 362 -32.29 -18.28 5.29
CA MET D 362 -31.64 -19.10 6.29
C MET D 362 -31.75 -18.42 7.66
N TRP D 363 -31.85 -19.22 8.72
CA TRP D 363 -32.06 -18.66 10.05
C TRP D 363 -30.74 -18.19 10.65
N GLU D 378 -11.79 -15.79 20.63
CA GLU D 378 -11.69 -14.49 19.98
C GLU D 378 -12.82 -14.29 18.98
N HIS D 379 -13.92 -13.71 19.46
CA HIS D 379 -15.08 -13.45 18.64
C HIS D 379 -15.23 -11.94 18.67
N LEU D 380 -15.39 -11.45 19.89
CA LEU D 380 -15.61 -10.05 20.25
C LEU D 380 -16.57 -9.46 19.25
N SER D 381 -17.79 -9.29 19.73
CA SER D 381 -18.82 -8.60 18.98
C SER D 381 -18.72 -7.13 19.28
N ILE D 382 -18.95 -6.30 18.27
CA ILE D 382 -18.70 -4.88 18.43
C ILE D 382 -19.99 -4.15 18.13
N VAL D 383 -20.26 -3.10 18.89
CA VAL D 383 -21.44 -2.28 18.64
C VAL D 383 -21.01 -0.86 18.31
N THR D 384 -21.75 -0.22 17.42
CA THR D 384 -21.47 1.15 17.06
C THR D 384 -22.73 1.97 16.86
N LEU D 385 -22.55 3.22 16.46
CA LEU D 385 -23.66 4.10 16.14
C LEU D 385 -23.26 4.96 14.96
N GLU D 386 -24.26 5.44 14.21
CA GLU D 386 -23.98 6.19 13.00
C GLU D 386 -23.75 7.67 13.28
N GLU D 387 -22.60 8.16 12.85
CA GLU D 387 -22.35 9.60 12.81
C GLU D 387 -21.42 9.93 11.65
N ALA D 388 -21.71 11.05 10.99
CA ALA D 388 -20.99 11.48 9.81
C ALA D 388 -19.84 12.40 10.20
N PRO D 389 -18.69 12.28 9.53
CA PRO D 389 -18.26 11.31 8.51
C PRO D 389 -17.89 9.94 9.04
N PHE D 390 -17.60 9.85 10.33
CA PHE D 390 -16.86 8.72 10.89
C PHE D 390 -17.51 7.35 10.72
N VAL D 391 -18.74 7.21 11.21
CA VAL D 391 -19.46 5.97 11.02
C VAL D 391 -20.76 6.24 10.28
N ILE D 392 -20.82 5.81 9.03
CA ILE D 392 -21.96 6.11 8.19
C ILE D 392 -22.76 4.86 7.89
N VAL D 393 -24.05 4.88 8.22
CA VAL D 393 -24.91 3.81 7.80
C VAL D 393 -25.49 4.13 6.44
N GLU D 394 -25.41 3.15 5.55
CA GLU D 394 -25.96 3.26 4.23
C GLU D 394 -26.85 2.06 4.00
N ASP D 395 -27.84 2.24 3.14
CA ASP D 395 -28.73 1.15 2.75
C ASP D 395 -28.16 0.44 1.54
N VAL D 396 -27.94 -0.85 1.68
CA VAL D 396 -27.35 -1.66 0.62
C VAL D 396 -28.27 -1.80 -0.59
N ASP D 397 -27.68 -1.98 -1.77
CA ASP D 397 -28.46 -2.20 -2.99
C ASP D 397 -29.24 -3.50 -2.85
N PRO D 398 -30.57 -3.41 -2.95
CA PRO D 398 -31.47 -4.57 -2.80
C PRO D 398 -31.21 -5.63 -3.87
N LEU D 399 -30.91 -5.19 -5.08
CA LEU D 399 -30.60 -6.11 -6.18
C LEU D 399 -29.35 -6.94 -5.86
N SER D 400 -28.35 -6.28 -5.28
CA SER D 400 -27.14 -6.95 -4.86
C SER D 400 -27.40 -7.92 -3.71
N GLY D 401 -28.24 -7.51 -2.77
CA GLY D 401 -28.62 -8.35 -1.65
C GLY D 401 -27.62 -8.36 -0.50
N THR D 402 -26.42 -7.82 -0.73
CA THR D 402 -25.39 -7.78 0.30
C THR D 402 -24.44 -6.61 0.10
N CYS D 403 -23.67 -6.27 1.14
CA CYS D 403 -22.90 -5.04 1.18
C CYS D 403 -21.81 -4.96 0.11
N MET D 404 -21.47 -3.73 -0.28
CA MET D 404 -20.50 -3.52 -1.35
C MET D 404 -19.26 -2.76 -0.88
N ARG D 405 -18.12 -3.15 -1.44
CA ARG D 405 -16.84 -2.46 -1.22
C ARG D 405 -16.44 -2.36 0.25
N ASN D 406 -16.12 -1.14 0.68
CA ASN D 406 -15.58 -0.89 2.01
C ASN D 406 -16.61 -1.12 3.10
N THR D 407 -17.88 -1.09 2.72
CA THR D 407 -18.98 -1.25 3.67
C THR D 407 -18.93 -2.62 4.32
N VAL D 408 -19.08 -2.62 5.64
CA VAL D 408 -19.05 -3.82 6.44
C VAL D 408 -20.43 -3.93 7.10
N PRO D 409 -20.98 -5.15 7.19
CA PRO D 409 -22.34 -5.30 7.71
C PRO D 409 -22.49 -4.96 9.20
N CYS D 410 -23.61 -4.34 9.54
CA CYS D 410 -23.99 -4.09 10.92
C CYS D 410 -25.51 -4.24 11.06
N ARG D 411 -25.94 -4.94 12.10
CA ARG D 411 -27.36 -5.22 12.27
C ARG D 411 -27.96 -4.41 13.42
N LYS D 412 -29.20 -3.97 13.23
CA LYS D 412 -29.91 -3.23 14.26
C LYS D 412 -31.24 -3.88 14.60
N GLN D 413 -31.40 -4.32 15.85
CA GLN D 413 -32.64 -4.91 16.30
C GLN D 413 -33.71 -3.84 16.42
N ILE D 414 -34.88 -4.10 15.84
CA ILE D 414 -35.96 -3.12 15.85
C ILE D 414 -37.29 -3.77 16.21
N ILE D 427 -33.10 -6.32 10.55
CA ILE D 427 -32.77 -5.46 9.41
C ILE D 427 -31.27 -5.25 9.31
N LYS D 428 -30.70 -5.54 8.14
CA LYS D 428 -29.27 -5.38 7.92
C LYS D 428 -28.94 -4.01 7.33
N ARG D 429 -28.07 -3.28 8.04
CA ARG D 429 -27.61 -1.97 7.60
C ARG D 429 -26.13 -2.03 7.27
N CYS D 430 -25.66 -1.20 6.34
CA CYS D 430 -24.25 -1.29 5.94
C CYS D 430 -23.42 -0.13 6.47
N CYS D 431 -22.51 -0.42 7.40
CA CYS D 431 -21.72 0.64 8.00
C CYS D 431 -20.41 0.80 7.26
N LYS D 432 -20.03 2.05 7.00
CA LYS D 432 -18.75 2.34 6.36
C LYS D 432 -18.25 3.74 6.71
N GLY D 433 -16.94 3.93 6.61
CA GLY D 433 -16.34 5.21 6.94
C GLY D 433 -14.96 5.14 7.55
N PHE D 434 -14.57 6.24 8.18
CA PHE D 434 -13.24 6.40 8.78
C PHE D 434 -12.98 5.40 9.89
N CYS D 435 -13.91 5.33 10.85
CA CYS D 435 -13.81 4.42 11.98
C CYS D 435 -13.84 2.95 11.54
N ILE D 436 -14.64 2.68 10.53
CA ILE D 436 -14.80 1.32 9.99
C ILE D 436 -13.46 0.85 9.41
N ASP D 437 -12.80 1.75 8.68
CA ASP D 437 -11.54 1.43 8.04
C ASP D 437 -10.47 1.24 9.11
N ILE D 438 -10.48 2.11 10.12
CA ILE D 438 -9.52 1.98 11.22
C ILE D 438 -9.69 0.65 11.95
N LEU D 439 -10.94 0.28 12.21
CA LEU D 439 -11.26 -0.98 12.86
C LEU D 439 -10.75 -2.15 12.00
N LYS D 440 -10.96 -2.04 10.69
CA LYS D 440 -10.58 -3.08 9.75
C LYS D 440 -9.06 -3.26 9.76
N LYS D 441 -8.34 -2.15 9.77
CA LYS D 441 -6.87 -2.20 9.81
C LYS D 441 -6.35 -2.77 11.13
N ILE D 442 -6.93 -2.33 12.24
CA ILE D 442 -6.52 -2.82 13.56
C ILE D 442 -6.72 -4.33 13.66
N ALA D 443 -7.89 -4.77 13.22
CA ALA D 443 -8.22 -6.18 13.19
C ALA D 443 -7.30 -6.97 12.28
N LYS D 444 -6.96 -6.37 11.14
CA LYS D 444 -6.06 -6.99 10.16
C LYS D 444 -4.68 -7.19 10.77
N THR D 445 -4.22 -6.20 11.52
CA THR D 445 -2.89 -6.24 12.12
C THR D 445 -2.84 -7.23 13.27
N VAL D 446 -3.86 -7.20 14.14
CA VAL D 446 -3.89 -8.10 15.29
C VAL D 446 -4.43 -9.47 14.89
N LYS D 447 -5.04 -9.55 13.71
CA LYS D 447 -5.52 -10.81 13.15
C LYS D 447 -6.55 -11.52 14.04
N PHE D 448 -7.73 -10.93 14.14
CA PHE D 448 -8.87 -11.58 14.79
C PHE D 448 -10.16 -11.32 14.00
N THR D 449 -11.20 -12.10 14.28
CA THR D 449 -12.46 -11.92 13.59
C THR D 449 -13.51 -11.38 14.54
N TYR D 450 -14.48 -10.66 14.01
CA TYR D 450 -15.41 -9.88 14.83
C TYR D 450 -16.80 -9.73 14.21
N ASP D 451 -17.81 -9.54 15.06
CA ASP D 451 -19.18 -9.30 14.62
C ASP D 451 -19.61 -7.87 14.93
N LEU D 452 -20.18 -7.16 13.96
CA LEU D 452 -20.53 -5.75 14.18
C LEU D 452 -22.05 -5.53 14.13
N TYR D 453 -22.58 -4.81 15.12
CA TYR D 453 -23.99 -4.45 15.13
C TYR D 453 -24.21 -3.00 15.59
N LEU D 454 -25.46 -2.56 15.54
CA LEU D 454 -25.83 -1.21 15.92
C LEU D 454 -26.55 -1.17 17.26
N VAL D 455 -26.31 -0.10 18.01
CA VAL D 455 -26.93 0.06 19.32
C VAL D 455 -28.38 0.51 19.12
N THR D 456 -29.22 0.17 20.09
CA THR D 456 -30.63 0.53 20.08
C THR D 456 -30.88 1.58 21.16
N ASN D 457 -30.64 1.19 22.40
CA ASN D 457 -30.91 2.03 23.57
C ASN D 457 -29.84 3.09 23.88
N GLY D 458 -30.27 4.34 23.86
CA GLY D 458 -29.46 5.46 24.33
C GLY D 458 -28.23 5.98 23.60
N LYS D 459 -27.99 5.52 22.38
CA LYS D 459 -26.91 6.04 21.54
C LYS D 459 -25.54 6.04 22.22
N HIS D 460 -24.96 7.22 22.40
CA HIS D 460 -23.71 7.36 23.17
C HIS D 460 -23.94 7.19 24.67
N GLY D 461 -22.96 6.64 25.37
CA GLY D 461 -23.16 6.27 26.75
C GLY D 461 -23.56 7.42 27.65
N LYS D 462 -24.59 7.21 28.46
CA LYS D 462 -25.08 8.31 29.32
C LYS D 462 -25.40 7.85 30.74
N LYS D 463 -25.04 8.61 31.76
CA LYS D 463 -25.43 8.16 33.10
C LYS D 463 -26.69 8.94 33.45
N ILE D 464 -27.77 8.18 33.61
CA ILE D 464 -29.04 8.71 34.07
C ILE D 464 -29.43 8.10 35.42
N ASN D 465 -29.53 8.97 36.41
CA ASN D 465 -29.80 8.56 37.79
C ASN D 465 -28.72 7.55 38.16
N GLY D 466 -29.15 6.35 38.54
CA GLY D 466 -28.22 5.31 38.92
C GLY D 466 -27.55 4.57 37.78
N VAL D 467 -28.19 4.56 36.60
CA VAL D 467 -27.80 3.63 35.53
C VAL D 467 -27.24 4.23 34.24
N TRP D 468 -26.27 3.53 33.66
CA TRP D 468 -25.69 3.87 32.35
C TRP D 468 -26.57 3.47 31.17
N ASN D 469 -26.32 4.09 30.01
CA ASN D 469 -27.04 3.74 28.79
C ASN D 469 -26.07 3.72 27.62
N GLY D 470 -26.58 3.26 26.47
CA GLY D 470 -25.85 3.25 25.21
C GLY D 470 -24.96 2.01 25.01
N MET D 471 -23.99 2.14 24.11
CA MET D 471 -23.08 1.04 23.77
C MET D 471 -22.33 0.53 25.00
N ILE D 472 -22.10 1.44 25.94
CA ILE D 472 -21.41 1.12 27.17
C ILE D 472 -22.19 0.06 27.96
N GLY D 473 -23.51 0.10 27.87
CA GLY D 473 -24.35 -0.90 28.49
C GLY D 473 -24.04 -2.29 27.94
N GLU D 474 -23.90 -2.37 26.63
CA GLU D 474 -23.62 -3.64 25.97
C GLU D 474 -22.17 -4.06 26.24
N VAL D 475 -21.34 -3.10 26.61
CA VAL D 475 -19.97 -3.39 27.02
C VAL D 475 -19.96 -3.94 28.45
N VAL D 476 -20.87 -3.43 29.27
CA VAL D 476 -21.02 -3.82 30.67
C VAL D 476 -21.80 -5.13 30.77
N THR D 477 -22.84 -5.26 29.94
CA THR D 477 -23.64 -6.47 29.90
C THR D 477 -22.87 -7.60 29.24
N LYS D 478 -21.68 -7.26 28.74
CA LYS D 478 -20.83 -8.19 28.00
C LYS D 478 -21.51 -8.62 26.72
N ARG D 479 -22.45 -7.79 26.24
CA ARG D 479 -23.08 -8.00 24.95
C ARG D 479 -22.21 -7.37 23.87
N ALA D 480 -21.27 -6.54 24.30
CA ALA D 480 -20.22 -6.03 23.43
C ALA D 480 -18.92 -6.11 24.20
N TYR D 481 -17.87 -6.60 23.56
CA TYR D 481 -16.56 -6.60 24.19
C TYR D 481 -15.93 -5.22 24.06
N MET D 482 -15.92 -4.71 22.83
CA MET D 482 -15.38 -3.39 22.54
C MET D 482 -16.39 -2.56 21.75
N ALA D 483 -16.52 -1.29 22.11
CA ALA D 483 -17.42 -0.38 21.42
C ALA D 483 -16.64 0.64 20.59
N VAL D 484 -17.04 0.79 19.34
CA VAL D 484 -16.32 1.67 18.41
C VAL D 484 -17.26 2.76 17.88
N GLY D 485 -16.71 3.93 17.56
CA GLY D 485 -17.51 5.03 17.06
C GLY D 485 -16.85 6.39 17.21
N SER D 486 -17.68 7.43 17.26
CA SER D 486 -17.24 8.81 17.45
C SER D 486 -17.17 9.12 18.94
N LEU D 487 -17.32 8.08 19.76
CA LEU D 487 -17.38 8.19 21.21
C LEU D 487 -16.24 9.02 21.80
N THR D 488 -16.59 10.01 22.62
CA THR D 488 -15.62 10.85 23.29
C THR D 488 -15.11 10.14 24.55
N ILE D 489 -14.11 10.70 25.21
CA ILE D 489 -13.55 10.11 26.42
C ILE D 489 -13.82 10.98 27.66
N ASN D 490 -14.06 10.33 28.80
CA ASN D 490 -14.27 11.03 30.06
C ASN D 490 -13.84 10.16 31.24
N GLU D 491 -13.67 10.79 32.41
CA GLU D 491 -13.16 10.12 33.60
C GLU D 491 -14.01 8.93 34.06
N GLU D 492 -15.33 9.10 34.02
CA GLU D 492 -16.26 8.05 34.44
C GLU D 492 -16.14 6.78 33.61
N ARG D 493 -16.09 6.94 32.30
CA ARG D 493 -16.05 5.80 31.40
C ARG D 493 -14.67 5.15 31.42
N SER D 494 -13.63 5.95 31.59
CA SER D 494 -12.27 5.43 31.74
C SER D 494 -12.20 4.63 33.03
N GLU D 495 -12.96 5.08 34.03
CA GLU D 495 -13.07 4.38 35.29
C GLU D 495 -13.74 3.01 35.09
N VAL D 496 -14.84 2.98 34.36
CA VAL D 496 -15.57 1.71 34.20
C VAL D 496 -14.95 0.78 33.15
N VAL D 497 -14.40 1.33 32.08
CA VAL D 497 -13.83 0.52 31.00
C VAL D 497 -12.52 1.12 30.48
N ASP D 498 -11.55 0.26 30.18
CA ASP D 498 -10.28 0.71 29.60
C ASP D 498 -10.50 1.27 28.20
N PHE D 499 -9.83 2.38 27.89
CA PHE D 499 -9.97 3.03 26.60
C PHE D 499 -8.71 2.99 25.75
N SER D 500 -8.88 2.91 24.44
CA SER D 500 -7.77 3.01 23.50
C SER D 500 -7.24 4.44 23.47
N VAL D 501 -5.98 4.59 23.05
CA VAL D 501 -5.37 5.91 22.92
C VAL D 501 -6.05 6.72 21.82
N PRO D 502 -6.10 8.06 21.98
CA PRO D 502 -6.86 8.86 21.00
C PRO D 502 -6.19 8.90 19.63
N PHE D 503 -6.93 8.58 18.58
CA PHE D 503 -6.37 8.61 17.23
C PHE D 503 -6.45 10.00 16.58
N ILE D 504 -7.36 10.85 17.07
CA ILE D 504 -7.61 12.12 16.41
C ILE D 504 -7.75 13.26 17.42
N GLU D 505 -7.33 14.46 17.01
CA GLU D 505 -7.47 15.62 17.87
C GLU D 505 -8.88 16.18 17.73
N THR D 506 -9.60 16.22 18.85
CA THR D 506 -10.99 16.66 18.85
C THR D 506 -11.39 17.21 20.22
N GLY D 507 -12.69 17.41 20.43
CA GLY D 507 -13.18 17.95 21.68
C GLY D 507 -14.44 18.79 21.51
N ILE D 508 -14.80 19.52 22.56
CA ILE D 508 -15.92 20.44 22.47
C ILE D 508 -15.48 21.64 21.62
N SER D 509 -16.40 22.22 20.87
CA SER D 509 -16.10 23.38 20.04
C SER D 509 -17.36 24.07 19.56
N VAL D 510 -17.16 25.20 18.90
CA VAL D 510 -18.27 26.03 18.44
C VAL D 510 -18.22 26.20 16.93
N MET D 511 -19.41 26.33 16.34
CA MET D 511 -19.60 26.52 14.92
C MET D 511 -20.62 27.65 14.78
N VAL D 512 -20.21 28.69 14.09
CA VAL D 512 -20.98 29.93 13.97
C VAL D 512 -20.76 30.60 12.61
N SER D 513 -21.73 31.45 12.25
CA SER D 513 -21.66 32.29 11.06
C SER D 513 -20.79 33.52 11.32
N ARG D 514 -20.34 34.13 10.22
CA ARG D 514 -19.32 35.20 10.19
C ARG D 514 -19.63 36.59 10.76
N SER D 515 -20.64 36.73 11.61
CA SER D 515 -20.76 37.95 12.39
C SER D 515 -19.42 38.33 13.06
N ASN D 516 -19.04 39.60 12.94
CA ASN D 516 -17.77 40.08 13.47
C ASN D 516 -17.89 40.70 14.86
N GLY D 517 -19.10 40.64 15.41
CA GLY D 517 -19.37 41.22 16.72
C GLY D 517 -20.28 42.42 16.63
N SER D 522 -12.67 48.93 14.10
CA SER D 522 -11.87 50.07 13.71
C SER D 522 -10.52 49.59 13.18
N ALA D 523 -10.54 48.44 12.54
CA ALA D 523 -9.39 47.89 11.85
C ALA D 523 -9.09 48.75 10.62
N PHE D 524 -10.11 49.52 10.24
CA PHE D 524 -10.04 50.58 9.24
C PHE D 524 -9.28 51.81 9.80
N LEU D 525 -9.51 52.12 11.07
CA LEU D 525 -8.76 53.18 11.74
C LEU D 525 -7.28 52.78 11.92
N GLU D 526 -7.08 51.50 12.22
CA GLU D 526 -5.76 50.91 12.47
C GLU D 526 -4.70 51.05 11.35
N PRO D 527 -5.10 51.10 10.06
CA PRO D 527 -4.21 51.30 8.92
C PRO D 527 -3.44 52.58 9.07
N PHE D 528 -3.92 53.43 9.97
CA PHE D 528 -3.15 54.60 10.34
C PHE D 528 -1.78 54.09 10.80
N SER D 529 -1.80 52.94 11.47
CA SER D 529 -0.64 52.32 12.08
C SER D 529 -0.09 53.23 13.17
N ALA D 530 -1.01 53.95 13.81
CA ALA D 530 -0.70 54.91 14.88
C ALA D 530 0.12 56.06 14.33
N ASP D 531 0.31 56.04 13.01
CA ASP D 531 1.09 57.05 12.32
C ASP D 531 0.25 58.21 11.86
N VAL D 532 -0.97 57.97 11.40
CA VAL D 532 -1.80 59.05 10.87
C VAL D 532 -2.01 60.13 11.93
N TRP D 533 -2.31 59.71 13.16
CA TRP D 533 -2.48 60.65 14.26
C TRP D 533 -1.19 61.39 14.57
N VAL D 534 -0.09 60.65 14.65
CA VAL D 534 1.21 61.22 15.01
C VAL D 534 1.60 62.23 13.94
N MET D 535 1.29 61.85 12.71
CA MET D 535 1.48 62.65 11.53
C MET D 535 0.65 63.88 11.69
N MET D 536 -0.55 63.73 12.23
CA MET D 536 -1.48 64.84 12.37
C MET D 536 -0.87 65.86 13.31
N PHE D 537 -0.25 65.39 14.39
CA PHE D 537 0.43 66.28 15.32
C PHE D 537 1.59 66.99 14.63
N VAL D 538 2.41 66.21 13.91
CA VAL D 538 3.58 66.74 13.24
C VAL D 538 3.15 67.78 12.22
N MET D 539 2.06 67.43 11.54
CA MET D 539 1.44 68.24 10.53
C MET D 539 1.02 69.51 11.21
N LEU D 540 0.49 69.39 12.43
CA LEU D 540 0.00 70.55 13.16
C LEU D 540 1.17 71.49 13.36
N LEU D 541 2.31 70.93 13.73
CA LEU D 541 3.49 71.75 14.01
C LEU D 541 3.89 72.48 12.74
N ILE D 542 3.94 71.75 11.63
CA ILE D 542 4.39 72.29 10.35
C ILE D 542 3.43 73.39 9.87
N VAL D 543 2.13 73.12 9.96
CA VAL D 543 1.11 74.06 9.51
C VAL D 543 1.23 75.32 10.31
N SER D 544 1.34 75.16 11.63
CA SER D 544 1.33 76.28 12.53
C SER D 544 2.51 77.19 12.19
N ALA D 545 3.69 76.58 12.06
CA ALA D 545 4.89 77.36 11.83
C ALA D 545 4.79 78.09 10.50
N VAL D 546 4.33 77.35 9.49
CA VAL D 546 4.26 77.87 8.12
C VAL D 546 3.31 79.05 8.06
N ALA D 547 2.14 78.89 8.66
CA ALA D 547 1.10 79.90 8.65
C ALA D 547 1.60 81.14 9.36
N VAL D 548 2.22 80.95 10.52
CA VAL D 548 2.67 82.07 11.32
C VAL D 548 3.70 82.89 10.53
N PHE D 549 4.62 82.19 9.88
CA PHE D 549 5.66 82.85 9.08
C PHE D 549 5.15 83.56 7.82
N VAL D 550 4.29 82.87 7.07
CA VAL D 550 4.13 83.12 5.64
C VAL D 550 3.60 84.49 5.21
N PHE D 551 2.59 84.99 5.92
CA PHE D 551 1.77 86.12 5.45
C PHE D 551 2.58 87.32 4.95
N GLU D 552 3.76 87.51 5.51
CA GLU D 552 4.69 88.57 5.13
C GLU D 552 4.76 88.86 3.63
N PHE D 564 -6.30 83.77 16.51
CA PHE D 564 -7.52 83.15 15.99
C PHE D 564 -7.44 82.95 14.49
N THR D 565 -6.88 83.93 13.79
CA THR D 565 -6.75 83.87 12.34
C THR D 565 -5.80 82.76 11.90
N ILE D 566 -4.73 82.59 12.66
CA ILE D 566 -3.78 81.50 12.42
C ILE D 566 -4.47 80.15 12.57
N GLY D 567 -5.21 80.01 13.67
CA GLY D 567 -5.95 78.79 13.98
C GLY D 567 -6.95 78.47 12.88
N LYS D 568 -7.55 79.53 12.33
CA LYS D 568 -8.47 79.41 11.20
C LYS D 568 -7.73 78.90 9.97
N ALA D 569 -6.60 79.53 9.64
CA ALA D 569 -5.80 79.13 8.49
C ALA D 569 -5.39 77.66 8.57
N ILE D 570 -5.01 77.22 9.77
CA ILE D 570 -4.61 75.83 9.97
C ILE D 570 -5.83 74.91 10.03
N TRP D 571 -7.00 75.46 10.32
CA TRP D 571 -8.25 74.74 10.18
C TRP D 571 -8.49 74.44 8.72
N LEU D 572 -8.24 75.44 7.88
CA LEU D 572 -8.34 75.30 6.43
C LEU D 572 -7.33 74.29 5.91
N LEU D 573 -6.09 74.36 6.40
CA LEU D 573 -5.05 73.43 5.99
C LEU D 573 -5.39 72.00 6.41
N TRP D 574 -5.95 71.86 7.62
CA TRP D 574 -6.34 70.56 8.15
C TRP D 574 -7.49 69.99 7.34
N GLY D 575 -8.41 70.86 6.93
CA GLY D 575 -9.51 70.45 6.08
C GLY D 575 -8.95 69.97 4.75
N LEU D 576 -8.08 70.79 4.16
CA LEU D 576 -7.43 70.49 2.89
C LEU D 576 -6.67 69.17 2.95
N VAL D 577 -6.20 68.82 4.15
CA VAL D 577 -5.54 67.54 4.38
C VAL D 577 -6.51 66.40 4.11
N PHE D 578 -7.69 66.48 4.70
CA PHE D 578 -8.69 65.45 4.48
C PHE D 578 -9.66 65.90 3.39
N ASN D 579 -9.44 65.38 2.18
CA ASN D 579 -10.37 65.51 1.08
C ASN D 579 -10.85 66.94 0.82
N ASN D 580 -9.96 67.93 1.02
CA ASN D 580 -10.34 69.33 0.87
C ASN D 580 -11.52 69.61 1.78
N SER D 581 -12.63 70.08 1.21
CA SER D 581 -13.84 70.28 2.02
C SER D 581 -13.67 71.31 3.13
N LEU D 582 -12.86 72.33 2.88
CA LEU D 582 -12.78 73.44 3.82
C LEU D 582 -13.21 74.70 3.08
N PRO D 583 -14.26 75.37 3.60
CA PRO D 583 -14.90 76.52 2.97
C PRO D 583 -14.04 77.77 2.83
N VAL D 584 -13.23 78.08 3.84
CA VAL D 584 -12.77 79.45 4.02
C VAL D 584 -11.39 79.83 3.50
N GLN D 585 -11.35 80.88 2.68
CA GLN D 585 -10.29 81.88 2.68
C GLN D 585 -8.84 81.41 2.60
N ASN D 586 -8.44 80.79 1.49
CA ASN D 586 -7.04 80.44 1.33
C ASN D 586 -6.19 81.70 1.49
N PRO D 587 -5.17 81.66 2.36
CA PRO D 587 -4.46 82.90 2.68
C PRO D 587 -3.77 83.50 1.46
N LYS D 588 -3.83 84.83 1.33
CA LYS D 588 -3.26 85.49 0.17
C LYS D 588 -1.75 85.31 0.08
N GLY D 589 -1.10 85.27 1.25
CA GLY D 589 0.35 85.35 1.32
C GLY D 589 1.01 84.30 0.46
N THR D 590 2.03 84.70 -0.30
CA THR D 590 2.56 83.86 -1.36
C THR D 590 3.15 82.53 -0.90
N THR D 591 3.94 82.55 0.17
CA THR D 591 4.58 81.33 0.64
C THR D 591 3.55 80.28 1.04
N SER D 592 2.44 80.76 1.61
CA SER D 592 1.33 79.90 1.98
C SER D 592 0.77 79.13 0.78
N LYS D 593 0.82 79.74 -0.41
CA LYS D 593 0.34 79.09 -1.63
C LYS D 593 1.15 77.87 -2.04
N ILE D 594 2.47 78.04 -2.06
CA ILE D 594 3.41 76.98 -2.41
C ILE D 594 3.37 75.88 -1.36
N MET D 595 3.39 76.31 -0.10
CA MET D 595 3.31 75.41 1.03
C MET D 595 2.00 74.63 0.93
N VAL D 596 0.96 75.31 0.48
CA VAL D 596 -0.35 74.72 0.25
C VAL D 596 -0.29 73.66 -0.85
N SER D 597 0.48 73.93 -1.90
CA SER D 597 0.63 72.98 -3.00
C SER D 597 1.30 71.69 -2.52
N VAL D 598 2.43 71.86 -1.83
CA VAL D 598 3.16 70.73 -1.27
C VAL D 598 2.27 69.96 -0.30
N TRP D 599 1.57 70.70 0.54
CA TRP D 599 0.67 70.14 1.54
C TRP D 599 -0.44 69.39 0.84
N ALA D 600 -0.87 69.89 -0.31
CA ALA D 600 -1.93 69.29 -1.09
C ALA D 600 -1.47 67.94 -1.64
N PHE D 601 -0.22 67.89 -2.11
CA PHE D 601 0.38 66.64 -2.55
C PHE D 601 0.38 65.65 -1.39
N PHE D 602 0.78 66.18 -0.22
CA PHE D 602 0.77 65.40 1.01
C PHE D 602 -0.62 64.89 1.34
N ALA D 603 -1.64 65.72 1.07
CA ALA D 603 -3.04 65.40 1.35
C ALA D 603 -3.56 64.31 0.44
N VAL D 604 -3.25 64.40 -0.85
CA VAL D 604 -3.64 63.36 -1.79
C VAL D 604 -2.94 62.08 -1.38
N ILE D 605 -1.71 62.21 -0.91
CA ILE D 605 -0.98 61.08 -0.36
C ILE D 605 -1.70 60.48 0.86
N PHE D 606 -2.22 61.35 1.72
CA PHE D 606 -2.93 60.90 2.92
C PHE D 606 -4.21 60.16 2.57
N LEU D 607 -4.96 60.71 1.61
CA LEU D 607 -6.18 60.08 1.16
C LEU D 607 -5.87 58.74 0.53
N ALA D 608 -4.91 58.74 -0.38
CA ALA D 608 -4.55 57.53 -1.11
C ALA D 608 -4.05 56.45 -0.16
N SER D 609 -3.17 56.82 0.75
CA SER D 609 -2.57 55.85 1.66
C SER D 609 -3.62 55.26 2.58
N TYR D 610 -4.43 56.14 3.17
CA TYR D 610 -5.44 55.70 4.13
C TYR D 610 -6.45 54.79 3.43
N THR D 611 -6.93 55.23 2.28
CA THR D 611 -7.96 54.51 1.56
C THR D 611 -7.43 53.16 1.07
N ALA D 612 -6.22 53.15 0.54
CA ALA D 612 -5.62 51.92 0.01
C ALA D 612 -5.40 50.92 1.11
N ASN D 613 -4.89 51.38 2.25
CA ASN D 613 -4.67 50.48 3.37
C ASN D 613 -6.02 49.95 3.87
N LEU D 614 -7.04 50.80 3.86
CA LEU D 614 -8.37 50.40 4.30
C LEU D 614 -8.92 49.30 3.39
N ALA D 615 -8.76 49.48 2.09
CA ALA D 615 -9.18 48.51 1.10
C ALA D 615 -8.39 47.20 1.27
N ALA D 616 -7.12 47.35 1.61
CA ALA D 616 -6.25 46.20 1.84
C ALA D 616 -6.77 45.42 3.03
N PHE D 617 -7.20 46.11 4.09
CA PHE D 617 -7.86 45.43 5.21
C PHE D 617 -9.20 44.85 4.78
N MET D 618 -9.85 45.48 3.80
CA MET D 618 -11.06 44.89 3.24
C MET D 618 -10.67 43.56 2.61
N ILE D 619 -9.39 43.42 2.30
CA ILE D 619 -8.83 42.16 1.83
C ILE D 619 -8.01 41.62 3.01
N GLN D 620 -7.35 40.48 2.84
CA GLN D 620 -6.41 40.00 3.85
C GLN D 620 -6.78 40.01 5.34
N ARG D 621 -8.00 39.64 5.71
CA ARG D 621 -8.40 39.71 7.12
C ARG D 621 -8.61 38.34 7.77
N ARG D 622 -8.14 38.20 9.01
CA ARG D 622 -8.24 36.93 9.75
C ARG D 622 -9.65 36.69 10.27
N TYR D 623 -10.44 37.76 10.35
CA TYR D 623 -11.85 37.69 10.77
C TYR D 623 -12.08 37.11 12.17
N VAL D 624 -11.44 37.69 13.17
CA VAL D 624 -11.65 37.29 14.57
C VAL D 624 -13.12 37.42 14.96
N ASP D 625 -13.58 36.51 15.83
CA ASP D 625 -15.02 36.27 16.02
C ASP D 625 -15.58 36.57 17.41
N GLN D 626 -16.84 36.16 17.60
CA GLN D 626 -17.69 36.54 18.74
C GLN D 626 -17.10 36.41 20.13
N VAL D 627 -16.58 35.24 20.50
CA VAL D 627 -15.95 35.14 21.81
C VAL D 627 -14.46 34.91 21.67
N SER D 628 -13.68 35.97 21.89
CA SER D 628 -12.24 35.90 21.73
C SER D 628 -11.61 35.27 22.96
N GLY D 629 -12.11 35.66 24.12
CA GLY D 629 -11.73 35.00 25.34
C GLY D 629 -12.25 33.58 25.32
N LEU D 630 -13.46 33.43 24.77
CA LEU D 630 -14.18 32.17 24.60
C LEU D 630 -14.72 31.65 25.92
N SER D 631 -14.14 32.13 27.01
CA SER D 631 -14.69 31.99 28.36
C SER D 631 -15.33 33.29 28.87
N ASP D 632 -15.59 34.23 27.97
CA ASP D 632 -15.87 35.62 28.35
C ASP D 632 -17.07 35.81 29.25
N LYS D 633 -17.86 34.75 29.42
CA LYS D 633 -19.05 34.74 30.27
C LYS D 633 -20.25 35.33 29.54
N LYS D 634 -20.02 35.78 28.32
CA LYS D 634 -21.12 36.18 27.45
C LYS D 634 -21.98 34.94 27.27
N PHE D 635 -21.30 33.79 27.13
CA PHE D 635 -21.96 32.50 27.19
C PHE D 635 -22.53 32.23 28.59
N GLN D 636 -21.79 32.63 29.63
CA GLN D 636 -22.18 32.32 31.02
C GLN D 636 -23.52 32.94 31.30
N ARG D 637 -23.72 34.19 30.88
CA ARG D 637 -25.08 34.70 30.96
C ARG D 637 -25.45 35.35 29.64
N PRO D 638 -26.60 34.94 29.11
CA PRO D 638 -27.33 35.57 28.00
C PRO D 638 -27.97 36.87 28.47
N ASN D 639 -28.45 36.83 29.70
CA ASN D 639 -29.23 37.91 30.29
C ASN D 639 -28.44 39.22 30.46
N ASP D 640 -27.12 39.11 30.59
CA ASP D 640 -26.28 40.30 30.68
C ASP D 640 -26.42 41.11 29.40
N PHE D 641 -26.50 40.41 28.27
CA PHE D 641 -26.77 41.03 26.99
C PHE D 641 -28.28 41.17 26.80
N SER D 642 -28.73 42.40 26.54
CA SER D 642 -30.16 42.71 26.48
C SER D 642 -30.90 41.91 25.41
N PRO D 643 -30.37 41.82 24.18
CA PRO D 643 -31.06 40.86 23.32
C PRO D 643 -30.76 39.45 23.80
N ALA D 644 -31.69 38.52 23.60
CA ALA D 644 -31.47 37.16 24.08
C ALA D 644 -30.45 36.50 23.17
N PHE D 645 -29.46 35.84 23.76
CA PHE D 645 -28.50 35.15 22.92
C PHE D 645 -28.92 33.70 22.84
N ARG D 646 -28.29 32.93 21.96
CA ARG D 646 -28.71 31.54 21.78
C ARG D 646 -27.55 30.62 21.44
N PHE D 647 -27.46 29.52 22.19
CA PHE D 647 -26.54 28.45 21.85
C PHE D 647 -27.07 27.15 22.42
N GLY D 648 -26.83 26.05 21.72
CA GLY D 648 -27.35 24.76 22.14
C GLY D 648 -26.49 23.60 21.70
N THR D 649 -26.72 22.45 22.30
CA THR D 649 -26.00 21.24 21.95
C THR D 649 -26.90 20.01 22.05
N VAL D 650 -26.45 18.91 21.46
CA VAL D 650 -27.20 17.66 21.51
C VAL D 650 -27.14 17.06 22.92
N PRO D 651 -28.31 16.67 23.44
CA PRO D 651 -28.47 16.06 24.77
C PRO D 651 -28.00 14.61 24.83
N ASN D 652 -27.85 14.11 26.06
CA ASN D 652 -27.37 12.76 26.32
C ASN D 652 -25.93 12.58 25.82
N GLY D 653 -25.23 13.70 25.63
CA GLY D 653 -23.86 13.73 25.16
C GLY D 653 -22.84 13.82 26.29
N SER D 654 -21.59 13.46 25.99
CA SER D 654 -20.51 13.64 26.95
C SER D 654 -20.32 15.12 27.21
N THR D 655 -20.61 15.91 26.18
CA THR D 655 -20.55 17.36 26.26
C THR D 655 -21.58 17.90 27.27
N GLU D 656 -22.81 17.43 27.17
CA GLU D 656 -23.88 17.88 28.06
C GLU D 656 -23.63 17.47 29.52
N ARG D 657 -23.18 16.23 29.71
CA ARG D 657 -22.86 15.72 31.04
C ARG D 657 -21.71 16.50 31.65
N ASN D 658 -20.67 16.75 30.85
CA ASN D 658 -19.54 17.57 31.29
C ASN D 658 -20.00 18.97 31.68
N ILE D 659 -20.83 19.57 30.83
CA ILE D 659 -21.41 20.88 31.08
C ILE D 659 -22.12 20.91 32.43
N ARG D 660 -23.03 19.96 32.63
CA ARG D 660 -23.78 19.86 33.87
C ARG D 660 -22.85 19.70 35.07
N ASN D 661 -21.76 18.96 34.87
CA ASN D 661 -20.80 18.77 35.94
C ASN D 661 -20.10 20.07 36.32
N ASN D 662 -19.45 20.71 35.36
CA ASN D 662 -18.78 21.98 35.62
C ASN D 662 -19.66 23.22 35.67
N TYR D 663 -20.45 23.45 34.62
CA TYR D 663 -21.22 24.69 34.52
C TYR D 663 -22.72 24.41 34.52
N LEU D 664 -23.37 24.68 35.65
CA LEU D 664 -24.79 24.35 35.80
C LEU D 664 -25.70 25.28 35.00
N GLU D 665 -25.53 26.59 35.22
CA GLU D 665 -26.36 27.61 34.59
C GLU D 665 -26.43 27.46 33.08
N MET D 666 -25.30 27.12 32.47
CA MET D 666 -25.25 26.90 31.04
C MET D 666 -26.14 25.75 30.61
N HIS D 667 -26.12 24.67 31.39
CA HIS D 667 -26.95 23.50 31.11
C HIS D 667 -28.43 23.84 31.25
N SER D 668 -28.78 24.41 32.40
CA SER D 668 -30.15 24.76 32.73
C SER D 668 -30.74 25.76 31.75
N TYR D 669 -29.89 26.62 31.19
CA TYR D 669 -30.35 27.57 30.18
C TYR D 669 -30.45 26.93 28.80
N MET D 670 -29.47 26.10 28.46
CA MET D 670 -29.35 25.53 27.13
C MET D 670 -30.34 24.41 26.85
N VAL D 671 -30.98 23.87 27.90
CA VAL D 671 -31.97 22.82 27.70
C VAL D 671 -33.06 23.24 26.71
N LYS D 672 -33.39 24.54 26.69
CA LYS D 672 -34.38 25.07 25.75
C LYS D 672 -33.85 25.06 24.32
N PHE D 673 -32.53 25.20 24.18
CA PHE D 673 -31.90 25.29 22.87
C PHE D 673 -31.36 23.96 22.37
N ASN D 674 -31.57 22.91 23.15
CA ASN D 674 -31.17 21.56 22.76
C ASN D 674 -31.87 21.13 21.48
N GLN D 675 -31.16 20.39 20.63
CA GLN D 675 -31.69 20.00 19.33
C GLN D 675 -31.71 18.50 19.09
N ARG D 676 -32.66 18.04 18.28
CA ARG D 676 -32.89 16.62 18.03
C ARG D 676 -31.69 15.89 17.44
N SER D 677 -31.13 16.43 16.35
CA SER D 677 -30.05 15.76 15.64
C SER D 677 -29.10 16.78 15.01
N VAL D 678 -27.90 16.32 14.67
CA VAL D 678 -26.86 17.20 14.14
C VAL D 678 -27.28 17.87 12.83
N GLN D 679 -28.02 17.14 12.00
CA GLN D 679 -28.59 17.72 10.79
C GLN D 679 -29.63 18.79 11.16
N ASP D 680 -30.43 18.48 12.18
CA ASP D 680 -31.44 19.40 12.69
C ASP D 680 -30.85 20.54 13.52
N ALA D 681 -29.88 20.24 14.37
CA ALA D 681 -29.10 21.29 15.05
C ALA D 681 -28.56 22.26 14.00
N LEU D 682 -28.09 21.68 12.91
CA LEU D 682 -27.60 22.44 11.78
C LEU D 682 -28.76 23.23 11.19
N LEU D 683 -29.97 22.67 11.20
CA LEU D 683 -31.13 23.41 10.71
C LEU D 683 -31.40 24.65 11.56
N SER D 684 -31.16 24.54 12.87
CA SER D 684 -31.35 25.69 13.75
C SER D 684 -30.30 26.75 13.50
N LEU D 685 -29.06 26.33 13.20
CA LEU D 685 -28.04 27.32 12.89
C LEU D 685 -28.24 27.96 11.50
N LYS D 686 -28.42 27.10 10.50
CA LYS D 686 -28.41 27.47 9.08
C LYS D 686 -29.53 28.39 8.63
N SER D 687 -30.76 28.11 9.05
CA SER D 687 -31.91 28.86 8.58
C SER D 687 -32.18 30.07 9.45
N GLY D 688 -31.32 30.29 10.44
CA GLY D 688 -31.55 31.34 11.42
C GLY D 688 -32.33 30.76 12.57
N LYS D 689 -32.70 31.62 13.53
CA LYS D 689 -33.43 31.27 14.75
C LYS D 689 -32.48 30.68 15.80
N LEU D 690 -31.22 30.54 15.44
CA LEU D 690 -30.17 30.22 16.40
C LEU D 690 -28.87 30.85 15.94
N ASP D 691 -28.11 31.39 16.90
CA ASP D 691 -26.85 32.06 16.58
C ASP D 691 -25.69 31.07 16.50
N ALA D 692 -25.36 30.45 17.63
CA ALA D 692 -24.18 29.60 17.72
C ALA D 692 -24.57 28.14 17.96
N PHE D 693 -23.74 27.23 17.46
CA PHE D 693 -23.94 25.81 17.75
C PHE D 693 -22.68 25.25 18.39
N ILE D 694 -22.85 24.31 19.32
CA ILE D 694 -21.71 23.71 19.99
C ILE D 694 -21.78 22.20 19.87
N TYR D 695 -20.64 21.59 19.52
CA TYR D 695 -20.60 20.15 19.29
C TYR D 695 -19.16 19.66 19.27
N ASP D 696 -19.00 18.38 18.95
CA ASP D 696 -17.68 17.77 18.90
C ASP D 696 -16.81 18.48 17.86
N ALA D 697 -15.50 18.60 18.15
CA ALA D 697 -14.62 19.45 17.36
C ALA D 697 -14.29 18.84 16.02
N ALA D 698 -14.13 17.52 15.98
CA ALA D 698 -13.84 16.83 14.72
C ALA D 698 -15.01 16.95 13.76
N VAL D 699 -16.21 16.74 14.29
CA VAL D 699 -17.43 16.84 13.49
C VAL D 699 -17.65 18.27 13.04
N LEU D 700 -17.38 19.22 13.93
CA LEU D 700 -17.57 20.63 13.62
C LEU D 700 -16.53 21.13 12.60
N ASN D 701 -15.34 20.54 12.63
CA ASN D 701 -14.28 20.88 11.68
C ASN D 701 -14.55 20.29 10.31
N TYR D 702 -15.01 19.04 10.28
CA TYR D 702 -15.38 18.39 9.03
C TYR D 702 -16.57 19.12 8.40
N MET D 703 -17.53 19.50 9.24
CA MET D 703 -18.69 20.28 8.80
C MET D 703 -18.27 21.69 8.39
N ALA D 704 -17.18 22.19 8.97
CA ALA D 704 -16.64 23.47 8.59
C ALA D 704 -16.15 23.34 7.16
N GLY D 705 -15.39 22.28 6.92
CA GLY D 705 -14.91 21.95 5.59
C GLY D 705 -16.01 21.58 4.62
N ARG D 706 -17.02 20.86 5.11
CA ARG D 706 -18.11 20.44 4.25
C ARG D 706 -19.42 21.18 4.53
N ASP D 707 -19.79 22.09 3.63
CA ASP D 707 -21.05 22.81 3.73
C ASP D 707 -21.52 23.17 2.32
N GLU D 708 -22.83 23.24 2.13
CA GLU D 708 -23.42 23.49 0.80
C GLU D 708 -22.94 24.84 0.27
N GLY D 709 -22.62 25.73 1.20
CA GLY D 709 -21.96 26.98 0.92
C GLY D 709 -21.07 27.16 2.14
N CYS D 710 -20.03 27.96 2.03
CA CYS D 710 -19.04 28.09 3.09
C CYS D 710 -19.51 29.05 4.19
N LYS D 711 -20.81 29.01 4.45
CA LYS D 711 -21.48 29.88 5.41
C LYS D 711 -21.12 29.59 6.87
N LEU D 712 -20.47 28.45 7.13
CA LEU D 712 -20.18 28.07 8.51
C LEU D 712 -18.68 27.89 8.75
N VAL D 713 -18.24 28.31 9.93
CA VAL D 713 -16.82 28.25 10.31
C VAL D 713 -16.67 27.87 11.78
N THR D 714 -15.44 27.54 12.17
CA THR D 714 -15.14 27.17 13.54
C THR D 714 -14.93 28.39 14.41
N ILE D 715 -14.70 28.17 15.69
CA ILE D 715 -14.48 29.28 16.61
C ILE D 715 -12.98 29.49 16.80
N GLY D 716 -12.54 30.73 16.63
CA GLY D 716 -11.12 31.05 16.67
C GLY D 716 -10.33 30.21 15.68
N SER D 717 -9.27 29.57 16.17
CA SER D 717 -8.49 28.63 15.38
C SER D 717 -9.09 27.24 15.44
N GLY D 718 -10.28 27.16 16.04
CA GLY D 718 -10.91 25.88 16.32
C GLY D 718 -10.14 25.16 17.40
N LYS D 719 -9.31 25.90 18.13
CA LYS D 719 -8.55 25.32 19.21
C LYS D 719 -9.54 25.07 20.34
N VAL D 720 -9.67 23.81 20.71
CA VAL D 720 -10.76 23.38 21.57
C VAL D 720 -10.35 23.23 23.03
N PHE D 721 -11.24 23.63 23.94
CA PHE D 721 -11.03 23.33 25.34
C PHE D 721 -11.44 21.89 25.53
N ALA D 722 -11.22 21.34 26.71
CA ALA D 722 -11.50 19.92 26.97
C ALA D 722 -10.83 19.09 25.89
N THR D 723 -9.56 19.35 25.65
CA THR D 723 -8.83 18.67 24.58
C THR D 723 -8.89 17.16 24.77
N THR D 724 -9.49 16.49 23.79
CA THR D 724 -9.68 15.05 23.87
C THR D 724 -9.52 14.39 22.51
N GLY D 725 -9.70 13.08 22.48
CA GLY D 725 -9.64 12.30 21.27
C GLY D 725 -10.61 11.14 21.36
N TYR D 726 -10.92 10.54 20.22
CA TYR D 726 -11.82 9.39 20.20
C TYR D 726 -11.13 8.12 20.67
N GLY D 727 -11.70 7.47 21.69
CA GLY D 727 -11.16 6.21 22.17
C GLY D 727 -12.02 5.02 21.76
N ILE D 728 -11.70 3.85 22.31
CA ILE D 728 -12.45 2.63 22.05
C ILE D 728 -12.60 1.80 23.32
N ALA D 729 -13.80 1.29 23.55
CA ALA D 729 -14.10 0.54 24.78
C ALA D 729 -13.46 -0.84 24.81
N ILE D 730 -13.25 -1.33 26.03
CA ILE D 730 -12.77 -2.68 26.31
C ILE D 730 -13.51 -2.99 27.62
N GLN D 731 -13.38 -4.18 28.18
CA GLN D 731 -14.15 -4.53 29.36
C GLN D 731 -13.54 -3.92 30.62
N LYS D 732 -12.35 -4.41 30.96
CA LYS D 732 -11.67 -4.03 32.18
C LYS D 732 -10.20 -4.42 32.04
N ASP D 733 -9.48 -4.43 33.16
CA ASP D 733 -8.04 -4.71 33.19
C ASP D 733 -7.67 -5.96 32.39
N SER D 734 -8.59 -6.90 32.28
CA SER D 734 -8.39 -8.07 31.44
C SER D 734 -8.93 -7.76 30.05
N GLY D 735 -8.03 -7.72 29.08
CA GLY D 735 -8.40 -7.47 27.71
C GLY D 735 -7.21 -7.61 26.78
N TRP D 736 -7.47 -7.66 25.48
CA TRP D 736 -6.38 -7.68 24.51
C TRP D 736 -5.52 -6.44 24.77
N LYS D 737 -6.20 -5.35 25.12
CA LYS D 737 -5.57 -4.19 25.75
C LYS D 737 -4.42 -3.61 24.92
N ARG D 738 -3.22 -3.71 25.49
CA ARG D 738 -2.02 -3.11 24.91
C ARG D 738 -1.79 -3.48 23.44
N GLN D 739 -2.13 -4.71 23.09
CA GLN D 739 -1.99 -5.19 21.72
C GLN D 739 -2.72 -4.28 20.75
N VAL D 740 -3.92 -3.85 21.14
CA VAL D 740 -4.68 -2.88 20.37
C VAL D 740 -3.89 -1.59 20.19
N ASP D 741 -3.39 -1.07 21.32
CA ASP D 741 -2.75 0.24 21.36
C ASP D 741 -1.59 0.32 20.38
N LEU D 742 -0.72 -0.68 20.43
CA LEU D 742 0.41 -0.76 19.52
C LEU D 742 -0.08 -0.64 18.09
N ALA D 743 -1.07 -1.46 17.74
CA ALA D 743 -1.62 -1.46 16.39
C ALA D 743 -1.96 -0.04 15.96
N ILE D 744 -2.60 0.69 16.88
CA ILE D 744 -3.05 2.04 16.60
C ILE D 744 -1.89 2.91 16.15
N LEU D 745 -0.79 2.88 16.90
CA LEU D 745 0.28 3.80 16.56
C LEU D 745 1.10 3.25 15.39
N GLN D 746 0.81 2.03 14.96
CA GLN D 746 1.43 1.53 13.74
C GLN D 746 0.73 2.20 12.56
N LEU D 747 -0.55 2.52 12.78
CA LEU D 747 -1.39 3.08 11.73
C LEU D 747 -0.90 4.45 11.31
N PHE D 748 -0.58 5.28 12.30
CA PHE D 748 0.02 6.58 12.03
C PHE D 748 1.49 6.35 11.72
N GLY D 749 2.02 5.24 12.24
CA GLY D 749 3.43 4.95 12.11
C GLY D 749 3.83 4.76 10.66
N ASP D 750 2.90 4.29 9.86
CA ASP D 750 3.13 4.13 8.44
C ASP D 750 2.57 5.32 7.67
N GLY D 751 1.91 6.24 8.38
CA GLY D 751 1.39 7.45 7.77
C GLY D 751 0.06 7.30 7.08
N GLU D 752 -0.64 6.20 7.35
CA GLU D 752 -1.92 5.92 6.73
C GLU D 752 -2.99 6.95 7.13
N MET D 753 -2.95 7.35 8.40
CA MET D 753 -3.92 8.29 8.94
C MET D 753 -4.01 9.61 8.19
N GLU D 754 -2.90 10.07 7.63
CA GLU D 754 -2.91 11.32 6.87
C GLU D 754 -3.71 11.13 5.58
N GLU D 755 -3.50 10.00 4.92
CA GLU D 755 -4.24 9.66 3.72
C GLU D 755 -5.73 9.52 4.02
N LEU D 756 -6.04 8.75 5.05
CA LEU D 756 -7.43 8.57 5.49
C LEU D 756 -8.07 9.89 5.90
N GLU D 757 -7.25 10.81 6.40
CA GLU D 757 -7.72 12.13 6.77
C GLU D 757 -8.10 12.92 5.53
N ALA D 758 -7.23 12.86 4.53
CA ALA D 758 -7.49 13.56 3.27
C ALA D 758 -8.74 13.00 2.60
N LEU D 759 -8.92 11.69 2.64
CA LEU D 759 -10.10 11.09 2.02
C LEU D 759 -11.39 11.32 2.80
N TRP D 760 -11.44 10.89 4.05
CA TRP D 760 -12.66 10.97 4.84
C TRP D 760 -12.90 12.29 5.57
N LEU D 761 -11.87 12.81 6.22
CA LEU D 761 -12.04 13.97 7.10
C LEU D 761 -11.95 15.33 6.42
N THR D 762 -11.13 15.42 5.38
CA THR D 762 -10.87 16.70 4.72
C THR D 762 -12.11 17.24 4.04
N GLY D 763 -12.46 18.47 4.37
CA GLY D 763 -13.56 19.15 3.70
C GLY D 763 -13.03 20.13 2.68
N ILE D 764 -13.86 20.51 1.72
CA ILE D 764 -13.41 21.41 0.67
C ILE D 764 -13.34 22.82 1.21
N CYS D 765 -14.24 23.15 2.14
CA CYS D 765 -14.22 24.50 2.68
C CYS D 765 -13.00 24.73 3.53
N HIS D 766 -12.96 25.96 4.04
CA HIS D 766 -11.92 26.54 4.85
C HIS D 766 -10.60 26.57 4.10
N ASN D 767 -10.62 26.48 2.77
CA ASN D 767 -9.37 26.59 2.07
C ASN D 767 -9.09 28.07 2.00
N GLU D 768 -10.22 28.77 1.87
CA GLU D 768 -10.34 30.23 1.76
C GLU D 768 -10.42 30.94 3.10
N LYS D 769 -9.40 31.73 3.42
CA LYS D 769 -9.34 32.52 4.67
C LYS D 769 -7.94 33.06 4.87
N SER D 775 -15.08 39.20 3.70
CA SER D 775 -15.97 38.68 2.66
C SER D 775 -17.42 39.11 2.91
N GLN D 776 -17.60 40.07 3.80
CA GLN D 776 -18.94 40.44 4.23
C GLN D 776 -19.21 41.94 4.17
N LEU D 777 -20.50 42.29 4.12
CA LEU D 777 -20.93 43.68 4.20
C LEU D 777 -20.47 44.28 5.52
N ASP D 778 -20.12 45.56 5.49
CA ASP D 778 -19.56 46.23 6.66
C ASP D 778 -20.44 46.10 7.89
N ILE D 779 -19.77 45.94 9.02
CA ILE D 779 -20.33 45.52 10.29
C ILE D 779 -19.95 46.52 11.38
N ASP D 780 -19.93 46.02 12.60
CA ASP D 780 -19.75 46.79 13.83
C ASP D 780 -18.49 47.65 13.96
N ASN D 781 -17.35 47.24 13.41
CA ASN D 781 -16.12 48.01 13.59
C ASN D 781 -16.22 49.47 13.08
N MET D 782 -16.88 49.64 11.94
CA MET D 782 -17.19 50.97 11.46
C MET D 782 -18.04 51.71 12.50
N ALA D 783 -18.97 50.99 13.12
CA ALA D 783 -19.84 51.56 14.16
C ALA D 783 -19.01 52.00 15.37
N GLY D 784 -17.94 51.27 15.66
CA GLY D 784 -17.01 51.58 16.72
C GLY D 784 -16.32 52.90 16.46
N VAL D 785 -15.76 53.05 15.27
CA VAL D 785 -15.09 54.30 14.88
C VAL D 785 -16.09 55.45 14.87
N PHE D 786 -17.31 55.14 14.46
CA PHE D 786 -18.44 56.06 14.35
C PHE D 786 -18.75 56.61 15.75
N TYR D 787 -18.74 55.69 16.71
CA TYR D 787 -18.94 55.98 18.11
C TYR D 787 -17.78 56.83 18.63
N MET D 788 -16.57 56.52 18.16
CA MET D 788 -15.34 57.22 18.54
C MET D 788 -15.45 58.68 18.13
N LEU D 789 -16.01 58.90 16.96
CA LEU D 789 -16.26 60.24 16.42
C LEU D 789 -17.27 60.93 17.34
N ALA D 790 -18.34 60.21 17.69
CA ALA D 790 -19.34 60.75 18.62
C ALA D 790 -18.67 61.17 19.94
N ALA D 791 -17.76 60.34 20.43
CA ALA D 791 -17.04 60.57 21.67
C ALA D 791 -16.18 61.81 21.51
N ALA D 792 -15.55 61.94 20.35
CA ALA D 792 -14.70 63.08 20.02
C ALA D 792 -15.55 64.35 20.03
N MET D 793 -16.80 64.23 19.59
CA MET D 793 -17.76 65.34 19.61
C MET D 793 -17.99 65.73 21.07
N ALA D 794 -18.17 64.72 21.92
CA ALA D 794 -18.18 64.94 23.36
C ALA D 794 -16.92 65.75 23.76
N LEU D 795 -15.76 65.38 23.22
CA LEU D 795 -14.54 66.14 23.46
C LEU D 795 -14.71 67.59 22.98
N SER D 796 -15.48 67.81 21.92
CA SER D 796 -15.72 69.18 21.46
C SER D 796 -16.52 69.90 22.54
N LEU D 797 -17.42 69.18 23.20
CA LEU D 797 -18.18 69.76 24.31
C LEU D 797 -17.28 70.07 25.51
N ILE D 798 -16.31 69.19 25.77
CA ILE D 798 -15.34 69.39 26.84
C ILE D 798 -14.42 70.57 26.56
N THR D 799 -14.01 70.72 25.30
CA THR D 799 -13.19 71.84 24.88
C THR D 799 -14.00 73.13 24.93
N PHE D 800 -15.32 72.99 24.75
CA PHE D 800 -16.23 74.11 24.91
C PHE D 800 -16.31 74.54 26.37
N ILE D 801 -16.34 73.54 27.25
CA ILE D 801 -16.34 73.81 28.69
C ILE D 801 -15.04 74.44 29.15
N MET D 802 -13.92 73.94 28.62
CA MET D 802 -12.61 74.51 28.93
C MET D 802 -12.51 75.93 28.40
N GLU D 803 -13.12 76.16 27.24
CA GLU D 803 -13.17 77.49 26.65
C GLU D 803 -14.01 78.41 27.52
N HIS D 804 -15.10 77.87 28.08
CA HIS D 804 -15.94 78.62 29.00
C HIS D 804 -15.22 78.98 30.29
N LEU D 805 -14.43 78.05 30.82
CA LEU D 805 -13.63 78.32 32.00
C LEU D 805 -12.63 79.42 31.68
N PHE D 806 -12.13 79.37 30.45
CA PHE D 806 -11.18 80.33 29.91
C PHE D 806 -11.76 81.72 29.73
N TYR D 807 -13.03 81.80 29.36
CA TYR D 807 -13.64 83.07 28.99
C TYR D 807 -13.72 84.00 30.19
N LYS D 808 -13.98 83.42 31.36
CA LYS D 808 -14.04 84.20 32.58
C LYS D 808 -12.69 84.84 32.87
N SER D 809 -11.63 84.11 32.56
CA SER D 809 -10.26 84.57 32.81
C SER D 809 -9.94 85.86 32.06
C1 NAG E . 24.57 -59.12 24.83
C2 NAG E . 25.32 -59.11 23.51
C3 NAG E . 26.62 -59.90 23.65
C4 NAG E . 27.45 -59.34 24.80
C5 NAG E . 26.63 -59.25 26.08
C6 NAG E . 27.34 -58.49 27.18
C7 NAG E . 24.32 -58.91 21.28
C8 NAG E . 23.55 -59.60 20.20
N2 NAG E . 24.54 -59.63 22.39
O3 NAG E . 27.34 -59.84 22.43
O4 NAG E . 28.58 -60.17 25.03
O5 NAG E . 25.39 -58.55 25.86
O6 NAG E . 26.90 -58.89 28.47
O7 NAG E . 24.71 -57.76 21.17
C1 NAG F . 14.69 -45.13 46.46
C2 NAG F . 13.55 -46.03 46.01
C3 NAG F . 13.24 -47.09 47.05
C4 NAG F . 14.53 -47.65 47.62
C5 NAG F . 15.41 -46.53 48.18
C6 NAG F . 16.84 -46.56 47.66
C7 NAG F . 11.54 -45.76 44.65
C8 NAG F . 10.36 -44.90 44.31
N2 NAG F . 12.36 -45.30 45.60
O3 NAG F . 12.50 -48.14 46.40
O4 NAG F . 14.24 -48.60 48.63
O5 NAG F . 14.88 -45.26 47.81
O6 NAG F . 17.24 -47.88 47.32
O7 NAG F . 11.74 -46.84 44.07
C1 NAG G . 33.79 -5.38 49.31
C2 NAG G . 35.11 -4.87 49.72
C3 NAG G . 34.83 -3.61 50.55
C4 NAG G . 33.74 -2.77 49.86
C5 NAG G . 32.74 -3.60 49.00
C6 NAG G . 32.04 -2.81 47.92
C7 NAG G . 35.94 -6.21 51.67
C8 NAG G . 37.00 -7.18 52.10
N2 NAG G . 35.99 -5.81 50.39
O3 NAG G . 36.02 -2.86 50.76
O4 NAG G . 32.97 -2.09 50.85
O5 NAG G . 33.37 -4.72 48.36
O6 NAG G . 31.83 -1.47 48.33
O7 NAG G . 35.07 -5.82 52.44
CB 1AC H . 10.32 13.93 20.10
CG 1AC H . 10.50 14.75 21.38
CA 1AC H . 9.90 13.41 21.42
C 1AC H . 10.08 12.21 22.24
OXT 1AC H . 9.25 12.01 23.14
O 1AC H . 11.02 11.43 22.03
N 1AC H . 8.46 13.64 21.51
C QEM I . 23.06 -31.18 15.08
N QEM I . 27.33 -31.95 18.15
O QEM I . 20.24 -29.21 13.73
C01 QEM I . 32.08 -34.00 19.98
O01 QEM I . 23.37 -31.19 18.72
C02 QEM I . 31.47 -35.16 19.53
C03 QEM I . 31.92 -36.40 19.96
C04 QEM I . 32.98 -36.49 20.85
C05 QEM I . 33.59 -35.33 21.31
C06 QEM I . 33.14 -34.09 20.87
C07 QEM I . 30.30 -35.13 18.55
C08 QEM I . 29.59 -33.72 18.43
C09 QEM I . 28.72 -33.82 17.23
C10 QEM I . 27.99 -32.53 16.96
C11 QEM I . 28.01 -32.13 19.45
C12 QEM I . 28.76 -33.45 19.60
C13 QEM I . 25.93 -32.36 18.21
C14 QEM I . 25.14 -31.57 17.18
C15 QEM I . 23.68 -31.76 17.46
C16 QEM I . 22.80 -31.10 16.45
C17 QEM I . 25.49 -30.10 17.25
C18 QEM I . 21.70 -30.39 16.90
C19 QEM I . 20.86 -29.78 15.99
C20 QEM I . 21.11 -29.86 14.64
C21 QEM I . 22.22 -30.55 14.18
C1 NAG J . 47.61 -7.38 20.09
C2 NAG J . 48.44 -7.93 21.23
C3 NAG J . 49.51 -6.92 21.64
C4 NAG J . 50.32 -6.48 20.43
C5 NAG J . 49.37 -5.99 19.34
C6 NAG J . 50.07 -5.75 18.02
C7 NAG J . 48.04 -9.23 23.26
C8 NAG J . 47.10 -9.50 24.40
N2 NAG J . 47.63 -8.31 22.38
O3 NAG J . 50.37 -7.50 22.62
O4 NAG J . 51.19 -5.40 20.77
O5 NAG J . 48.41 -7.01 19.08
O6 NAG J . 49.12 -5.65 16.96
O7 NAG J . 49.11 -9.80 23.17
C1 NAG K . -4.43 -67.23 -17.21
C2 NAG K . -5.49 -67.37 -16.10
C3 NAG K . -6.58 -68.37 -16.50
C4 NAG K . -7.12 -68.06 -17.90
C5 NAG K . -5.97 -67.90 -18.89
C6 NAG K . -6.43 -67.51 -20.28
C7 NAG K . -4.44 -66.94 -13.92
C8 NAG K . -3.83 -67.56 -12.69
N2 NAG K . -4.87 -67.79 -14.85
O3 NAG K . -7.64 -68.33 -15.56
O4 NAG K . -7.96 -69.12 -18.33
O5 NAG K . -5.08 -66.87 -18.43
O6 NAG K . -6.22 -68.56 -21.21
O7 NAG K . -4.53 -65.73 -14.05
C1 NAG L . 2.16 -54.82 -39.83
C2 NAG L . 3.38 -55.44 -39.27
C3 NAG L . 3.13 -56.89 -38.87
C4 NAG L . 1.67 -57.08 -38.45
C5 NAG L . 0.73 -56.61 -39.55
C6 NAG L . -0.45 -55.82 -39.01
C7 NAG L . 5.72 -54.94 -39.73
C8 NAG L . 6.81 -54.88 -40.74
N2 NAG L . 4.52 -55.34 -40.17
O3 NAG L . 3.96 -57.18 -37.75
O4 NAG L . 1.42 -58.45 -38.14
O5 NAG L . 1.43 -55.75 -40.46
O6 NAG L . -1.67 -56.19 -39.63
O7 NAG L . 5.90 -54.64 -38.55
C QEM M . -12.64 -39.93 -11.53
N QEM M . -16.05 -42.41 -14.81
O QEM M . -11.37 -36.72 -10.23
C01 QEM M . -19.76 -46.17 -16.56
O01 QEM M . -12.45 -40.43 -15.17
C02 QEM M . -18.71 -46.91 -16.02
C03 QEM M . -18.36 -48.12 -16.57
C04 QEM M . -19.05 -48.61 -17.67
C05 QEM M . -20.10 -47.89 -18.21
C06 QEM M . -20.45 -46.67 -17.66
C07 QEM M . -17.94 -46.37 -14.80
C08 QEM M . -17.60 -44.84 -14.96
C09 QEM M . -17.17 -44.32 -13.64
C10 QEM M . -16.92 -42.84 -13.69
C11 QEM M . -16.21 -43.16 -16.09
C12 QEM M . -16.53 -44.63 -15.93
C13 QEM M . -14.66 -42.40 -14.38
C14 QEM M . -14.33 -41.03 -13.82
C15 QEM M . -12.84 -40.83 -13.86
C16 QEM M . -12.45 -39.74 -12.89
C17 QEM M . -14.98 -39.95 -14.64
C18 QEM M . -11.91 -38.57 -13.37
C19 QEM M . -11.56 -37.56 -12.49
C20 QEM M . -11.74 -37.74 -11.13
C21 QEM M . -12.28 -38.93 -10.65
C1 NAG N . -32.15 11.99 26.01
C2 NAG N . -33.31 12.14 25.02
C3 NAG N . -34.60 12.46 25.77
C4 NAG N . -34.87 11.41 26.84
C5 NAG N . -33.66 11.29 27.77
C6 NAG N . -33.81 10.17 28.78
C7 NAG N . -32.67 12.84 22.76
C8 NAG N . -32.48 13.99 21.82
N2 NAG N . -33.06 13.15 24.01
O3 NAG N . -35.70 12.58 24.88
O4 NAG N . -36.02 11.75 27.61
O5 NAG N . -32.48 11.00 27.01
O6 NAG N . -32.55 9.65 29.21
O7 NAG N . -32.48 11.68 22.43
N01 JEG O . -18.98 11.66 21.08
C02 JEG O . -20.03 12.27 21.80
C03 JEG O . -20.00 11.17 22.92
O04 JEG O . -20.95 11.07 23.73
O05 JEG O . -19.03 10.37 22.98
C06 JEG O . -21.33 12.60 21.08
C07 JEG O . -20.96 14.06 21.12
C08 JEG O . -21.80 15.18 21.44
O09 JEG O . -23.00 15.01 21.75
O10 JEG O . -21.32 16.35 21.41
C11 JEG O . -19.95 13.74 22.17
#